data_8UUO
#
_entry.id   8UUO
#
_cell.length_a   1.00
_cell.length_b   1.00
_cell.length_c   1.00
_cell.angle_alpha   90.00
_cell.angle_beta   90.00
_cell.angle_gamma   90.00
#
_symmetry.space_group_name_H-M   'P 1'
#
loop_
_entity.id
_entity.type
_entity.pdbx_description
1 polymer 'Spike glycoprotein'
2 branched alpha-D-mannopyranose-(1-4)-2-acetamido-2-deoxy-beta-D-glucopyranose
3 non-polymer 2-acetamido-2-deoxy-beta-D-glucopyranose
4 non-polymer alpha-D-mannopyranose
#
_entity_poly.entity_id   1
_entity_poly.type   'polypeptide(L)'
_entity_poly.pdbx_seq_one_letter_code
;MFVFLVLLPLVSSQCVNLTTRTQLPPAYTNSFTRGVYYPDKVFRSSVLHSTQDLFLPFFSNVTWFHAIHVSGTNGTKRFD
NPVLPFNDGVYFASTEKSNIIRGWIFGTTLDSKTQSLLIVNNATNVVIKVCEFQFCNDPFLGVYYHKNNKSWMESEFRVY
SSANNCTFEYVSQPFLMDLEGKQGNFKNLREFVFKNIDGYFKIYSKHTPINLVRDLPQGFSALEPLVDLPIGINITRFQT
LLALHRSYLTPGDSSSGWTAGAAAYYVGYLQPRTFLLKYNENGTITDAVDCALDPLSETKCTLKSFTVEKGIYQTSNFRV
QPTESIVRFPNITNLCPFGEVFNATRFASVYAWNRKRISNCVADYSVLYNSASFSTFKCYGVSPTKLNDLCFTNVYADSF
VIRGDEVRQIAPGQTGVIADYNYKLPDDFTGCVIAWNSNNLDSKVGGNYNYLYRLFRKSNLKPFERDISTEIYQAGSTPC
NGVEGFNCYFPLQSYGFQPTNGVGYQPYRVVVLSFELLHAPATVCGPKKSTNLVKNKCVNFNFNGLTGTGVLTESNKKFL
PFQQFGRDIADTTDAVRDPQTLEILDITPCSFGGVSVITPGTNTSNQVAVLYQDVNCTEVPVAIHADQLTPTWRVYSTGS
NVFQTRAGCLIGAEHVNNSYECDIPIGAGICASYQTQTNSPAGAGSVASQSIIAYTMSLGAENSVAYSNNSIAIPTNFTI
SVTTEILPVSMTKTSVDCTMYICGDSTECSNLLLQYGSFCTQLNRALTGIAVEQDKNTQEVFAQVKQIYKTPPIKDFGGF
NFSQILPDPSKPSKRSPIEDLLFNKVTLADAGFIKQYGDCLGDIAARDLICAQKFNGLTVLPPLLTDEMIAQYTSALLAG
TITSGWTFGAGPALQIPFPMQMAYRFNGIGVTQNVLYENQKLIANQFNSAIGKIQDSLSSTPSALGKLQDVVNQNAQALN
TLVKQLSSNFGAISSVLNDILSRLDPPEAEVQIDRLITGRLQSLQTYVTQQLIRAAEIRASANLAATKMSECVLGQSKRV
DFCGKGYHLMSFPQSAPHGVVFLHVTYVPAQEKNFTTAPAICHDGKAHFPREGVFVSNGTHWFVTQRNFYEPQIITTDNT
FVSGNCDVVIGIVNNTVYDPLQPELDSFKEELDKYFKNHTSPDVDLGDISGINASVVNIQKEIDRLNEVAKNLNESLIDL
QELGKYEQYIK
;
_entity_poly.pdbx_strand_id   A,B,C
#
loop_
_chem_comp.id
_chem_comp.type
_chem_comp.name
_chem_comp.formula
MAN D-saccharide, alpha linking alpha-D-mannopyranose 'C6 H12 O6'
NAG D-saccharide, beta linking 2-acetamido-2-deoxy-beta-D-glucopyranose 'C8 H15 N O6'
#
# COMPACT_ATOMS: atom_id res chain seq x y z
N GLN A 14 21.65 -69.95 7.09
CA GLN A 14 22.20 -70.57 8.29
C GLN A 14 22.71 -69.51 9.27
N CYS A 15 22.19 -69.56 10.49
CA CYS A 15 22.65 -68.67 11.55
C CYS A 15 22.66 -69.43 12.87
N VAL A 16 23.50 -68.95 13.79
CA VAL A 16 23.65 -69.56 15.10
C VAL A 16 23.29 -68.51 16.14
N ASN A 17 22.44 -68.91 17.10
CA ASN A 17 22.08 -68.04 18.22
C ASN A 17 23.31 -67.85 19.09
N LEU A 18 24.00 -66.73 18.91
CA LEU A 18 25.09 -66.33 19.80
C LEU A 18 24.51 -65.52 20.94
N THR A 19 24.55 -66.11 22.14
CA THR A 19 23.99 -65.50 23.34
C THR A 19 25.14 -65.22 24.30
N THR A 20 26.38 -65.45 23.87
CA THR A 20 27.56 -65.29 24.70
C THR A 20 27.83 -63.81 24.94
N ARG A 21 27.16 -63.23 25.93
CA ARG A 21 27.22 -61.79 26.17
C ARG A 21 26.82 -61.49 27.60
N THR A 22 27.14 -60.29 28.04
CA THR A 22 26.67 -59.75 29.31
C THR A 22 25.60 -58.69 29.08
N GLN A 23 24.56 -58.73 29.90
CA GLN A 23 23.38 -57.88 29.74
C GLN A 23 23.69 -56.49 30.28
N LEU A 24 23.56 -55.48 29.44
CA LEU A 24 23.84 -54.09 29.78
C LEU A 24 22.67 -53.19 29.39
N PRO A 25 22.38 -52.17 30.19
CA PRO A 25 21.33 -51.20 29.84
C PRO A 25 21.82 -50.25 28.75
N PRO A 26 20.91 -49.59 28.02
CA PRO A 26 21.34 -48.67 26.96
C PRO A 26 21.91 -47.37 27.53
N ALA A 27 22.99 -46.90 26.92
CA ALA A 27 23.66 -45.68 27.33
C ALA A 27 23.13 -44.48 26.56
N TYR A 28 23.27 -43.29 27.15
CA TYR A 28 22.78 -42.05 26.56
C TYR A 28 23.93 -41.06 26.53
N THR A 29 24.06 -40.34 25.41
CA THR A 29 25.17 -39.44 25.22
C THR A 29 24.62 -38.19 24.53
N ASN A 30 25.23 -37.04 24.81
CA ASN A 30 24.66 -35.75 24.43
C ASN A 30 25.15 -35.33 23.05
N SER A 31 24.21 -34.87 22.23
CA SER A 31 24.43 -34.61 20.81
C SER A 31 24.78 -33.14 20.63
N PHE A 32 26.03 -32.79 20.93
CA PHE A 32 26.46 -31.42 21.15
C PHE A 32 26.30 -30.54 19.91
N THR A 33 27.09 -30.82 18.90
CA THR A 33 27.10 -30.02 17.68
C THR A 33 27.13 -30.90 16.44
N ARG A 34 26.41 -32.01 16.46
CA ARG A 34 26.42 -32.95 15.36
C ARG A 34 25.03 -33.06 14.76
N GLY A 35 24.97 -33.54 13.51
CA GLY A 35 23.72 -33.64 12.81
C GLY A 35 23.54 -32.56 11.75
N VAL A 36 24.63 -32.24 11.05
CA VAL A 36 24.64 -31.15 10.09
C VAL A 36 25.16 -31.66 8.74
N TYR A 37 24.47 -31.29 7.67
CA TYR A 37 24.81 -31.71 6.32
C TYR A 37 24.56 -30.54 5.37
N TYR A 38 24.85 -30.77 4.10
CA TYR A 38 24.55 -29.76 3.08
C TYR A 38 23.14 -29.97 2.57
N PRO A 39 22.33 -28.91 2.50
CA PRO A 39 20.93 -29.08 2.08
C PRO A 39 20.76 -29.27 0.60
N ASP A 40 21.65 -28.72 -0.23
CA ASP A 40 21.61 -28.86 -1.67
C ASP A 40 23.02 -28.87 -2.21
N LYS A 41 23.12 -28.99 -3.53
CA LYS A 41 24.41 -29.00 -4.22
C LYS A 41 24.66 -27.68 -4.95
N VAL A 42 24.04 -26.61 -4.46
CA VAL A 42 24.16 -25.29 -5.03
C VAL A 42 25.09 -24.48 -4.16
N PHE A 43 26.17 -23.97 -4.75
CA PHE A 43 27.22 -23.33 -3.98
C PHE A 43 26.78 -21.94 -3.56
N ARG A 44 27.04 -21.61 -2.30
CA ARG A 44 26.91 -20.26 -1.80
C ARG A 44 28.14 -19.99 -0.94
N SER A 45 28.58 -18.74 -0.89
CA SER A 45 29.78 -18.40 -0.13
C SER A 45 29.56 -17.17 0.74
N SER A 46 29.98 -17.28 2.00
CA SER A 46 29.94 -16.21 2.99
C SER A 46 28.52 -15.68 3.18
N VAL A 47 27.61 -16.62 3.40
CA VAL A 47 26.18 -16.30 3.45
C VAL A 47 25.60 -16.89 4.72
N LEU A 48 24.83 -16.08 5.44
CA LEU A 48 23.96 -16.54 6.51
C LEU A 48 22.62 -16.94 5.87
N HIS A 49 22.35 -18.24 5.81
CA HIS A 49 21.20 -18.76 5.10
C HIS A 49 20.25 -19.47 6.05
N SER A 50 18.97 -19.14 5.97
CA SER A 50 17.95 -19.78 6.77
C SER A 50 17.32 -20.90 5.96
N THR A 51 16.94 -21.98 6.63
CA THR A 51 16.28 -23.09 5.97
C THR A 51 15.41 -23.84 6.97
N GLN A 52 14.54 -24.70 6.44
CA GLN A 52 13.67 -25.54 7.25
C GLN A 52 13.76 -26.97 6.76
N ASP A 53 14.35 -27.86 7.58
CA ASP A 53 14.71 -29.19 7.09
C ASP A 53 14.84 -30.12 8.29
N LEU A 54 14.86 -31.41 8.00
CA LEU A 54 15.10 -32.46 8.98
C LEU A 54 16.52 -32.36 9.51
N PHE A 55 16.67 -32.29 10.83
CA PHE A 55 17.97 -32.35 11.47
C PHE A 55 17.92 -33.08 12.79
N LEU A 56 19.10 -33.27 13.36
CA LEU A 56 19.25 -33.70 14.74
C LEU A 56 19.35 -32.46 15.61
N PRO A 57 18.41 -32.22 16.52
CA PRO A 57 18.50 -31.05 17.41
C PRO A 57 19.68 -31.18 18.35
N PHE A 58 20.27 -30.04 18.69
CA PHE A 58 21.50 -30.02 19.44
C PHE A 58 21.27 -30.43 20.89
N PHE A 59 22.29 -31.10 21.45
CA PHE A 59 22.34 -31.53 22.85
C PHE A 59 21.17 -32.45 23.19
N SER A 60 21.14 -33.59 22.52
CA SER A 60 20.10 -34.58 22.71
C SER A 60 20.70 -35.87 23.24
N ASN A 61 19.92 -36.60 24.01
CA ASN A 61 20.34 -37.85 24.64
C ASN A 61 20.20 -39.04 23.69
N VAL A 62 21.08 -39.09 22.71
CA VAL A 62 21.06 -40.14 21.69
C VAL A 62 21.66 -41.40 22.28
N THR A 63 21.42 -42.54 21.62
CA THR A 63 21.65 -43.82 22.27
C THR A 63 22.98 -44.42 21.84
N TRP A 64 23.72 -44.93 22.82
CA TRP A 64 25.06 -45.46 22.68
C TRP A 64 25.01 -46.96 22.90
N PHE A 65 25.59 -47.73 21.97
CA PHE A 65 25.86 -49.15 22.15
C PHE A 65 27.33 -49.42 21.87
N HIS A 66 27.82 -50.56 22.34
CA HIS A 66 29.25 -50.81 22.29
C HIS A 66 29.53 -52.30 22.38
N ALA A 67 30.54 -52.75 21.64
CA ALA A 67 31.01 -54.13 21.68
C ALA A 67 32.39 -54.15 22.31
N ILE A 68 32.49 -54.71 23.50
CA ILE A 68 33.73 -54.86 24.25
C ILE A 68 33.90 -56.34 24.59
N HIS A 69 35.11 -56.86 24.36
CA HIS A 69 35.51 -58.23 24.67
C HIS A 69 34.62 -59.29 24.01
N LYS A 77 32.02 -60.62 25.54
CA LYS A 77 31.32 -60.09 26.70
C LYS A 77 30.20 -59.15 26.28
N ARG A 78 30.48 -58.30 25.28
CA ARG A 78 29.47 -57.44 24.68
C ARG A 78 29.39 -57.71 23.19
N PHE A 79 28.31 -58.35 22.77
CA PHE A 79 28.02 -58.62 21.36
C PHE A 79 26.61 -58.13 21.05
N ASP A 80 26.34 -56.89 21.44
CA ASP A 80 24.98 -56.34 21.37
C ASP A 80 24.55 -56.08 19.95
N ASN A 81 23.42 -56.65 19.57
CA ASN A 81 22.85 -56.46 18.25
C ASN A 81 21.31 -56.55 18.16
N PRO A 82 20.55 -55.65 18.83
CA PRO A 82 19.10 -55.69 18.63
C PRO A 82 18.68 -54.88 17.43
N VAL A 83 17.52 -55.21 16.84
CA VAL A 83 16.99 -54.36 15.80
C VAL A 83 16.53 -53.05 16.41
N LEU A 84 16.57 -52.00 15.62
CA LEU A 84 16.16 -50.67 16.04
C LEU A 84 15.17 -50.14 15.01
N PRO A 85 14.15 -49.40 15.45
CA PRO A 85 13.25 -48.77 14.49
C PRO A 85 13.94 -47.66 13.71
N PHE A 86 13.48 -47.46 12.47
CA PHE A 86 14.01 -46.41 11.60
C PHE A 86 12.88 -45.41 11.41
N ASN A 87 12.87 -44.37 12.26
CA ASN A 87 11.86 -43.33 12.22
C ASN A 87 12.52 -42.02 11.78
N ASP A 88 12.05 -41.47 10.66
CA ASP A 88 12.39 -40.14 10.14
C ASP A 88 13.88 -39.97 9.87
N GLY A 89 14.61 -41.04 9.63
CA GLY A 89 16.03 -40.98 9.38
C GLY A 89 16.83 -41.15 10.65
N VAL A 90 18.08 -41.54 10.45
CA VAL A 90 19.00 -41.81 11.55
C VAL A 90 20.28 -41.02 11.31
N TYR A 91 20.69 -40.28 12.34
CA TYR A 91 22.07 -39.85 12.45
C TYR A 91 22.81 -40.97 13.16
N PHE A 92 23.92 -41.41 12.59
CA PHE A 92 24.66 -42.55 13.10
C PHE A 92 26.12 -42.14 13.23
N ALA A 93 26.79 -42.67 14.24
CA ALA A 93 28.23 -42.51 14.38
C ALA A 93 28.84 -43.84 14.83
N SER A 94 30.11 -44.05 14.52
CA SER A 94 30.86 -45.18 15.06
C SER A 94 32.21 -44.71 15.54
N THR A 95 32.47 -44.92 16.83
CA THR A 95 33.80 -44.83 17.43
C THR A 95 34.45 -46.16 17.14
N GLU A 96 35.40 -46.17 16.22
CA GLU A 96 35.71 -47.39 15.48
C GLU A 96 37.22 -47.50 15.28
N LYS A 97 37.71 -48.71 15.44
CA LYS A 97 39.06 -49.05 15.03
C LYS A 97 39.06 -50.47 14.50
N SER A 98 40.00 -50.74 13.59
CA SER A 98 40.24 -52.01 12.90
C SER A 98 39.08 -52.45 12.01
N ASN A 99 38.11 -51.55 11.73
CA ASN A 99 37.03 -51.73 10.77
C ASN A 99 36.17 -52.95 11.09
N ILE A 100 35.75 -53.02 12.35
CA ILE A 100 34.97 -54.14 12.84
C ILE A 100 33.56 -54.14 12.25
N ILE A 101 32.92 -52.97 12.18
CA ILE A 101 31.61 -52.86 11.57
C ILE A 101 31.72 -53.07 10.07
N ARG A 102 30.79 -53.84 9.51
CA ARG A 102 30.92 -54.24 8.11
C ARG A 102 29.62 -54.18 7.30
N GLY A 103 28.46 -54.15 7.95
CA GLY A 103 27.25 -54.16 7.16
C GLY A 103 26.03 -53.61 7.88
N TRP A 104 24.94 -53.48 7.12
CA TRP A 104 23.68 -52.97 7.63
C TRP A 104 22.52 -53.61 6.88
N ILE A 105 21.38 -53.74 7.57
CA ILE A 105 20.14 -54.22 6.99
C ILE A 105 19.03 -53.25 7.36
N PHE A 106 18.06 -53.08 6.46
CA PHE A 106 16.96 -52.15 6.65
C PHE A 106 15.68 -52.78 6.13
N GLY A 107 14.56 -52.38 6.71
CA GLY A 107 13.28 -52.80 6.17
C GLY A 107 12.24 -52.89 7.27
N THR A 108 11.01 -53.18 6.83
CA THR A 108 9.85 -53.21 7.72
C THR A 108 9.63 -54.59 8.34
N THR A 109 9.57 -55.64 7.52
CA THR A 109 9.19 -56.97 7.99
C THR A 109 10.37 -57.91 8.16
N LEU A 110 11.31 -57.93 7.21
CA LEU A 110 12.55 -58.71 7.22
C LEU A 110 12.33 -60.22 7.21
N ASP A 111 11.11 -60.69 6.96
CA ASP A 111 10.77 -62.10 7.03
C ASP A 111 10.06 -62.54 5.75
N SER A 112 10.60 -62.11 4.61
CA SER A 112 10.16 -62.45 3.25
C SER A 112 8.73 -62.04 2.95
N LYS A 113 8.20 -61.04 3.66
CA LYS A 113 6.88 -60.50 3.38
C LYS A 113 6.92 -59.18 2.64
N THR A 114 8.08 -58.49 2.65
CA THR A 114 8.21 -57.17 2.05
C THR A 114 9.62 -57.09 1.47
N GLN A 115 9.77 -56.24 0.45
CA GLN A 115 11.09 -55.88 -0.04
C GLN A 115 11.93 -55.23 1.05
N SER A 116 13.18 -55.68 1.17
CA SER A 116 14.07 -55.24 2.24
C SER A 116 15.41 -54.86 1.65
N LEU A 117 16.22 -54.14 2.42
CA LEU A 117 17.44 -53.52 1.92
C LEU A 117 18.66 -54.09 2.65
N LEU A 118 19.72 -54.35 1.89
CA LEU A 118 20.94 -54.94 2.42
C LEU A 118 22.15 -54.16 1.91
N ILE A 119 23.02 -53.74 2.83
CA ILE A 119 24.29 -53.11 2.50
C ILE A 119 25.39 -53.93 3.13
N VAL A 120 26.36 -54.36 2.34
CA VAL A 120 27.50 -55.12 2.84
C VAL A 120 28.77 -54.38 2.42
N ASN A 121 29.64 -54.09 3.38
CA ASN A 121 30.95 -53.51 3.08
C ASN A 121 31.97 -54.47 3.67
N ASN A 122 32.30 -55.51 2.90
CA ASN A 122 33.16 -56.57 3.39
C ASN A 122 34.62 -56.24 3.09
N ALA A 123 35.50 -57.24 3.20
CA ALA A 123 36.90 -57.03 2.89
C ALA A 123 37.14 -56.84 1.40
N THR A 124 36.39 -57.55 0.56
CA THR A 124 36.59 -57.46 -0.88
C THR A 124 35.91 -56.21 -1.45
N ASN A 125 34.60 -56.14 -1.29
CA ASN A 125 33.83 -55.16 -2.04
C ASN A 125 32.54 -54.78 -1.31
N VAL A 126 31.98 -53.64 -1.70
CA VAL A 126 30.68 -53.21 -1.19
C VAL A 126 29.59 -53.70 -2.14
N VAL A 127 28.59 -54.35 -1.57
CA VAL A 127 27.53 -55.04 -2.28
C VAL A 127 26.19 -54.54 -1.75
N ILE A 128 25.34 -54.06 -2.66
CA ILE A 128 24.07 -53.43 -2.32
C ILE A 128 22.96 -54.25 -2.95
N LYS A 129 22.02 -54.70 -2.14
CA LYS A 129 20.90 -55.49 -2.63
C LYS A 129 19.62 -54.90 -2.07
N VAL A 130 18.55 -54.95 -2.86
CA VAL A 130 17.21 -54.68 -2.38
C VAL A 130 16.31 -55.86 -2.76
N CYS A 131 16.17 -56.81 -1.83
CA CYS A 131 15.43 -58.03 -2.15
C CYS A 131 14.59 -58.47 -0.96
N GLU A 132 13.73 -59.46 -1.24
CA GLU A 132 12.82 -60.04 -0.26
C GLU A 132 13.49 -61.25 0.41
N PHE A 133 14.47 -60.94 1.24
CA PHE A 133 15.30 -61.97 1.87
C PHE A 133 14.55 -62.68 2.99
N GLN A 134 15.11 -63.80 3.45
CA GLN A 134 14.72 -64.42 4.69
C GLN A 134 15.94 -64.31 5.61
N PHE A 135 16.00 -63.21 6.35
CA PHE A 135 17.09 -63.05 7.31
C PHE A 135 16.85 -63.93 8.53
N CYS A 136 17.91 -64.11 9.31
CA CYS A 136 17.83 -64.87 10.55
C CYS A 136 17.67 -63.92 11.73
N ASN A 137 17.59 -64.51 12.93
CA ASN A 137 17.36 -63.71 14.13
C ASN A 137 18.59 -62.93 14.57
N ASP A 138 19.78 -63.28 14.08
CA ASP A 138 20.98 -62.47 14.30
C ASP A 138 21.89 -62.56 13.08
N PRO A 139 21.61 -61.78 12.05
CA PRO A 139 22.54 -61.70 10.91
C PRO A 139 23.83 -61.02 11.32
N PHE A 140 24.93 -61.52 10.79
CA PHE A 140 26.27 -61.07 11.19
C PHE A 140 27.30 -61.60 10.20
N LEU A 141 28.55 -61.21 10.45
CA LEU A 141 29.71 -61.72 9.74
C LEU A 141 30.69 -62.30 10.76
N GLY A 142 31.36 -63.36 10.35
CA GLY A 142 32.31 -64.05 11.22
C GLY A 142 33.70 -64.10 10.65
N VAL A 143 34.65 -63.50 11.37
CA VAL A 143 36.03 -63.40 10.94
C VAL A 143 36.88 -64.28 11.85
N TYR A 144 37.73 -65.11 11.24
CA TYR A 144 38.59 -65.97 12.04
C TYR A 144 39.73 -65.14 12.62
N TYR A 145 39.82 -65.16 13.94
CA TYR A 145 40.71 -64.26 14.66
C TYR A 145 42.09 -64.89 14.75
N HIS A 146 43.02 -64.32 13.98
CA HIS A 146 44.45 -64.66 13.96
C HIS A 146 44.65 -66.14 13.61
N LYS A 147 44.01 -66.57 12.53
CA LYS A 147 44.02 -67.98 12.14
C LYS A 147 45.31 -68.32 11.39
N ASN A 148 46.41 -68.32 12.18
CA ASN A 148 47.69 -68.94 11.86
C ASN A 148 48.45 -68.25 10.71
N ASN A 149 47.83 -67.27 10.06
CA ASN A 149 48.41 -66.61 8.90
C ASN A 149 48.74 -65.15 9.19
N LYS A 150 48.85 -64.79 10.47
CA LYS A 150 49.15 -63.45 10.98
C LYS A 150 48.14 -62.40 10.53
N SER A 151 46.90 -62.81 10.26
CA SER A 151 45.91 -61.89 9.73
C SER A 151 44.50 -62.37 10.08
N TRP A 152 43.56 -61.45 10.00
CA TRP A 152 42.14 -61.76 10.15
C TRP A 152 41.53 -61.98 8.77
N MET A 153 41.11 -63.21 8.51
CA MET A 153 40.33 -63.53 7.32
C MET A 153 38.95 -64.00 7.75
N GLU A 154 37.92 -63.59 7.01
CA GLU A 154 36.55 -63.91 7.38
C GLU A 154 36.12 -65.18 6.66
N SER A 155 35.24 -65.94 7.30
CA SER A 155 34.70 -67.11 6.66
C SER A 155 33.19 -67.21 6.77
N GLU A 156 32.56 -66.50 7.70
CA GLU A 156 31.11 -66.63 7.90
C GLU A 156 30.44 -65.38 7.36
N PHE A 157 29.46 -65.57 6.49
CA PHE A 157 28.60 -64.48 6.04
C PHE A 157 27.19 -64.96 6.31
N ARG A 158 26.73 -64.78 7.54
CA ARG A 158 25.54 -65.49 8.01
C ARG A 158 24.44 -64.45 8.23
N VAL A 159 23.73 -64.14 7.15
CA VAL A 159 22.78 -63.04 7.14
C VAL A 159 21.40 -63.53 6.76
N TYR A 160 21.28 -64.12 5.58
CA TYR A 160 20.02 -64.50 4.99
C TYR A 160 20.02 -65.98 4.70
N SER A 161 18.97 -66.44 4.03
CA SER A 161 18.93 -67.79 3.48
C SER A 161 18.22 -67.88 2.13
N SER A 162 17.50 -66.84 1.72
CA SER A 162 16.74 -66.89 0.47
C SER A 162 16.65 -65.50 -0.12
N ALA A 163 16.32 -65.46 -1.41
CA ALA A 163 16.08 -64.20 -2.12
C ALA A 163 15.17 -64.53 -3.30
N ASN A 164 13.90 -64.09 -3.23
CA ASN A 164 12.87 -64.65 -4.10
C ASN A 164 12.68 -63.87 -5.39
N ASN A 165 12.22 -62.62 -5.30
CA ASN A 165 11.92 -61.80 -6.47
C ASN A 165 12.35 -60.37 -6.18
N CYS A 166 13.25 -59.82 -6.98
CA CYS A 166 13.71 -58.48 -6.67
C CYS A 166 14.22 -57.73 -7.89
N THR A 167 14.51 -56.45 -7.68
CA THR A 167 14.72 -55.47 -8.75
C THR A 167 16.18 -55.06 -8.90
N PHE A 168 16.77 -54.45 -7.89
CA PHE A 168 18.03 -53.75 -8.07
C PHE A 168 19.13 -54.38 -7.25
N GLU A 169 20.33 -54.38 -7.82
CA GLU A 169 21.54 -54.86 -7.16
C GLU A 169 22.72 -54.08 -7.72
N TYR A 170 23.73 -53.90 -6.88
CA TYR A 170 24.91 -53.15 -7.30
C TYR A 170 26.14 -53.71 -6.58
N VAL A 171 27.05 -54.30 -7.34
CA VAL A 171 28.35 -54.72 -6.85
C VAL A 171 29.38 -53.74 -7.39
N SER A 172 30.12 -53.10 -6.49
CA SER A 172 31.11 -52.13 -6.87
C SER A 172 32.47 -52.81 -7.08
N GLN A 173 33.51 -51.98 -7.22
CA GLN A 173 34.85 -52.46 -7.50
C GLN A 173 35.43 -53.17 -6.27
N PRO A 174 36.06 -54.32 -6.45
CA PRO A 174 36.68 -55.01 -5.30
C PRO A 174 37.94 -54.31 -4.83
N PHE A 175 38.13 -54.34 -3.52
CA PHE A 175 39.24 -53.62 -2.89
C PHE A 175 39.67 -54.42 -1.66
N LEU A 176 40.43 -53.77 -0.78
CA LEU A 176 40.81 -54.36 0.50
C LEU A 176 41.15 -53.27 1.51
N ASN A 185 43.60 -46.07 22.44
CA ASN A 185 42.20 -45.71 22.25
C ASN A 185 41.71 -45.95 20.83
N PHE A 186 40.63 -45.25 20.47
CA PHE A 186 40.11 -45.32 19.11
C PHE A 186 40.74 -44.27 18.23
N LYS A 187 40.79 -44.56 16.93
CA LYS A 187 41.29 -43.64 15.93
C LYS A 187 40.22 -43.17 14.97
N ASN A 188 39.17 -43.94 14.75
CA ASN A 188 38.21 -43.68 13.70
C ASN A 188 36.92 -43.11 14.31
N LEU A 189 36.44 -42.02 13.74
CA LEU A 189 35.05 -41.61 13.97
C LEU A 189 34.40 -41.61 12.60
N ARG A 190 33.48 -42.53 12.37
CA ARG A 190 32.81 -42.64 11.09
C ARG A 190 31.34 -42.35 11.28
N GLU A 191 30.91 -41.19 10.78
CA GLU A 191 29.58 -40.67 11.01
C GLU A 191 28.83 -40.64 9.69
N PHE A 192 27.55 -40.95 9.76
CA PHE A 192 26.72 -41.14 8.59
C PHE A 192 25.34 -40.57 8.88
N VAL A 193 24.66 -40.16 7.82
CA VAL A 193 23.29 -39.67 7.91
C VAL A 193 22.48 -40.43 6.89
N PHE A 194 21.43 -41.11 7.35
CA PHE A 194 20.57 -41.88 6.47
C PHE A 194 19.17 -41.31 6.52
N LYS A 195 18.66 -40.87 5.37
CA LYS A 195 17.25 -40.51 5.30
C LYS A 195 16.65 -41.01 3.99
N ASN A 196 15.39 -41.44 4.06
CA ASN A 196 14.64 -41.81 2.86
C ASN A 196 13.54 -40.78 2.65
N ILE A 197 13.52 -40.19 1.46
CA ILE A 197 12.43 -39.34 1.01
C ILE A 197 12.03 -39.75 -0.42
N ASP A 198 10.72 -40.00 -0.60
CA ASP A 198 9.97 -40.07 -1.87
C ASP A 198 10.70 -40.73 -3.04
N GLY A 199 11.04 -41.99 -2.84
CA GLY A 199 11.70 -42.78 -3.85
C GLY A 199 13.20 -42.58 -3.94
N TYR A 200 13.80 -42.07 -2.86
CA TYR A 200 15.22 -41.73 -2.84
C TYR A 200 15.76 -42.01 -1.44
N PHE A 201 16.95 -42.58 -1.40
CA PHE A 201 17.66 -42.76 -0.14
C PHE A 201 18.92 -41.91 -0.17
N LYS A 202 19.03 -40.98 0.76
CA LYS A 202 20.14 -40.07 0.88
C LYS A 202 21.08 -40.58 1.96
N ILE A 203 22.35 -40.76 1.58
CA ILE A 203 23.41 -41.21 2.46
C ILE A 203 24.49 -40.14 2.47
N TYR A 204 24.70 -39.55 3.64
CA TYR A 204 25.72 -38.55 3.89
C TYR A 204 26.80 -39.18 4.75
N SER A 205 28.05 -38.86 4.48
CA SER A 205 29.12 -39.52 5.21
C SER A 205 30.21 -38.54 5.57
N LYS A 206 30.92 -38.88 6.64
CA LYS A 206 32.15 -38.21 7.02
C LYS A 206 32.94 -39.20 7.88
N HIS A 207 34.25 -39.17 7.75
CA HIS A 207 35.12 -40.01 8.56
C HIS A 207 36.31 -39.16 9.00
N THR A 208 36.64 -39.24 10.29
CA THR A 208 37.59 -38.31 10.86
C THR A 208 38.54 -39.04 11.81
N PRO A 209 39.85 -38.82 11.69
CA PRO A 209 40.79 -39.42 12.64
C PRO A 209 40.79 -38.75 14.00
N ILE A 210 40.12 -39.35 14.97
CA ILE A 210 39.93 -38.74 16.29
C ILE A 210 40.41 -39.71 17.36
N ASN A 211 41.28 -39.23 18.23
CA ASN A 211 41.73 -39.96 19.40
C ASN A 211 40.76 -39.66 20.54
N LEU A 212 39.57 -40.26 20.46
CA LEU A 212 38.64 -40.27 21.58
C LEU A 212 38.30 -41.71 21.92
N VAL A 213 38.05 -41.96 23.20
CA VAL A 213 37.83 -43.32 23.66
C VAL A 213 36.35 -43.73 23.50
N ARG A 214 35.42 -43.02 24.13
CA ARG A 214 34.05 -43.55 24.12
C ARG A 214 32.95 -42.50 24.02
N ASP A 215 33.23 -41.30 23.52
CA ASP A 215 32.22 -40.25 23.47
C ASP A 215 32.10 -39.70 22.05
N LEU A 216 31.02 -38.95 21.82
CA LEU A 216 30.96 -38.09 20.65
C LEU A 216 31.97 -36.97 20.86
N PRO A 217 32.89 -36.74 19.93
CA PRO A 217 33.87 -35.68 20.13
C PRO A 217 33.25 -34.31 19.92
N GLN A 218 33.80 -33.33 20.63
CA GLN A 218 33.31 -31.97 20.52
C GLN A 218 33.78 -31.37 19.21
N GLY A 219 32.89 -30.68 18.52
CA GLY A 219 33.30 -29.97 17.32
C GLY A 219 32.19 -29.94 16.30
N PHE A 220 32.54 -29.48 15.10
CA PHE A 220 31.56 -29.29 14.04
C PHE A 220 32.10 -29.93 12.78
N SER A 221 31.25 -30.68 12.09
CA SER A 221 31.63 -31.29 10.83
C SER A 221 30.38 -31.56 10.02
N ALA A 222 30.26 -30.87 8.89
CA ALA A 222 29.15 -31.11 7.98
C ALA A 222 29.41 -32.40 7.20
N LEU A 223 28.31 -33.03 6.78
CA LEU A 223 28.39 -34.26 6.00
C LEU A 223 27.93 -33.98 4.58
N GLU A 224 28.81 -34.22 3.62
CA GLU A 224 28.36 -34.07 2.25
C GLU A 224 27.49 -35.25 1.86
N PRO A 225 26.53 -35.04 0.94
CA PRO A 225 25.84 -36.19 0.37
C PRO A 225 26.80 -37.02 -0.45
N LEU A 226 26.90 -38.28 -0.08
CA LEU A 226 27.74 -39.23 -0.79
C LEU A 226 26.94 -39.98 -1.84
N VAL A 227 25.78 -40.57 -1.47
CA VAL A 227 25.00 -41.38 -2.45
C VAL A 227 23.46 -41.28 -2.46
N ASP A 228 22.80 -41.82 -3.50
CA ASP A 228 21.32 -41.76 -3.64
C ASP A 228 20.70 -43.04 -4.24
N LEU A 229 19.55 -43.49 -3.73
CA LEU A 229 18.93 -44.77 -4.20
C LEU A 229 17.42 -44.79 -4.50
N PRO A 230 16.94 -45.56 -5.50
CA PRO A 230 15.51 -45.65 -5.88
C PRO A 230 14.49 -46.41 -4.98
N ILE A 231 13.26 -45.91 -4.79
CA ILE A 231 12.19 -46.58 -3.98
C ILE A 231 10.71 -46.20 -4.30
N GLY A 232 9.75 -46.83 -3.63
CA GLY A 232 8.35 -46.50 -3.86
C GLY A 232 7.37 -47.13 -2.89
N ILE A 233 7.84 -47.50 -1.70
CA ILE A 233 6.98 -48.17 -0.71
C ILE A 233 7.12 -47.59 0.69
N ASN A 234 6.08 -47.74 1.51
CA ASN A 234 6.17 -47.28 2.90
C ASN A 234 7.21 -48.10 3.65
N ILE A 235 7.81 -47.54 4.69
CA ILE A 235 8.92 -48.26 5.42
C ILE A 235 9.12 -48.11 6.96
N THR A 236 9.76 -49.09 7.64
CA THR A 236 9.89 -49.07 9.13
C THR A 236 11.19 -49.25 9.98
N ARG A 237 12.02 -50.29 9.78
CA ARG A 237 13.18 -50.58 10.71
C ARG A 237 14.61 -50.88 10.18
N PHE A 238 15.60 -50.97 11.08
CA PHE A 238 17.00 -51.26 10.69
C PHE A 238 17.91 -52.01 11.72
N GLN A 239 19.05 -52.57 11.28
CA GLN A 239 20.01 -53.25 12.19
C GLN A 239 21.44 -53.27 11.56
N THR A 240 22.49 -53.69 12.28
CA THR A 240 23.82 -53.66 11.70
C THR A 240 24.53 -55.00 11.85
N LEU A 241 25.73 -55.07 11.28
CA LEU A 241 26.47 -56.32 11.11
C LEU A 241 27.90 -56.09 11.59
N LEU A 242 28.29 -56.79 12.64
CA LEU A 242 29.66 -56.74 13.12
C LEU A 242 30.45 -57.96 12.66
N ALA A 243 31.77 -57.87 12.80
CA ALA A 243 32.69 -58.96 12.48
C ALA A 243 33.08 -59.65 13.78
N LEU A 244 33.20 -60.98 13.73
CA LEU A 244 33.43 -61.78 14.93
C LEU A 244 34.85 -61.62 15.46
N SER A 254 33.46 -71.20 18.74
CA SER A 254 33.11 -71.48 17.35
C SER A 254 31.62 -71.22 17.09
N SER A 255 30.78 -72.14 17.55
CA SER A 255 29.34 -71.94 17.43
C SER A 255 28.88 -70.79 18.32
N SER A 256 29.27 -70.80 19.59
CA SER A 256 29.06 -69.67 20.47
C SER A 256 30.28 -69.52 21.36
N GLY A 257 30.55 -68.28 21.74
CA GLY A 257 31.80 -67.98 22.40
C GLY A 257 32.79 -67.44 21.41
N TRP A 258 32.97 -66.13 21.40
CA TRP A 258 33.78 -65.46 20.39
C TRP A 258 34.42 -64.22 20.99
N THR A 259 35.45 -63.74 20.32
CA THR A 259 36.20 -62.57 20.73
C THR A 259 35.69 -61.36 19.96
N ALA A 260 35.18 -60.37 20.70
CA ALA A 260 34.61 -59.17 20.10
C ALA A 260 35.58 -58.01 20.28
N GLY A 261 35.96 -57.38 19.17
CA GLY A 261 36.80 -56.20 19.24
C GLY A 261 36.02 -55.01 19.76
N ALA A 262 36.73 -54.11 20.43
CA ALA A 262 36.13 -52.91 21.00
C ALA A 262 35.70 -51.96 19.90
N ALA A 263 34.40 -51.65 19.84
CA ALA A 263 33.87 -50.69 18.87
C ALA A 263 32.56 -50.16 19.40
N ALA A 264 32.43 -48.85 19.50
CA ALA A 264 31.21 -48.24 19.98
C ALA A 264 30.49 -47.58 18.81
N TYR A 265 29.18 -47.42 18.93
CA TYR A 265 28.41 -46.72 17.93
C TYR A 265 27.23 -46.02 18.58
N TYR A 266 26.67 -45.09 17.82
CA TYR A 266 25.73 -44.08 18.30
C TYR A 266 24.58 -44.02 17.31
N VAL A 267 23.36 -44.09 17.80
CA VAL A 267 22.17 -43.95 16.98
C VAL A 267 21.37 -42.76 17.48
N GLY A 268 20.74 -42.04 16.55
CA GLY A 268 19.90 -40.91 16.90
C GLY A 268 18.90 -40.65 15.80
N TYR A 269 17.80 -40.02 16.18
CA TYR A 269 16.63 -39.89 15.33
C TYR A 269 16.40 -38.44 14.99
N LEU A 270 15.74 -38.20 13.86
CA LEU A 270 15.75 -36.87 13.28
C LEU A 270 14.36 -36.23 13.37
N GLN A 271 14.34 -34.91 13.23
CA GLN A 271 13.14 -34.12 13.51
C GLN A 271 13.23 -32.85 12.67
N PRO A 272 12.10 -32.40 12.10
CA PRO A 272 12.14 -31.22 11.23
C PRO A 272 12.29 -29.94 12.05
N ARG A 273 13.37 -29.21 11.83
CA ARG A 273 13.63 -27.97 12.55
C ARG A 273 13.97 -26.86 11.56
N THR A 274 13.92 -25.64 12.06
CA THR A 274 14.36 -24.47 11.31
C THR A 274 15.78 -24.14 11.74
N PHE A 275 16.68 -24.08 10.76
CA PHE A 275 18.09 -23.92 11.03
C PHE A 275 18.66 -22.69 10.32
N LEU A 276 19.76 -22.20 10.89
CA LEU A 276 20.55 -21.13 10.29
C LEU A 276 21.93 -21.68 10.01
N LEU A 277 22.43 -21.45 8.81
CA LEU A 277 23.73 -21.94 8.37
C LEU A 277 24.58 -20.75 7.99
N LYS A 278 25.90 -20.88 8.04
CA LYS A 278 26.74 -19.89 7.38
C LYS A 278 27.73 -20.61 6.46
N TYR A 279 27.84 -20.11 5.24
CA TYR A 279 28.87 -20.50 4.30
C TYR A 279 30.03 -19.53 4.44
N ASN A 280 31.25 -20.05 4.48
CA ASN A 280 32.43 -19.23 4.66
C ASN A 280 32.87 -18.64 3.31
N GLU A 281 34.10 -18.09 3.27
CA GLU A 281 34.69 -17.61 2.04
C GLU A 281 34.85 -18.71 0.99
N ASN A 282 35.03 -19.96 1.41
CA ASN A 282 35.08 -21.09 0.50
C ASN A 282 33.75 -21.81 0.42
N GLY A 283 32.72 -21.28 1.07
CA GLY A 283 31.42 -21.89 1.03
C GLY A 283 31.31 -23.17 1.81
N THR A 284 32.25 -23.44 2.70
CA THR A 284 32.19 -24.59 3.58
C THR A 284 31.28 -24.23 4.73
N ILE A 285 30.33 -25.11 5.03
CA ILE A 285 29.49 -24.93 6.19
C ILE A 285 30.32 -25.13 7.44
N THR A 286 30.46 -24.07 8.23
CA THR A 286 31.29 -24.14 9.42
C THR A 286 30.50 -23.90 10.70
N ASP A 287 29.49 -23.03 10.66
CA ASP A 287 28.71 -22.75 11.86
C ASP A 287 27.23 -22.75 11.53
N ALA A 288 26.45 -23.11 12.54
CA ALA A 288 25.01 -23.28 12.40
C ALA A 288 24.34 -23.00 13.73
N VAL A 289 23.07 -22.66 13.66
CA VAL A 289 22.25 -22.41 14.83
C VAL A 289 20.95 -23.18 14.70
N ASP A 290 20.68 -24.03 15.69
CA ASP A 290 19.36 -24.59 15.92
C ASP A 290 18.59 -23.54 16.69
N CYS A 291 17.56 -22.98 16.07
CA CYS A 291 16.94 -21.76 16.58
C CYS A 291 16.11 -22.01 17.83
N ALA A 292 15.71 -23.26 18.07
CA ALA A 292 14.77 -23.56 19.14
C ALA A 292 15.41 -24.10 20.41
N LEU A 293 16.74 -24.03 20.54
CA LEU A 293 17.40 -24.59 21.72
C LEU A 293 17.16 -23.75 22.97
N ASP A 294 17.28 -22.43 22.86
CA ASP A 294 17.02 -21.51 23.95
C ASP A 294 16.57 -20.18 23.34
N PRO A 295 15.91 -19.30 24.12
CA PRO A 295 15.46 -18.02 23.54
C PRO A 295 16.57 -17.16 22.95
N LEU A 296 17.79 -17.30 23.47
CA LEU A 296 18.92 -16.57 22.90
C LEU A 296 19.19 -17.03 21.47
N SER A 297 19.07 -18.32 21.21
CA SER A 297 19.23 -18.80 19.84
C SER A 297 18.07 -18.34 18.97
N GLU A 298 16.88 -18.20 19.57
CA GLU A 298 15.75 -17.68 18.80
C GLU A 298 16.00 -16.24 18.38
N THR A 299 16.57 -15.43 19.27
CA THR A 299 16.92 -14.07 18.92
C THR A 299 18.03 -14.02 17.88
N LYS A 300 19.03 -14.90 18.01
CA LYS A 300 20.11 -14.96 17.04
C LYS A 300 19.59 -15.35 15.67
N CYS A 301 18.66 -16.30 15.64
CA CYS A 301 18.09 -16.80 14.40
C CYS A 301 17.12 -15.82 13.78
N THR A 302 16.50 -14.94 14.57
CA THR A 302 15.60 -13.96 13.96
C THR A 302 16.25 -12.63 13.66
N LEU A 303 17.43 -12.34 14.21
CA LEU A 303 18.16 -11.17 13.76
C LEU A 303 19.23 -11.51 12.73
N LYS A 304 19.41 -12.79 12.43
CA LYS A 304 20.35 -13.27 11.40
C LYS A 304 21.77 -12.79 11.66
N SER A 305 22.27 -13.17 12.83
CA SER A 305 23.65 -12.90 13.23
C SER A 305 24.05 -13.94 14.25
N PHE A 306 25.34 -13.96 14.57
CA PHE A 306 25.82 -14.83 15.62
C PHE A 306 26.22 -14.07 16.87
N THR A 307 26.34 -12.75 16.78
CA THR A 307 26.50 -11.91 17.95
C THR A 307 25.41 -10.86 17.95
N VAL A 308 24.82 -10.63 19.11
CA VAL A 308 23.69 -9.73 19.26
C VAL A 308 24.04 -8.74 20.36
N GLU A 309 23.92 -7.46 20.08
CA GLU A 309 24.35 -6.48 21.06
C GLU A 309 23.30 -6.25 22.12
N LYS A 310 23.70 -5.55 23.17
CA LYS A 310 22.97 -5.48 24.43
C LYS A 310 21.66 -4.71 24.27
N GLY A 311 20.56 -5.31 24.73
CA GLY A 311 19.28 -4.65 24.65
C GLY A 311 18.13 -5.62 24.88
N ILE A 312 17.01 -5.31 24.22
CA ILE A 312 15.76 -6.05 24.36
C ILE A 312 15.18 -6.25 22.97
N TYR A 313 14.61 -7.42 22.71
CA TYR A 313 14.09 -7.74 21.40
C TYR A 313 12.74 -8.41 21.50
N GLN A 314 11.91 -8.26 20.47
CA GLN A 314 10.55 -8.83 20.50
C GLN A 314 10.41 -10.00 19.55
N THR A 315 10.28 -11.21 20.10
CA THR A 315 10.21 -12.42 19.27
C THR A 315 9.21 -13.45 19.77
N SER A 316 8.87 -14.43 18.94
CA SER A 316 8.03 -15.56 19.40
C SER A 316 6.66 -15.41 20.06
N ASN A 317 5.72 -14.69 19.45
CA ASN A 317 4.36 -14.66 19.99
C ASN A 317 3.92 -16.10 20.21
N PHE A 318 3.33 -16.42 21.36
CA PHE A 318 2.97 -17.78 21.69
C PHE A 318 1.48 -17.84 22.00
N ARG A 319 1.01 -19.06 22.25
CA ARG A 319 -0.40 -19.29 22.49
C ARG A 319 -0.55 -20.59 23.27
N VAL A 320 -1.67 -20.70 24.00
CA VAL A 320 -1.88 -21.77 24.98
C VAL A 320 -2.13 -23.13 24.33
N GLN A 321 -2.25 -23.18 22.98
CA GLN A 321 -2.31 -24.40 22.17
C GLN A 321 -3.49 -25.31 22.54
N PRO A 322 -4.67 -25.05 21.97
CA PRO A 322 -5.91 -25.75 22.36
C PRO A 322 -5.81 -27.27 22.24
N THR A 323 -6.42 -27.96 23.21
CA THR A 323 -6.06 -29.34 23.51
C THR A 323 -7.04 -30.39 23.01
N GLU A 324 -8.32 -30.06 22.80
CA GLU A 324 -9.28 -31.12 22.54
C GLU A 324 -10.45 -30.59 21.72
N SER A 325 -11.21 -31.52 21.16
CA SER A 325 -12.33 -31.25 20.29
C SER A 325 -13.64 -31.35 21.04
N ILE A 326 -14.65 -30.68 20.50
CA ILE A 326 -16.00 -30.70 21.04
C ILE A 326 -16.95 -30.30 19.92
N VAL A 327 -18.11 -30.94 19.88
CA VAL A 327 -19.15 -30.59 18.91
C VAL A 327 -20.48 -30.59 19.65
N ARG A 328 -21.30 -29.57 19.37
CA ARG A 328 -22.59 -29.47 20.01
C ARG A 328 -23.68 -29.21 18.99
N PHE A 329 -24.80 -29.87 19.22
CA PHE A 329 -26.00 -29.80 18.40
C PHE A 329 -27.19 -30.00 19.33
N PRO A 330 -28.39 -29.49 18.97
CA PRO A 330 -29.53 -29.53 19.92
C PRO A 330 -30.03 -30.93 20.25
N ASN A 331 -30.84 -31.03 21.31
CA ASN A 331 -31.55 -32.27 21.63
C ASN A 331 -32.64 -32.43 20.60
N ILE A 332 -32.27 -33.04 19.47
CA ILE A 332 -32.99 -32.92 18.21
C ILE A 332 -33.79 -34.20 17.96
N THR A 333 -34.14 -34.89 19.04
CA THR A 333 -34.86 -36.15 18.90
C THR A 333 -36.31 -35.94 18.43
N ASN A 334 -36.50 -35.94 17.11
CA ASN A 334 -37.83 -36.05 16.50
C ASN A 334 -37.68 -36.85 15.20
N LEU A 335 -37.82 -38.16 15.31
CA LEU A 335 -37.33 -39.08 14.29
C LEU A 335 -38.34 -39.27 13.16
N CYS A 336 -37.85 -39.77 12.03
CA CYS A 336 -38.65 -40.13 10.86
C CYS A 336 -39.15 -41.57 10.98
N PRO A 337 -40.42 -41.81 10.61
CA PRO A 337 -41.04 -43.15 10.78
C PRO A 337 -40.54 -44.20 9.80
N PHE A 338 -39.37 -44.78 10.11
CA PHE A 338 -38.85 -45.88 9.32
C PHE A 338 -39.62 -47.18 9.62
N GLY A 339 -40.16 -47.31 10.83
CA GLY A 339 -40.85 -48.54 11.19
C GLY A 339 -42.20 -48.70 10.54
N GLU A 340 -42.84 -47.58 10.16
CA GLU A 340 -44.13 -47.66 9.50
C GLU A 340 -44.01 -47.98 8.01
N VAL A 341 -42.81 -47.87 7.45
CA VAL A 341 -42.59 -48.20 6.05
C VAL A 341 -41.73 -49.46 5.89
N PHE A 342 -41.06 -49.91 6.95
CA PHE A 342 -40.33 -51.17 6.89
C PHE A 342 -41.03 -52.27 7.69
N ASN A 343 -41.34 -52.00 8.96
CA ASN A 343 -42.01 -52.97 9.82
C ASN A 343 -43.52 -52.82 9.78
N ALA A 344 -44.07 -52.31 8.67
CA ALA A 344 -45.51 -52.39 8.45
C ALA A 344 -45.91 -53.85 8.25
N THR A 345 -47.15 -54.16 8.65
CA THR A 345 -47.58 -55.55 8.68
C THR A 345 -47.79 -56.12 7.28
N ARG A 346 -48.18 -55.28 6.33
CA ARG A 346 -48.47 -55.72 4.98
C ARG A 346 -48.07 -54.64 3.99
N PHE A 347 -47.41 -55.04 2.91
CA PHE A 347 -47.26 -54.19 1.75
C PHE A 347 -48.29 -54.59 0.71
N ALA A 348 -48.50 -53.70 -0.25
CA ALA A 348 -49.34 -54.03 -1.39
C ALA A 348 -48.47 -54.64 -2.49
N SER A 349 -49.13 -55.06 -3.57
CA SER A 349 -48.44 -55.78 -4.63
C SER A 349 -47.65 -54.83 -5.52
N VAL A 350 -46.99 -55.40 -6.53
CA VAL A 350 -46.09 -54.64 -7.37
C VAL A 350 -46.87 -53.75 -8.34
N TYR A 351 -48.08 -54.15 -8.72
CA TYR A 351 -48.88 -53.31 -9.61
C TYR A 351 -49.48 -52.12 -8.87
N ALA A 352 -49.51 -52.17 -7.55
CA ALA A 352 -50.05 -51.12 -6.69
C ALA A 352 -49.06 -50.74 -5.61
N TRP A 353 -47.84 -50.35 -6.01
CA TRP A 353 -46.75 -50.05 -5.09
C TRP A 353 -47.06 -48.84 -4.23
N ASN A 354 -46.79 -48.96 -2.93
CA ASN A 354 -47.14 -47.94 -1.96
C ASN A 354 -46.13 -46.80 -1.99
N ARG A 355 -46.61 -45.58 -2.20
CA ARG A 355 -45.77 -44.39 -2.22
C ARG A 355 -46.14 -43.51 -1.03
N LYS A 356 -45.14 -43.18 -0.21
CA LYS A 356 -45.33 -42.35 0.98
C LYS A 356 -44.15 -41.41 1.12
N ARG A 357 -44.45 -40.14 1.42
CA ARG A 357 -43.44 -39.09 1.51
C ARG A 357 -43.15 -38.74 2.97
N ILE A 358 -41.87 -38.70 3.31
CA ILE A 358 -41.39 -38.36 4.64
C ILE A 358 -40.68 -37.01 4.56
N SER A 359 -41.06 -36.10 5.45
CA SER A 359 -40.43 -34.79 5.59
C SER A 359 -40.63 -34.28 7.02
N ASN A 360 -39.75 -33.36 7.41
CA ASN A 360 -39.74 -32.62 8.68
C ASN A 360 -39.62 -33.57 9.88
N CYS A 361 -38.48 -34.25 9.93
CA CYS A 361 -38.06 -35.10 11.06
C CYS A 361 -36.57 -35.39 10.94
N VAL A 362 -36.10 -36.33 11.74
CA VAL A 362 -34.71 -36.75 11.82
C VAL A 362 -34.61 -38.17 11.29
N ALA A 363 -33.76 -38.39 10.30
CA ALA A 363 -33.62 -39.70 9.69
C ALA A 363 -32.34 -40.36 10.16
N ASP A 364 -32.48 -41.60 10.64
CA ASP A 364 -31.35 -42.38 11.12
C ASP A 364 -31.19 -43.58 10.19
N TYR A 365 -30.41 -43.40 9.13
CA TYR A 365 -30.18 -44.44 8.13
C TYR A 365 -29.28 -45.55 8.65
N SER A 366 -28.55 -45.32 9.75
CA SER A 366 -27.51 -46.24 10.18
C SER A 366 -28.08 -47.56 10.69
N VAL A 367 -29.18 -47.49 11.44
CA VAL A 367 -29.81 -48.69 11.99
C VAL A 367 -30.41 -49.55 10.89
N LEU A 368 -30.74 -48.95 9.76
CA LEU A 368 -31.11 -49.72 8.58
C LEU A 368 -29.89 -50.07 7.74
N TYR A 369 -28.83 -49.26 7.80
CA TYR A 369 -27.64 -49.54 7.01
C TYR A 369 -26.83 -50.69 7.60
N ASN A 370 -26.68 -50.73 8.92
CA ASN A 370 -25.85 -51.77 9.52
C ASN A 370 -26.57 -53.11 9.62
N SER A 371 -27.89 -53.12 9.43
CA SER A 371 -28.64 -54.36 9.51
C SER A 371 -28.39 -55.22 8.28
N ALA A 372 -27.85 -56.42 8.49
CA ALA A 372 -27.63 -57.37 7.43
C ALA A 372 -28.83 -58.31 7.23
N SER A 373 -29.93 -58.04 7.93
CA SER A 373 -31.17 -58.82 7.84
C SER A 373 -31.88 -58.67 6.50
N PHE A 374 -31.46 -57.72 5.67
CA PHE A 374 -32.12 -57.44 4.40
C PHE A 374 -31.38 -58.17 3.28
N SER A 375 -32.13 -58.58 2.25
CA SER A 375 -31.56 -59.35 1.16
C SER A 375 -30.57 -58.53 0.35
N THR A 376 -30.93 -57.28 0.03
CA THR A 376 -29.99 -56.41 -0.67
C THR A 376 -30.26 -54.96 -0.31
N PHE A 377 -29.25 -54.12 -0.53
CA PHE A 377 -29.37 -52.66 -0.45
C PHE A 377 -28.52 -52.11 -1.59
N LYS A 378 -29.18 -51.76 -2.69
CA LYS A 378 -28.54 -51.23 -3.88
C LYS A 378 -28.83 -49.74 -3.98
N CYS A 379 -27.89 -48.92 -3.51
CA CYS A 379 -27.99 -47.48 -3.66
C CYS A 379 -27.30 -47.08 -4.95
N TYR A 380 -27.84 -46.07 -5.61
CA TYR A 380 -27.41 -45.77 -6.96
C TYR A 380 -26.81 -44.38 -7.13
N GLY A 381 -27.46 -43.36 -6.57
CA GLY A 381 -26.93 -42.02 -6.73
C GLY A 381 -25.94 -41.59 -5.67
N VAL A 382 -25.91 -42.27 -4.51
CA VAL A 382 -25.14 -41.81 -3.37
C VAL A 382 -24.21 -42.95 -2.94
N SER A 383 -22.97 -42.58 -2.61
CA SER A 383 -22.10 -43.50 -1.90
C SER A 383 -22.69 -43.79 -0.52
N PRO A 384 -22.77 -45.06 -0.11
CA PRO A 384 -23.63 -45.42 1.04
C PRO A 384 -23.17 -44.88 2.37
N THR A 385 -21.87 -44.61 2.51
CA THR A 385 -21.37 -43.99 3.74
C THR A 385 -21.70 -42.51 3.80
N LYS A 386 -21.95 -41.88 2.66
CA LYS A 386 -22.25 -40.45 2.64
C LYS A 386 -23.69 -40.17 3.02
N LEU A 387 -24.52 -41.22 3.09
CA LEU A 387 -25.92 -41.07 3.46
C LEU A 387 -26.08 -40.56 4.89
N ASN A 388 -25.17 -40.93 5.77
CA ASN A 388 -25.19 -40.49 7.16
C ASN A 388 -24.42 -39.19 7.37
N ASP A 389 -24.04 -38.51 6.29
CA ASP A 389 -23.47 -37.17 6.38
C ASP A 389 -24.07 -36.18 5.39
N LEU A 390 -24.66 -36.65 4.28
CA LEU A 390 -25.36 -35.80 3.33
C LEU A 390 -26.86 -36.05 3.47
N CYS A 391 -27.65 -35.07 3.06
CA CYS A 391 -29.08 -35.14 3.34
C CYS A 391 -29.86 -34.29 2.35
N PHE A 392 -31.19 -34.43 2.39
CA PHE A 392 -32.07 -34.11 1.28
C PHE A 392 -33.17 -33.16 1.73
N THR A 393 -34.02 -32.80 0.78
CA THR A 393 -35.14 -31.91 1.00
C THR A 393 -36.48 -32.63 0.97
N ASN A 394 -36.52 -33.86 0.48
CA ASN A 394 -37.72 -34.66 0.39
C ASN A 394 -37.36 -36.12 0.58
N VAL A 395 -38.31 -36.92 1.08
CA VAL A 395 -38.15 -38.37 1.10
C VAL A 395 -39.38 -39.00 0.46
N TYR A 396 -39.17 -39.90 -0.50
CA TYR A 396 -40.25 -40.70 -1.07
C TYR A 396 -39.89 -42.17 -0.94
N ALA A 397 -40.84 -42.98 -0.51
CA ALA A 397 -40.64 -44.40 -0.28
C ALA A 397 -41.73 -45.20 -1.01
N ASP A 398 -41.30 -46.18 -1.80
CA ASP A 398 -42.21 -47.06 -2.55
C ASP A 398 -42.00 -48.49 -2.06
N SER A 399 -42.94 -48.99 -1.29
CA SER A 399 -42.88 -50.35 -0.75
C SER A 399 -43.82 -51.26 -1.51
N PHE A 400 -43.33 -52.46 -1.85
CA PHE A 400 -44.11 -53.45 -2.57
C PHE A 400 -43.48 -54.82 -2.31
N VAL A 401 -44.08 -55.86 -2.88
CA VAL A 401 -43.59 -57.23 -2.74
C VAL A 401 -43.49 -57.82 -4.15
N ILE A 402 -42.34 -58.44 -4.46
CA ILE A 402 -42.11 -59.05 -5.76
C ILE A 402 -41.63 -60.48 -5.57
N ARG A 403 -41.34 -61.13 -6.70
CA ARG A 403 -40.78 -62.47 -6.73
C ARG A 403 -39.31 -62.47 -6.35
N GLY A 404 -38.83 -63.63 -5.90
CA GLY A 404 -37.43 -63.78 -5.53
C GLY A 404 -36.45 -63.68 -6.69
N ASP A 405 -36.81 -64.19 -7.87
CA ASP A 405 -35.90 -64.12 -9.00
C ASP A 405 -36.02 -62.81 -9.78
N GLU A 406 -37.02 -62.00 -9.46
CA GLU A 406 -37.29 -60.77 -10.17
C GLU A 406 -36.64 -59.56 -9.50
N VAL A 407 -35.71 -59.78 -8.57
CA VAL A 407 -35.12 -58.68 -7.84
C VAL A 407 -34.03 -57.95 -8.63
N ARG A 408 -33.63 -58.48 -9.80
CA ARG A 408 -32.59 -57.82 -10.57
C ARG A 408 -33.14 -56.86 -11.62
N GLN A 409 -34.44 -56.90 -11.90
CA GLN A 409 -35.04 -55.94 -12.82
C GLN A 409 -35.30 -54.58 -12.18
N ILE A 410 -35.11 -54.46 -10.86
CA ILE A 410 -35.33 -53.19 -10.19
C ILE A 410 -34.17 -52.22 -10.44
N ALA A 411 -33.07 -52.69 -11.00
CA ALA A 411 -31.95 -51.85 -11.36
C ALA A 411 -32.36 -50.87 -12.47
N PRO A 412 -31.75 -49.67 -12.50
CA PRO A 412 -32.23 -48.64 -13.43
C PRO A 412 -31.93 -48.96 -14.89
N GLY A 413 -32.88 -48.63 -15.76
CA GLY A 413 -32.71 -48.77 -17.19
C GLY A 413 -32.90 -50.17 -17.72
N GLN A 414 -33.20 -51.15 -16.86
CA GLN A 414 -33.27 -52.53 -17.31
C GLN A 414 -34.62 -52.82 -17.96
N THR A 415 -34.70 -54.02 -18.53
CA THR A 415 -35.91 -54.54 -19.14
C THR A 415 -36.40 -55.75 -18.35
N GLY A 416 -37.57 -56.26 -18.74
CA GLY A 416 -38.19 -57.38 -18.06
C GLY A 416 -39.68 -57.16 -17.87
N VAL A 417 -40.29 -58.13 -17.18
CA VAL A 417 -41.72 -58.04 -16.88
C VAL A 417 -41.98 -56.92 -15.88
N ILE A 418 -41.24 -56.92 -14.78
CA ILE A 418 -41.44 -55.89 -13.75
C ILE A 418 -40.89 -54.55 -14.21
N ALA A 419 -39.71 -54.56 -14.85
CA ALA A 419 -38.99 -53.33 -15.18
C ALA A 419 -39.68 -52.51 -16.27
N ASP A 420 -40.54 -53.12 -17.08
CA ASP A 420 -41.25 -52.40 -18.13
C ASP A 420 -42.76 -52.56 -18.06
N TYR A 421 -43.27 -53.42 -17.18
CA TYR A 421 -44.70 -53.67 -17.09
C TYR A 421 -45.31 -53.28 -15.75
N ASN A 422 -44.49 -53.17 -14.71
CA ASN A 422 -44.98 -52.90 -13.36
C ASN A 422 -44.39 -51.63 -12.76
N TYR A 423 -43.07 -51.49 -12.77
CA TYR A 423 -42.43 -50.32 -12.14
C TYR A 423 -41.07 -50.12 -12.78
N LYS A 424 -40.78 -48.90 -13.22
CA LYS A 424 -39.56 -48.59 -13.94
C LYS A 424 -38.79 -47.50 -13.18
N LEU A 425 -37.46 -47.59 -13.21
CA LEU A 425 -36.60 -46.59 -12.63
C LEU A 425 -35.93 -45.77 -13.73
N PRO A 426 -35.71 -44.47 -13.51
CA PRO A 426 -35.06 -43.65 -14.55
C PRO A 426 -33.59 -43.96 -14.68
N ASP A 427 -33.00 -43.51 -15.81
CA ASP A 427 -31.66 -43.92 -16.18
C ASP A 427 -30.58 -43.35 -15.26
N ASP A 428 -30.86 -42.22 -14.63
CA ASP A 428 -29.95 -41.63 -13.65
C ASP A 428 -30.64 -41.49 -12.31
N PHE A 429 -31.23 -42.59 -11.84
CA PHE A 429 -32.06 -42.60 -10.63
C PHE A 429 -31.26 -42.27 -9.38
N THR A 430 -31.84 -41.43 -8.53
CA THR A 430 -31.24 -41.03 -7.27
C THR A 430 -32.05 -41.64 -6.14
N GLY A 431 -31.46 -42.59 -5.44
CA GLY A 431 -32.14 -43.26 -4.36
C GLY A 431 -31.51 -44.61 -4.09
N CYS A 432 -32.25 -45.44 -3.36
CA CYS A 432 -31.75 -46.74 -2.95
C CYS A 432 -32.88 -47.75 -2.94
N VAL A 433 -32.55 -48.99 -3.30
CA VAL A 433 -33.51 -50.08 -3.36
C VAL A 433 -33.13 -51.10 -2.31
N ILE A 434 -34.05 -51.38 -1.38
CA ILE A 434 -33.78 -52.20 -0.21
C ILE A 434 -34.75 -53.37 -0.22
N ALA A 435 -34.22 -54.58 -0.16
CA ALA A 435 -35.04 -55.78 -0.27
C ALA A 435 -34.72 -56.75 0.86
N TRP A 436 -35.76 -57.40 1.37
CA TRP A 436 -35.61 -58.53 2.28
C TRP A 436 -36.68 -59.56 1.98
N ASN A 437 -36.32 -60.84 2.14
CA ASN A 437 -37.29 -61.91 1.97
C ASN A 437 -38.28 -61.92 3.12
N SER A 438 -39.55 -62.14 2.80
CA SER A 438 -40.61 -62.25 3.78
C SER A 438 -41.47 -63.47 3.48
N ASN A 439 -40.80 -64.60 3.27
CA ASN A 439 -41.51 -65.85 2.96
C ASN A 439 -42.29 -66.35 4.17
N ASN A 440 -41.77 -66.09 5.36
CA ASN A 440 -42.50 -66.49 6.57
C ASN A 440 -43.49 -65.43 7.04
N LEU A 441 -43.59 -64.28 6.36
CA LEU A 441 -44.46 -63.21 6.81
C LEU A 441 -45.83 -63.26 6.15
N ASP A 442 -45.87 -63.33 4.82
CA ASP A 442 -47.13 -63.20 4.09
C ASP A 442 -47.30 -64.27 3.02
N SER A 443 -46.67 -65.44 3.18
CA SER A 443 -46.83 -66.53 2.23
C SER A 443 -47.49 -67.73 2.91
N LYS A 444 -48.49 -68.30 2.23
CA LYS A 444 -49.25 -69.40 2.77
C LYS A 444 -48.98 -70.67 1.96
N VAL A 445 -49.26 -71.81 2.58
CA VAL A 445 -49.09 -73.09 1.90
C VAL A 445 -50.17 -73.29 0.84
N GLY A 446 -51.33 -72.65 1.03
CA GLY A 446 -52.38 -72.70 0.02
C GLY A 446 -52.12 -71.83 -1.19
N GLY A 447 -51.23 -70.85 -1.07
CA GLY A 447 -50.93 -69.94 -2.17
C GLY A 447 -51.68 -68.64 -2.09
N ASN A 448 -51.00 -67.58 -1.67
CA ASN A 448 -51.63 -66.25 -1.60
C ASN A 448 -51.64 -65.65 -3.00
N TYR A 449 -52.79 -65.78 -3.64
CA TYR A 449 -52.98 -65.26 -4.99
C TYR A 449 -53.41 -63.81 -5.01
N ASN A 450 -53.59 -63.20 -3.83
CA ASN A 450 -53.87 -61.77 -3.75
C ASN A 450 -52.65 -60.93 -4.08
N TYR A 451 -51.45 -61.49 -3.92
CA TYR A 451 -50.24 -60.89 -4.49
C TYR A 451 -50.10 -61.39 -5.92
N LEU A 452 -50.11 -60.45 -6.86
CA LEU A 452 -50.06 -60.77 -8.27
C LEU A 452 -49.39 -59.62 -9.00
N TYR A 453 -48.90 -59.91 -10.21
CA TYR A 453 -48.12 -58.93 -10.96
C TYR A 453 -48.80 -58.60 -12.27
N ARG A 454 -48.19 -57.71 -13.06
CA ARG A 454 -48.73 -57.31 -14.35
C ARG A 454 -47.96 -58.06 -15.44
N LEU A 455 -48.69 -58.82 -16.26
CA LEU A 455 -48.07 -59.58 -17.34
C LEU A 455 -48.36 -59.02 -18.72
N PHE A 456 -49.52 -58.39 -18.91
CA PHE A 456 -49.89 -57.85 -20.21
C PHE A 456 -50.11 -56.34 -20.07
N ARG A 457 -49.35 -55.57 -20.84
CA ARG A 457 -49.45 -54.12 -20.81
C ARG A 457 -49.11 -53.60 -22.20
N LYS A 458 -49.88 -52.60 -22.63
CA LYS A 458 -49.79 -52.10 -24.01
C LYS A 458 -48.44 -51.43 -24.28
N SER A 459 -47.96 -50.62 -23.34
CA SER A 459 -46.75 -49.85 -23.56
C SER A 459 -45.91 -49.88 -22.29
N ASN A 460 -44.61 -49.64 -22.45
CA ASN A 460 -43.70 -49.58 -21.32
C ASN A 460 -43.97 -48.30 -20.53
N LEU A 461 -43.78 -48.35 -19.22
CA LEU A 461 -44.18 -47.25 -18.36
C LEU A 461 -43.04 -46.25 -18.19
N LYS A 462 -43.42 -44.98 -18.04
CA LYS A 462 -42.51 -43.97 -17.53
C LYS A 462 -42.20 -44.31 -16.07
N PRO A 463 -41.02 -43.93 -15.57
CA PRO A 463 -40.72 -44.13 -14.14
C PRO A 463 -41.72 -43.49 -13.20
N PHE A 464 -41.98 -44.21 -12.11
CA PHE A 464 -42.88 -43.86 -11.01
C PHE A 464 -44.33 -43.77 -11.46
N GLU A 465 -44.70 -44.50 -12.50
CA GLU A 465 -46.08 -44.56 -12.96
C GLU A 465 -46.75 -45.80 -12.39
N ARG A 466 -48.07 -45.69 -12.21
CA ARG A 466 -48.86 -46.79 -11.65
C ARG A 466 -50.00 -47.12 -12.60
N ASP A 467 -50.10 -48.40 -12.95
CA ASP A 467 -51.13 -48.90 -13.86
C ASP A 467 -52.17 -49.63 -13.01
N ILE A 468 -53.20 -48.89 -12.59
CA ILE A 468 -54.26 -49.48 -11.78
C ILE A 468 -55.30 -50.17 -12.64
N SER A 469 -55.27 -49.95 -13.95
CA SER A 469 -56.29 -50.47 -14.85
C SER A 469 -56.21 -51.99 -14.96
N THR A 470 -57.38 -52.63 -14.94
CA THR A 470 -57.52 -54.07 -15.12
C THR A 470 -58.19 -54.41 -16.45
N GLU A 471 -57.97 -53.60 -17.47
CA GLU A 471 -58.56 -53.83 -18.79
C GLU A 471 -57.96 -55.08 -19.41
N ILE A 472 -58.83 -55.98 -19.88
CA ILE A 472 -58.42 -57.28 -20.40
C ILE A 472 -57.67 -57.04 -21.71
N TYR A 473 -56.35 -57.21 -21.66
CA TYR A 473 -55.50 -56.76 -22.76
C TYR A 473 -55.65 -57.65 -23.98
N GLN A 474 -55.68 -57.01 -25.16
CA GLN A 474 -55.73 -57.69 -26.44
C GLN A 474 -54.31 -57.89 -26.90
N ALA A 475 -53.72 -59.03 -26.53
CA ALA A 475 -52.37 -59.36 -26.97
C ALA A 475 -52.31 -59.70 -28.45
N GLY A 476 -53.45 -60.06 -29.05
CA GLY A 476 -53.52 -60.25 -30.49
C GLY A 476 -54.04 -59.03 -31.22
N SER A 477 -54.15 -59.15 -32.54
CA SER A 477 -54.65 -58.05 -33.36
C SER A 477 -56.17 -58.06 -33.47
N THR A 478 -56.84 -59.12 -33.02
CA THR A 478 -58.28 -59.22 -33.13
C THR A 478 -58.97 -58.33 -32.09
N PRO A 479 -60.11 -57.75 -32.45
CA PRO A 479 -60.89 -56.97 -31.48
C PRO A 479 -61.48 -57.88 -30.39
N CYS A 480 -61.70 -57.28 -29.23
CA CYS A 480 -62.09 -58.05 -28.05
C CYS A 480 -63.01 -57.20 -27.18
N ASN A 481 -63.91 -57.89 -26.48
CA ASN A 481 -64.81 -57.27 -25.52
C ASN A 481 -65.22 -58.33 -24.50
N GLY A 482 -66.23 -58.01 -23.70
CA GLY A 482 -66.72 -58.94 -22.70
C GLY A 482 -65.78 -59.13 -21.53
N VAL A 483 -65.83 -60.30 -20.91
CA VAL A 483 -65.00 -60.59 -19.75
C VAL A 483 -63.91 -61.58 -20.17
N GLU A 484 -64.19 -62.37 -21.22
CA GLU A 484 -63.25 -63.38 -21.67
C GLU A 484 -63.37 -63.53 -23.19
N GLY A 485 -62.23 -63.69 -23.84
CA GLY A 485 -62.19 -63.83 -25.29
C GLY A 485 -60.91 -64.50 -25.73
N PHE A 486 -60.87 -64.84 -27.01
CA PHE A 486 -59.72 -65.53 -27.58
C PHE A 486 -58.55 -64.56 -27.76
N ASN A 487 -57.37 -64.98 -27.27
CA ASN A 487 -56.13 -64.17 -27.24
C ASN A 487 -56.36 -62.82 -26.54
N CYS A 488 -57.15 -62.86 -25.47
CA CYS A 488 -57.58 -61.68 -24.73
C CYS A 488 -57.39 -62.00 -23.26
N TYR A 489 -56.19 -61.76 -22.75
CA TYR A 489 -55.81 -62.18 -21.41
C TYR A 489 -56.03 -61.08 -20.40
N PHE A 490 -56.44 -61.48 -19.20
CA PHE A 490 -56.54 -60.56 -18.09
C PHE A 490 -55.13 -60.10 -17.71
N PRO A 491 -54.89 -58.80 -17.58
CA PRO A 491 -53.50 -58.31 -17.49
C PRO A 491 -52.79 -58.67 -16.21
N LEU A 492 -53.53 -58.96 -15.15
CA LEU A 492 -52.95 -59.25 -13.85
C LEU A 492 -52.87 -60.76 -13.65
N GLN A 493 -51.66 -61.24 -13.40
CA GLN A 493 -51.40 -62.67 -13.34
C GLN A 493 -50.74 -63.00 -12.03
N SER A 494 -51.07 -64.17 -11.50
CA SER A 494 -50.86 -64.42 -10.09
C SER A 494 -49.47 -64.98 -9.80
N TYR A 495 -48.99 -64.68 -8.59
CA TYR A 495 -47.80 -65.33 -8.09
C TYR A 495 -48.14 -66.65 -7.40
N GLY A 496 -47.18 -67.56 -7.41
CA GLY A 496 -47.27 -68.78 -6.65
C GLY A 496 -46.48 -68.70 -5.36
N PHE A 497 -46.75 -67.69 -4.55
CA PHE A 497 -46.10 -67.55 -3.25
C PHE A 497 -46.57 -68.65 -2.32
N GLN A 498 -45.75 -69.70 -2.21
CA GLN A 498 -45.86 -70.68 -1.14
C GLN A 498 -44.47 -70.87 -0.55
N PRO A 499 -44.38 -71.17 0.76
CA PRO A 499 -43.05 -71.35 1.36
C PRO A 499 -42.34 -72.62 0.94
N THR A 500 -43.01 -73.53 0.24
CA THR A 500 -42.41 -74.74 -0.27
C THR A 500 -41.70 -74.54 -1.60
N ASN A 501 -41.86 -73.40 -2.26
CA ASN A 501 -41.12 -73.15 -3.48
C ASN A 501 -39.65 -72.85 -3.16
N GLY A 502 -38.82 -72.96 -4.19
CA GLY A 502 -37.40 -72.78 -4.04
C GLY A 502 -37.00 -71.32 -4.00
N VAL A 503 -35.68 -71.12 -3.98
CA VAL A 503 -35.10 -69.78 -3.98
C VAL A 503 -35.34 -69.13 -5.34
N GLY A 504 -35.78 -67.88 -5.33
CA GLY A 504 -36.19 -67.19 -6.52
C GLY A 504 -37.68 -67.15 -6.74
N TYR A 505 -38.45 -67.96 -6.01
CA TYR A 505 -39.89 -68.02 -6.15
C TYR A 505 -40.61 -67.64 -4.86
N GLN A 506 -39.93 -66.94 -3.96
CA GLN A 506 -40.43 -66.53 -2.66
C GLN A 506 -40.79 -65.05 -2.67
N PRO A 507 -41.73 -64.62 -1.83
CA PRO A 507 -42.05 -63.19 -1.75
C PRO A 507 -40.91 -62.40 -1.12
N TYR A 508 -40.60 -61.25 -1.73
CA TYR A 508 -39.54 -60.37 -1.26
C TYR A 508 -40.12 -58.97 -1.14
N ARG A 509 -40.01 -58.38 0.05
CA ARG A 509 -40.46 -57.02 0.27
C ARG A 509 -39.35 -56.05 -0.12
N VAL A 510 -39.68 -55.16 -1.06
CA VAL A 510 -38.73 -54.25 -1.71
C VAL A 510 -39.26 -52.83 -1.61
N VAL A 511 -38.39 -51.92 -1.17
CA VAL A 511 -38.75 -50.51 -1.01
C VAL A 511 -37.74 -49.65 -1.75
N VAL A 512 -38.22 -48.56 -2.35
CA VAL A 512 -37.46 -47.69 -3.22
C VAL A 512 -37.45 -46.30 -2.62
N LEU A 513 -36.27 -45.72 -2.44
CA LEU A 513 -36.10 -44.37 -1.93
C LEU A 513 -35.64 -43.47 -3.06
N SER A 514 -36.45 -42.45 -3.34
CA SER A 514 -36.30 -41.59 -4.52
C SER A 514 -36.15 -40.15 -4.10
N PHE A 515 -35.23 -39.89 -3.18
CA PHE A 515 -34.95 -38.54 -2.74
C PHE A 515 -34.30 -37.73 -3.85
N GLU A 516 -34.35 -36.41 -3.70
CA GLU A 516 -33.75 -35.52 -4.68
C GLU A 516 -32.95 -34.45 -3.96
N LEU A 517 -31.93 -33.95 -4.65
CA LEU A 517 -30.83 -33.21 -4.05
C LEU A 517 -30.81 -31.77 -4.53
N LEU A 518 -30.34 -30.87 -3.65
CA LEU A 518 -29.73 -29.56 -3.98
C LEU A 518 -30.63 -28.67 -4.85
N HIS A 519 -31.94 -28.83 -4.68
CA HIS A 519 -32.88 -28.06 -5.47
C HIS A 519 -33.90 -27.32 -4.63
N ALA A 520 -34.09 -27.69 -3.37
CA ALA A 520 -35.05 -27.10 -2.47
C ALA A 520 -34.42 -27.04 -1.09
N PRO A 521 -34.92 -26.17 -0.18
CA PRO A 521 -34.44 -26.20 1.20
C PRO A 521 -34.63 -27.54 1.89
N ALA A 522 -33.55 -28.02 2.52
CA ALA A 522 -33.53 -29.34 3.13
C ALA A 522 -34.53 -29.43 4.28
N THR A 523 -35.27 -30.53 4.31
CA THR A 523 -36.37 -30.68 5.25
C THR A 523 -36.15 -31.78 6.27
N VAL A 524 -35.60 -32.91 5.85
CA VAL A 524 -35.10 -33.93 6.77
C VAL A 524 -33.59 -34.00 6.58
N CYS A 525 -32.84 -33.83 7.68
CA CYS A 525 -31.44 -34.17 7.60
C CYS A 525 -31.06 -35.32 8.52
N GLY A 526 -31.16 -35.14 9.84
CA GLY A 526 -30.80 -36.16 10.80
C GLY A 526 -29.45 -36.13 11.53
N PRO A 527 -28.31 -36.38 10.83
CA PRO A 527 -27.11 -36.74 11.61
C PRO A 527 -26.29 -35.57 12.14
N LYS A 528 -26.74 -35.00 13.26
CA LYS A 528 -26.05 -33.89 13.92
C LYS A 528 -25.52 -34.42 15.25
N LYS A 529 -24.36 -35.07 15.19
CA LYS A 529 -23.80 -35.72 16.37
C LYS A 529 -23.07 -34.70 17.23
N SER A 530 -23.29 -34.78 18.53
CA SER A 530 -22.68 -33.89 19.51
C SER A 530 -21.97 -34.73 20.55
N THR A 531 -20.83 -34.24 21.04
CA THR A 531 -20.14 -34.88 22.15
C THR A 531 -20.30 -34.04 23.41
N ASN A 532 -19.64 -34.48 24.48
CA ASN A 532 -19.83 -33.94 25.81
C ASN A 532 -19.27 -32.51 25.90
N LEU A 533 -19.78 -31.76 26.88
CA LEU A 533 -19.43 -30.36 27.08
C LEU A 533 -18.26 -30.22 28.04
N VAL A 534 -17.24 -29.46 27.63
CA VAL A 534 -16.12 -29.11 28.48
C VAL A 534 -16.04 -27.59 28.58
N LYS A 535 -15.41 -27.12 29.66
CA LYS A 535 -15.22 -25.68 29.87
C LYS A 535 -13.85 -25.44 30.47
N ASN A 536 -13.48 -24.16 30.54
CA ASN A 536 -12.32 -23.64 31.25
C ASN A 536 -10.98 -24.14 30.68
N LYS A 537 -10.99 -24.68 29.46
CA LYS A 537 -9.75 -24.99 28.77
C LYS A 537 -9.83 -24.46 27.35
N CYS A 538 -8.67 -24.18 26.76
CA CYS A 538 -8.64 -23.87 25.34
C CYS A 538 -8.93 -25.14 24.55
N VAL A 539 -10.02 -25.13 23.80
CA VAL A 539 -10.47 -26.25 23.00
C VAL A 539 -10.73 -25.73 21.60
N ASN A 540 -11.22 -26.61 20.73
CA ASN A 540 -11.80 -26.18 19.47
C ASN A 540 -13.18 -26.82 19.29
N PHE A 541 -14.12 -26.02 18.79
CA PHE A 541 -15.54 -26.31 18.96
C PHE A 541 -16.30 -26.26 17.65
N ASN A 542 -17.47 -26.89 17.69
CA ASN A 542 -18.49 -26.79 16.65
C ASN A 542 -19.84 -26.67 17.35
N PHE A 543 -20.41 -25.49 17.32
CA PHE A 543 -21.75 -25.21 17.86
C PHE A 543 -22.66 -24.81 16.71
N ASN A 544 -23.54 -25.73 16.30
CA ASN A 544 -24.55 -25.51 15.27
C ASN A 544 -23.94 -25.07 13.94
N GLY A 545 -22.85 -25.73 13.57
CA GLY A 545 -22.11 -25.36 12.38
C GLY A 545 -21.08 -24.27 12.59
N LEU A 546 -21.10 -23.57 13.72
CA LEU A 546 -20.15 -22.52 14.02
C LEU A 546 -18.91 -23.16 14.63
N THR A 547 -17.84 -23.22 13.87
CA THR A 547 -16.61 -23.85 14.32
C THR A 547 -15.59 -22.78 14.70
N GLY A 548 -14.77 -23.09 15.69
CA GLY A 548 -13.76 -22.15 16.12
C GLY A 548 -12.85 -22.79 17.15
N THR A 549 -12.14 -21.95 17.88
CA THR A 549 -11.32 -22.42 19.00
C THR A 549 -11.33 -21.35 20.08
N GLY A 550 -11.24 -21.79 21.34
CA GLY A 550 -11.23 -20.87 22.45
C GLY A 550 -11.64 -21.55 23.74
N VAL A 551 -11.95 -20.74 24.74
CA VAL A 551 -12.32 -21.20 26.06
C VAL A 551 -13.75 -20.75 26.33
N LEU A 552 -14.48 -21.56 27.09
CA LEU A 552 -15.91 -21.39 27.34
C LEU A 552 -16.15 -21.07 28.80
N THR A 553 -16.96 -20.06 29.07
CA THR A 553 -17.21 -19.57 30.42
C THR A 553 -18.70 -19.32 30.58
N GLU A 554 -19.22 -19.54 31.79
CA GLU A 554 -20.56 -19.11 32.13
C GLU A 554 -20.65 -17.60 32.05
N SER A 555 -21.70 -17.09 31.44
CA SER A 555 -21.96 -15.66 31.40
C SER A 555 -23.39 -15.38 31.83
N ASN A 556 -23.65 -14.12 32.20
CA ASN A 556 -24.97 -13.71 32.65
C ASN A 556 -25.61 -12.70 31.71
N LYS A 557 -25.20 -12.68 30.44
CA LYS A 557 -25.83 -11.79 29.47
C LYS A 557 -27.26 -12.25 29.21
N LYS A 558 -28.14 -11.29 29.02
CA LYS A 558 -29.57 -11.55 28.86
C LYS A 558 -29.86 -11.70 27.37
N PHE A 559 -29.69 -12.91 26.86
CA PHE A 559 -30.11 -13.23 25.51
C PHE A 559 -31.61 -13.15 25.37
N LEU A 560 -32.05 -12.61 24.25
CA LEU A 560 -33.43 -12.78 23.87
C LEU A 560 -33.63 -14.24 23.47
N PRO A 561 -34.83 -14.78 23.69
CA PRO A 561 -35.03 -16.24 23.50
C PRO A 561 -34.81 -16.73 22.09
N PHE A 562 -35.04 -15.92 21.07
CA PHE A 562 -34.70 -16.33 19.71
C PHE A 562 -33.24 -16.10 19.38
N GLN A 563 -32.55 -15.22 20.10
CA GLN A 563 -31.15 -14.91 19.82
C GLN A 563 -30.26 -16.10 20.15
N GLN A 564 -29.33 -16.38 19.25
CA GLN A 564 -28.39 -17.48 19.42
C GLN A 564 -26.96 -16.98 19.55
N PHE A 565 -26.62 -15.92 18.85
CA PHE A 565 -25.25 -15.42 18.88
C PHE A 565 -25.21 -14.08 19.58
N GLY A 566 -24.01 -13.69 20.01
CA GLY A 566 -23.75 -12.39 20.55
C GLY A 566 -22.37 -11.98 20.11
N ARG A 567 -22.25 -10.82 19.49
CA ARG A 567 -21.02 -10.43 18.83
C ARG A 567 -20.53 -9.12 19.43
N ASP A 568 -19.44 -8.62 18.88
CA ASP A 568 -18.71 -7.50 19.45
C ASP A 568 -19.05 -6.21 18.72
N ILE A 569 -18.40 -5.13 19.16
CA ILE A 569 -18.52 -3.84 18.48
C ILE A 569 -17.95 -3.95 17.07
N ALA A 570 -16.87 -4.68 16.92
CA ALA A 570 -16.31 -4.98 15.62
C ALA A 570 -16.49 -6.44 15.23
N ASP A 571 -17.60 -7.05 15.64
CA ASP A 571 -18.20 -8.23 14.99
C ASP A 571 -17.29 -9.46 15.03
N THR A 572 -17.07 -9.96 16.25
CA THR A 572 -16.51 -11.28 16.44
C THR A 572 -17.41 -12.04 17.41
N THR A 573 -17.64 -13.32 17.13
CA THR A 573 -18.56 -14.12 17.95
C THR A 573 -17.92 -14.50 19.27
N ASP A 574 -18.55 -14.07 20.37
CA ASP A 574 -18.02 -14.42 21.68
C ASP A 574 -19.13 -14.80 22.67
N ALA A 575 -20.36 -14.99 22.19
CA ALA A 575 -21.45 -15.35 23.08
C ALA A 575 -22.33 -16.36 22.37
N VAL A 576 -22.32 -17.60 22.85
CA VAL A 576 -23.06 -18.69 22.24
C VAL A 576 -23.97 -19.33 23.28
N ARG A 577 -25.22 -19.49 22.90
CA ARG A 577 -26.20 -20.25 23.66
C ARG A 577 -26.01 -21.72 23.32
N ASP A 578 -25.86 -22.54 24.33
CA ASP A 578 -25.70 -23.99 24.15
C ASP A 578 -26.97 -24.55 23.54
N PRO A 579 -26.89 -25.24 22.40
CA PRO A 579 -28.10 -25.72 21.71
C PRO A 579 -28.95 -26.70 22.50
N GLN A 580 -28.36 -27.56 23.33
CA GLN A 580 -29.18 -28.53 24.04
C GLN A 580 -29.90 -27.90 25.22
N THR A 581 -29.17 -27.30 26.15
CA THR A 581 -29.76 -26.58 27.26
C THR A 581 -29.37 -25.11 27.15
N LEU A 582 -30.36 -24.23 27.27
CA LEU A 582 -30.14 -22.83 26.94
C LEU A 582 -29.41 -22.13 28.07
N GLU A 583 -28.13 -21.86 27.83
CA GLU A 583 -27.25 -21.24 28.81
C GLU A 583 -26.22 -20.41 28.07
N ILE A 584 -25.83 -19.29 28.69
CA ILE A 584 -25.02 -18.27 28.05
C ILE A 584 -23.56 -18.66 28.19
N LEU A 585 -22.85 -18.73 27.07
CA LEU A 585 -21.46 -19.11 27.07
C LEU A 585 -20.64 -17.96 26.50
N ASP A 586 -19.83 -17.36 27.35
CA ASP A 586 -18.81 -16.43 26.92
C ASP A 586 -17.69 -17.21 26.26
N ILE A 587 -17.31 -16.79 25.06
CA ILE A 587 -16.21 -17.38 24.33
C ILE A 587 -15.04 -16.41 24.39
N THR A 588 -13.88 -16.90 24.81
CA THR A 588 -12.71 -16.04 24.78
C THR A 588 -11.61 -16.82 24.08
N PRO A 589 -10.87 -16.21 23.15
CA PRO A 589 -9.67 -16.88 22.65
C PRO A 589 -8.64 -16.96 23.75
N CYS A 590 -8.09 -18.16 23.93
CA CYS A 590 -7.14 -18.39 25.02
C CYS A 590 -5.85 -17.61 24.76
N SER A 591 -5.14 -17.31 25.84
CA SER A 591 -4.17 -16.22 25.94
C SER A 591 -3.06 -16.23 24.91
N PHE A 592 -2.54 -15.05 24.61
CA PHE A 592 -1.42 -14.92 23.70
C PHE A 592 -0.63 -13.70 24.15
N GLY A 593 0.61 -13.62 23.69
CA GLY A 593 1.42 -12.47 23.97
C GLY A 593 2.81 -12.68 23.41
N GLY A 594 3.45 -11.57 23.07
CA GLY A 594 4.79 -11.62 22.54
C GLY A 594 5.77 -11.96 23.64
N VAL A 595 6.99 -12.30 23.24
CA VAL A 595 8.04 -12.61 24.18
C VAL A 595 9.13 -11.58 24.03
N SER A 596 9.44 -10.90 25.11
CA SER A 596 10.55 -9.97 25.09
C SER A 596 11.75 -10.69 25.64
N VAL A 597 12.88 -10.53 24.98
CA VAL A 597 14.12 -11.14 25.41
C VAL A 597 15.07 -10.03 25.81
N ILE A 598 15.54 -10.07 27.05
CA ILE A 598 16.54 -9.14 27.54
C ILE A 598 17.88 -9.84 27.50
N THR A 599 18.83 -9.25 26.79
CA THR A 599 20.15 -9.76 26.77
C THR A 599 21.17 -8.66 27.00
N PRO A 600 22.28 -8.99 27.63
CA PRO A 600 23.46 -8.13 27.52
C PRO A 600 24.17 -8.42 26.22
N GLY A 601 25.33 -7.81 26.08
CA GLY A 601 26.20 -8.12 24.98
C GLY A 601 26.62 -9.58 24.96
N THR A 602 26.51 -10.20 23.79
CA THR A 602 27.05 -11.54 23.60
C THR A 602 28.55 -11.57 23.78
N ASN A 603 29.24 -10.48 23.46
CA ASN A 603 30.63 -10.31 23.85
C ASN A 603 30.82 -10.37 25.35
N THR A 604 29.84 -9.92 26.13
CA THR A 604 29.93 -9.98 27.58
C THR A 604 29.50 -11.32 28.14
N SER A 605 28.31 -11.78 27.78
CA SER A 605 27.76 -12.97 28.43
C SER A 605 26.72 -13.57 27.52
N ASN A 606 26.30 -14.79 27.87
CA ASN A 606 25.21 -15.47 27.19
C ASN A 606 24.05 -15.77 28.12
N GLN A 607 24.06 -15.17 29.30
CA GLN A 607 23.00 -15.32 30.28
C GLN A 607 21.91 -14.31 30.00
N VAL A 608 20.69 -14.81 29.79
CA VAL A 608 19.61 -14.01 29.24
C VAL A 608 18.38 -14.12 30.14
N ALA A 609 17.45 -13.18 29.97
CA ALA A 609 16.23 -13.19 30.75
C ALA A 609 15.05 -12.98 29.83
N VAL A 610 13.88 -13.47 30.27
CA VAL A 610 12.70 -13.48 29.42
C VAL A 610 11.58 -12.71 30.10
N LEU A 611 10.96 -11.80 29.36
CA LEU A 611 9.76 -11.10 29.80
C LEU A 611 8.56 -11.66 29.07
N TYR A 612 7.58 -12.12 29.85
CA TYR A 612 6.24 -12.45 29.34
C TYR A 612 5.37 -11.23 29.62
N GLN A 613 4.93 -10.58 28.55
CA GLN A 613 4.21 -9.32 28.67
C GLN A 613 2.71 -9.55 28.70
N ASP A 614 2.03 -8.74 29.53
CA ASP A 614 0.57 -8.69 29.72
C ASP A 614 0.02 -10.03 30.18
N VAL A 615 0.85 -10.81 30.88
CA VAL A 615 0.45 -12.12 31.38
C VAL A 615 0.85 -12.20 32.83
N ASN A 616 -0.14 -12.35 33.70
CA ASN A 616 0.12 -12.80 35.07
C ASN A 616 0.63 -14.22 34.94
N CYS A 617 1.83 -14.49 35.42
CA CYS A 617 2.45 -15.78 35.15
C CYS A 617 1.92 -16.89 36.05
N THR A 618 0.59 -17.10 36.02
CA THR A 618 -0.03 -18.24 36.67
C THR A 618 -0.05 -19.45 35.76
N GLU A 619 -0.09 -19.24 34.45
CA GLU A 619 0.08 -20.31 33.45
C GLU A 619 1.19 -19.90 32.48
N VAL A 620 2.40 -20.10 32.96
CA VAL A 620 3.64 -19.93 32.18
C VAL A 620 3.91 -21.00 31.12
N PRO A 621 3.73 -22.33 31.34
CA PRO A 621 4.59 -23.29 30.61
C PRO A 621 4.25 -23.46 29.13
N VAL A 622 3.02 -23.22 28.72
CA VAL A 622 2.66 -23.33 27.32
C VAL A 622 2.46 -21.95 26.71
N TRP A 633 12.29 -24.52 23.08
CA TRP A 633 12.81 -24.49 24.44
C TRP A 633 11.68 -24.40 25.46
N ARG A 634 11.97 -24.86 26.68
CA ARG A 634 11.03 -24.80 27.78
C ARG A 634 11.63 -24.29 29.08
N VAL A 635 12.95 -24.42 29.24
CA VAL A 635 13.59 -24.53 30.56
C VAL A 635 13.43 -23.24 31.36
N TYR A 636 13.25 -22.12 30.68
CA TYR A 636 12.96 -20.85 31.36
C TYR A 636 11.47 -20.67 31.59
N SER A 637 10.90 -21.53 32.43
CA SER A 637 9.50 -21.42 32.80
C SER A 637 9.26 -21.38 34.30
N THR A 638 10.06 -22.07 35.12
CA THR A 638 9.93 -22.03 36.58
C THR A 638 11.29 -21.84 37.25
N GLY A 639 12.23 -21.17 36.60
CA GLY A 639 13.59 -21.13 37.08
C GLY A 639 13.91 -20.00 38.06
N SER A 640 13.87 -20.32 39.36
CA SER A 640 14.51 -19.60 40.45
C SER A 640 13.87 -18.27 40.83
N ASN A 641 12.93 -17.78 40.03
CA ASN A 641 12.13 -16.60 40.34
C ASN A 641 11.02 -16.49 39.31
N VAL A 642 9.87 -16.02 39.78
CA VAL A 642 8.87 -15.44 38.89
C VAL A 642 8.60 -14.06 39.48
N PHE A 643 8.88 -13.02 38.70
CA PHE A 643 8.79 -11.66 39.24
C PHE A 643 7.67 -10.92 38.55
N GLN A 644 6.73 -10.40 39.32
CA GLN A 644 5.53 -9.81 38.76
C GLN A 644 5.59 -8.29 38.89
N THR A 645 5.52 -7.60 37.76
CA THR A 645 5.27 -6.17 37.74
C THR A 645 4.22 -5.88 36.69
N ARG A 646 4.00 -4.59 36.48
CA ARG A 646 2.96 -4.12 35.58
C ARG A 646 3.23 -4.50 34.13
N ALA A 647 4.49 -4.65 33.75
CA ALA A 647 4.79 -5.08 32.40
C ALA A 647 4.63 -6.58 32.23
N GLY A 648 4.38 -7.31 33.30
CA GLY A 648 4.14 -8.73 33.20
C GLY A 648 5.05 -9.50 34.13
N CYS A 649 5.43 -10.68 33.68
CA CYS A 649 6.28 -11.56 34.48
C CYS A 649 7.68 -11.59 33.90
N LEU A 650 8.64 -11.20 34.74
CA LEU A 650 10.06 -11.25 34.42
C LEU A 650 10.64 -12.53 34.98
N ILE A 651 11.38 -13.25 34.15
CA ILE A 651 11.93 -14.54 34.48
C ILE A 651 13.44 -14.49 34.27
N GLY A 652 14.18 -14.85 35.30
CA GLY A 652 15.62 -15.00 35.21
C GLY A 652 16.44 -13.88 35.78
N ALA A 653 15.83 -12.79 36.22
CA ALA A 653 16.57 -11.67 36.78
C ALA A 653 16.20 -11.50 38.24
N GLU A 654 17.20 -11.17 39.05
CA GLU A 654 17.02 -11.05 40.49
C GLU A 654 16.58 -9.64 40.85
N HIS A 655 15.39 -9.54 41.42
CA HIS A 655 14.86 -8.26 41.87
C HIS A 655 15.66 -7.78 43.07
N VAL A 656 16.09 -6.53 43.03
CA VAL A 656 16.91 -5.97 44.09
C VAL A 656 16.10 -4.93 44.84
N ASN A 657 16.69 -4.40 45.91
CA ASN A 657 16.08 -3.35 46.70
C ASN A 657 16.54 -1.95 46.32
N ASN A 658 17.69 -1.82 45.67
CA ASN A 658 18.21 -0.49 45.38
C ASN A 658 17.53 0.09 44.14
N SER A 659 17.93 1.31 43.80
CA SER A 659 17.43 1.99 42.62
C SER A 659 18.59 2.72 41.94
N TYR A 660 18.85 2.39 40.69
CA TYR A 660 19.93 3.03 39.95
C TYR A 660 19.40 3.66 38.67
N GLU A 661 20.31 4.15 37.85
CA GLU A 661 19.92 4.71 36.57
C GLU A 661 19.59 3.59 35.59
N CYS A 662 18.85 3.95 34.54
CA CYS A 662 18.35 2.95 33.60
C CYS A 662 19.44 2.52 32.63
N ASP A 663 19.55 1.20 32.46
CA ASP A 663 20.49 0.61 31.54
C ASP A 663 19.79 -0.01 30.34
N ILE A 664 18.91 -0.97 30.56
CA ILE A 664 18.00 -1.47 29.54
C ILE A 664 16.59 -1.26 30.08
N PRO A 665 15.76 -0.47 29.41
CA PRO A 665 14.41 -0.20 29.92
C PRO A 665 13.45 -1.34 29.60
N ILE A 666 12.78 -1.84 30.62
CA ILE A 666 11.65 -2.73 30.40
C ILE A 666 10.37 -1.96 30.32
N GLY A 667 10.10 -1.16 31.34
CA GLY A 667 8.89 -0.38 31.38
C GLY A 667 8.31 -0.32 32.76
N ALA A 668 7.38 0.61 32.98
CA ALA A 668 6.73 0.86 34.26
C ALA A 668 7.73 1.12 35.37
N GLY A 669 8.80 1.83 35.06
CA GLY A 669 9.85 2.10 36.02
C GLY A 669 10.88 1.00 36.16
N ILE A 670 10.70 -0.11 35.46
CA ILE A 670 11.55 -1.29 35.59
C ILE A 670 12.65 -1.22 34.54
N CYS A 671 13.89 -1.19 35.00
CA CYS A 671 15.07 -1.23 34.13
C CYS A 671 16.01 -2.33 34.61
N ALA A 672 16.72 -2.95 33.67
CA ALA A 672 17.57 -4.08 33.99
C ALA A 672 19.02 -3.78 33.61
N SER A 673 19.93 -4.43 34.31
CA SER A 673 21.36 -4.25 34.06
C SER A 673 22.09 -5.52 34.44
N TYR A 674 23.41 -5.50 34.23
CA TYR A 674 24.27 -6.66 34.39
C TYR A 674 25.31 -6.36 35.46
N GLN A 675 25.20 -7.02 36.60
CA GLN A 675 26.06 -6.75 37.74
C GLN A 675 26.14 -8.00 38.61
N THR A 676 27.11 -7.98 39.52
CA THR A 676 27.23 -9.03 40.52
C THR A 676 26.07 -8.98 41.50
N SER A 689 30.20 -14.56 39.21
CA SER A 689 29.24 -14.08 40.19
C SER A 689 28.29 -13.09 39.56
N GLN A 690 28.61 -12.66 38.35
CA GLN A 690 27.82 -11.67 37.65
C GLN A 690 26.50 -12.28 37.16
N SER A 691 25.49 -11.42 37.07
CA SER A 691 24.15 -11.83 36.70
C SER A 691 23.40 -10.62 36.19
N ILE A 692 22.10 -10.76 36.02
CA ILE A 692 21.24 -9.71 35.53
C ILE A 692 20.25 -9.37 36.61
N ILE A 693 20.16 -8.09 36.95
CA ILE A 693 19.20 -7.66 37.96
C ILE A 693 18.25 -6.66 37.32
N ALA A 694 17.11 -6.49 37.96
CA ALA A 694 16.10 -5.53 37.56
C ALA A 694 15.81 -4.64 38.75
N TYR A 695 15.43 -3.40 38.48
CA TYR A 695 15.27 -2.45 39.56
C TYR A 695 14.34 -1.34 39.12
N THR A 696 13.98 -0.51 40.09
CA THR A 696 13.15 0.66 39.86
C THR A 696 14.07 1.79 39.41
N MET A 697 13.73 2.42 38.30
CA MET A 697 14.59 3.43 37.71
C MET A 697 14.63 4.66 38.60
N SER A 698 15.84 5.17 38.81
CA SER A 698 16.06 6.25 39.76
C SER A 698 16.16 7.58 39.02
N LEU A 699 15.43 8.57 39.50
CA LEU A 699 15.45 9.90 38.90
C LEU A 699 16.80 10.57 39.05
N GLY A 700 17.39 10.48 40.23
CA GLY A 700 18.63 11.19 40.49
C GLY A 700 18.79 11.36 41.99
N ALA A 701 19.75 12.21 42.33
CA ALA A 701 20.00 12.48 43.74
C ALA A 701 18.88 13.33 44.31
N GLU A 702 18.61 13.13 45.59
CA GLU A 702 17.72 14.01 46.33
C GLU A 702 18.51 15.20 46.82
N ASN A 703 17.89 16.37 46.79
CA ASN A 703 18.54 17.57 47.27
C ASN A 703 17.48 18.52 47.81
N SER A 704 17.83 19.26 48.84
CA SER A 704 17.00 20.34 49.35
C SER A 704 17.89 21.57 49.53
N VAL A 705 17.38 22.72 49.13
CA VAL A 705 18.12 23.97 49.28
C VAL A 705 17.46 24.81 50.36
N ALA A 706 18.28 25.35 51.26
CA ALA A 706 17.78 26.06 52.43
C ALA A 706 17.30 27.44 52.01
N TYR A 707 16.01 27.51 51.69
CA TYR A 707 15.41 28.79 51.36
C TYR A 707 15.27 29.66 52.59
N SER A 708 15.62 30.93 52.42
CA SER A 708 15.36 31.94 53.43
C SER A 708 14.93 33.20 52.73
N ASN A 709 14.39 34.12 53.50
CA ASN A 709 13.99 35.39 52.96
C ASN A 709 15.03 36.48 53.16
N ASN A 710 16.18 36.16 53.75
CA ASN A 710 17.26 37.13 53.86
C ASN A 710 18.64 36.51 53.64
N SER A 711 18.75 35.65 52.62
CA SER A 711 20.04 35.01 52.37
C SER A 711 20.18 34.72 50.89
N ILE A 712 21.32 35.07 50.32
CA ILE A 712 21.63 34.82 48.93
C ILE A 712 22.93 34.03 48.87
N ALA A 713 23.01 33.12 47.90
CA ALA A 713 24.23 32.41 47.60
C ALA A 713 24.83 32.95 46.31
N ILE A 714 26.02 33.55 46.42
CA ILE A 714 26.72 34.14 45.29
C ILE A 714 27.91 33.26 44.97
N PRO A 715 28.14 32.90 43.71
CA PRO A 715 29.33 32.12 43.37
C PRO A 715 30.60 32.95 43.51
N THR A 716 31.72 32.24 43.63
CA THR A 716 33.02 32.88 43.67
C THR A 716 33.88 32.57 42.47
N ASN A 717 34.00 31.32 42.07
CA ASN A 717 34.88 31.00 40.97
C ASN A 717 34.06 30.53 39.78
N PHE A 718 34.70 30.38 38.63
CA PHE A 718 34.03 29.98 37.40
C PHE A 718 34.88 28.92 36.73
N THR A 719 34.22 28.12 35.90
CA THR A 719 34.89 27.15 35.08
C THR A 719 34.44 27.34 33.65
N ILE A 720 35.30 26.96 32.72
CA ILE A 720 35.00 26.95 31.30
C ILE A 720 34.65 25.52 30.94
N SER A 721 33.56 25.33 30.24
CA SER A 721 33.15 24.00 29.82
C SER A 721 33.08 23.94 28.31
N VAL A 722 33.51 22.82 27.74
CA VAL A 722 33.38 22.58 26.31
C VAL A 722 32.56 21.32 26.14
N THR A 723 31.46 21.41 25.41
CA THR A 723 30.63 20.24 25.15
C THR A 723 30.45 20.04 23.66
N THR A 724 30.15 18.82 23.27
CA THR A 724 29.99 18.46 21.86
C THR A 724 28.56 18.04 21.57
N GLU A 725 28.09 18.43 20.39
CA GLU A 725 26.76 18.05 19.92
C GLU A 725 26.86 17.65 18.47
N ILE A 726 26.01 16.72 18.06
CA ILE A 726 26.14 16.06 16.78
C ILE A 726 24.83 16.16 16.02
N LEU A 727 24.89 16.68 14.80
CA LEU A 727 23.69 16.80 14.00
C LEU A 727 23.90 16.23 12.61
N PRO A 728 23.09 15.28 12.18
CA PRO A 728 23.16 14.81 10.80
C PRO A 728 22.55 15.83 9.88
N VAL A 729 23.03 15.85 8.63
CA VAL A 729 22.60 16.84 7.67
C VAL A 729 22.03 16.16 6.43
N SER A 730 22.80 15.24 5.86
CA SER A 730 22.42 14.67 4.58
C SER A 730 22.40 13.15 4.69
N MET A 731 21.65 12.55 3.79
CA MET A 731 21.63 11.11 3.62
C MET A 731 22.17 10.79 2.24
N THR A 732 22.41 9.51 1.98
CA THR A 732 23.00 9.12 0.72
C THR A 732 21.98 9.23 -0.40
N LYS A 733 22.36 9.92 -1.47
CA LYS A 733 21.48 10.06 -2.61
C LYS A 733 21.44 8.75 -3.38
N THR A 734 20.24 8.21 -3.52
CA THR A 734 20.05 6.93 -4.17
C THR A 734 19.07 7.09 -5.30
N SER A 735 19.42 6.56 -6.48
CA SER A 735 18.50 6.55 -7.60
C SER A 735 18.33 5.12 -8.08
N VAL A 736 17.11 4.76 -8.41
CA VAL A 736 16.83 3.42 -8.86
C VAL A 736 16.25 3.51 -10.26
N ASP A 737 16.34 2.41 -10.98
CA ASP A 737 15.62 2.27 -12.24
C ASP A 737 14.43 1.36 -11.99
N CYS A 738 13.30 1.69 -12.62
CA CYS A 738 12.13 0.84 -12.50
C CYS A 738 12.34 -0.47 -13.24
N THR A 739 12.49 -0.38 -14.56
CA THR A 739 12.34 -1.55 -15.43
C THR A 739 13.47 -2.55 -15.24
N MET A 740 14.68 -2.06 -14.98
CA MET A 740 15.81 -2.96 -14.78
C MET A 740 15.66 -3.74 -13.49
N TYR A 741 15.05 -3.12 -12.49
CA TYR A 741 14.79 -3.83 -11.25
C TYR A 741 13.62 -4.79 -11.40
N ILE A 742 12.57 -4.37 -12.12
CA ILE A 742 11.38 -5.21 -12.25
C ILE A 742 11.60 -6.30 -13.28
N CYS A 743 11.82 -5.90 -14.52
CA CYS A 743 11.93 -6.84 -15.64
C CYS A 743 13.37 -6.85 -16.13
N GLY A 744 14.18 -7.72 -15.53
CA GLY A 744 15.58 -7.76 -15.89
C GLY A 744 15.83 -8.31 -17.28
N ASP A 745 16.05 -7.38 -18.22
CA ASP A 745 16.36 -7.66 -19.62
C ASP A 745 15.35 -8.62 -20.26
N SER A 746 14.10 -8.19 -20.31
CA SER A 746 13.09 -8.92 -21.05
C SER A 746 12.14 -7.93 -21.72
N THR A 747 11.75 -8.26 -22.94
CA THR A 747 10.91 -7.38 -23.73
C THR A 747 9.45 -7.44 -23.31
N GLU A 748 8.91 -8.66 -23.21
CA GLU A 748 7.50 -8.86 -22.94
C GLU A 748 7.15 -8.41 -21.53
N CYS A 749 8.11 -8.49 -20.61
CA CYS A 749 7.89 -8.02 -19.26
C CYS A 749 7.70 -6.51 -19.23
N SER A 750 8.48 -5.80 -20.05
CA SER A 750 8.29 -4.37 -20.20
C SER A 750 6.92 -4.05 -20.81
N ASN A 751 6.50 -4.85 -21.78
CA ASN A 751 5.18 -4.65 -22.39
C ASN A 751 4.06 -4.87 -21.39
N LEU A 752 4.24 -5.85 -20.50
CA LEU A 752 3.23 -6.08 -19.49
C LEU A 752 3.21 -4.97 -18.46
N LEU A 753 4.39 -4.40 -18.16
CA LEU A 753 4.40 -3.28 -17.22
C LEU A 753 3.77 -2.05 -17.83
N LEU A 754 3.93 -1.85 -19.12
CA LEU A 754 3.35 -0.63 -19.69
C LEU A 754 1.84 -0.68 -19.86
N GLN A 755 1.11 -1.66 -19.36
CA GLN A 755 -0.31 -1.44 -19.14
C GLN A 755 -0.60 -0.76 -17.83
N TYR A 756 0.39 -0.66 -16.95
CA TYR A 756 0.17 -0.09 -15.63
C TYR A 756 0.29 1.42 -15.61
N GLY A 757 0.56 2.04 -16.73
CA GLY A 757 0.59 3.49 -16.78
C GLY A 757 1.97 4.03 -16.44
N SER A 758 2.02 4.93 -15.46
CA SER A 758 3.20 5.76 -15.26
C SER A 758 3.64 5.70 -13.80
N PHE A 759 3.72 4.49 -13.26
CA PHE A 759 4.26 4.31 -11.92
C PHE A 759 5.73 4.68 -11.86
N CYS A 760 6.50 4.16 -12.81
CA CYS A 760 7.96 4.24 -12.76
C CYS A 760 8.42 5.68 -12.92
N THR A 761 7.72 6.44 -13.77
CA THR A 761 8.02 7.85 -13.94
C THR A 761 7.80 8.61 -12.63
N GLN A 762 6.72 8.29 -11.93
CA GLN A 762 6.39 8.99 -10.71
C GLN A 762 7.39 8.67 -9.60
N LEU A 763 7.78 7.40 -9.48
CA LEU A 763 8.76 7.02 -8.47
C LEU A 763 10.12 7.63 -8.76
N ASN A 764 10.48 7.66 -10.04
CA ASN A 764 11.72 8.28 -10.47
C ASN A 764 11.71 9.76 -10.11
N ARG A 765 10.56 10.41 -10.27
CA ARG A 765 10.41 11.82 -9.92
C ARG A 765 10.63 12.05 -8.44
N ALA A 766 10.07 11.16 -7.61
CA ALA A 766 10.23 11.32 -6.16
C ALA A 766 11.68 11.17 -5.73
N LEU A 767 12.39 10.20 -6.32
CA LEU A 767 13.80 10.04 -5.94
C LEU A 767 14.66 11.20 -6.42
N THR A 768 14.36 11.75 -7.60
CA THR A 768 15.11 12.92 -8.03
C THR A 768 14.82 14.13 -7.15
N GLY A 769 13.60 14.23 -6.63
CA GLY A 769 13.29 15.29 -5.68
C GLY A 769 14.11 15.18 -4.41
N ILE A 770 14.22 13.97 -3.87
CA ILE A 770 15.06 13.73 -2.69
C ILE A 770 16.52 14.06 -2.99
N ALA A 771 16.99 13.67 -4.17
CA ALA A 771 18.39 13.86 -4.54
C ALA A 771 18.73 15.33 -4.71
N VAL A 772 17.79 16.14 -5.17
CA VAL A 772 18.04 17.57 -5.23
C VAL A 772 18.01 18.15 -3.81
N GLU A 773 17.09 17.65 -2.99
CA GLU A 773 16.89 18.18 -1.65
C GLU A 773 18.11 18.00 -0.75
N GLN A 774 18.84 16.90 -0.93
CA GLN A 774 20.03 16.66 -0.10
C GLN A 774 21.13 17.71 -0.34
N ASP A 775 21.43 17.98 -1.61
CA ASP A 775 22.42 19.00 -1.92
C ASP A 775 21.93 20.38 -1.51
N LYS A 776 20.62 20.61 -1.58
CA LYS A 776 20.07 21.87 -1.09
C LYS A 776 20.28 22.01 0.41
N ASN A 777 20.15 20.92 1.15
CA ASN A 777 20.36 20.95 2.60
C ASN A 777 21.81 21.26 2.93
N THR A 778 22.75 20.61 2.24
CA THR A 778 24.16 20.84 2.53
C THR A 778 24.58 22.25 2.19
N GLN A 779 24.14 22.75 1.03
CA GLN A 779 24.48 24.11 0.63
C GLN A 779 23.77 25.12 1.53
N GLU A 780 22.64 24.73 2.11
CA GLU A 780 21.98 25.58 3.08
C GLU A 780 22.80 25.71 4.35
N VAL A 781 23.26 24.60 4.90
CA VAL A 781 23.82 24.66 6.25
C VAL A 781 25.25 25.19 6.21
N PHE A 782 25.97 24.98 5.11
CA PHE A 782 27.37 25.41 5.21
C PHE A 782 27.67 26.71 4.49
N ALA A 783 27.06 26.97 3.34
CA ALA A 783 27.42 28.16 2.56
C ALA A 783 26.70 29.36 3.15
N GLN A 784 27.27 29.90 4.22
CA GLN A 784 26.71 31.07 4.87
C GLN A 784 27.64 32.27 4.84
N VAL A 785 28.80 32.15 4.24
CA VAL A 785 29.73 33.27 4.10
C VAL A 785 29.98 33.49 2.61
N LYS A 786 30.35 34.71 2.27
CA LYS A 786 30.64 35.04 0.87
C LYS A 786 32.08 35.43 0.67
N GLN A 787 32.93 35.19 1.66
CA GLN A 787 34.35 35.28 1.47
C GLN A 787 35.00 34.05 2.07
N ILE A 788 36.25 33.84 1.70
CA ILE A 788 37.02 32.70 2.18
C ILE A 788 38.21 33.28 2.95
N TYR A 789 38.13 33.24 4.26
CA TYR A 789 39.17 33.85 5.06
C TYR A 789 40.31 32.87 5.31
N LYS A 790 41.32 33.34 6.04
CA LYS A 790 42.47 32.51 6.34
C LYS A 790 43.08 32.97 7.65
N THR A 791 43.81 32.14 8.22
CA THR A 791 44.45 32.53 9.46
C THR A 791 45.76 33.27 9.18
N PRO A 792 46.15 34.18 10.07
CA PRO A 792 47.52 34.70 10.03
C PRO A 792 48.48 33.63 10.47
N PRO A 793 49.74 33.69 10.04
CA PRO A 793 50.69 32.63 10.39
C PRO A 793 51.15 32.62 11.84
N ILE A 794 51.12 33.75 12.53
CA ILE A 794 51.57 33.82 13.92
C ILE A 794 50.39 33.56 14.82
N LYS A 795 50.54 32.62 15.74
CA LYS A 795 49.41 32.16 16.53
C LYS A 795 49.42 32.80 17.91
N ASP A 796 49.88 34.05 17.99
CA ASP A 796 49.97 34.77 19.26
C ASP A 796 48.61 35.35 19.64
N PHE A 797 47.74 34.45 20.09
CA PHE A 797 46.41 34.83 20.55
C PHE A 797 46.32 34.95 22.05
N GLY A 798 47.36 35.48 22.69
CA GLY A 798 47.32 35.68 24.11
C GLY A 798 47.47 34.43 24.94
N GLY A 799 47.80 33.30 24.32
CA GLY A 799 47.94 32.04 25.03
C GLY A 799 46.89 31.02 24.69
N PHE A 800 45.88 31.38 23.92
CA PHE A 800 44.90 30.41 23.49
C PHE A 800 45.51 29.48 22.44
N ASN A 801 45.21 28.20 22.57
CA ASN A 801 45.79 27.19 21.70
C ASN A 801 44.68 26.57 20.87
N PHE A 802 44.59 26.95 19.61
CA PHE A 802 43.63 26.39 18.68
C PHE A 802 44.26 25.32 17.80
N SER A 803 45.20 24.56 18.34
CA SER A 803 45.96 23.60 17.56
C SER A 803 45.12 22.41 17.12
N GLN A 804 43.95 22.22 17.70
CA GLN A 804 43.18 21.02 17.47
C GLN A 804 41.96 21.23 16.59
N ILE A 805 41.70 22.46 16.15
CA ILE A 805 40.53 22.70 15.33
C ILE A 805 40.93 23.40 14.03
N LEU A 806 42.11 23.96 14.01
CA LEU A 806 42.60 24.50 12.76
C LEU A 806 43.00 23.38 11.82
N PRO A 807 42.95 23.62 10.51
CA PRO A 807 43.41 22.60 9.57
C PRO A 807 44.90 22.41 9.63
N ASP A 808 45.34 21.19 9.31
CA ASP A 808 46.74 20.84 9.25
C ASP A 808 47.21 20.84 7.81
N PRO A 809 48.22 21.64 7.45
CA PRO A 809 48.80 21.54 6.11
C PRO A 809 49.63 20.28 5.91
N SER A 810 49.92 19.53 6.97
CA SER A 810 50.79 18.36 6.92
C SER A 810 50.10 17.11 6.40
N LYS A 811 48.87 17.24 5.91
CA LYS A 811 48.11 16.13 5.37
C LYS A 811 47.47 16.55 4.05
N PRO A 812 47.25 15.61 3.13
CA PRO A 812 46.62 15.97 1.84
C PRO A 812 45.20 16.51 1.97
N SER A 813 44.44 16.04 2.94
CA SER A 813 43.14 16.62 3.23
C SER A 813 43.30 17.54 4.43
N LYS A 814 43.06 18.83 4.23
CA LYS A 814 43.42 19.85 5.22
C LYS A 814 42.42 19.82 6.37
N ARG A 815 42.59 18.83 7.23
CA ARG A 815 41.64 18.54 8.29
C ARG A 815 42.29 18.69 9.65
N SER A 816 41.48 19.05 10.64
CA SER A 816 41.96 19.09 12.00
C SER A 816 42.17 17.66 12.49
N PRO A 817 43.00 17.47 13.52
CA PRO A 817 43.09 16.14 14.14
C PRO A 817 41.77 15.65 14.70
N ILE A 818 40.95 16.57 15.22
CA ILE A 818 39.61 16.23 15.65
C ILE A 818 38.78 15.75 14.48
N GLU A 819 38.90 16.42 13.34
CA GLU A 819 38.20 15.99 12.14
C GLU A 819 38.71 14.65 11.66
N ASP A 820 40.00 14.36 11.85
CA ASP A 820 40.54 13.06 11.47
C ASP A 820 39.98 11.95 12.34
N LEU A 821 39.83 12.22 13.64
CA LEU A 821 39.17 11.26 14.52
C LEU A 821 37.73 11.04 14.11
N LEU A 822 37.03 12.13 13.76
CA LEU A 822 35.63 12.03 13.35
C LEU A 822 35.49 11.24 12.06
N PHE A 823 36.44 11.41 11.14
CA PHE A 823 36.46 10.59 9.94
C PHE A 823 36.74 9.13 10.23
N ASN A 824 37.63 8.85 11.17
CA ASN A 824 38.04 7.46 11.39
C ASN A 824 37.05 6.66 12.21
N LYS A 825 36.22 7.30 13.03
CA LYS A 825 35.30 6.52 13.85
C LYS A 825 34.16 5.94 13.03
N VAL A 826 33.64 6.68 12.05
CA VAL A 826 32.47 6.26 11.30
C VAL A 826 32.91 5.48 10.06
N THR A 827 32.34 4.31 9.87
CA THR A 827 32.69 3.41 8.78
C THR A 827 31.52 3.37 7.80
N LEU A 828 31.81 3.64 6.53
CA LEU A 828 30.79 3.60 5.49
C LEU A 828 30.37 2.18 5.17
N ALA A 852 30.58 -5.66 -1.89
CA ALA A 852 29.32 -6.20 -2.38
C ALA A 852 28.44 -5.11 -2.94
N GLN A 853 28.63 -4.81 -4.22
CA GLN A 853 27.78 -3.88 -4.94
C GLN A 853 26.86 -4.66 -5.86
N LYS A 854 25.58 -4.30 -5.84
CA LYS A 854 24.56 -5.22 -6.32
C LYS A 854 24.25 -4.98 -7.79
N PHE A 855 23.99 -3.73 -8.15
CA PHE A 855 23.89 -3.26 -9.54
C PHE A 855 22.79 -3.99 -10.30
N ASN A 856 21.60 -3.99 -9.71
CA ASN A 856 20.43 -4.61 -10.30
C ASN A 856 19.38 -3.57 -10.67
N GLY A 857 19.84 -2.36 -10.98
CA GLY A 857 18.96 -1.24 -11.27
C GLY A 857 18.98 -0.13 -10.24
N LEU A 858 19.72 -0.30 -9.15
CA LEU A 858 19.82 0.69 -8.12
C LEU A 858 21.26 1.18 -8.03
N THR A 859 21.44 2.46 -7.74
CA THR A 859 22.77 3.04 -7.67
C THR A 859 22.74 4.24 -6.74
N VAL A 860 23.94 4.70 -6.40
CA VAL A 860 24.11 5.86 -5.54
C VAL A 860 24.73 6.97 -6.37
N LEU A 861 24.59 8.17 -5.91
CA LEU A 861 25.31 9.27 -6.52
C LEU A 861 26.07 10.05 -5.47
N PRO A 862 27.27 10.52 -5.78
CA PRO A 862 28.02 11.31 -4.81
C PRO A 862 27.39 12.67 -4.64
N PRO A 863 27.58 13.31 -3.50
CA PRO A 863 27.02 14.66 -3.30
C PRO A 863 27.76 15.67 -4.15
N LEU A 864 27.15 16.85 -4.26
CA LEU A 864 27.76 17.89 -5.08
C LEU A 864 29.02 18.44 -4.45
N LEU A 865 29.05 18.61 -3.14
CA LEU A 865 30.20 19.17 -2.46
C LEU A 865 31.10 18.03 -2.02
N THR A 866 32.37 18.08 -2.44
CA THR A 866 33.33 17.11 -1.97
C THR A 866 33.72 17.41 -0.54
N ASP A 867 34.35 16.44 0.11
CA ASP A 867 34.73 16.59 1.51
C ASP A 867 35.82 17.61 1.72
N GLU A 868 36.57 17.95 0.69
CA GLU A 868 37.62 18.95 0.85
C GLU A 868 37.06 20.36 0.90
N MET A 869 35.99 20.65 0.16
CA MET A 869 35.43 21.99 0.16
C MET A 869 34.66 22.28 1.43
N ILE A 870 34.10 21.25 2.05
CA ILE A 870 33.50 21.38 3.37
C ILE A 870 34.55 21.84 4.36
N ALA A 871 35.76 21.29 4.24
CA ALA A 871 36.85 21.71 5.12
C ALA A 871 37.23 23.15 4.86
N GLN A 872 37.13 23.60 3.61
CA GLN A 872 37.44 25.00 3.31
C GLN A 872 36.41 25.93 3.92
N TYR A 873 35.12 25.59 3.82
CA TYR A 873 34.08 26.41 4.44
C TYR A 873 34.23 26.44 5.94
N THR A 874 34.51 25.28 6.54
CA THR A 874 34.63 25.20 7.99
C THR A 874 35.85 25.99 8.47
N SER A 875 36.95 25.91 7.72
CA SER A 875 38.14 26.68 8.06
C SER A 875 37.88 28.18 7.95
N ALA A 876 37.16 28.59 6.92
CA ALA A 876 36.84 30.00 6.75
C ALA A 876 35.97 30.51 7.88
N LEU A 877 35.00 29.70 8.31
CA LEU A 877 34.14 30.08 9.42
C LEU A 877 34.92 30.19 10.73
N LEU A 878 35.84 29.24 10.95
CA LEU A 878 36.67 29.29 12.15
C LEU A 878 37.57 30.52 12.16
N ALA A 879 38.17 30.84 11.01
CA ALA A 879 39.03 32.00 10.92
C ALA A 879 38.25 33.29 11.14
N GLY A 880 37.05 33.36 10.56
CA GLY A 880 36.23 34.55 10.72
C GLY A 880 35.79 34.77 12.16
N THR A 881 35.45 33.67 12.86
CA THR A 881 35.07 33.82 14.25
C THR A 881 36.26 34.20 15.13
N ILE A 882 37.42 33.56 14.91
CA ILE A 882 38.53 33.87 15.80
C ILE A 882 39.29 35.13 15.42
N THR A 883 38.96 35.77 14.29
CA THR A 883 39.62 37.01 13.96
C THR A 883 38.72 38.22 13.97
N SER A 884 37.44 38.08 13.67
CA SER A 884 36.65 39.26 13.41
C SER A 884 35.48 39.42 14.34
N GLY A 885 35.34 38.52 15.30
CA GLY A 885 34.24 38.58 16.24
C GLY A 885 32.93 38.23 15.55
N TRP A 886 31.85 38.84 16.00
CA TRP A 886 30.55 38.62 15.40
C TRP A 886 30.31 39.46 14.17
N THR A 887 31.24 40.37 13.85
CA THR A 887 30.95 41.41 12.88
C THR A 887 30.91 40.91 11.45
N PHE A 888 31.66 39.87 11.12
CA PHE A 888 31.71 39.41 9.74
C PHE A 888 30.45 38.68 9.33
N GLY A 889 29.58 38.32 10.26
CA GLY A 889 28.31 37.79 9.88
C GLY A 889 27.27 38.82 9.58
N ALA A 890 27.61 40.10 9.68
CA ALA A 890 26.67 41.17 9.44
C ALA A 890 27.15 42.15 8.38
N GLY A 891 28.25 41.85 7.70
CA GLY A 891 28.74 42.72 6.66
C GLY A 891 30.21 42.48 6.38
N PRO A 892 30.98 43.56 6.30
CA PRO A 892 32.42 43.41 6.15
C PRO A 892 33.09 43.09 7.47
N ALA A 893 34.11 42.24 7.43
CA ALA A 893 34.80 41.84 8.65
C ALA A 893 35.60 43.00 9.22
N LEU A 894 35.65 43.08 10.54
CA LEU A 894 36.46 44.08 11.24
C LEU A 894 37.43 43.33 12.14
N GLN A 895 38.71 43.63 12.02
CA GLN A 895 39.64 42.95 12.89
C GLN A 895 39.59 43.52 14.30
N ILE A 896 39.71 42.63 15.27
CA ILE A 896 39.77 42.97 16.68
C ILE A 896 40.79 42.04 17.32
N PRO A 897 41.46 42.45 18.38
CA PRO A 897 42.24 41.49 19.16
C PRO A 897 41.31 40.50 19.83
N PHE A 898 41.79 39.29 19.97
CA PHE A 898 41.03 38.21 20.61
C PHE A 898 40.59 38.45 22.07
N PRO A 899 41.44 38.88 23.02
CA PRO A 899 40.92 39.02 24.38
C PRO A 899 39.94 40.18 24.53
N MET A 900 40.00 41.16 23.64
CA MET A 900 38.95 42.18 23.57
C MET A 900 37.60 41.55 23.26
N GLN A 901 37.59 40.62 22.31
CA GLN A 901 36.35 39.92 21.96
C GLN A 901 35.86 39.10 23.13
N MET A 902 36.78 38.43 23.82
CA MET A 902 36.37 37.63 24.97
C MET A 902 35.83 38.49 26.10
N ALA A 903 36.39 39.69 26.27
CA ALA A 903 35.82 40.63 27.24
C ALA A 903 34.43 41.07 26.83
N TYR A 904 34.21 41.27 25.53
CA TYR A 904 32.87 41.63 25.06
C TYR A 904 31.89 40.48 25.29
N ARG A 905 32.35 39.25 25.16
CA ARG A 905 31.45 38.13 25.40
C ARG A 905 31.14 37.98 26.88
N PHE A 906 32.07 38.33 27.77
CA PHE A 906 31.67 38.38 29.17
C PHE A 906 30.71 39.52 29.46
N ASN A 907 30.88 40.67 28.81
CA ASN A 907 29.88 41.73 28.99
C ASN A 907 28.54 41.38 28.37
N GLY A 908 28.52 40.40 27.47
CA GLY A 908 27.25 39.91 26.97
C GLY A 908 26.48 39.08 27.98
N ILE A 909 27.16 38.53 28.99
CA ILE A 909 26.51 37.65 29.96
C ILE A 909 26.41 38.32 31.33
N GLY A 910 26.41 39.64 31.37
CA GLY A 910 26.19 40.34 32.62
C GLY A 910 27.35 40.30 33.58
N VAL A 911 28.54 39.96 33.12
CA VAL A 911 29.75 39.97 33.94
C VAL A 911 30.65 41.08 33.45
N THR A 912 31.04 41.96 34.35
CA THR A 912 31.89 43.09 34.00
C THR A 912 33.27 42.60 33.55
N GLN A 913 33.82 43.29 32.56
CA GLN A 913 34.93 42.79 31.78
C GLN A 913 36.26 42.79 32.52
N ASN A 914 36.32 43.37 33.72
CA ASN A 914 37.57 43.41 34.46
C ASN A 914 37.98 42.05 34.98
N VAL A 915 37.06 41.07 34.99
CA VAL A 915 37.40 39.75 35.49
C VAL A 915 38.23 38.95 34.51
N LEU A 916 38.42 39.43 33.30
CA LEU A 916 39.17 38.70 32.28
C LEU A 916 40.63 39.11 32.24
N TYR A 917 40.90 40.41 32.31
CA TYR A 917 42.27 40.88 32.27
C TYR A 917 43.03 40.54 33.54
N GLU A 918 42.33 40.19 34.61
CA GLU A 918 42.95 39.75 35.84
C GLU A 918 43.11 38.25 35.93
N ASN A 919 42.52 37.47 35.02
CA ASN A 919 42.54 36.03 35.15
C ASN A 919 42.75 35.36 33.80
N GLN A 920 43.38 36.10 32.88
CA GLN A 920 43.62 35.65 31.51
C GLN A 920 44.37 34.33 31.43
N LYS A 921 45.47 34.20 32.16
CA LYS A 921 46.28 32.97 32.08
C LYS A 921 45.51 31.77 32.61
N LEU A 922 44.76 31.98 33.69
CA LEU A 922 43.97 30.90 34.28
C LEU A 922 42.87 30.46 33.33
N ILE A 923 42.22 31.42 32.68
CA ILE A 923 41.18 31.11 31.72
C ILE A 923 41.75 30.33 30.54
N ALA A 924 42.92 30.76 30.05
CA ALA A 924 43.55 30.08 28.92
C ALA A 924 43.95 28.66 29.26
N ASN A 925 44.47 28.46 30.47
CA ASN A 925 44.88 27.12 30.88
C ASN A 925 43.67 26.18 31.01
N GLN A 926 42.58 26.68 31.60
CA GLN A 926 41.37 25.89 31.71
C GLN A 926 40.81 25.56 30.33
N PHE A 927 40.86 26.53 29.43
CA PHE A 927 40.32 26.35 28.08
C PHE A 927 41.10 25.30 27.30
N ASN A 928 42.43 25.38 27.36
CA ASN A 928 43.26 24.42 26.64
C ASN A 928 43.12 23.03 27.23
N SER A 929 43.01 22.94 28.56
CA SER A 929 42.79 21.65 29.20
C SER A 929 41.44 21.07 28.78
N ALA A 930 40.41 21.91 28.68
CA ALA A 930 39.11 21.42 28.27
C ALA A 930 39.12 20.93 26.83
N ILE A 931 39.89 21.61 25.98
CA ILE A 931 40.03 21.18 24.58
C ILE A 931 40.68 19.81 24.51
N GLY A 932 41.75 19.62 25.29
CA GLY A 932 42.42 18.32 25.32
C GLY A 932 41.52 17.23 25.88
N LYS A 933 40.72 17.56 26.89
CA LYS A 933 39.79 16.58 27.45
C LYS A 933 38.70 16.21 26.46
N ILE A 934 38.29 17.15 25.61
CA ILE A 934 37.31 16.83 24.56
C ILE A 934 37.91 15.86 23.57
N GLN A 935 39.15 16.10 23.17
CA GLN A 935 39.82 15.21 22.23
C GLN A 935 39.99 13.81 22.82
N ASP A 936 40.34 13.74 24.10
CA ASP A 936 40.50 12.44 24.75
C ASP A 936 39.16 11.74 24.96
N SER A 937 38.10 12.51 25.25
CA SER A 937 36.78 11.91 25.47
C SER A 937 36.22 11.34 24.18
N LEU A 938 36.43 12.04 23.06
CA LEU A 938 36.02 11.45 21.79
C LEU A 938 36.92 10.30 21.40
N SER A 939 38.21 10.37 21.76
CA SER A 939 39.14 9.31 21.45
C SER A 939 38.87 8.05 22.23
N SER A 940 38.24 8.16 23.40
CA SER A 940 37.97 6.99 24.22
C SER A 940 36.64 6.33 23.84
N THR A 941 35.55 7.09 23.91
CA THR A 941 34.23 6.56 23.66
C THR A 941 34.01 6.35 22.17
N PRO A 942 33.65 5.14 21.76
CA PRO A 942 33.41 4.89 20.33
C PRO A 942 31.99 5.16 19.86
N SER A 943 31.03 5.16 20.80
CA SER A 943 29.62 5.25 20.46
C SER A 943 29.05 6.65 20.66
N ALA A 944 29.91 7.65 20.88
CA ALA A 944 29.42 9.01 21.07
C ALA A 944 28.93 9.61 19.75
N LEU A 945 29.46 9.14 18.64
CA LEU A 945 29.08 9.64 17.32
C LEU A 945 27.85 8.94 16.78
N GLY A 946 27.34 7.96 17.53
CA GLY A 946 26.48 6.88 17.09
C GLY A 946 25.41 7.25 16.10
N LYS A 947 24.72 8.36 16.40
CA LYS A 947 23.66 8.97 15.60
C LYS A 947 23.94 8.98 14.11
N LEU A 948 25.08 9.60 13.73
CA LEU A 948 25.49 9.67 12.33
C LEU A 948 25.60 8.29 11.73
N GLN A 949 26.36 7.45 12.44
CA GLN A 949 26.57 6.06 12.06
C GLN A 949 25.24 5.36 11.93
N ASP A 950 24.32 5.64 12.89
CA ASP A 950 23.01 5.00 12.94
C ASP A 950 22.23 5.24 11.68
N VAL A 951 22.30 6.48 11.17
CA VAL A 951 21.50 6.86 10.00
C VAL A 951 21.89 6.03 8.79
N VAL A 952 23.21 5.87 8.61
CA VAL A 952 23.76 5.14 7.46
C VAL A 952 23.26 3.71 7.48
N ASN A 953 23.13 3.16 8.69
CA ASN A 953 22.72 1.80 8.92
C ASN A 953 21.37 1.49 8.30
N GLN A 954 20.37 2.36 8.53
CA GLN A 954 19.03 2.00 8.07
C GLN A 954 18.99 2.04 6.56
N ASN A 955 19.78 2.96 5.98
CA ASN A 955 19.86 3.08 4.52
C ASN A 955 20.32 1.77 3.93
N ALA A 956 21.41 1.24 4.49
CA ALA A 956 21.94 -0.03 4.05
C ALA A 956 20.91 -1.12 4.28
N GLN A 957 20.29 -1.06 5.47
CA GLN A 957 19.27 -2.01 5.85
C GLN A 957 18.10 -1.99 4.89
N ALA A 958 17.66 -0.76 4.53
CA ALA A 958 16.51 -0.62 3.66
C ALA A 958 16.80 -1.24 2.31
N LEU A 959 18.00 -0.94 1.79
CA LEU A 959 18.36 -1.42 0.45
C LEU A 959 18.48 -2.92 0.46
N ASN A 960 18.93 -3.46 1.59
CA ASN A 960 19.18 -4.88 1.69
C ASN A 960 17.87 -5.64 1.60
N THR A 961 16.80 -5.09 2.20
CA THR A 961 15.52 -5.76 2.15
C THR A 961 14.98 -5.78 0.73
N LEU A 962 15.33 -4.76 -0.05
CA LEU A 962 14.86 -4.70 -1.43
C LEU A 962 15.44 -5.85 -2.21
N VAL A 963 16.69 -6.21 -1.92
CA VAL A 963 17.31 -7.34 -2.60
C VAL A 963 16.63 -8.63 -2.19
N LYS A 964 16.20 -8.71 -0.93
CA LYS A 964 15.50 -9.89 -0.46
C LYS A 964 14.15 -10.01 -1.15
N GLN A 965 13.57 -8.86 -1.53
CA GLN A 965 12.30 -8.90 -2.21
C GLN A 965 12.43 -9.33 -3.65
N LEU A 966 13.65 -9.48 -4.18
CA LEU A 966 13.75 -10.18 -5.44
C LEU A 966 13.70 -11.68 -5.27
N SER A 967 13.86 -12.17 -4.05
CA SER A 967 14.09 -13.58 -3.79
C SER A 967 12.79 -14.31 -3.50
N SER A 968 11.67 -13.73 -3.89
CA SER A 968 10.38 -14.32 -3.56
C SER A 968 9.50 -14.39 -4.78
N ASN A 969 8.56 -15.32 -4.75
CA ASN A 969 7.78 -15.67 -5.91
C ASN A 969 6.40 -15.03 -5.91
N PHE A 970 5.94 -14.59 -4.74
CA PHE A 970 4.60 -14.01 -4.53
C PHE A 970 3.49 -14.93 -4.97
N GLY A 971 3.63 -16.23 -4.80
CA GLY A 971 2.58 -17.17 -5.12
C GLY A 971 2.65 -17.75 -6.52
N ALA A 972 3.56 -17.27 -7.35
CA ALA A 972 3.70 -17.80 -8.70
C ALA A 972 4.60 -19.02 -8.67
N ILE A 973 5.04 -19.46 -9.85
CA ILE A 973 5.88 -20.63 -9.95
C ILE A 973 7.28 -20.41 -9.39
N SER A 974 7.94 -19.32 -9.76
CA SER A 974 9.30 -19.09 -9.30
C SER A 974 9.55 -17.61 -9.15
N SER A 975 10.77 -17.27 -8.76
CA SER A 975 11.19 -15.89 -8.66
C SER A 975 12.12 -15.49 -9.78
N VAL A 976 12.30 -16.34 -10.78
CA VAL A 976 13.18 -16.05 -11.90
C VAL A 976 12.31 -15.73 -13.09
N LEU A 977 12.71 -14.74 -13.87
CA LEU A 977 12.03 -14.49 -15.13
C LEU A 977 12.35 -15.57 -16.15
N ASN A 978 13.62 -15.94 -16.22
CA ASN A 978 14.12 -16.61 -17.41
C ASN A 978 13.66 -18.05 -17.49
N ASP A 979 13.44 -18.69 -16.34
CA ASP A 979 12.96 -20.07 -16.37
C ASP A 979 11.51 -20.14 -16.82
N ILE A 980 10.73 -19.13 -16.44
CA ILE A 980 9.35 -19.09 -16.90
C ILE A 980 9.29 -18.77 -18.38
N LEU A 981 10.17 -17.87 -18.85
CA LEU A 981 10.20 -17.55 -20.28
C LEU A 981 10.73 -18.70 -21.11
N SER A 982 11.64 -19.48 -20.55
CA SER A 982 12.16 -20.66 -21.23
C SER A 982 11.34 -21.90 -20.92
N ARG A 983 10.28 -21.77 -20.12
CA ARG A 983 9.44 -22.90 -19.80
C ARG A 983 8.06 -22.84 -20.45
N LEU A 984 7.47 -21.66 -20.54
CA LEU A 984 6.08 -21.56 -20.98
C LEU A 984 5.95 -20.67 -22.19
N ASP A 985 4.83 -20.85 -22.89
CA ASP A 985 4.33 -19.96 -23.92
C ASP A 985 3.85 -18.67 -23.28
N PRO A 986 3.73 -17.58 -24.04
CA PRO A 986 3.18 -16.32 -23.48
C PRO A 986 1.80 -16.45 -22.82
N PRO A 987 0.77 -17.10 -23.41
CA PRO A 987 -0.61 -16.89 -22.88
C PRO A 987 -0.87 -17.36 -21.45
N GLU A 988 0.09 -17.99 -20.79
CA GLU A 988 0.08 -18.18 -19.35
C GLU A 988 1.25 -17.51 -18.67
N ALA A 989 2.28 -17.18 -19.47
CA ALA A 989 3.40 -16.41 -18.95
C ALA A 989 2.95 -15.04 -18.47
N GLU A 990 1.99 -14.42 -19.17
CA GLU A 990 1.51 -13.12 -18.68
C GLU A 990 0.80 -13.28 -17.35
N VAL A 991 0.10 -14.40 -17.16
CA VAL A 991 -0.61 -14.65 -15.90
C VAL A 991 0.36 -14.78 -14.75
N GLN A 992 1.47 -15.49 -14.93
CA GLN A 992 2.40 -15.60 -13.81
C GLN A 992 3.22 -14.33 -13.60
N ILE A 993 3.68 -13.73 -14.71
CA ILE A 993 4.51 -12.54 -14.61
C ILE A 993 3.72 -11.38 -14.02
N ASP A 994 2.40 -11.35 -14.23
CA ASP A 994 1.56 -10.30 -13.66
C ASP A 994 1.58 -10.34 -12.14
N ARG A 995 1.54 -11.55 -11.57
CA ARG A 995 1.70 -11.69 -10.12
C ARG A 995 3.06 -11.21 -9.67
N LEU A 996 4.10 -11.52 -10.44
CA LEU A 996 5.44 -11.05 -10.09
C LEU A 996 5.53 -9.52 -10.12
N ILE A 997 4.88 -8.90 -11.11
CA ILE A 997 4.90 -7.44 -11.23
C ILE A 997 4.19 -6.82 -10.04
N THR A 998 3.05 -7.39 -9.63
CA THR A 998 2.31 -6.84 -8.51
C THR A 998 3.13 -6.88 -7.23
N GLY A 999 3.78 -8.02 -6.97
CA GLY A 999 4.59 -8.14 -5.77
C GLY A 999 5.77 -7.19 -5.75
N ARG A 1000 6.48 -7.09 -6.87
CA ARG A 1000 7.66 -6.24 -6.88
C ARG A 1000 7.29 -4.76 -6.84
N LEU A 1001 6.18 -4.38 -7.48
CA LEU A 1001 5.70 -3.01 -7.42
C LEU A 1001 5.30 -2.61 -6.01
N GLN A 1002 4.64 -3.52 -5.29
CA GLN A 1002 4.26 -3.22 -3.92
C GLN A 1002 5.48 -3.00 -3.04
N SER A 1003 6.49 -3.85 -3.21
CA SER A 1003 7.73 -3.71 -2.44
C SER A 1003 8.42 -2.38 -2.73
N LEU A 1004 8.50 -2.03 -4.01
CA LEU A 1004 9.19 -0.80 -4.41
C LEU A 1004 8.47 0.42 -3.88
N GLN A 1005 7.13 0.41 -3.94
CA GLN A 1005 6.36 1.52 -3.43
C GLN A 1005 6.54 1.68 -1.93
N THR A 1006 6.63 0.56 -1.21
CA THR A 1006 6.88 0.62 0.23
C THR A 1006 8.22 1.26 0.53
N TYR A 1007 9.24 0.87 -0.24
CA TYR A 1007 10.58 1.42 -0.03
C TYR A 1007 10.61 2.92 -0.26
N VAL A 1008 10.00 3.39 -1.35
CA VAL A 1008 10.11 4.81 -1.66
C VAL A 1008 9.32 5.65 -0.65
N THR A 1009 8.18 5.14 -0.17
CA THR A 1009 7.39 5.91 0.79
C THR A 1009 8.14 6.07 2.11
N GLN A 1010 8.74 4.98 2.58
CA GLN A 1010 9.51 5.07 3.82
C GLN A 1010 10.72 5.96 3.66
N GLN A 1011 11.36 5.93 2.48
CA GLN A 1011 12.49 6.80 2.22
C GLN A 1011 12.10 8.27 2.25
N LEU A 1012 10.93 8.59 1.70
CA LEU A 1012 10.45 9.97 1.74
C LEU A 1012 10.27 10.46 3.17
N ILE A 1013 9.70 9.62 4.02
CA ILE A 1013 9.42 10.11 5.36
C ILE A 1013 10.71 10.26 6.17
N ARG A 1014 11.67 9.37 5.95
CA ARG A 1014 12.99 9.55 6.56
C ARG A 1014 13.64 10.84 6.10
N ALA A 1015 13.53 11.15 4.80
CA ALA A 1015 14.13 12.37 4.28
C ALA A 1015 13.47 13.61 4.85
N ALA A 1016 12.17 13.53 5.11
CA ALA A 1016 11.49 14.66 5.75
C ALA A 1016 12.04 14.91 7.14
N GLU A 1017 12.26 13.84 7.92
CA GLU A 1017 12.82 14.00 9.26
C GLU A 1017 14.23 14.58 9.20
N ILE A 1018 15.02 14.10 8.22
CA ILE A 1018 16.38 14.58 8.09
C ILE A 1018 16.40 16.06 7.69
N ARG A 1019 15.43 16.49 6.87
CA ARG A 1019 15.43 17.89 6.47
C ARG A 1019 15.02 18.78 7.64
N ALA A 1020 14.14 18.28 8.51
CA ALA A 1020 13.84 19.01 9.75
C ALA A 1020 15.09 19.15 10.62
N SER A 1021 15.86 18.07 10.73
CA SER A 1021 17.09 18.10 11.50
C SER A 1021 18.11 19.08 10.89
N ALA A 1022 18.17 19.12 9.56
CA ALA A 1022 19.13 20.00 8.91
C ALA A 1022 18.74 21.45 9.06
N ASN A 1023 17.43 21.74 9.06
CA ASN A 1023 16.98 23.09 9.34
C ASN A 1023 17.36 23.52 10.74
N LEU A 1024 17.25 22.60 11.71
CA LEU A 1024 17.68 22.88 13.07
C LEU A 1024 19.18 23.15 13.12
N ALA A 1025 19.95 22.38 12.35
CA ALA A 1025 21.40 22.60 12.30
C ALA A 1025 21.75 23.94 11.69
N ALA A 1026 21.00 24.35 10.66
CA ALA A 1026 21.24 25.65 10.05
C ALA A 1026 20.94 26.78 11.03
N THR A 1027 19.87 26.65 11.81
CA THR A 1027 19.53 27.68 12.78
C THR A 1027 20.59 27.76 13.87
N LYS A 1028 21.09 26.61 14.33
CA LYS A 1028 22.19 26.59 15.28
C LYS A 1028 23.44 27.23 14.70
N MET A 1029 23.71 26.97 13.42
CA MET A 1029 24.91 27.53 12.79
C MET A 1029 24.82 29.04 12.67
N SER A 1030 23.62 29.54 12.38
CA SER A 1030 23.48 30.98 12.28
C SER A 1030 23.56 31.65 13.64
N GLU A 1031 22.92 31.07 14.66
CA GLU A 1031 22.85 31.76 15.94
C GLU A 1031 24.02 31.47 16.87
N CYS A 1032 24.34 30.21 17.14
CA CYS A 1032 25.33 29.89 18.15
C CYS A 1032 26.76 30.16 17.71
N VAL A 1033 27.00 30.35 16.42
CA VAL A 1033 28.36 30.54 15.94
C VAL A 1033 28.66 32.00 15.65
N LEU A 1034 27.86 32.61 14.80
CA LEU A 1034 28.16 33.93 14.29
C LEU A 1034 27.75 35.04 15.25
N GLY A 1035 27.10 34.70 16.34
CA GLY A 1035 26.69 35.69 17.31
C GLY A 1035 26.87 35.16 18.70
N GLN A 1036 26.03 35.62 19.60
CA GLN A 1036 26.02 35.14 20.97
C GLN A 1036 24.61 35.25 21.50
N SER A 1037 23.98 34.11 21.74
CA SER A 1037 22.56 34.09 22.04
C SER A 1037 22.28 34.18 23.54
N LYS A 1038 21.11 34.71 23.85
CA LYS A 1038 20.58 34.69 25.20
C LYS A 1038 19.70 33.47 25.45
N ARG A 1039 19.47 32.63 24.44
CA ARG A 1039 18.61 31.48 24.63
C ARG A 1039 19.30 30.47 25.52
N VAL A 1040 18.61 30.04 26.55
CA VAL A 1040 19.21 29.20 27.57
C VAL A 1040 19.07 27.74 27.16
N ASP A 1041 20.18 27.00 27.26
CA ASP A 1041 20.31 25.60 26.84
C ASP A 1041 20.02 25.43 25.36
N PHE A 1042 20.35 26.43 24.56
CA PHE A 1042 20.26 26.29 23.12
C PHE A 1042 21.63 26.12 22.49
N CYS A 1043 22.64 26.77 23.07
CA CYS A 1043 23.99 26.61 22.59
C CYS A 1043 24.79 25.90 23.67
N GLY A 1044 24.23 24.84 24.22
CA GLY A 1044 24.93 24.06 25.22
C GLY A 1044 24.40 24.34 26.62
N LYS A 1045 24.78 23.46 27.54
CA LYS A 1045 24.31 23.56 28.91
C LYS A 1045 25.25 24.49 29.66
N GLY A 1046 24.78 25.70 29.94
CA GLY A 1046 25.54 26.71 30.64
C GLY A 1046 25.33 28.07 29.99
N TYR A 1047 26.00 29.09 30.53
CA TYR A 1047 25.96 30.41 29.94
C TYR A 1047 26.82 30.41 28.70
N HIS A 1048 26.20 30.67 27.56
CA HIS A 1048 26.87 30.50 26.28
C HIS A 1048 27.89 31.60 26.02
N LEU A 1049 29.08 31.20 25.60
CA LEU A 1049 30.05 32.12 25.06
C LEU A 1049 30.18 32.01 23.55
N MET A 1050 30.64 30.88 23.04
CA MET A 1050 30.81 30.79 21.58
C MET A 1050 30.80 29.34 21.17
N SER A 1051 30.99 29.12 19.87
CA SER A 1051 30.91 27.80 19.29
C SER A 1051 31.88 27.68 18.13
N PHE A 1052 32.16 26.43 17.75
CA PHE A 1052 33.02 26.14 16.64
C PHE A 1052 32.44 24.94 15.90
N PRO A 1053 32.32 25.01 14.59
CA PRO A 1053 31.83 23.85 13.85
C PRO A 1053 32.97 22.97 13.37
N GLN A 1054 32.72 21.68 13.23
CA GLN A 1054 33.65 20.78 12.57
C GLN A 1054 32.86 19.86 11.66
N SER A 1055 33.51 19.45 10.57
CA SER A 1055 32.88 18.61 9.56
C SER A 1055 32.81 17.18 10.05
N ALA A 1056 31.90 16.41 9.48
CA ALA A 1056 31.76 15.00 9.76
C ALA A 1056 31.15 14.35 8.53
N PRO A 1057 31.41 13.06 8.30
CA PRO A 1057 30.74 12.34 7.23
C PRO A 1057 29.23 12.36 7.40
N HIS A 1058 28.57 13.04 6.46
CA HIS A 1058 27.14 13.32 6.45
C HIS A 1058 26.68 14.08 7.68
N GLY A 1059 27.52 14.88 8.30
CA GLY A 1059 27.04 15.54 9.50
C GLY A 1059 27.96 16.65 9.96
N VAL A 1060 27.54 17.30 11.03
CA VAL A 1060 28.30 18.39 11.59
C VAL A 1060 28.38 18.17 13.10
N VAL A 1061 29.48 18.64 13.69
CA VAL A 1061 29.68 18.56 15.12
C VAL A 1061 29.94 19.96 15.63
N PHE A 1062 29.14 20.40 16.58
CA PHE A 1062 29.32 21.70 17.20
C PHE A 1062 30.05 21.54 18.52
N LEU A 1063 31.01 22.43 18.75
CA LEU A 1063 31.69 22.58 20.02
C LEU A 1063 31.15 23.84 20.66
N HIS A 1064 30.55 23.72 21.83
CA HIS A 1064 30.15 24.89 22.59
C HIS A 1064 31.13 25.14 23.71
N VAL A 1065 31.57 26.38 23.82
CA VAL A 1065 32.33 26.87 24.96
C VAL A 1065 31.39 27.73 25.78
N THR A 1066 31.11 27.29 27.00
CA THR A 1066 30.18 27.94 27.89
C THR A 1066 30.84 28.21 29.23
N TYR A 1067 30.12 28.97 30.05
CA TYR A 1067 30.59 29.48 31.33
C TYR A 1067 29.78 28.77 32.41
N VAL A 1068 30.44 28.34 33.50
CA VAL A 1068 29.75 27.73 34.62
C VAL A 1068 30.24 28.37 35.92
N PRO A 1069 29.36 28.95 36.73
CA PRO A 1069 29.78 29.47 38.03
C PRO A 1069 30.02 28.34 39.03
N ALA A 1070 30.84 28.64 40.03
CA ALA A 1070 31.12 27.68 41.09
C ALA A 1070 31.51 28.39 42.37
N GLN A 1071 31.75 27.59 43.41
CA GLN A 1071 32.20 28.01 44.74
C GLN A 1071 31.24 29.00 45.38
N GLU A 1072 30.02 28.58 45.66
CA GLU A 1072 29.07 29.49 46.28
C GLU A 1072 29.38 29.68 47.76
N LYS A 1073 28.90 30.80 48.31
CA LYS A 1073 29.04 31.11 49.72
C LYS A 1073 27.72 31.64 50.26
N ASN A 1074 27.71 32.20 51.45
CA ASN A 1074 26.48 32.68 52.06
C ASN A 1074 26.63 34.13 52.48
N PHE A 1075 25.66 34.94 52.10
CA PHE A 1075 25.60 36.32 52.55
C PHE A 1075 24.15 36.67 52.83
N THR A 1076 23.96 37.55 53.79
CA THR A 1076 22.64 38.04 54.12
C THR A 1076 22.39 39.32 53.34
N THR A 1077 21.12 39.64 53.15
CA THR A 1077 20.74 40.64 52.17
C THR A 1077 19.61 41.52 52.67
N ALA A 1078 19.31 42.53 51.86
CA ALA A 1078 18.18 43.42 52.04
C ALA A 1078 17.85 44.03 50.70
N PRO A 1079 16.58 44.26 50.40
CA PRO A 1079 16.23 44.80 49.08
C PRO A 1079 16.65 46.24 48.90
N ALA A 1080 16.75 47.03 49.97
CA ALA A 1080 17.07 48.43 49.80
C ALA A 1080 17.83 48.92 51.03
N ILE A 1081 18.18 50.20 51.02
CA ILE A 1081 18.96 50.79 52.10
C ILE A 1081 18.39 52.17 52.43
N CYS A 1082 18.04 52.40 53.69
CA CYS A 1082 17.60 53.72 54.13
C CYS A 1082 18.77 54.40 54.85
N HIS A 1083 19.28 55.46 54.25
CA HIS A 1083 20.39 56.21 54.83
C HIS A 1083 19.93 57.46 55.58
N ASP A 1084 19.28 58.37 54.87
CA ASP A 1084 18.93 59.66 55.44
C ASP A 1084 17.43 59.89 55.27
N GLY A 1085 16.65 58.88 55.60
CA GLY A 1085 15.24 58.92 55.35
C GLY A 1085 14.86 58.68 53.91
N LYS A 1086 15.82 58.36 53.06
CA LYS A 1086 15.58 58.10 51.66
C LYS A 1086 16.03 56.69 51.34
N ALA A 1087 15.31 56.05 50.44
CA ALA A 1087 15.57 54.68 50.04
C ALA A 1087 16.67 54.69 48.99
N HIS A 1088 17.51 53.68 49.00
CA HIS A 1088 18.54 53.51 48.00
C HIS A 1088 18.41 52.14 47.35
N PHE A 1089 18.46 52.10 46.05
CA PHE A 1089 18.32 50.89 45.31
C PHE A 1089 19.57 50.64 44.47
N PRO A 1090 20.03 49.39 44.37
CA PRO A 1090 21.29 49.10 43.68
C PRO A 1090 21.15 49.24 42.19
N ARG A 1091 22.18 49.79 41.56
CA ARG A 1091 22.10 50.08 40.14
C ARG A 1091 22.16 48.81 39.30
N GLU A 1092 23.20 48.01 39.50
CA GLU A 1092 23.27 46.69 38.88
C GLU A 1092 23.80 45.75 39.93
N GLY A 1093 23.04 44.74 40.28
CA GLY A 1093 23.51 43.78 41.25
C GLY A 1093 22.64 43.74 42.48
N VAL A 1094 23.26 43.66 43.65
CA VAL A 1094 22.52 43.41 44.87
C VAL A 1094 23.36 43.88 46.04
N PHE A 1095 22.70 44.18 47.15
CA PHE A 1095 23.35 44.43 48.41
C PHE A 1095 23.58 43.12 49.14
N VAL A 1096 24.76 42.99 49.75
CA VAL A 1096 25.10 41.83 50.56
C VAL A 1096 25.66 42.30 51.88
N SER A 1097 25.64 41.41 52.86
CA SER A 1097 26.26 41.69 54.13
C SER A 1097 27.11 40.50 54.55
N ASN A 1098 28.32 40.78 54.98
CA ASN A 1098 29.25 39.74 55.38
C ASN A 1098 29.13 39.38 56.85
N GLY A 1099 28.20 40.00 57.55
CA GLY A 1099 28.07 39.79 58.98
C GLY A 1099 28.21 41.08 59.74
N THR A 1100 29.03 42.00 59.24
CA THR A 1100 29.22 43.27 59.91
C THR A 1100 29.03 44.48 59.02
N HIS A 1101 29.39 44.41 57.74
CA HIS A 1101 29.28 45.55 56.84
C HIS A 1101 28.49 45.15 55.61
N TRP A 1102 28.21 46.14 54.77
CA TRP A 1102 27.34 45.95 53.63
C TRP A 1102 28.07 46.36 52.36
N PHE A 1103 27.82 45.64 51.28
CA PHE A 1103 28.54 45.84 50.03
C PHE A 1103 27.59 45.67 48.85
N VAL A 1104 28.06 46.12 47.69
CA VAL A 1104 27.31 46.05 46.45
C VAL A 1104 28.05 45.16 45.48
N THR A 1105 27.34 44.24 44.86
CA THR A 1105 28.03 43.38 43.90
C THR A 1105 27.17 43.09 42.69
N GLN A 1106 27.86 42.72 41.61
CA GLN A 1106 27.22 42.10 40.46
C GLN A 1106 26.80 40.69 40.82
N ARG A 1107 25.82 40.18 40.09
CA ARG A 1107 25.07 39.02 40.53
C ARG A 1107 25.65 37.70 40.06
N ASN A 1108 26.80 37.69 39.40
CA ASN A 1108 27.38 36.44 38.96
C ASN A 1108 28.85 36.31 39.33
N PHE A 1109 29.35 37.17 40.20
CA PHE A 1109 30.73 37.11 40.66
C PHE A 1109 30.88 37.90 41.94
N TYR A 1110 31.40 37.26 42.99
CA TYR A 1110 31.49 37.91 44.28
C TYR A 1110 32.62 38.92 44.29
N GLU A 1111 32.27 40.19 44.29
CA GLU A 1111 33.27 41.21 44.38
C GLU A 1111 32.67 42.44 45.06
N PRO A 1112 33.04 42.71 46.30
CA PRO A 1112 32.40 43.78 47.05
C PRO A 1112 32.93 45.16 46.69
N GLN A 1113 32.01 46.12 46.70
CA GLN A 1113 32.36 47.53 46.66
C GLN A 1113 31.64 48.26 47.77
N ILE A 1114 32.25 49.36 48.19
CA ILE A 1114 31.63 50.24 49.15
C ILE A 1114 30.43 50.91 48.49
N ILE A 1115 29.35 51.03 49.24
CA ILE A 1115 28.09 51.53 48.69
C ILE A 1115 28.19 53.03 48.52
N THR A 1116 28.36 53.47 47.28
CA THR A 1116 28.54 54.87 46.96
C THR A 1116 27.22 55.41 46.45
N THR A 1117 27.17 56.73 46.28
CA THR A 1117 26.07 57.34 45.57
C THR A 1117 26.05 56.91 44.11
N ASP A 1118 27.22 56.68 43.51
CA ASP A 1118 27.32 56.29 42.12
C ASP A 1118 26.92 54.85 41.88
N ASN A 1119 26.76 54.05 42.93
CA ASN A 1119 26.35 52.67 42.76
C ASN A 1119 24.87 52.47 43.00
N THR A 1120 24.15 53.50 43.41
CA THR A 1120 22.75 53.36 43.77
C THR A 1120 21.96 54.53 43.21
N PHE A 1121 20.65 54.46 43.40
CA PHE A 1121 19.78 55.57 43.07
C PHE A 1121 18.64 55.65 44.08
N VAL A 1122 18.12 56.84 44.24
CA VAL A 1122 17.16 57.13 45.30
C VAL A 1122 15.76 57.02 44.74
N SER A 1123 14.86 56.41 45.51
CA SER A 1123 13.47 56.29 45.08
C SER A 1123 12.56 56.49 46.30
N GLY A 1124 12.12 57.72 46.52
CA GLY A 1124 11.08 57.99 47.48
C GLY A 1124 11.56 57.91 48.93
N ASN A 1125 10.60 57.70 49.81
CA ASN A 1125 10.83 57.62 51.25
C ASN A 1125 10.93 56.15 51.64
N CYS A 1126 11.75 55.86 52.64
CA CYS A 1126 12.13 54.50 52.99
C CYS A 1126 11.15 53.83 53.95
N ASP A 1127 9.89 54.25 53.95
CA ASP A 1127 8.90 53.71 54.87
C ASP A 1127 7.82 52.88 54.20
N VAL A 1128 8.00 52.55 52.93
CA VAL A 1128 7.03 51.74 52.20
C VAL A 1128 7.52 50.32 51.99
N VAL A 1129 8.81 50.18 51.73
CA VAL A 1129 9.42 48.91 51.37
C VAL A 1129 9.43 47.99 52.58
N ILE A 1130 9.33 46.68 52.33
CA ILE A 1130 9.28 45.69 53.38
C ILE A 1130 10.70 45.18 53.62
N GLY A 1131 11.27 45.48 54.78
CA GLY A 1131 12.52 44.90 55.19
C GLY A 1131 13.75 45.69 54.84
N ILE A 1132 13.71 47.02 54.93
CA ILE A 1132 14.89 47.82 54.64
C ILE A 1132 15.84 47.73 55.82
N VAL A 1133 17.11 48.08 55.60
CA VAL A 1133 18.12 48.02 56.63
C VAL A 1133 18.82 49.36 56.71
N ASN A 1134 18.88 49.91 57.92
CA ASN A 1134 19.55 51.18 58.17
C ASN A 1134 21.06 50.99 58.09
N ASN A 1135 21.71 51.90 57.38
CA ASN A 1135 23.16 51.91 57.23
C ASN A 1135 23.57 53.33 56.85
N THR A 1136 24.79 53.47 56.37
CA THR A 1136 25.25 54.75 55.85
C THR A 1136 25.63 54.60 54.38
N VAL A 1137 25.40 55.66 53.62
CA VAL A 1137 25.74 55.70 52.20
C VAL A 1137 26.81 56.77 52.03
N TYR A 1138 27.97 56.38 51.53
CA TYR A 1138 29.10 57.30 51.44
C TYR A 1138 29.04 58.05 50.12
N ASP A 1139 29.08 59.37 50.20
CA ASP A 1139 29.26 60.37 49.16
C ASP A 1139 30.72 60.77 49.10
N PRO A 1140 31.36 60.68 47.94
CA PRO A 1140 32.77 61.12 47.83
C PRO A 1140 32.95 62.63 47.85
N LEU A 1141 31.87 63.41 47.82
CA LEU A 1141 32.00 64.86 47.71
C LEU A 1141 32.14 65.56 49.06
N GLN A 1142 31.49 65.06 50.10
CA GLN A 1142 31.54 65.73 51.40
C GLN A 1142 32.89 65.68 52.11
N PRO A 1143 33.61 64.55 52.20
CA PRO A 1143 34.99 64.66 52.74
C PRO A 1143 35.92 65.44 51.83
N GLU A 1144 35.66 65.42 50.52
CA GLU A 1144 36.40 66.25 49.58
C GLU A 1144 36.22 67.74 49.88
N LEU A 1145 34.99 68.16 50.18
CA LEU A 1145 34.73 69.55 50.50
C LEU A 1145 35.21 69.91 51.90
N ASP A 1146 35.11 68.95 52.83
CA ASP A 1146 35.52 69.20 54.21
C ASP A 1146 37.03 69.29 54.35
N SER A 1147 37.77 68.54 53.52
CA SER A 1147 39.22 68.66 53.50
C SER A 1147 39.65 70.04 52.99
N PHE A 1148 38.91 70.61 52.06
CA PHE A 1148 39.19 71.97 51.63
C PHE A 1148 38.61 73.00 52.60
N LYS A 1149 37.65 72.60 53.43
CA LYS A 1149 37.12 73.48 54.47
C LYS A 1149 38.16 73.79 55.55
N GLN B 14 -69.98 -24.61 0.00
CA GLN B 14 -70.94 -23.50 -0.01
C GLN B 14 -70.26 -22.19 0.39
N CYS B 15 -70.50 -21.16 -0.43
CA CYS B 15 -70.03 -19.81 -0.18
C CYS B 15 -70.82 -18.79 -0.98
N VAL B 16 -71.43 -17.82 -0.29
CA VAL B 16 -72.30 -16.83 -0.89
C VAL B 16 -71.66 -15.46 -0.76
N ASN B 17 -72.16 -14.53 -1.57
CA ASN B 17 -71.63 -13.17 -1.59
C ASN B 17 -72.56 -12.24 -0.82
N LEU B 18 -72.09 -11.73 0.32
CA LEU B 18 -72.80 -10.72 1.10
C LEU B 18 -72.55 -9.36 0.48
N THR B 19 -73.62 -8.63 0.23
CA THR B 19 -73.56 -7.39 -0.54
C THR B 19 -74.03 -6.20 0.29
N THR B 20 -74.90 -6.43 1.27
CA THR B 20 -75.57 -5.36 2.00
C THR B 20 -74.59 -4.63 2.92
N ARG B 21 -74.16 -3.46 2.47
CA ARG B 21 -73.18 -2.64 3.17
C ARG B 21 -73.46 -1.17 2.89
N THR B 22 -72.63 -0.33 3.47
CA THR B 22 -72.57 1.08 3.10
C THR B 22 -71.34 1.31 2.23
N GLN B 23 -71.53 2.03 1.13
CA GLN B 23 -70.46 2.20 0.15
C GLN B 23 -69.64 3.43 0.48
N LEU B 24 -68.32 3.24 0.60
CA LEU B 24 -67.41 4.26 1.07
C LEU B 24 -66.09 4.16 0.32
N PRO B 25 -65.36 5.27 0.19
CA PRO B 25 -64.02 5.21 -0.40
C PRO B 25 -62.99 4.77 0.63
N PRO B 26 -61.84 4.26 0.18
CA PRO B 26 -60.76 3.92 1.13
C PRO B 26 -60.08 5.17 1.66
N ALA B 27 -59.37 4.99 2.78
CA ALA B 27 -58.70 6.09 3.48
C ALA B 27 -57.21 5.80 3.64
N TYR B 28 -56.43 6.85 3.90
CA TYR B 28 -55.01 6.74 4.17
C TYR B 28 -54.72 7.20 5.59
N THR B 29 -53.60 6.71 6.13
CA THR B 29 -53.13 7.12 7.44
C THR B 29 -51.62 7.25 7.35
N ASN B 30 -51.03 8.06 8.23
CA ASN B 30 -49.59 8.23 8.25
C ASN B 30 -48.95 7.22 9.19
N SER B 31 -48.11 6.37 8.64
CA SER B 31 -47.31 5.42 9.42
C SER B 31 -46.09 6.19 9.91
N PHE B 32 -46.15 6.66 11.14
CA PHE B 32 -45.17 7.60 11.66
C PHE B 32 -43.80 6.95 11.86
N THR B 33 -43.74 6.03 12.81
CA THR B 33 -42.56 5.18 13.05
C THR B 33 -43.11 3.79 13.37
N ARG B 34 -43.39 3.02 12.33
CA ARG B 34 -43.87 1.67 12.52
C ARG B 34 -43.14 0.76 11.53
N GLY B 35 -43.11 -0.52 11.83
CA GLY B 35 -42.54 -1.50 10.92
C GLY B 35 -41.06 -1.72 11.07
N VAL B 36 -40.63 -2.01 12.30
CA VAL B 36 -39.26 -2.40 12.60
C VAL B 36 -39.28 -3.73 13.32
N TYR B 37 -38.20 -4.49 13.20
CA TYR B 37 -38.12 -5.85 13.71
C TYR B 37 -36.67 -6.24 13.95
N TYR B 38 -36.47 -7.51 14.28
CA TYR B 38 -35.13 -8.07 14.41
C TYR B 38 -34.80 -8.91 13.18
N PRO B 39 -33.87 -8.46 12.34
CA PRO B 39 -33.56 -9.22 11.13
C PRO B 39 -32.63 -10.39 11.36
N ASP B 40 -32.16 -10.61 12.59
CA ASP B 40 -31.17 -11.64 12.86
C ASP B 40 -31.27 -12.10 14.31
N LYS B 41 -30.35 -13.00 14.68
CA LYS B 41 -30.31 -13.58 16.03
C LYS B 41 -29.05 -13.20 16.79
N VAL B 42 -28.37 -12.15 16.38
CA VAL B 42 -27.15 -11.72 17.05
C VAL B 42 -27.48 -10.78 18.20
N PHE B 43 -26.96 -11.09 19.38
CA PHE B 43 -27.22 -10.29 20.56
C PHE B 43 -26.18 -9.18 20.67
N ARG B 44 -26.65 -7.99 21.01
CA ARG B 44 -25.80 -6.84 21.28
C ARG B 44 -26.31 -6.16 22.54
N SER B 45 -25.43 -5.42 23.20
CA SER B 45 -25.85 -4.66 24.36
C SER B 45 -25.26 -3.26 24.27
N SER B 46 -26.15 -2.26 24.20
CA SER B 46 -25.79 -0.84 24.13
C SER B 46 -24.92 -0.55 22.91
N VAL B 47 -25.44 -0.90 21.73
CA VAL B 47 -24.66 -0.85 20.49
C VAL B 47 -25.45 -0.08 19.43
N LEU B 48 -24.75 0.85 18.76
CA LEU B 48 -25.28 1.50 17.58
C LEU B 48 -24.75 0.75 16.37
N HIS B 49 -25.65 0.22 15.54
CA HIS B 49 -25.24 -0.56 14.37
C HIS B 49 -26.09 -0.24 13.15
N SER B 50 -25.46 -0.07 12.00
CA SER B 50 -26.15 0.25 10.76
C SER B 50 -26.34 -1.02 9.94
N THR B 51 -27.51 -1.15 9.31
CA THR B 51 -27.88 -2.33 8.54
C THR B 51 -28.63 -1.83 7.30
N GLN B 52 -28.65 -2.61 6.23
CA GLN B 52 -29.39 -2.27 5.03
C GLN B 52 -30.31 -3.43 4.65
N ASP B 53 -31.62 -3.17 4.57
CA ASP B 53 -32.62 -4.22 4.42
C ASP B 53 -33.94 -3.55 4.00
N LEU B 54 -34.96 -4.38 3.77
CA LEU B 54 -36.31 -3.93 3.46
C LEU B 54 -37.02 -3.51 4.73
N PHE B 55 -37.53 -2.30 4.75
CA PHE B 55 -38.36 -1.80 5.83
C PHE B 55 -39.48 -0.92 5.29
N LEU B 56 -40.30 -0.44 6.21
CA LEU B 56 -41.18 0.68 5.93
C LEU B 56 -40.42 1.96 6.20
N PRO B 57 -40.21 2.82 5.21
CA PRO B 57 -39.68 4.15 5.50
C PRO B 57 -40.66 4.95 6.34
N PHE B 58 -40.10 5.78 7.22
CA PHE B 58 -40.91 6.53 8.16
C PHE B 58 -41.75 7.57 7.43
N PHE B 59 -42.92 7.85 8.01
CA PHE B 59 -43.85 8.89 7.57
C PHE B 59 -44.33 8.65 6.14
N SER B 60 -44.67 7.40 5.84
CA SER B 60 -45.33 7.06 4.60
C SER B 60 -46.83 6.90 4.85
N ASN B 61 -47.57 6.64 3.79
CA ASN B 61 -49.02 6.47 3.89
C ASN B 61 -49.40 5.01 3.80
N VAL B 62 -50.26 4.57 4.71
CA VAL B 62 -50.76 3.22 4.74
C VAL B 62 -52.25 3.26 4.45
N THR B 63 -52.76 2.17 3.89
CA THR B 63 -54.17 2.11 3.58
C THR B 63 -54.95 1.65 4.82
N TRP B 64 -56.07 2.31 5.06
CA TRP B 64 -56.85 2.13 6.28
C TRP B 64 -58.19 1.53 5.90
N PHE B 65 -58.50 0.38 6.47
CA PHE B 65 -59.76 -0.32 6.27
C PHE B 65 -60.37 -0.61 7.64
N HIS B 66 -61.68 -0.82 7.68
CA HIS B 66 -62.35 -1.11 8.94
C HIS B 66 -63.64 -1.88 8.68
N ALA B 67 -64.09 -2.58 9.71
CA ALA B 67 -65.39 -3.25 9.72
C ALA B 67 -66.21 -2.71 10.87
N ILE B 68 -67.38 -2.16 10.56
CA ILE B 68 -68.25 -1.52 11.55
C ILE B 68 -69.67 -2.06 11.40
N HIS B 69 -70.32 -2.33 12.54
CA HIS B 69 -71.72 -2.78 12.65
C HIS B 69 -72.00 -4.07 11.88
N LYS B 77 -72.16 -2.29 8.97
CA LYS B 77 -72.34 -1.66 7.68
C LYS B 77 -71.10 -1.76 6.83
N ARG B 78 -69.97 -2.13 7.44
CA ARG B 78 -68.76 -2.40 6.68
C ARG B 78 -68.30 -3.83 6.88
N PHE B 79 -68.13 -4.55 5.77
CA PHE B 79 -67.61 -5.92 5.76
C PHE B 79 -66.66 -5.98 4.55
N ASP B 80 -65.40 -5.61 4.78
CA ASP B 80 -64.46 -5.38 3.70
C ASP B 80 -63.32 -6.41 3.68
N ASN B 81 -63.42 -7.36 2.75
CA ASN B 81 -62.39 -8.38 2.55
C ASN B 81 -61.98 -8.37 1.08
N PRO B 82 -61.16 -7.42 0.66
CA PRO B 82 -60.69 -7.41 -0.72
C PRO B 82 -59.51 -8.35 -0.91
N VAL B 83 -59.03 -8.39 -2.14
CA VAL B 83 -57.83 -9.14 -2.48
C VAL B 83 -56.69 -8.17 -2.70
N LEU B 84 -55.57 -8.39 -2.02
CA LEU B 84 -54.47 -7.45 -2.06
C LEU B 84 -53.19 -8.17 -2.43
N PRO B 85 -52.28 -7.51 -3.19
CA PRO B 85 -51.04 -8.17 -3.61
C PRO B 85 -49.99 -8.27 -2.51
N PHE B 86 -49.20 -9.36 -2.54
CA PHE B 86 -48.14 -9.57 -1.55
C PHE B 86 -46.82 -9.52 -2.30
N ASN B 87 -46.11 -8.40 -2.18
CA ASN B 87 -44.76 -8.29 -2.70
C ASN B 87 -43.83 -7.77 -1.62
N ASP B 88 -42.64 -8.36 -1.55
CA ASP B 88 -41.53 -7.92 -0.69
C ASP B 88 -41.88 -7.95 0.80
N GLY B 89 -42.88 -8.74 1.18
CA GLY B 89 -43.43 -8.65 2.51
C GLY B 89 -44.29 -7.42 2.71
N VAL B 90 -45.32 -7.57 3.54
CA VAL B 90 -46.23 -6.46 3.79
C VAL B 90 -46.44 -6.32 5.29
N TYR B 91 -46.93 -5.15 5.67
CA TYR B 91 -47.11 -4.75 7.06
C TYR B 91 -48.60 -4.68 7.32
N PHE B 92 -49.06 -5.42 8.32
CA PHE B 92 -50.47 -5.53 8.66
C PHE B 92 -50.66 -5.20 10.14
N ALA B 93 -51.35 -4.11 10.43
CA ALA B 93 -51.62 -3.73 11.80
C ALA B 93 -53.12 -3.75 12.04
N SER B 94 -53.53 -4.10 13.26
CA SER B 94 -54.96 -4.18 13.56
C SER B 94 -55.23 -3.65 14.96
N THR B 95 -56.15 -2.71 15.06
CA THR B 95 -56.73 -2.30 16.32
C THR B 95 -58.14 -2.89 16.41
N GLU B 96 -58.34 -3.79 17.37
CA GLU B 96 -59.45 -4.72 17.31
C GLU B 96 -60.00 -5.00 18.70
N LYS B 97 -61.23 -5.52 18.72
CA LYS B 97 -61.89 -6.05 19.90
C LYS B 97 -62.55 -7.38 19.53
N SER B 98 -62.39 -8.36 20.41
CA SER B 98 -62.94 -9.73 20.36
C SER B 98 -62.48 -10.52 19.14
N ASN B 99 -61.32 -10.18 18.55
CA ASN B 99 -60.54 -11.03 17.65
C ASN B 99 -61.32 -11.41 16.39
N ILE B 100 -61.59 -10.39 15.57
CA ILE B 100 -62.51 -10.57 14.45
C ILE B 100 -61.78 -11.20 13.26
N ILE B 101 -60.56 -10.74 12.98
CA ILE B 101 -59.70 -11.38 12.00
C ILE B 101 -59.25 -12.74 12.51
N ARG B 102 -59.45 -13.77 11.69
CA ARG B 102 -59.08 -15.12 12.11
C ARG B 102 -58.07 -15.79 11.19
N GLY B 103 -58.14 -15.51 9.88
CA GLY B 103 -57.37 -16.28 8.92
C GLY B 103 -56.63 -15.42 7.92
N TRP B 104 -55.85 -16.10 7.08
CA TRP B 104 -55.01 -15.46 6.08
C TRP B 104 -54.88 -16.39 4.88
N ILE B 105 -54.98 -15.81 3.70
CA ILE B 105 -54.88 -16.50 2.43
C ILE B 105 -53.62 -16.02 1.74
N PHE B 106 -52.89 -16.94 1.10
CA PHE B 106 -51.75 -16.54 0.29
C PHE B 106 -51.73 -17.40 -0.96
N GLY B 107 -51.18 -16.83 -2.03
CA GLY B 107 -51.04 -17.57 -3.26
C GLY B 107 -50.62 -16.68 -4.42
N THR B 108 -50.11 -17.32 -5.47
CA THR B 108 -49.82 -16.60 -6.70
C THR B 108 -51.10 -16.24 -7.44
N THR B 109 -52.00 -17.21 -7.59
CA THR B 109 -53.17 -17.03 -8.43
C THR B 109 -54.42 -17.57 -7.73
N LEU B 110 -54.21 -18.25 -6.61
CA LEU B 110 -55.22 -18.55 -5.59
C LEU B 110 -56.31 -19.52 -6.05
N ASP B 111 -56.13 -20.19 -7.19
CA ASP B 111 -57.24 -20.97 -7.74
C ASP B 111 -56.79 -22.27 -8.40
N SER B 112 -55.95 -23.05 -7.70
CA SER B 112 -55.46 -24.38 -8.10
C SER B 112 -54.61 -24.38 -9.36
N LYS B 113 -54.20 -23.21 -9.84
CA LYS B 113 -53.25 -23.17 -10.93
C LYS B 113 -51.82 -23.12 -10.40
N THR B 114 -51.65 -22.68 -9.15
CA THR B 114 -50.36 -22.67 -8.47
C THR B 114 -50.68 -23.00 -7.00
N GLN B 115 -49.75 -23.70 -6.35
CA GLN B 115 -49.96 -24.13 -4.97
C GLN B 115 -49.97 -22.92 -4.04
N SER B 116 -50.87 -22.96 -3.05
CA SER B 116 -51.23 -21.79 -2.27
C SER B 116 -51.38 -22.14 -0.80
N LEU B 117 -51.31 -21.13 0.06
CA LEU B 117 -51.12 -21.32 1.48
C LEU B 117 -52.29 -20.75 2.28
N LEU B 118 -52.57 -21.38 3.42
CA LEU B 118 -53.66 -21.01 4.29
C LEU B 118 -53.22 -20.97 5.75
N ILE B 119 -53.69 -19.94 6.44
CA ILE B 119 -53.61 -19.80 7.90
C ILE B 119 -55.03 -19.67 8.43
N VAL B 120 -55.36 -20.44 9.47
CA VAL B 120 -56.56 -20.21 10.26
C VAL B 120 -56.19 -20.26 11.73
N ASN B 121 -56.46 -19.18 12.45
CA ASN B 121 -56.29 -19.13 13.90
C ASN B 121 -57.67 -19.46 14.46
N ASN B 122 -57.98 -20.74 14.52
CA ASN B 122 -59.31 -21.22 14.82
C ASN B 122 -59.63 -20.99 16.30
N ALA B 123 -60.92 -21.06 16.63
CA ALA B 123 -61.34 -20.98 18.02
C ALA B 123 -60.82 -22.12 18.86
N THR B 124 -60.62 -23.29 18.26
CA THR B 124 -60.01 -24.42 18.94
C THR B 124 -58.53 -24.57 18.62
N ASN B 125 -58.20 -24.83 17.36
CA ASN B 125 -56.85 -25.11 16.92
C ASN B 125 -56.22 -23.87 16.31
N VAL B 126 -55.03 -24.07 15.77
CA VAL B 126 -54.50 -23.25 14.69
C VAL B 126 -54.16 -24.20 13.54
N VAL B 127 -54.64 -23.87 12.35
CA VAL B 127 -54.59 -24.76 11.19
C VAL B 127 -53.70 -24.11 10.15
N ILE B 128 -52.63 -24.81 9.78
CA ILE B 128 -51.55 -24.23 8.99
C ILE B 128 -51.27 -25.16 7.83
N LYS B 129 -51.38 -24.66 6.59
CA LYS B 129 -51.16 -25.60 5.50
C LYS B 129 -50.77 -24.89 4.22
N VAL B 130 -50.14 -25.65 3.32
CA VAL B 130 -50.00 -25.28 1.93
C VAL B 130 -50.49 -26.46 1.07
N CYS B 131 -51.44 -26.17 0.19
CA CYS B 131 -52.08 -27.19 -0.64
C CYS B 131 -52.52 -26.55 -1.94
N GLU B 132 -53.37 -27.25 -2.68
CA GLU B 132 -53.87 -26.77 -3.97
C GLU B 132 -55.38 -26.62 -3.85
N PHE B 133 -55.85 -25.39 -3.64
CA PHE B 133 -57.27 -25.15 -3.43
C PHE B 133 -57.92 -24.35 -4.54
N GLN B 134 -59.24 -24.23 -4.46
CA GLN B 134 -60.04 -23.28 -5.22
C GLN B 134 -60.87 -22.52 -4.20
N PHE B 135 -60.32 -21.43 -3.67
CA PHE B 135 -61.04 -20.56 -2.75
C PHE B 135 -62.16 -19.80 -3.44
N CYS B 136 -63.16 -19.44 -2.66
CA CYS B 136 -64.32 -18.74 -3.18
C CYS B 136 -64.00 -17.27 -3.45
N ASN B 137 -65.02 -16.56 -3.94
CA ASN B 137 -64.91 -15.13 -4.15
C ASN B 137 -64.84 -14.39 -2.82
N ASP B 138 -65.69 -14.76 -1.87
CA ASP B 138 -65.71 -14.16 -0.53
C ASP B 138 -65.69 -15.24 0.53
N PRO B 139 -64.52 -15.81 0.83
CA PRO B 139 -64.43 -16.74 1.96
C PRO B 139 -64.57 -16.01 3.28
N PHE B 140 -65.32 -16.62 4.20
CA PHE B 140 -65.51 -16.04 5.52
C PHE B 140 -65.95 -17.14 6.48
N LEU B 141 -65.92 -16.79 7.76
CA LEU B 141 -66.44 -17.63 8.83
C LEU B 141 -67.56 -16.89 9.55
N GLY B 142 -68.56 -17.64 9.97
CA GLY B 142 -69.72 -17.04 10.60
C GLY B 142 -70.05 -17.64 11.95
N VAL B 143 -69.94 -16.81 12.99
CA VAL B 143 -70.27 -17.19 14.35
C VAL B 143 -71.65 -16.62 14.68
N TYR B 144 -72.50 -17.44 15.28
CA TYR B 144 -73.86 -17.01 15.52
C TYR B 144 -73.94 -16.10 16.74
N TYR B 145 -74.91 -15.20 16.70
CA TYR B 145 -75.01 -14.12 17.67
C TYR B 145 -76.13 -14.44 18.66
N HIS B 146 -75.73 -14.89 19.86
CA HIS B 146 -76.60 -15.03 21.03
C HIS B 146 -77.74 -16.00 20.76
N LYS B 147 -77.38 -17.22 20.34
CA LYS B 147 -78.39 -18.20 19.91
C LYS B 147 -78.93 -18.95 21.13
N ASN B 148 -79.66 -18.19 21.96
CA ASN B 148 -80.53 -18.62 23.04
C ASN B 148 -79.80 -19.27 24.22
N ASN B 149 -78.47 -19.36 24.19
CA ASN B 149 -77.70 -19.88 25.31
C ASN B 149 -76.62 -18.93 25.77
N LYS B 150 -76.65 -17.67 25.31
CA LYS B 150 -75.75 -16.58 25.68
C LYS B 150 -74.31 -16.83 25.28
N SER B 151 -74.06 -17.80 24.40
CA SER B 151 -72.72 -18.15 23.94
C SER B 151 -72.70 -18.11 22.43
N TRP B 152 -71.79 -17.33 21.87
CA TRP B 152 -71.62 -17.27 20.43
C TRP B 152 -70.97 -18.55 19.93
N MET B 153 -71.73 -19.41 19.25
CA MET B 153 -71.15 -20.61 18.67
C MET B 153 -70.82 -20.37 17.20
N GLU B 154 -69.64 -20.82 16.81
CA GLU B 154 -69.20 -20.70 15.42
C GLU B 154 -69.82 -21.84 14.61
N SER B 155 -70.38 -21.51 13.44
CA SER B 155 -71.04 -22.50 12.63
C SER B 155 -70.68 -22.47 11.16
N GLU B 156 -70.20 -21.35 10.62
CA GLU B 156 -70.02 -21.20 9.18
C GLU B 156 -68.52 -21.16 8.87
N PHE B 157 -68.09 -22.03 7.97
CA PHE B 157 -66.67 -22.14 7.58
C PHE B 157 -66.67 -22.22 6.05
N ARG B 158 -66.63 -21.07 5.36
CA ARG B 158 -66.83 -20.99 3.92
C ARG B 158 -65.57 -20.45 3.28
N VAL B 159 -64.63 -21.33 3.00
CA VAL B 159 -63.30 -20.95 2.54
C VAL B 159 -63.05 -21.41 1.11
N TYR B 160 -63.05 -22.71 0.88
CA TYR B 160 -62.62 -23.29 -0.38
C TYR B 160 -63.81 -24.01 -1.02
N SER B 161 -63.58 -24.46 -2.25
CA SER B 161 -64.49 -25.41 -2.86
C SER B 161 -63.90 -26.81 -2.93
N SER B 162 -62.58 -26.95 -2.83
CA SER B 162 -61.93 -28.25 -2.92
C SER B 162 -60.57 -28.18 -2.24
N ALA B 163 -59.93 -29.34 -2.15
CA ALA B 163 -58.54 -29.45 -1.71
C ALA B 163 -57.92 -30.59 -2.52
N ASN B 164 -57.29 -30.23 -3.63
CA ASN B 164 -56.90 -31.23 -4.62
C ASN B 164 -55.61 -31.94 -4.23
N ASN B 165 -54.51 -31.20 -4.14
CA ASN B 165 -53.21 -31.77 -3.83
C ASN B 165 -52.60 -31.00 -2.66
N CYS B 166 -51.89 -31.72 -1.80
CA CYS B 166 -51.29 -31.14 -0.60
C CYS B 166 -49.83 -31.54 -0.49
N THR B 167 -49.04 -30.64 0.09
CA THR B 167 -47.64 -30.93 0.37
C THR B 167 -47.27 -30.72 1.84
N PHE B 168 -47.86 -29.74 2.51
CA PHE B 168 -47.58 -29.56 3.92
C PHE B 168 -48.83 -29.09 4.62
N GLU B 169 -49.13 -29.72 5.75
CA GLU B 169 -50.21 -29.31 6.63
C GLU B 169 -49.67 -29.36 8.05
N TYR B 170 -50.25 -28.53 8.91
CA TYR B 170 -49.84 -28.57 10.31
C TYR B 170 -50.98 -28.04 11.16
N VAL B 171 -51.24 -28.74 12.25
CA VAL B 171 -52.22 -28.29 13.24
C VAL B 171 -51.60 -28.49 14.62
N SER B 172 -51.72 -27.48 15.46
CA SER B 172 -51.06 -27.46 16.75
C SER B 172 -51.98 -27.97 17.85
N GLN B 173 -51.59 -27.69 19.09
CA GLN B 173 -52.44 -27.94 20.24
C GLN B 173 -53.74 -27.14 20.15
N PRO B 174 -54.88 -27.79 20.35
CA PRO B 174 -56.13 -27.03 20.51
C PRO B 174 -56.10 -26.19 21.77
N PHE B 175 -56.79 -25.05 21.70
CA PHE B 175 -56.84 -24.11 22.82
C PHE B 175 -58.23 -23.48 22.85
N LEU B 176 -58.39 -22.51 23.74
CA LEU B 176 -59.66 -21.81 23.89
C LEU B 176 -59.43 -20.32 23.73
N MET B 177 -60.25 -19.68 22.90
CA MET B 177 -60.25 -18.23 22.76
C MET B 177 -61.68 -17.76 22.60
N ASP B 178 -61.96 -16.54 23.07
CA ASP B 178 -63.33 -16.03 23.12
C ASP B 178 -63.83 -15.70 21.71
N LEU B 179 -65.15 -15.82 21.55
CA LEU B 179 -65.86 -15.42 20.34
C LEU B 179 -66.87 -14.31 20.63
N GLU B 180 -66.72 -13.64 21.76
CA GLU B 180 -67.67 -12.62 22.18
C GLU B 180 -66.92 -11.50 22.88
N GLY B 181 -67.45 -10.28 22.75
CA GLY B 181 -66.90 -9.13 23.45
C GLY B 181 -67.22 -7.84 22.74
N LYS B 182 -67.66 -6.83 23.48
CA LYS B 182 -68.13 -5.58 22.91
C LYS B 182 -67.55 -4.42 23.71
N GLN B 183 -66.55 -3.75 23.14
CA GLN B 183 -65.94 -2.58 23.76
C GLN B 183 -65.85 -1.45 22.76
N GLY B 184 -66.11 -0.23 23.24
CA GLY B 184 -66.01 0.94 22.38
C GLY B 184 -64.59 1.31 22.02
N ASN B 185 -63.63 0.99 22.87
CA ASN B 185 -62.22 1.15 22.55
C ASN B 185 -61.60 -0.19 22.28
N PHE B 186 -60.97 -0.31 21.12
CA PHE B 186 -60.32 -1.54 20.74
C PHE B 186 -59.10 -1.77 21.62
N LYS B 187 -58.99 -2.97 22.15
CA LYS B 187 -57.94 -3.28 23.11
C LYS B 187 -56.74 -3.92 22.47
N ASN B 188 -56.95 -4.70 21.41
CA ASN B 188 -55.88 -5.48 20.80
C ASN B 188 -55.23 -4.70 19.66
N LEU B 189 -53.97 -4.31 19.84
CA LEU B 189 -53.15 -3.78 18.78
C LEU B 189 -52.23 -4.90 18.36
N ARG B 190 -52.63 -5.65 17.34
CA ARG B 190 -51.84 -6.74 16.82
C ARG B 190 -51.10 -6.26 15.58
N GLU B 191 -49.79 -6.14 15.69
CA GLU B 191 -48.91 -5.82 14.58
C GLU B 191 -48.34 -7.12 14.03
N PHE B 192 -48.32 -7.24 12.72
CA PHE B 192 -47.67 -8.33 12.04
C PHE B 192 -46.97 -7.79 10.80
N VAL B 193 -45.88 -8.43 10.44
CA VAL B 193 -45.24 -8.18 9.16
C VAL B 193 -44.80 -9.52 8.59
N PHE B 194 -45.04 -9.70 7.29
CA PHE B 194 -44.77 -10.95 6.63
C PHE B 194 -43.77 -10.74 5.51
N LYS B 195 -42.76 -11.61 5.46
CA LYS B 195 -41.78 -11.61 4.39
C LYS B 195 -41.66 -13.03 3.85
N ASN B 196 -41.28 -13.14 2.58
CA ASN B 196 -40.93 -14.43 2.00
C ASN B 196 -39.67 -14.22 1.16
N ILE B 197 -38.57 -14.80 1.59
CA ILE B 197 -37.33 -14.80 0.83
C ILE B 197 -36.87 -16.24 0.66
N ASP B 198 -36.58 -16.61 -0.60
CA ASP B 198 -36.10 -17.93 -1.05
C ASP B 198 -36.87 -19.11 -0.46
N GLY B 199 -38.18 -18.94 -0.34
CA GLY B 199 -39.04 -19.98 0.15
C GLY B 199 -39.17 -20.06 1.64
N TYR B 200 -38.51 -19.17 2.36
CA TYR B 200 -38.60 -19.06 3.81
C TYR B 200 -39.51 -17.89 4.13
N PHE B 201 -40.57 -18.17 4.86
CA PHE B 201 -41.58 -17.20 5.23
C PHE B 201 -41.35 -16.77 6.67
N LYS B 202 -41.20 -15.48 6.88
CA LYS B 202 -40.93 -14.91 8.19
C LYS B 202 -42.10 -14.04 8.62
N ILE B 203 -42.68 -14.40 9.75
CA ILE B 203 -43.78 -13.68 10.36
C ILE B 203 -43.25 -13.09 11.65
N TYR B 204 -43.26 -11.77 11.73
CA TYR B 204 -42.93 -11.06 12.95
C TYR B 204 -44.20 -10.44 13.50
N SER B 205 -44.33 -10.49 14.82
CA SER B 205 -45.60 -10.19 15.46
C SER B 205 -45.39 -9.34 16.69
N LYS B 206 -46.48 -8.76 17.15
CA LYS B 206 -46.54 -7.99 18.38
C LYS B 206 -47.99 -7.87 18.78
N HIS B 207 -48.28 -8.08 20.05
CA HIS B 207 -49.58 -7.74 20.60
C HIS B 207 -49.38 -6.63 21.62
N THR B 208 -50.31 -5.68 21.62
CA THR B 208 -50.22 -4.55 22.50
C THR B 208 -51.59 -4.27 23.09
N PRO B 209 -51.68 -4.11 24.39
CA PRO B 209 -52.91 -3.55 24.96
C PRO B 209 -53.01 -2.07 24.62
N ILE B 210 -53.99 -1.71 23.79
CA ILE B 210 -54.10 -0.36 23.28
C ILE B 210 -55.43 0.23 23.73
N ASN B 211 -55.43 1.54 23.96
CA ASN B 211 -56.65 2.27 24.30
C ASN B 211 -56.72 3.45 23.33
N LEU B 212 -57.27 3.20 22.15
CA LEU B 212 -57.38 4.19 21.09
C LEU B 212 -58.66 3.95 20.33
N VAL B 213 -59.21 5.03 19.76
CA VAL B 213 -60.51 4.96 19.10
C VAL B 213 -60.43 4.42 17.67
N ARG B 214 -59.88 5.18 16.72
CA ARG B 214 -59.98 4.82 15.32
C ARG B 214 -58.69 5.15 14.58
N ASP B 215 -57.57 5.11 15.29
CA ASP B 215 -56.32 5.58 14.72
C ASP B 215 -55.22 4.57 14.99
N LEU B 216 -54.11 4.71 14.25
CA LEU B 216 -52.94 3.95 14.67
C LEU B 216 -52.05 4.85 15.52
N PRO B 217 -51.45 4.31 16.58
CA PRO B 217 -50.81 5.19 17.58
C PRO B 217 -49.44 5.71 17.18
N GLN B 218 -48.83 6.41 18.13
CA GLN B 218 -47.45 6.86 18.03
C GLN B 218 -46.60 6.03 18.98
N GLY B 219 -45.44 5.61 18.52
CA GLY B 219 -44.51 4.92 19.39
C GLY B 219 -43.52 4.11 18.60
N PHE B 220 -42.54 3.57 19.32
CA PHE B 220 -41.51 2.73 18.74
C PHE B 220 -41.52 1.36 19.41
N SER B 221 -41.53 0.31 18.60
CA SER B 221 -41.39 -1.06 19.07
C SER B 221 -40.99 -1.98 17.93
N ALA B 222 -39.94 -2.77 18.14
CA ALA B 222 -39.57 -3.79 17.17
C ALA B 222 -40.51 -4.99 17.27
N LEU B 223 -40.38 -5.90 16.31
CA LEU B 223 -41.19 -7.11 16.27
C LEU B 223 -40.28 -8.32 16.37
N GLU B 224 -40.55 -9.21 17.32
CA GLU B 224 -39.82 -10.44 17.44
C GLU B 224 -40.17 -11.37 16.30
N PRO B 225 -39.25 -12.24 15.89
CA PRO B 225 -39.60 -13.26 14.90
C PRO B 225 -40.44 -14.36 15.51
N LEU B 226 -41.59 -14.61 14.90
CA LEU B 226 -42.52 -15.62 15.37
C LEU B 226 -42.48 -16.89 14.53
N VAL B 227 -42.62 -16.77 13.22
CA VAL B 227 -42.71 -17.94 12.37
C VAL B 227 -41.68 -17.85 11.26
N ASP B 228 -40.85 -18.88 11.15
CA ASP B 228 -39.99 -19.03 9.99
C ASP B 228 -40.26 -20.40 9.40
N LEU B 229 -40.65 -20.42 8.12
CA LEU B 229 -41.06 -21.70 7.57
C LEU B 229 -40.54 -21.86 6.14
N PRO B 230 -39.81 -22.94 5.85
CA PRO B 230 -39.27 -23.23 4.51
C PRO B 230 -40.20 -23.96 3.53
N ILE B 231 -41.08 -23.20 2.87
CA ILE B 231 -41.99 -23.81 1.91
C ILE B 231 -41.34 -23.95 0.54
N GLY B 232 -41.00 -22.84 -0.10
CA GLY B 232 -40.40 -22.90 -1.41
C GLY B 232 -41.32 -22.64 -2.59
N ILE B 233 -42.30 -21.75 -2.45
CA ILE B 233 -43.26 -21.49 -3.51
C ILE B 233 -43.27 -20.00 -3.84
N ASN B 234 -44.13 -19.63 -4.77
CA ASN B 234 -44.27 -18.24 -5.20
C ASN B 234 -45.61 -17.68 -4.73
N ILE B 235 -45.61 -16.48 -4.16
CA ILE B 235 -46.82 -15.81 -3.69
C ILE B 235 -46.92 -14.46 -4.38
N THR B 236 -48.12 -14.13 -4.87
CA THR B 236 -48.37 -12.82 -5.44
C THR B 236 -49.38 -12.00 -4.66
N ARG B 237 -50.47 -12.58 -4.18
CA ARG B 237 -51.57 -11.83 -3.61
C ARG B 237 -52.00 -12.48 -2.31
N PHE B 238 -52.78 -11.76 -1.52
CA PHE B 238 -53.24 -12.33 -0.25
C PHE B 238 -54.66 -11.83 0.02
N GLN B 239 -55.22 -12.30 1.13
CA GLN B 239 -56.50 -11.89 1.67
C GLN B 239 -56.60 -12.44 3.09
N THR B 240 -57.23 -11.68 3.98
CA THR B 240 -57.49 -12.14 5.34
C THR B 240 -58.91 -12.67 5.49
N LEU B 241 -59.22 -13.16 6.69
CA LEU B 241 -60.54 -13.70 6.98
C LEU B 241 -61.17 -12.96 8.15
N LEU B 242 -62.45 -12.63 7.98
CA LEU B 242 -63.22 -11.85 8.93
C LEU B 242 -64.42 -12.67 9.41
N ALA B 243 -64.87 -12.39 10.63
CA ALA B 243 -65.96 -13.13 11.26
C ALA B 243 -67.28 -12.38 11.09
N LEU B 244 -68.38 -13.13 11.07
CA LEU B 244 -69.70 -12.53 10.92
C LEU B 244 -70.23 -12.09 12.28
N SER B 254 -79.15 -14.44 7.94
CA SER B 254 -78.19 -15.54 7.98
C SER B 254 -77.17 -15.40 6.85
N SER B 255 -77.38 -16.13 5.76
CA SER B 255 -76.54 -15.98 4.57
C SER B 255 -76.75 -14.66 3.86
N SER B 256 -77.86 -13.97 4.13
CA SER B 256 -78.05 -12.57 3.77
C SER B 256 -78.44 -11.83 5.04
N GLY B 257 -77.77 -10.70 5.29
CA GLY B 257 -77.96 -10.02 6.55
C GLY B 257 -77.02 -10.55 7.60
N TRP B 258 -76.40 -9.66 8.38
CA TRP B 258 -75.28 -10.04 9.23
C TRP B 258 -75.02 -8.98 10.28
N THR B 259 -74.07 -9.24 11.17
CA THR B 259 -73.59 -8.23 12.11
C THR B 259 -72.14 -8.56 12.44
N ALA B 260 -71.23 -7.70 11.98
CA ALA B 260 -69.80 -7.89 12.18
C ALA B 260 -69.30 -6.97 13.28
N GLY B 261 -68.39 -7.47 14.11
CA GLY B 261 -67.86 -6.67 15.19
C GLY B 261 -66.98 -5.54 14.68
N ALA B 262 -66.86 -4.49 15.50
CA ALA B 262 -66.07 -3.33 15.11
C ALA B 262 -64.58 -3.65 15.21
N ALA B 263 -63.85 -3.31 14.15
CA ALA B 263 -62.41 -3.54 14.08
C ALA B 263 -61.85 -2.62 13.00
N ALA B 264 -60.53 -2.40 13.06
CA ALA B 264 -59.87 -1.60 12.04
C ALA B 264 -58.48 -2.14 11.79
N TYR B 265 -58.00 -2.00 10.56
CA TYR B 265 -56.67 -2.48 10.21
C TYR B 265 -56.05 -1.59 9.14
N TYR B 266 -54.73 -1.72 9.00
CA TYR B 266 -53.92 -0.90 8.13
C TYR B 266 -52.90 -1.76 7.41
N VAL B 267 -52.62 -1.37 6.17
CA VAL B 267 -51.81 -2.14 5.23
C VAL B 267 -50.70 -1.26 4.69
N GLY B 268 -49.46 -1.75 4.75
CA GLY B 268 -48.32 -1.00 4.25
C GLY B 268 -47.34 -1.89 3.53
N TYR B 269 -46.43 -1.24 2.79
CA TYR B 269 -45.46 -1.91 1.94
C TYR B 269 -44.05 -1.66 2.44
N LEU B 270 -43.10 -2.44 1.92
CA LEU B 270 -41.70 -2.36 2.30
C LEU B 270 -40.82 -2.05 1.11
N GLN B 271 -39.69 -1.39 1.38
CA GLN B 271 -38.74 -0.89 0.40
C GLN B 271 -37.34 -1.16 0.91
N PRO B 272 -36.36 -1.29 0.02
CA PRO B 272 -34.96 -1.38 0.46
C PRO B 272 -34.45 -0.03 0.94
N ARG B 273 -33.97 -0.01 2.19
CA ARG B 273 -33.44 1.20 2.81
C ARG B 273 -32.25 0.81 3.67
N THR B 274 -31.71 1.79 4.37
CA THR B 274 -30.59 1.61 5.29
C THR B 274 -30.98 2.28 6.61
N PHE B 275 -30.70 1.61 7.71
CA PHE B 275 -31.14 2.08 9.01
C PHE B 275 -30.01 1.96 10.03
N LEU B 276 -30.22 2.61 11.16
CA LEU B 276 -29.33 2.51 12.31
C LEU B 276 -30.15 2.01 13.48
N LEU B 277 -29.57 1.13 14.30
CA LEU B 277 -30.27 0.49 15.41
C LEU B 277 -29.53 0.78 16.70
N LYS B 278 -30.30 1.08 17.75
CA LYS B 278 -29.79 1.35 19.08
C LYS B 278 -30.19 0.20 19.98
N TYR B 279 -29.20 -0.52 20.49
CA TYR B 279 -29.42 -1.59 21.45
C TYR B 279 -29.06 -1.06 22.84
N ASN B 280 -29.90 -1.37 23.82
CA ASN B 280 -29.71 -0.87 25.17
C ASN B 280 -28.79 -1.81 25.95
N GLU B 281 -28.67 -1.56 27.26
CA GLU B 281 -27.93 -2.47 28.13
C GLU B 281 -28.60 -3.83 28.22
N ASN B 282 -29.93 -3.87 28.22
CA ASN B 282 -30.67 -5.11 28.33
C ASN B 282 -30.76 -5.85 27.00
N GLY B 283 -30.22 -5.28 25.93
CA GLY B 283 -30.14 -5.98 24.67
C GLY B 283 -31.28 -5.79 23.72
N THR B 284 -32.09 -4.77 23.91
CA THR B 284 -33.30 -4.56 23.12
C THR B 284 -33.11 -3.39 22.18
N ILE B 285 -33.71 -3.48 20.98
CA ILE B 285 -33.81 -2.34 20.10
C ILE B 285 -34.69 -1.29 20.74
N THR B 286 -34.12 -0.12 21.01
CA THR B 286 -34.88 0.98 21.58
C THR B 286 -35.17 2.08 20.58
N ASP B 287 -34.35 2.23 19.56
CA ASP B 287 -34.56 3.27 18.57
C ASP B 287 -33.91 2.86 17.26
N ALA B 288 -34.43 3.43 16.18
CA ALA B 288 -33.86 3.24 14.87
C ALA B 288 -33.88 4.56 14.14
N VAL B 289 -32.99 4.68 13.17
CA VAL B 289 -32.81 5.91 12.41
C VAL B 289 -32.84 5.58 10.93
N ASP B 290 -33.71 6.24 10.19
CA ASP B 290 -33.82 6.08 8.75
C ASP B 290 -32.73 6.91 8.09
N CYS B 291 -32.07 6.35 7.08
CA CYS B 291 -30.95 7.02 6.44
C CYS B 291 -31.31 7.64 5.11
N ALA B 292 -32.58 7.95 4.85
CA ALA B 292 -32.92 8.61 3.60
C ALA B 292 -33.99 9.68 3.73
N LEU B 293 -34.51 9.93 4.94
CA LEU B 293 -35.57 10.92 5.08
C LEU B 293 -34.99 12.32 5.18
N ASP B 294 -34.09 12.53 6.14
CA ASP B 294 -33.64 13.85 6.53
C ASP B 294 -32.15 13.91 6.34
N PRO B 295 -31.63 14.99 5.77
CA PRO B 295 -30.18 15.21 5.83
C PRO B 295 -29.63 15.29 7.24
N LEU B 296 -30.44 15.72 8.22
CA LEU B 296 -30.05 15.53 9.61
C LEU B 296 -29.97 14.05 9.94
N SER B 297 -30.96 13.27 9.49
CA SER B 297 -30.92 11.83 9.72
C SER B 297 -29.83 11.18 8.87
N GLU B 298 -29.57 11.73 7.69
CA GLU B 298 -28.49 11.22 6.86
C GLU B 298 -27.15 11.48 7.52
N THR B 299 -27.03 12.63 8.19
CA THR B 299 -25.85 12.98 8.96
C THR B 299 -25.67 12.02 10.12
N LYS B 300 -26.78 11.73 10.80
CA LYS B 300 -26.81 10.75 11.89
C LYS B 300 -26.34 9.40 11.39
N CYS B 301 -26.73 9.04 10.17
CA CYS B 301 -26.34 7.77 9.59
C CYS B 301 -24.85 7.74 9.27
N THR B 302 -24.35 8.79 8.62
CA THR B 302 -22.96 8.73 8.16
C THR B 302 -21.98 8.96 9.30
N LEU B 303 -22.43 9.51 10.42
CA LEU B 303 -21.52 9.61 11.56
C LEU B 303 -21.82 8.61 12.67
N LYS B 304 -22.90 7.84 12.55
CA LYS B 304 -23.29 6.79 13.50
C LYS B 304 -23.45 7.33 14.92
N SER B 305 -24.28 8.36 15.03
CA SER B 305 -24.66 8.86 16.34
C SER B 305 -26.08 9.38 16.24
N PHE B 306 -26.76 9.39 17.37
CA PHE B 306 -28.10 9.92 17.41
C PHE B 306 -28.12 11.42 17.58
N THR B 307 -26.97 12.03 17.84
CA THR B 307 -26.82 13.47 17.95
C THR B 307 -25.59 13.89 17.17
N VAL B 308 -25.64 15.10 16.63
CA VAL B 308 -24.50 15.73 15.96
C VAL B 308 -24.26 17.08 16.60
N GLU B 309 -23.01 17.51 16.62
CA GLU B 309 -22.70 18.77 17.28
C GLU B 309 -22.63 19.91 16.28
N LYS B 310 -22.38 21.10 16.82
CA LYS B 310 -22.44 22.35 16.06
C LYS B 310 -21.33 22.41 15.02
N GLY B 311 -21.72 22.69 13.77
CA GLY B 311 -20.72 22.80 12.72
C GLY B 311 -21.29 22.38 11.37
N ILE B 312 -20.43 21.78 10.57
CA ILE B 312 -20.74 21.38 9.19
C ILE B 312 -20.23 19.96 9.00
N TYR B 313 -20.98 19.16 8.24
CA TYR B 313 -20.51 17.84 7.83
C TYR B 313 -20.82 17.67 6.36
N GLN B 314 -20.16 16.72 5.73
CA GLN B 314 -20.33 16.49 4.32
C GLN B 314 -20.87 15.09 4.06
N THR B 315 -21.90 14.99 3.22
CA THR B 315 -22.49 13.70 2.97
C THR B 315 -22.23 13.30 1.53
N SER B 316 -22.91 12.26 1.06
CA SER B 316 -22.75 11.81 -0.32
C SER B 316 -23.22 12.87 -1.30
N ASN B 317 -22.70 12.79 -2.51
CA ASN B 317 -23.04 13.76 -3.54
C ASN B 317 -24.46 13.56 -4.04
N PHE B 318 -24.88 14.44 -4.91
CA PHE B 318 -26.15 14.29 -5.61
C PHE B 318 -25.84 14.34 -7.09
N ARG B 319 -26.80 13.92 -7.89
CA ARG B 319 -26.57 13.83 -9.32
C ARG B 319 -27.88 13.88 -10.07
N VAL B 320 -27.91 14.61 -11.18
CA VAL B 320 -29.10 14.63 -12.01
C VAL B 320 -29.24 13.29 -12.70
N GLN B 321 -30.44 12.74 -12.66
CA GLN B 321 -30.73 11.44 -13.22
C GLN B 321 -31.22 11.56 -14.65
N PRO B 322 -31.00 10.56 -15.50
CA PRO B 322 -31.37 10.70 -16.91
C PRO B 322 -32.86 10.65 -17.14
N THR B 323 -33.25 10.99 -18.37
CA THR B 323 -34.66 11.09 -18.74
C THR B 323 -35.12 9.96 -19.64
N GLU B 324 -34.48 9.77 -20.79
CA GLU B 324 -34.98 8.86 -21.81
C GLU B 324 -33.79 8.24 -22.52
N SER B 325 -34.07 7.21 -23.31
CA SER B 325 -33.04 6.47 -24.03
C SER B 325 -33.01 6.88 -25.49
N ILE B 326 -31.81 6.94 -26.04
CA ILE B 326 -31.60 7.26 -27.44
C ILE B 326 -30.80 6.15 -28.09
N VAL B 327 -31.31 5.63 -29.19
CA VAL B 327 -30.57 4.68 -30.01
C VAL B 327 -30.49 5.27 -31.41
N ARG B 328 -29.28 5.33 -31.96
CA ARG B 328 -29.05 5.87 -33.30
C ARG B 328 -28.15 4.90 -34.05
N PHE B 329 -28.71 4.19 -35.01
CA PHE B 329 -27.99 3.28 -35.89
C PHE B 329 -28.06 3.75 -37.32
N PRO B 330 -27.16 3.27 -38.19
CA PRO B 330 -27.33 3.51 -39.63
C PRO B 330 -28.61 2.86 -40.15
N ASN B 331 -29.19 3.45 -41.19
CA ASN B 331 -30.52 3.10 -41.65
C ASN B 331 -30.50 2.06 -42.76
N ILE B 332 -29.59 1.10 -42.69
CA ILE B 332 -29.53 0.05 -43.69
C ILE B 332 -30.73 -0.87 -43.56
N THR B 333 -31.03 -1.57 -44.64
CA THR B 333 -32.24 -2.37 -44.75
C THR B 333 -31.98 -3.83 -45.09
N ASN B 334 -31.02 -4.12 -45.97
CA ASN B 334 -30.86 -5.46 -46.49
C ASN B 334 -30.27 -6.41 -45.46
N LEU B 335 -30.56 -7.69 -45.61
CA LEU B 335 -29.95 -8.71 -44.79
C LEU B 335 -28.83 -9.41 -45.55
N CYS B 336 -28.18 -10.34 -44.88
CA CYS B 336 -26.96 -10.95 -45.38
C CYS B 336 -27.01 -12.46 -45.38
N PRO B 337 -26.52 -13.10 -46.45
CA PRO B 337 -26.86 -14.49 -46.71
C PRO B 337 -26.11 -15.49 -45.85
N PHE B 338 -26.65 -15.73 -44.66
CA PHE B 338 -26.14 -16.80 -43.82
C PHE B 338 -26.44 -18.18 -44.39
N GLY B 339 -27.42 -18.27 -45.31
CA GLY B 339 -27.78 -19.56 -45.88
C GLY B 339 -26.69 -20.14 -46.76
N GLU B 340 -26.07 -19.31 -47.60
CA GLU B 340 -24.95 -19.82 -48.38
C GLU B 340 -23.72 -20.06 -47.52
N VAL B 341 -23.64 -19.42 -46.37
CA VAL B 341 -22.58 -19.71 -45.40
C VAL B 341 -22.83 -21.03 -44.70
N PHE B 342 -24.05 -21.27 -44.24
CA PHE B 342 -24.33 -22.40 -43.36
C PHE B 342 -25.00 -23.57 -44.06
N ASN B 343 -25.95 -23.32 -44.96
CA ASN B 343 -26.64 -24.38 -45.66
C ASN B 343 -25.98 -24.68 -47.00
N ALA B 344 -24.67 -24.49 -47.08
CA ALA B 344 -23.93 -24.68 -48.31
C ALA B 344 -23.91 -26.14 -48.71
N THR B 345 -23.88 -26.36 -50.03
CA THR B 345 -23.85 -27.71 -50.57
C THR B 345 -22.53 -28.39 -50.25
N ARG B 346 -21.43 -27.65 -50.30
CA ARG B 346 -20.11 -28.24 -50.25
C ARG B 346 -19.15 -27.27 -49.58
N PHE B 347 -18.32 -27.78 -48.67
CA PHE B 347 -17.23 -26.96 -48.16
C PHE B 347 -15.92 -27.25 -48.90
N ALA B 348 -14.88 -26.57 -48.47
CA ALA B 348 -13.52 -26.84 -48.88
C ALA B 348 -12.79 -27.56 -47.74
N SER B 349 -11.50 -27.78 -47.94
CA SER B 349 -10.70 -28.52 -46.98
C SER B 349 -10.18 -27.61 -45.88
N VAL B 350 -9.60 -28.23 -44.85
CA VAL B 350 -9.06 -27.46 -43.74
C VAL B 350 -7.81 -26.71 -44.17
N TYR B 351 -7.00 -27.31 -45.03
CA TYR B 351 -5.82 -26.59 -45.51
C TYR B 351 -6.15 -25.61 -46.63
N ALA B 352 -7.39 -25.60 -47.09
CA ALA B 352 -7.87 -24.60 -48.03
C ALA B 352 -9.14 -23.98 -47.49
N TRP B 353 -9.08 -23.51 -46.24
CA TRP B 353 -10.26 -23.06 -45.51
C TRP B 353 -10.89 -21.84 -46.16
N ASN B 354 -12.22 -21.88 -46.29
CA ASN B 354 -12.94 -20.86 -47.03
C ASN B 354 -13.20 -19.63 -46.16
N ARG B 355 -12.78 -18.48 -46.66
CA ARG B 355 -12.99 -17.20 -46.00
C ARG B 355 -13.97 -16.39 -46.82
N LYS B 356 -14.96 -15.80 -46.16
CA LYS B 356 -15.86 -14.87 -46.81
C LYS B 356 -16.01 -13.63 -45.96
N ARG B 357 -15.88 -12.47 -46.59
CA ARG B 357 -16.12 -11.19 -45.95
C ARG B 357 -17.59 -10.84 -46.08
N ILE B 358 -18.27 -10.79 -44.95
CA ILE B 358 -19.67 -10.39 -44.87
C ILE B 358 -19.70 -8.93 -44.48
N SER B 359 -20.41 -8.13 -45.27
CA SER B 359 -20.57 -6.71 -45.02
C SER B 359 -21.97 -6.30 -45.42
N ASN B 360 -22.40 -5.16 -44.87
CA ASN B 360 -23.61 -4.43 -45.27
C ASN B 360 -24.86 -5.30 -45.09
N CYS B 361 -25.14 -5.61 -43.83
CA CYS B 361 -26.42 -6.23 -43.53
C CYS B 361 -26.81 -5.87 -42.11
N VAL B 362 -28.02 -6.27 -41.73
CA VAL B 362 -28.45 -6.29 -40.35
C VAL B 362 -28.46 -7.76 -39.95
N ALA B 363 -27.37 -8.20 -39.32
CA ALA B 363 -27.29 -9.57 -38.89
C ALA B 363 -28.09 -9.76 -37.62
N ASP B 364 -28.81 -10.87 -37.55
CA ASP B 364 -29.77 -11.13 -36.49
C ASP B 364 -29.40 -12.47 -35.86
N TYR B 365 -28.57 -12.41 -34.83
CA TYR B 365 -27.79 -13.57 -34.42
C TYR B 365 -28.57 -14.55 -33.56
N SER B 366 -29.76 -14.18 -33.08
CA SER B 366 -30.43 -15.01 -32.07
C SER B 366 -30.99 -16.28 -32.67
N VAL B 367 -31.36 -16.27 -33.94
CA VAL B 367 -31.78 -17.52 -34.58
C VAL B 367 -30.61 -18.46 -34.76
N LEU B 368 -29.43 -17.92 -35.09
CA LEU B 368 -28.24 -18.76 -35.20
C LEU B 368 -27.75 -19.15 -33.82
N TYR B 369 -28.04 -18.31 -32.83
CA TYR B 369 -27.85 -18.68 -31.43
C TYR B 369 -28.77 -19.82 -31.04
N ASN B 370 -29.95 -19.88 -31.62
CA ASN B 370 -31.01 -20.73 -31.11
C ASN B 370 -31.08 -22.10 -31.80
N SER B 371 -30.37 -22.30 -32.90
CA SER B 371 -30.47 -23.56 -33.63
C SER B 371 -29.71 -24.66 -32.89
N ALA B 372 -30.43 -25.71 -32.51
CA ALA B 372 -29.82 -26.82 -31.77
C ALA B 372 -29.11 -27.81 -32.67
N SER B 373 -29.19 -27.64 -34.00
CA SER B 373 -28.46 -28.49 -34.92
C SER B 373 -26.96 -28.24 -34.89
N PHE B 374 -26.52 -27.16 -34.25
CA PHE B 374 -25.11 -26.84 -34.17
C PHE B 374 -24.59 -27.24 -32.80
N SER B 375 -23.70 -28.24 -32.78
CA SER B 375 -23.38 -28.93 -31.53
C SER B 375 -22.53 -28.07 -30.60
N THR B 376 -21.51 -27.42 -31.13
CA THR B 376 -20.62 -26.61 -30.31
C THR B 376 -20.74 -25.16 -30.75
N PHE B 377 -21.15 -24.31 -29.82
CA PHE B 377 -21.50 -22.94 -30.12
C PHE B 377 -20.95 -22.11 -28.97
N LYS B 378 -19.76 -21.56 -29.15
CA LYS B 378 -19.19 -20.83 -28.02
C LYS B 378 -18.29 -19.70 -28.47
N CYS B 379 -18.36 -18.61 -27.73
CA CYS B 379 -17.77 -17.34 -28.11
C CYS B 379 -16.77 -16.89 -27.06
N TYR B 380 -15.79 -16.12 -27.51
CA TYR B 380 -14.62 -15.84 -26.69
C TYR B 380 -14.50 -14.37 -26.35
N GLY B 381 -14.52 -13.47 -27.33
CA GLY B 381 -14.37 -12.06 -27.04
C GLY B 381 -15.62 -11.43 -26.45
N VAL B 382 -16.77 -12.05 -26.69
CA VAL B 382 -18.06 -11.48 -26.34
C VAL B 382 -18.94 -12.57 -25.76
N SER B 383 -19.74 -12.22 -24.76
CA SER B 383 -20.80 -13.11 -24.34
C SER B 383 -21.83 -13.22 -25.46
N PRO B 384 -22.31 -14.43 -25.79
CA PRO B 384 -23.10 -14.62 -27.02
C PRO B 384 -24.46 -13.94 -27.02
N THR B 385 -25.02 -13.63 -25.86
CA THR B 385 -26.35 -13.07 -25.83
C THR B 385 -26.38 -11.58 -26.18
N LYS B 386 -25.24 -10.90 -26.14
CA LYS B 386 -25.21 -9.47 -26.39
C LYS B 386 -25.10 -9.13 -27.87
N LEU B 387 -25.07 -10.14 -28.74
CA LEU B 387 -24.84 -9.92 -30.16
C LEU B 387 -25.98 -9.17 -30.83
N ASN B 388 -27.17 -9.20 -30.25
CA ASN B 388 -28.31 -8.49 -30.83
C ASN B 388 -28.22 -6.99 -30.61
N ASP B 389 -27.25 -6.52 -29.84
CA ASP B 389 -27.13 -5.10 -29.54
C ASP B 389 -25.81 -4.51 -29.99
N LEU B 390 -24.98 -5.26 -30.67
CA LEU B 390 -23.68 -4.75 -31.08
C LEU B 390 -23.63 -4.54 -32.59
N CYS B 391 -22.62 -3.81 -33.02
CA CYS B 391 -22.47 -3.51 -34.44
C CYS B 391 -20.99 -3.65 -34.80
N PHE B 392 -20.70 -4.18 -35.98
CA PHE B 392 -19.33 -4.47 -36.36
C PHE B 392 -18.99 -3.82 -37.69
N THR B 393 -17.68 -3.76 -37.97
CA THR B 393 -17.21 -3.21 -39.24
C THR B 393 -17.28 -4.24 -40.35
N ASN B 394 -16.47 -5.29 -40.25
CA ASN B 394 -16.51 -6.37 -41.22
C ASN B 394 -16.59 -7.68 -40.49
N VAL B 395 -17.25 -8.65 -41.11
CA VAL B 395 -17.38 -9.98 -40.53
C VAL B 395 -16.62 -10.93 -41.43
N TYR B 396 -15.90 -11.87 -40.83
CA TYR B 396 -15.15 -12.85 -41.60
C TYR B 396 -15.57 -14.23 -41.18
N ALA B 397 -16.29 -14.91 -42.05
CA ALA B 397 -16.78 -16.26 -41.79
C ALA B 397 -15.80 -17.22 -42.44
N ASP B 398 -15.15 -18.04 -41.63
CA ASP B 398 -14.24 -19.05 -42.14
C ASP B 398 -14.81 -20.42 -41.86
N SER B 399 -15.00 -21.20 -42.93
CA SER B 399 -15.65 -22.49 -42.84
C SER B 399 -14.75 -23.55 -43.45
N PHE B 400 -14.79 -24.74 -42.86
CA PHE B 400 -14.03 -25.88 -43.34
C PHE B 400 -14.64 -27.13 -42.73
N VAL B 401 -14.00 -28.27 -43.02
CA VAL B 401 -14.36 -29.56 -42.46
C VAL B 401 -13.10 -30.17 -41.85
N ILE B 402 -13.22 -30.65 -40.62
CA ILE B 402 -12.15 -31.37 -39.95
C ILE B 402 -12.69 -32.71 -39.46
N ARG B 403 -11.84 -33.47 -38.79
CA ARG B 403 -12.28 -34.68 -38.13
C ARG B 403 -12.96 -34.30 -36.83
N GLY B 404 -14.01 -35.06 -36.47
CA GLY B 404 -14.78 -34.79 -35.27
C GLY B 404 -14.01 -34.85 -33.96
N ASP B 405 -12.88 -35.55 -33.94
CA ASP B 405 -12.01 -35.53 -32.79
C ASP B 405 -11.18 -34.26 -32.69
N GLU B 406 -11.14 -33.45 -33.73
CA GLU B 406 -10.28 -32.28 -33.76
C GLU B 406 -10.97 -31.00 -33.33
N VAL B 407 -12.13 -31.09 -32.68
CA VAL B 407 -12.88 -29.88 -32.34
C VAL B 407 -12.18 -29.09 -31.24
N ARG B 408 -11.66 -29.77 -30.22
CA ARG B 408 -10.95 -29.12 -29.12
C ARG B 408 -9.67 -28.44 -29.60
N GLN B 409 -9.15 -28.85 -30.75
CA GLN B 409 -7.98 -28.26 -31.35
C GLN B 409 -8.23 -26.83 -31.81
N ILE B 410 -9.47 -26.44 -32.07
CA ILE B 410 -9.69 -25.17 -32.77
C ILE B 410 -9.59 -23.96 -31.85
N ALA B 411 -9.61 -24.18 -30.53
CA ALA B 411 -9.56 -23.08 -29.58
C ALA B 411 -8.20 -22.38 -29.64
N PRO B 412 -8.16 -21.06 -29.43
CA PRO B 412 -6.88 -20.36 -29.41
C PRO B 412 -6.05 -20.76 -28.21
N GLY B 413 -4.74 -20.83 -28.42
CA GLY B 413 -3.84 -21.33 -27.40
C GLY B 413 -3.69 -22.83 -27.36
N GLN B 414 -4.59 -23.58 -28.00
CA GLN B 414 -4.41 -25.02 -28.09
C GLN B 414 -3.30 -25.34 -29.08
N THR B 415 -2.78 -26.55 -28.98
CA THR B 415 -1.59 -26.93 -29.72
C THR B 415 -1.71 -28.39 -30.12
N GLY B 416 -1.56 -28.65 -31.40
CA GLY B 416 -1.95 -29.92 -31.99
C GLY B 416 -1.96 -29.74 -33.49
N VAL B 417 -1.85 -30.84 -34.24
CA VAL B 417 -1.38 -30.81 -35.63
C VAL B 417 -2.28 -29.98 -36.53
N ILE B 418 -3.59 -30.07 -36.34
CA ILE B 418 -4.52 -29.22 -37.06
C ILE B 418 -4.31 -27.75 -36.67
N ALA B 419 -4.17 -27.51 -35.38
CA ALA B 419 -3.95 -26.15 -34.91
C ALA B 419 -2.52 -25.68 -35.13
N ASP B 420 -1.61 -26.55 -35.56
CA ASP B 420 -0.21 -26.17 -35.68
C ASP B 420 0.32 -26.13 -37.09
N TYR B 421 -0.32 -26.78 -38.06
CA TYR B 421 0.24 -26.80 -39.41
C TYR B 421 -0.63 -26.19 -40.48
N ASN B 422 -1.94 -26.12 -40.31
CA ASN B 422 -2.78 -25.58 -41.38
C ASN B 422 -3.89 -24.65 -40.95
N TYR B 423 -4.05 -24.36 -39.66
CA TYR B 423 -4.98 -23.32 -39.21
C TYR B 423 -4.53 -22.84 -37.84
N LYS B 424 -4.27 -21.55 -37.68
CA LYS B 424 -3.79 -21.04 -36.42
C LYS B 424 -4.57 -19.78 -36.05
N LEU B 425 -5.07 -19.74 -34.82
CA LEU B 425 -5.75 -18.61 -34.24
C LEU B 425 -4.82 -17.82 -33.33
N PRO B 426 -4.96 -16.50 -33.30
CA PRO B 426 -4.25 -15.71 -32.30
C PRO B 426 -4.96 -15.80 -30.96
N ASP B 427 -4.21 -15.51 -29.89
CA ASP B 427 -4.77 -15.58 -28.55
C ASP B 427 -5.70 -14.42 -28.22
N ASP B 428 -5.64 -13.33 -28.99
CA ASP B 428 -6.53 -12.19 -28.82
C ASP B 428 -7.75 -12.27 -29.73
N PHE B 429 -8.19 -13.50 -29.99
CA PHE B 429 -9.34 -13.76 -30.86
C PHE B 429 -10.61 -13.19 -30.28
N THR B 430 -11.44 -12.64 -31.14
CA THR B 430 -12.75 -12.12 -30.74
C THR B 430 -13.81 -12.56 -31.76
N GLY B 431 -14.57 -13.57 -31.37
CA GLY B 431 -15.55 -14.15 -32.27
C GLY B 431 -16.16 -15.36 -31.64
N CYS B 432 -16.72 -16.23 -32.49
CA CYS B 432 -17.38 -17.43 -32.01
C CYS B 432 -16.94 -18.62 -32.85
N VAL B 433 -16.99 -19.81 -32.26
CA VAL B 433 -16.74 -21.06 -32.98
C VAL B 433 -18.01 -21.88 -32.96
N ILE B 434 -18.29 -22.53 -34.10
CA ILE B 434 -19.48 -23.35 -34.30
C ILE B 434 -19.03 -24.61 -35.01
N ALA B 435 -19.36 -25.76 -34.41
CA ALA B 435 -18.99 -27.04 -34.99
C ALA B 435 -20.19 -27.98 -34.91
N TRP B 436 -20.38 -28.78 -35.95
CA TRP B 436 -21.46 -29.74 -35.96
C TRP B 436 -21.15 -30.84 -36.96
N ASN B 437 -21.77 -32.00 -36.75
CA ASN B 437 -21.45 -33.17 -37.55
C ASN B 437 -21.99 -33.03 -38.97
N SER B 438 -21.24 -33.59 -39.90
CA SER B 438 -21.54 -33.50 -41.32
C SER B 438 -21.34 -34.84 -41.98
N ASN B 439 -21.59 -35.91 -41.22
CA ASN B 439 -21.36 -37.26 -41.70
C ASN B 439 -22.33 -37.63 -42.82
N ASN B 440 -23.61 -37.34 -42.61
CA ASN B 440 -24.61 -37.63 -43.62
C ASN B 440 -24.61 -36.64 -44.76
N LEU B 441 -23.82 -35.57 -44.68
CA LEU B 441 -23.84 -34.55 -45.72
C LEU B 441 -22.88 -34.83 -46.87
N ASP B 442 -21.65 -35.25 -46.57
CA ASP B 442 -20.62 -35.38 -47.60
C ASP B 442 -19.84 -36.69 -47.56
N SER B 443 -19.87 -37.44 -46.45
CA SER B 443 -19.10 -38.66 -46.37
C SER B 443 -19.67 -39.74 -47.27
N LYS B 444 -18.78 -40.41 -48.02
CA LYS B 444 -19.18 -41.45 -48.94
C LYS B 444 -18.72 -42.80 -48.40
N VAL B 445 -19.39 -43.85 -48.88
CA VAL B 445 -19.18 -45.20 -48.33
C VAL B 445 -17.82 -45.74 -48.72
N GLY B 446 -17.24 -45.23 -49.81
CA GLY B 446 -15.90 -45.61 -50.20
C GLY B 446 -14.81 -44.88 -49.46
N GLY B 447 -15.16 -43.99 -48.55
CA GLY B 447 -14.16 -43.19 -47.86
C GLY B 447 -14.05 -41.84 -48.51
N ASN B 448 -14.52 -40.79 -47.86
CA ASN B 448 -14.48 -39.47 -48.46
C ASN B 448 -13.05 -38.95 -48.44
N TYR B 449 -12.38 -39.09 -49.58
CA TYR B 449 -10.98 -38.72 -49.68
C TYR B 449 -10.82 -37.33 -50.29
N ASN B 450 -11.92 -36.60 -50.42
CA ASN B 450 -11.87 -35.18 -50.76
C ASN B 450 -11.37 -34.33 -49.62
N TYR B 451 -11.43 -34.83 -48.39
CA TYR B 451 -11.08 -34.08 -47.20
C TYR B 451 -9.62 -34.35 -46.84
N LEU B 452 -8.78 -33.36 -47.08
CA LEU B 452 -7.36 -33.49 -46.89
C LEU B 452 -6.92 -32.63 -45.72
N TYR B 453 -5.66 -32.80 -45.35
CA TYR B 453 -5.03 -32.05 -44.29
C TYR B 453 -3.53 -32.06 -44.52
N ARG B 454 -2.87 -31.03 -44.04
CA ARG B 454 -1.42 -30.91 -44.17
C ARG B 454 -0.79 -31.47 -42.91
N LEU B 455 -0.18 -32.64 -43.04
CA LEU B 455 0.40 -33.33 -41.90
C LEU B 455 1.87 -33.04 -41.70
N PHE B 456 2.65 -33.05 -42.77
CA PHE B 456 4.08 -32.91 -42.68
C PHE B 456 4.51 -31.54 -43.20
N ARG B 457 5.14 -30.78 -42.31
CA ARG B 457 5.56 -29.42 -42.61
C ARG B 457 6.70 -29.08 -41.65
N LYS B 458 7.64 -28.27 -42.13
CA LYS B 458 8.87 -28.05 -41.39
C LYS B 458 8.68 -27.11 -40.19
N SER B 459 7.74 -26.19 -40.24
CA SER B 459 7.61 -25.20 -39.17
C SER B 459 6.15 -24.94 -38.85
N ASN B 460 5.89 -24.56 -37.61
CA ASN B 460 4.56 -24.08 -37.26
C ASN B 460 4.34 -22.70 -37.87
N LEU B 461 3.07 -22.37 -38.09
CA LEU B 461 2.76 -21.22 -38.92
C LEU B 461 2.21 -20.07 -38.10
N LYS B 462 2.33 -18.87 -38.68
CA LYS B 462 1.79 -17.62 -38.20
C LYS B 462 0.26 -17.67 -38.25
N PRO B 463 -0.42 -16.98 -37.32
CA PRO B 463 -1.88 -16.96 -37.32
C PRO B 463 -2.47 -16.32 -38.57
N PHE B 464 -3.66 -16.83 -38.95
CA PHE B 464 -4.39 -16.43 -40.16
C PHE B 464 -3.54 -16.57 -41.42
N GLU B 465 -2.98 -17.75 -41.60
CA GLU B 465 -2.14 -18.10 -42.73
C GLU B 465 -2.63 -19.42 -43.29
N ARG B 466 -2.54 -19.57 -44.61
CA ARG B 466 -2.89 -20.81 -45.26
C ARG B 466 -1.76 -21.24 -46.18
N ASP B 467 -1.69 -22.54 -46.44
CA ASP B 467 -0.71 -23.07 -47.37
C ASP B 467 -1.37 -24.07 -48.29
N ILE B 468 -1.21 -23.86 -49.59
CA ILE B 468 -1.62 -24.81 -50.60
C ILE B 468 -0.45 -25.40 -51.35
N SER B 469 0.78 -25.13 -50.89
CA SER B 469 1.96 -25.73 -51.50
C SER B 469 2.01 -27.22 -51.23
N THR B 470 2.39 -27.98 -52.24
CA THR B 470 2.33 -29.45 -52.20
C THR B 470 3.70 -30.08 -52.30
N GLU B 471 4.75 -29.36 -51.92
CA GLU B 471 6.10 -29.86 -52.16
C GLU B 471 6.45 -30.95 -51.14
N ILE B 472 7.20 -31.95 -51.59
CA ILE B 472 7.46 -33.14 -50.80
C ILE B 472 8.32 -32.78 -49.59
N TYR B 473 7.87 -33.17 -48.41
CA TYR B 473 8.58 -32.83 -47.19
C TYR B 473 9.61 -33.89 -46.87
N GLN B 474 10.86 -33.46 -46.75
CA GLN B 474 11.97 -34.34 -46.44
C GLN B 474 11.91 -34.64 -44.95
N ALA B 475 11.18 -35.71 -44.60
CA ALA B 475 11.11 -36.12 -43.21
C ALA B 475 12.42 -36.71 -42.73
N GLY B 476 13.29 -37.16 -43.65
CA GLY B 476 14.65 -37.50 -43.32
C GLY B 476 15.61 -36.38 -43.67
N SER B 477 16.80 -36.48 -43.10
CA SER B 477 17.85 -35.51 -43.36
C SER B 477 18.44 -35.65 -44.76
N THR B 478 18.24 -36.80 -45.41
CA THR B 478 18.66 -36.96 -46.79
C THR B 478 17.77 -36.12 -47.71
N PRO B 479 18.36 -35.19 -48.46
CA PRO B 479 17.58 -34.46 -49.44
C PRO B 479 17.13 -35.38 -50.56
N CYS B 480 15.91 -35.14 -51.04
CA CYS B 480 15.32 -35.98 -52.06
C CYS B 480 14.63 -35.09 -53.08
N ASN B 481 14.72 -35.50 -54.34
CA ASN B 481 14.17 -34.68 -55.41
C ASN B 481 13.19 -35.51 -56.21
N GLY B 482 12.71 -34.98 -57.34
CA GLY B 482 11.86 -35.76 -58.22
C GLY B 482 10.42 -35.86 -57.71
N VAL B 483 9.85 -37.04 -57.90
CA VAL B 483 8.44 -37.25 -57.64
C VAL B 483 8.17 -38.00 -56.35
N GLU B 484 9.16 -38.69 -55.78
CA GLU B 484 9.04 -39.31 -54.47
C GLU B 484 10.44 -39.48 -53.90
N GLY B 485 10.52 -40.26 -52.82
CA GLY B 485 11.79 -40.66 -52.27
C GLY B 485 11.57 -41.34 -50.94
N PHE B 486 12.59 -42.10 -50.52
CA PHE B 486 12.55 -42.73 -49.23
C PHE B 486 12.68 -41.67 -48.15
N ASN B 487 11.91 -41.82 -47.08
CA ASN B 487 11.87 -40.92 -45.92
C ASN B 487 11.48 -39.49 -46.36
N CYS B 488 10.65 -39.42 -47.39
CA CYS B 488 10.21 -38.17 -48.00
C CYS B 488 8.74 -38.34 -48.36
N TYR B 489 7.90 -37.44 -47.87
CA TYR B 489 6.48 -37.70 -47.85
C TYR B 489 5.73 -36.53 -48.47
N PHE B 490 4.62 -36.86 -49.12
CA PHE B 490 3.77 -35.83 -49.68
C PHE B 490 3.01 -35.16 -48.53
N PRO B 491 3.03 -33.84 -48.42
CA PRO B 491 2.54 -33.17 -47.21
C PRO B 491 1.03 -33.25 -47.01
N LEU B 492 0.27 -33.58 -48.05
CA LEU B 492 -1.17 -33.70 -47.94
C LEU B 492 -1.56 -35.15 -47.74
N GLN B 493 -2.47 -35.36 -46.80
CA GLN B 493 -3.01 -36.68 -46.53
C GLN B 493 -4.50 -36.56 -46.31
N SER B 494 -5.22 -37.66 -46.38
CA SER B 494 -6.66 -37.59 -46.30
C SER B 494 -7.19 -38.37 -45.10
N TYR B 495 -8.49 -38.21 -44.88
CA TYR B 495 -9.18 -38.77 -43.74
C TYR B 495 -9.87 -40.08 -44.10
N GLY B 496 -10.13 -40.88 -43.08
CA GLY B 496 -10.96 -42.06 -43.23
C GLY B 496 -12.42 -41.73 -42.98
N PHE B 497 -13.04 -41.02 -43.92
CA PHE B 497 -14.43 -40.61 -43.77
C PHE B 497 -15.35 -41.51 -44.57
N GLN B 498 -15.88 -42.54 -43.91
CA GLN B 498 -17.07 -43.22 -44.38
C GLN B 498 -18.15 -43.01 -43.34
N PRO B 499 -19.43 -43.04 -43.74
CA PRO B 499 -20.51 -43.06 -42.73
C PRO B 499 -20.57 -44.35 -41.93
N THR B 500 -19.86 -45.40 -42.35
CA THR B 500 -19.73 -46.63 -41.60
C THR B 500 -18.81 -46.50 -40.39
N ASN B 501 -18.02 -45.44 -40.31
CA ASN B 501 -17.05 -45.31 -39.24
C ASN B 501 -17.73 -44.92 -37.93
N GLY B 502 -16.99 -45.11 -36.84
CA GLY B 502 -17.52 -44.82 -35.52
C GLY B 502 -17.45 -43.36 -35.15
N VAL B 503 -17.89 -43.07 -33.92
CA VAL B 503 -17.87 -41.70 -33.42
C VAL B 503 -16.45 -41.26 -33.21
N GLY B 504 -16.21 -39.95 -33.36
CA GLY B 504 -14.88 -39.42 -33.42
C GLY B 504 -14.30 -39.39 -34.81
N TYR B 505 -14.65 -40.36 -35.64
CA TYR B 505 -14.23 -40.39 -37.03
C TYR B 505 -15.20 -39.69 -37.96
N GLN B 506 -16.32 -39.19 -37.45
CA GLN B 506 -17.19 -38.39 -38.29
C GLN B 506 -16.50 -37.06 -38.63
N PRO B 507 -16.71 -36.56 -39.84
CA PRO B 507 -16.29 -35.20 -40.13
C PRO B 507 -17.19 -34.20 -39.43
N TYR B 508 -16.60 -33.08 -39.02
CA TYR B 508 -17.38 -31.95 -38.54
C TYR B 508 -17.19 -30.79 -39.50
N ARG B 509 -18.31 -30.17 -39.87
CA ARG B 509 -18.30 -28.86 -40.48
C ARG B 509 -18.13 -27.82 -39.38
N VAL B 510 -17.17 -26.92 -39.56
CA VAL B 510 -16.78 -25.95 -38.55
C VAL B 510 -16.74 -24.58 -39.21
N VAL B 511 -17.41 -23.61 -38.60
CA VAL B 511 -17.38 -22.23 -39.04
C VAL B 511 -17.03 -21.34 -37.86
N VAL B 512 -16.17 -20.36 -38.10
CA VAL B 512 -15.76 -19.41 -37.06
C VAL B 512 -16.04 -18.01 -37.56
N LEU B 513 -16.35 -17.13 -36.62
CA LEU B 513 -16.61 -15.72 -36.88
C LEU B 513 -15.61 -14.88 -36.11
N SER B 514 -14.90 -14.02 -36.84
CA SER B 514 -13.72 -13.32 -36.36
C SER B 514 -13.89 -11.82 -36.52
N PHE B 515 -15.05 -11.33 -36.12
CA PHE B 515 -15.39 -9.92 -36.29
C PHE B 515 -14.60 -9.04 -35.32
N GLU B 516 -14.42 -7.79 -35.71
CA GLU B 516 -13.67 -6.82 -34.95
C GLU B 516 -14.62 -5.88 -34.20
N LEU B 517 -14.08 -5.18 -33.20
CA LEU B 517 -14.91 -4.48 -32.22
C LEU B 517 -14.53 -3.00 -32.10
N LEU B 518 -15.38 -2.15 -32.67
CA LEU B 518 -15.53 -0.72 -32.33
C LEU B 518 -14.22 0.06 -32.46
N HIS B 519 -13.70 0.09 -33.67
CA HIS B 519 -12.61 1.03 -33.97
C HIS B 519 -12.78 1.62 -35.36
N ALA B 520 -13.98 1.62 -35.93
CA ALA B 520 -14.16 2.00 -37.32
C ALA B 520 -15.62 2.43 -37.48
N PRO B 521 -15.95 3.13 -38.58
CA PRO B 521 -17.37 3.32 -38.89
C PRO B 521 -17.98 1.98 -39.23
N ALA B 522 -18.77 1.45 -38.30
CA ALA B 522 -19.21 0.08 -38.39
C ALA B 522 -20.30 -0.06 -39.46
N THR B 523 -20.46 -1.28 -39.93
CA THR B 523 -21.34 -1.48 -41.08
C THR B 523 -22.46 -2.46 -40.75
N VAL B 524 -22.12 -3.55 -40.08
CA VAL B 524 -23.07 -4.62 -39.83
C VAL B 524 -23.53 -4.53 -38.38
N CYS B 525 -24.78 -4.13 -38.18
CA CYS B 525 -25.35 -3.98 -36.85
C CYS B 525 -26.35 -5.11 -36.60
N GLY B 526 -26.91 -5.10 -35.40
CA GLY B 526 -27.96 -6.02 -35.04
C GLY B 526 -29.33 -5.40 -35.22
N PRO B 527 -30.38 -6.16 -34.90
CA PRO B 527 -31.77 -5.67 -35.09
C PRO B 527 -32.26 -4.80 -33.93
N LYS B 528 -31.94 -3.51 -33.98
CA LYS B 528 -32.43 -2.54 -33.03
C LYS B 528 -32.99 -1.34 -33.78
N LYS B 529 -34.04 -0.74 -33.24
CA LYS B 529 -34.66 0.40 -33.89
C LYS B 529 -34.01 1.70 -33.44
N SER B 530 -33.98 2.67 -34.34
CA SER B 530 -33.39 3.96 -34.03
C SER B 530 -34.43 4.91 -33.48
N THR B 531 -33.98 5.85 -32.67
CA THR B 531 -34.80 6.90 -32.09
C THR B 531 -34.37 8.25 -32.67
N ASN B 532 -34.94 9.30 -32.13
CA ASN B 532 -34.63 10.65 -32.60
C ASN B 532 -33.51 11.26 -31.77
N LEU B 533 -33.11 12.46 -32.19
CA LEU B 533 -32.14 13.27 -31.47
C LEU B 533 -32.84 14.30 -30.61
N VAL B 534 -32.47 14.34 -29.33
CA VAL B 534 -32.81 15.46 -28.47
C VAL B 534 -31.51 16.09 -28.00
N LYS B 535 -31.56 17.38 -27.69
CA LYS B 535 -30.39 18.09 -27.23
C LYS B 535 -30.65 18.67 -25.85
N ASN B 536 -29.53 18.86 -25.12
CA ASN B 536 -29.49 19.49 -23.81
C ASN B 536 -30.37 18.76 -22.80
N LYS B 537 -30.46 17.45 -22.91
CA LYS B 537 -31.24 16.64 -21.99
C LYS B 537 -30.36 15.55 -21.42
N CYS B 538 -30.41 15.38 -20.09
CA CYS B 538 -29.74 14.25 -19.47
C CYS B 538 -30.45 12.97 -19.89
N VAL B 539 -29.78 12.17 -20.72
CA VAL B 539 -30.39 11.03 -21.38
C VAL B 539 -29.41 9.86 -21.35
N ASN B 540 -29.90 8.73 -21.84
CA ASN B 540 -29.08 7.57 -22.15
C ASN B 540 -28.92 7.51 -23.65
N PHE B 541 -27.68 7.34 -24.12
CA PHE B 541 -27.42 7.21 -25.53
C PHE B 541 -26.77 5.87 -25.83
N ASN B 542 -27.02 5.40 -27.04
CA ASN B 542 -26.34 4.22 -27.58
C ASN B 542 -26.06 4.53 -29.04
N PHE B 543 -24.88 5.08 -29.30
CA PHE B 543 -24.46 5.39 -30.66
C PHE B 543 -23.56 4.28 -31.16
N ASN B 544 -24.08 3.49 -32.10
CA ASN B 544 -23.32 2.49 -32.84
C ASN B 544 -22.66 1.48 -31.90
N GLY B 545 -23.39 1.08 -30.87
CA GLY B 545 -22.87 0.20 -29.86
C GLY B 545 -22.30 0.93 -28.65
N LEU B 546 -21.64 2.06 -28.85
CA LEU B 546 -21.03 2.78 -27.74
C LEU B 546 -22.10 3.46 -26.91
N THR B 547 -22.16 3.14 -25.62
CA THR B 547 -23.25 3.59 -24.78
C THR B 547 -22.80 4.59 -23.73
N GLY B 548 -23.77 5.23 -23.10
CA GLY B 548 -23.47 6.07 -21.96
C GLY B 548 -24.63 6.99 -21.63
N THR B 549 -24.36 7.94 -20.73
CA THR B 549 -25.34 8.93 -20.30
C THR B 549 -24.75 10.32 -20.48
N GLY B 550 -25.62 11.31 -20.62
CA GLY B 550 -25.16 12.68 -20.62
C GLY B 550 -26.11 13.59 -21.37
N VAL B 551 -25.59 14.77 -21.72
CA VAL B 551 -26.30 15.75 -22.52
C VAL B 551 -25.56 15.90 -23.85
N LEU B 552 -26.33 16.15 -24.90
CA LEU B 552 -25.85 16.16 -26.26
C LEU B 552 -26.03 17.57 -26.83
N THR B 553 -25.00 18.09 -27.47
CA THR B 553 -25.10 19.41 -28.09
C THR B 553 -24.31 19.44 -29.37
N GLU B 554 -24.49 20.51 -30.13
CA GLU B 554 -23.76 20.69 -31.37
C GLU B 554 -22.39 21.29 -31.12
N SER B 555 -21.39 20.68 -31.74
CA SER B 555 -20.03 21.19 -31.70
C SER B 555 -19.79 22.10 -32.89
N ASN B 556 -18.84 23.00 -32.71
CA ASN B 556 -18.29 23.76 -33.81
C ASN B 556 -17.02 23.10 -34.36
N LYS B 557 -16.77 21.87 -33.96
CA LYS B 557 -15.53 21.20 -34.29
C LYS B 557 -15.54 20.75 -35.74
N LYS B 558 -14.48 21.10 -36.47
CA LYS B 558 -14.30 20.69 -37.86
C LYS B 558 -13.33 19.50 -37.90
N PHE B 559 -13.89 18.34 -38.20
CA PHE B 559 -13.05 17.19 -38.46
C PHE B 559 -12.48 17.21 -39.87
N LEU B 560 -11.53 16.33 -40.07
CA LEU B 560 -11.26 15.82 -41.40
C LEU B 560 -12.43 14.96 -41.86
N PRO B 561 -12.65 14.82 -43.19
CA PRO B 561 -13.76 14.01 -43.68
C PRO B 561 -13.70 12.54 -43.29
N PHE B 562 -12.50 12.08 -42.94
CA PHE B 562 -12.33 10.73 -42.48
C PHE B 562 -12.68 10.56 -41.02
N GLN B 563 -12.57 11.61 -40.21
CA GLN B 563 -12.61 11.45 -38.76
C GLN B 563 -14.03 11.31 -38.23
N GLN B 564 -14.18 10.44 -37.24
CA GLN B 564 -15.49 10.02 -36.75
C GLN B 564 -15.73 10.36 -35.29
N PHE B 565 -14.81 10.00 -34.41
CA PHE B 565 -15.04 9.97 -32.97
C PHE B 565 -14.39 11.16 -32.30
N GLY B 566 -14.32 11.08 -30.98
CA GLY B 566 -13.59 12.04 -30.20
C GLY B 566 -13.15 11.41 -28.89
N ARG B 567 -11.95 11.74 -28.43
CA ARG B 567 -11.44 11.16 -27.21
C ARG B 567 -10.76 12.22 -26.35
N ASP B 568 -10.67 11.93 -25.06
CA ASP B 568 -10.23 12.88 -24.06
C ASP B 568 -8.84 12.49 -23.58
N ILE B 569 -8.35 13.26 -22.60
CA ILE B 569 -7.09 12.92 -21.94
C ILE B 569 -7.22 11.59 -21.21
N ALA B 570 -8.37 11.38 -20.56
CA ALA B 570 -8.68 10.15 -19.86
C ALA B 570 -9.20 9.06 -20.79
N ASP B 571 -9.03 9.24 -22.10
CA ASP B 571 -9.42 8.28 -23.15
C ASP B 571 -10.91 7.96 -23.06
N THR B 572 -11.70 9.03 -22.99
CA THR B 572 -13.14 8.92 -22.89
C THR B 572 -13.78 9.72 -24.01
N THR B 573 -14.94 9.25 -24.44
CA THR B 573 -15.64 9.85 -25.56
C THR B 573 -16.29 11.16 -25.17
N ASP B 574 -16.19 12.15 -26.05
CA ASP B 574 -16.83 13.43 -25.81
C ASP B 574 -17.44 14.02 -27.07
N ALA B 575 -17.11 13.50 -28.25
CA ALA B 575 -17.63 14.04 -29.48
C ALA B 575 -17.82 12.90 -30.47
N VAL B 576 -19.04 12.79 -30.98
CA VAL B 576 -19.43 11.66 -31.82
C VAL B 576 -20.10 12.19 -33.09
N ARG B 577 -19.78 11.57 -34.22
CA ARG B 577 -20.51 11.77 -35.46
C ARG B 577 -21.73 10.86 -35.43
N ASP B 578 -22.90 11.44 -35.63
CA ASP B 578 -24.13 10.65 -35.68
C ASP B 578 -24.15 9.81 -36.95
N PRO B 579 -24.48 8.52 -36.85
CA PRO B 579 -24.50 7.67 -38.06
C PRO B 579 -25.53 8.06 -39.09
N GLN B 580 -26.69 8.58 -38.69
CA GLN B 580 -27.72 8.94 -39.66
C GLN B 580 -27.40 10.27 -40.34
N THR B 581 -27.43 11.34 -39.57
CA THR B 581 -27.09 12.67 -40.07
C THR B 581 -25.69 12.98 -39.57
N LEU B 582 -24.72 12.95 -40.49
CA LEU B 582 -23.31 12.97 -40.12
C LEU B 582 -22.93 14.37 -39.65
N GLU B 583 -23.24 14.64 -38.38
CA GLU B 583 -22.88 15.87 -37.72
C GLU B 583 -22.17 15.56 -36.42
N ILE B 584 -21.34 16.48 -35.97
CA ILE B 584 -20.42 16.25 -34.87
C ILE B 584 -21.05 16.83 -33.61
N LEU B 585 -21.25 15.98 -32.62
CA LEU B 585 -21.94 16.36 -31.40
C LEU B 585 -20.99 16.26 -30.22
N ASP B 586 -20.93 17.33 -29.44
CA ASP B 586 -20.27 17.30 -28.15
C ASP B 586 -21.16 16.58 -27.15
N ILE B 587 -20.54 15.74 -26.34
CA ILE B 587 -21.23 15.04 -25.26
C ILE B 587 -20.65 15.54 -23.95
N THR B 588 -21.52 15.89 -23.02
CA THR B 588 -21.03 16.33 -21.73
C THR B 588 -21.75 15.54 -20.64
N PRO B 589 -21.02 15.05 -19.64
CA PRO B 589 -21.70 14.44 -18.49
C PRO B 589 -22.49 15.50 -17.73
N CYS B 590 -23.59 15.04 -17.13
CA CYS B 590 -24.50 15.96 -16.46
C CYS B 590 -23.87 16.53 -15.19
N SER B 591 -24.39 17.66 -14.76
CA SER B 591 -23.81 18.37 -13.64
C SER B 591 -24.11 17.64 -12.34
N PHE B 592 -23.33 17.97 -11.32
CA PHE B 592 -23.38 17.29 -10.04
C PHE B 592 -22.80 18.24 -9.01
N GLY B 593 -22.73 17.79 -7.77
CA GLY B 593 -22.09 18.61 -6.78
C GLY B 593 -22.02 17.90 -5.45
N GLY B 594 -21.31 18.53 -4.53
CA GLY B 594 -21.20 18.02 -3.19
C GLY B 594 -22.24 18.61 -2.27
N VAL B 595 -22.63 17.80 -1.30
CA VAL B 595 -23.72 18.11 -0.39
C VAL B 595 -23.14 18.32 0.99
N SER B 596 -23.29 19.52 1.53
CA SER B 596 -22.84 19.81 2.88
C SER B 596 -24.04 20.16 3.73
N VAL B 597 -24.13 19.53 4.89
CA VAL B 597 -25.16 19.80 5.86
C VAL B 597 -24.57 20.68 6.94
N ILE B 598 -25.35 21.64 7.40
CA ILE B 598 -24.89 22.67 8.33
C ILE B 598 -25.88 22.72 9.47
N THR B 599 -25.39 22.48 10.68
CA THR B 599 -26.32 22.42 11.78
C THR B 599 -25.74 23.03 13.05
N PRO B 600 -26.59 23.54 13.92
CA PRO B 600 -26.21 23.69 15.32
C PRO B 600 -26.29 22.35 16.02
N GLY B 601 -26.04 22.39 17.33
CA GLY B 601 -26.17 21.18 18.12
C GLY B 601 -27.62 20.72 18.20
N THR B 602 -27.78 19.41 18.41
CA THR B 602 -29.11 18.84 18.60
C THR B 602 -29.78 19.33 19.86
N ASN B 603 -29.01 19.80 20.84
CA ASN B 603 -29.56 20.47 22.00
C ASN B 603 -30.25 21.78 21.64
N THR B 604 -29.86 22.39 20.52
CA THR B 604 -30.40 23.66 20.11
C THR B 604 -31.67 23.52 19.28
N SER B 605 -31.64 22.77 18.19
CA SER B 605 -32.78 22.59 17.32
C SER B 605 -32.59 21.32 16.52
N ASN B 606 -33.57 21.03 15.67
CA ASN B 606 -33.45 19.99 14.66
C ASN B 606 -33.51 20.56 13.25
N GLN B 607 -33.52 21.87 13.14
CA GLN B 607 -33.48 22.56 11.86
C GLN B 607 -32.07 22.50 11.31
N VAL B 608 -31.95 22.46 9.99
CA VAL B 608 -30.67 22.33 9.32
C VAL B 608 -30.58 23.37 8.21
N ALA B 609 -29.43 23.43 7.56
CA ALA B 609 -29.29 24.14 6.30
C ALA B 609 -28.42 23.33 5.37
N VAL B 610 -28.67 23.47 4.07
CA VAL B 610 -28.00 22.63 3.07
C VAL B 610 -27.24 23.53 2.12
N LEU B 611 -25.98 23.19 1.86
CA LEU B 611 -25.17 23.84 0.85
C LEU B 611 -24.92 22.87 -0.28
N TYR B 612 -25.40 23.22 -1.47
CA TYR B 612 -25.02 22.56 -2.70
C TYR B 612 -23.79 23.28 -3.22
N GLN B 613 -22.63 22.65 -3.10
CA GLN B 613 -21.38 23.32 -3.45
C GLN B 613 -21.14 23.22 -4.95
N ASP B 614 -20.53 24.26 -5.51
CA ASP B 614 -20.18 24.42 -6.92
C ASP B 614 -21.38 24.33 -7.84
N VAL B 615 -22.56 24.67 -7.33
CA VAL B 615 -23.77 24.61 -8.13
C VAL B 615 -24.32 26.01 -8.27
N ASN B 616 -24.27 26.53 -9.49
CA ASN B 616 -25.03 27.73 -9.81
C ASN B 616 -26.47 27.26 -9.88
N CYS B 617 -27.23 27.49 -8.80
CA CYS B 617 -28.42 26.67 -8.54
C CYS B 617 -29.56 27.03 -9.48
N THR B 618 -29.67 26.20 -10.51
CA THR B 618 -30.88 26.09 -11.32
C THR B 618 -31.38 24.66 -11.37
N GLU B 619 -30.49 23.67 -11.28
CA GLU B 619 -30.85 22.26 -11.22
C GLU B 619 -31.12 21.79 -9.79
N VAL B 620 -31.33 22.73 -8.88
CA VAL B 620 -31.58 22.44 -7.47
C VAL B 620 -32.81 21.57 -7.16
N PRO B 621 -34.03 21.75 -7.76
CA PRO B 621 -35.21 21.14 -7.11
C PRO B 621 -35.32 19.62 -7.26
N VAL B 622 -34.91 19.07 -8.39
CA VAL B 622 -35.02 17.64 -8.66
C VAL B 622 -33.62 17.03 -8.71
N ALA B 623 -33.48 15.85 -8.14
CA ALA B 623 -32.19 15.15 -8.08
C ALA B 623 -32.39 13.64 -8.05
N VAL B 635 -31.98 17.27 1.71
CA VAL B 635 -31.75 16.40 0.56
C VAL B 635 -32.94 16.67 -0.36
N TYR B 636 -33.96 17.35 0.19
CA TYR B 636 -35.15 17.72 -0.56
C TYR B 636 -35.33 19.23 -0.54
N SER B 637 -35.80 19.77 -1.66
CA SER B 637 -35.67 21.19 -1.95
C SER B 637 -36.66 22.03 -1.17
N THR B 638 -36.41 23.34 -1.17
CA THR B 638 -37.34 24.35 -0.67
C THR B 638 -37.26 25.55 -1.61
N GLY B 639 -38.41 26.01 -2.09
CA GLY B 639 -38.42 27.15 -3.01
C GLY B 639 -38.45 28.49 -2.32
N SER B 640 -38.29 28.54 -1.00
CA SER B 640 -38.53 29.76 -0.25
C SER B 640 -37.41 30.76 -0.41
N ASN B 641 -36.21 30.41 0.06
CA ASN B 641 -35.13 31.38 0.25
C ASN B 641 -33.77 30.79 -0.09
N VAL B 642 -33.39 30.91 -1.35
CA VAL B 642 -32.08 30.45 -1.82
C VAL B 642 -31.10 31.59 -1.61
N PHE B 643 -29.81 31.26 -1.62
CA PHE B 643 -28.78 32.29 -1.54
C PHE B 643 -27.57 31.80 -2.33
N GLN B 644 -27.28 32.46 -3.44
CA GLN B 644 -26.21 32.06 -4.34
C GLN B 644 -24.94 32.80 -3.93
N THR B 645 -24.07 32.10 -3.23
CA THR B 645 -22.75 32.63 -2.89
C THR B 645 -21.70 31.99 -3.77
N ARG B 646 -20.46 32.48 -3.64
CA ARG B 646 -19.35 31.98 -4.44
C ARG B 646 -19.04 30.53 -4.13
N ALA B 647 -19.32 30.07 -2.92
CA ALA B 647 -19.20 28.66 -2.60
C ALA B 647 -20.25 27.82 -3.30
N GLY B 648 -21.45 28.34 -3.53
CA GLY B 648 -22.51 27.56 -4.12
C GLY B 648 -23.86 28.06 -3.64
N CYS B 649 -24.84 27.18 -3.67
CA CYS B 649 -26.21 27.57 -3.37
C CYS B 649 -26.59 27.10 -1.98
N LEU B 650 -27.03 28.04 -1.15
CA LEU B 650 -27.40 27.77 0.23
C LEU B 650 -28.90 27.83 0.38
N ILE B 651 -29.47 26.85 1.08
CA ILE B 651 -30.90 26.79 1.35
C ILE B 651 -31.09 26.50 2.83
N GLY B 652 -32.11 27.13 3.41
CA GLY B 652 -32.41 26.94 4.81
C GLY B 652 -31.89 28.01 5.73
N ALA B 653 -31.29 29.07 5.18
CA ALA B 653 -30.73 30.14 6.00
C ALA B 653 -31.23 31.48 5.52
N GLU B 654 -31.12 32.48 6.39
CA GLU B 654 -31.45 33.85 6.04
C GLU B 654 -30.20 34.70 5.98
N HIS B 655 -30.04 35.41 4.87
CA HIS B 655 -28.96 36.36 4.73
C HIS B 655 -29.18 37.55 5.67
N VAL B 656 -28.10 38.04 6.25
CA VAL B 656 -28.16 39.13 7.19
C VAL B 656 -27.23 40.24 6.71
N ASN B 657 -27.77 41.45 6.67
CA ASN B 657 -27.01 42.62 6.20
C ASN B 657 -25.89 43.03 7.14
N ASN B 658 -25.94 42.60 8.40
CA ASN B 658 -24.93 43.00 9.37
C ASN B 658 -23.68 42.14 9.25
N SER B 659 -22.63 42.50 9.97
CA SER B 659 -21.37 41.76 9.95
C SER B 659 -21.04 41.31 11.37
N TYR B 660 -20.95 40.00 11.56
CA TYR B 660 -20.74 39.43 12.88
C TYR B 660 -19.45 38.62 12.85
N GLU B 661 -19.10 38.02 13.98
CA GLU B 661 -17.95 37.14 14.04
C GLU B 661 -18.27 35.78 13.45
N CYS B 662 -17.25 35.11 12.93
CA CYS B 662 -17.44 33.79 12.34
C CYS B 662 -17.71 32.75 13.41
N ASP B 663 -18.83 32.05 13.27
CA ASP B 663 -19.15 30.94 14.16
C ASP B 663 -18.70 29.61 13.55
N ILE B 664 -19.30 29.22 12.44
CA ILE B 664 -18.87 28.01 11.75
C ILE B 664 -18.58 28.35 10.29
N PRO B 665 -17.53 27.79 9.72
CA PRO B 665 -17.05 28.26 8.41
C PRO B 665 -17.77 27.58 7.25
N ILE B 666 -18.48 28.38 6.46
CA ILE B 666 -18.88 27.92 5.14
C ILE B 666 -17.81 28.23 4.11
N GLY B 667 -17.40 29.50 4.03
CA GLY B 667 -16.37 29.85 3.08
C GLY B 667 -16.67 31.12 2.34
N ALA B 668 -15.66 31.64 1.63
CA ALA B 668 -15.72 32.88 0.85
C ALA B 668 -16.14 34.06 1.71
N GLY B 669 -15.68 34.09 2.95
CA GLY B 669 -16.05 35.12 3.89
C GLY B 669 -17.35 34.87 4.62
N ILE B 670 -18.03 33.78 4.35
CA ILE B 670 -19.40 33.59 4.79
C ILE B 670 -19.41 32.57 5.92
N CYS B 671 -20.01 32.95 7.05
CA CYS B 671 -20.15 32.07 8.20
C CYS B 671 -21.58 32.12 8.71
N ALA B 672 -21.95 31.08 9.45
CA ALA B 672 -23.35 30.84 9.80
C ALA B 672 -23.50 30.57 11.29
N SER B 673 -24.70 30.85 11.81
CA SER B 673 -25.02 30.58 13.21
C SER B 673 -26.53 30.57 13.41
N TYR B 674 -26.95 30.03 14.55
CA TYR B 674 -28.36 30.02 14.92
C TYR B 674 -28.60 31.16 15.92
N GLN B 675 -29.39 32.15 15.50
CA GLN B 675 -29.70 33.29 16.36
C GLN B 675 -31.04 33.88 15.92
N THR B 676 -31.52 34.85 16.69
CA THR B 676 -32.78 35.51 16.34
C THR B 676 -32.57 36.59 15.29
N SER B 689 -38.75 32.62 16.21
CA SER B 689 -38.00 33.84 15.98
C SER B 689 -36.56 33.52 15.59
N GLN B 690 -35.93 32.64 16.34
CA GLN B 690 -34.55 32.29 16.07
C GLN B 690 -34.47 31.27 14.95
N SER B 691 -33.56 31.51 14.02
CA SER B 691 -33.34 30.67 12.87
C SER B 691 -31.85 30.64 12.60
N ILE B 692 -31.46 30.12 11.44
CA ILE B 692 -30.06 30.00 11.09
C ILE B 692 -29.75 31.06 10.05
N ILE B 693 -28.67 31.78 10.25
CA ILE B 693 -28.32 32.94 9.46
C ILE B 693 -26.91 32.78 8.95
N ALA B 694 -26.66 33.39 7.79
CA ALA B 694 -25.34 33.40 7.18
C ALA B 694 -24.98 34.86 6.91
N TYR B 695 -23.70 35.16 7.07
CA TYR B 695 -23.27 36.55 7.18
C TYR B 695 -21.83 36.67 6.74
N THR B 696 -21.51 37.88 6.32
CA THR B 696 -20.14 38.28 6.07
C THR B 696 -19.47 38.47 7.42
N MET B 697 -18.23 38.01 7.54
CA MET B 697 -17.52 38.10 8.81
C MET B 697 -17.22 39.54 9.14
N SER B 698 -17.24 39.83 10.44
CA SER B 698 -16.68 41.05 10.97
C SER B 698 -15.33 40.70 11.57
N LEU B 699 -14.29 41.31 11.04
CA LEU B 699 -12.94 40.84 11.31
C LEU B 699 -12.42 41.33 12.65
N GLY B 700 -12.88 42.49 13.07
CA GLY B 700 -12.55 43.02 14.38
C GLY B 700 -13.17 44.38 14.58
N ALA B 701 -13.09 44.84 15.83
CA ALA B 701 -13.61 46.16 16.16
C ALA B 701 -12.69 47.23 15.57
N GLU B 702 -13.28 48.12 14.79
CA GLU B 702 -12.51 49.16 14.12
C GLU B 702 -12.02 50.21 15.12
N ASN B 703 -10.77 50.62 14.96
CA ASN B 703 -10.17 51.58 15.85
C ASN B 703 -9.05 52.28 15.11
N SER B 704 -8.89 53.58 15.38
CA SER B 704 -7.83 54.37 14.76
C SER B 704 -7.13 55.15 15.86
N VAL B 705 -5.85 54.86 16.07
CA VAL B 705 -5.08 55.59 17.07
C VAL B 705 -4.70 56.95 16.51
N ALA B 706 -4.76 57.97 17.38
CA ALA B 706 -4.52 59.35 16.97
C ALA B 706 -3.01 59.59 16.91
N TYR B 707 -2.48 59.46 15.70
CA TYR B 707 -1.08 59.74 15.48
C TYR B 707 -0.81 61.24 15.51
N SER B 708 0.38 61.60 15.97
CA SER B 708 0.89 62.96 15.88
C SER B 708 2.40 62.88 15.81
N ASN B 709 3.04 64.03 15.66
CA ASN B 709 4.48 64.08 15.76
C ASN B 709 4.96 64.57 17.12
N ASN B 710 4.06 64.82 18.05
CA ASN B 710 4.44 65.31 19.36
C ASN B 710 3.58 64.70 20.45
N SER B 711 3.11 63.48 20.21
CA SER B 711 2.20 62.85 21.15
C SER B 711 2.75 61.49 21.54
N ILE B 712 2.88 61.28 22.84
CA ILE B 712 3.34 60.01 23.37
C ILE B 712 2.31 59.50 24.37
N ALA B 713 2.05 58.20 24.29
CA ALA B 713 1.15 57.54 25.21
C ALA B 713 1.98 56.68 26.17
N ILE B 714 1.82 56.92 27.46
CA ILE B 714 2.56 56.19 28.49
C ILE B 714 1.58 55.59 29.48
N PRO B 715 1.66 54.31 29.78
CA PRO B 715 0.79 53.73 30.79
C PRO B 715 1.21 54.13 32.19
N THR B 716 0.26 54.02 33.11
CA THR B 716 0.50 54.30 34.51
C THR B 716 0.28 53.09 35.40
N ASN B 717 -0.60 52.17 35.04
CA ASN B 717 -0.95 51.05 35.90
C ASN B 717 -0.65 49.77 35.12
N PHE B 718 -0.66 48.65 35.82
CA PHE B 718 -0.25 47.40 35.21
C PHE B 718 -1.15 46.29 35.70
N THR B 719 -0.98 45.13 35.11
CA THR B 719 -1.72 43.95 35.53
C THR B 719 -0.85 42.73 35.32
N ILE B 720 -0.75 41.91 36.36
CA ILE B 720 -0.22 40.56 36.26
C ILE B 720 -1.34 39.69 35.75
N SER B 721 -1.09 38.97 34.67
CA SER B 721 -2.08 38.04 34.16
C SER B 721 -1.42 36.72 33.80
N VAL B 722 -2.13 35.63 34.05
CA VAL B 722 -1.60 34.30 33.81
C VAL B 722 -2.50 33.60 32.80
N THR B 723 -1.89 33.03 31.77
CA THR B 723 -2.62 32.27 30.77
C THR B 723 -2.10 30.84 30.75
N THR B 724 -2.88 29.96 30.13
CA THR B 724 -2.57 28.55 30.04
C THR B 724 -2.27 28.20 28.60
N GLU B 725 -1.48 27.14 28.40
CA GLU B 725 -1.16 26.71 27.05
C GLU B 725 -0.84 25.22 27.07
N ILE B 726 -1.42 24.48 26.15
CA ILE B 726 -1.45 23.03 26.21
C ILE B 726 -0.73 22.45 25.00
N LEU B 727 0.20 21.51 25.24
CA LEU B 727 0.89 20.89 24.12
C LEU B 727 0.95 19.37 24.33
N PRO B 728 0.61 18.60 23.30
CA PRO B 728 0.75 17.15 23.40
C PRO B 728 2.21 16.76 23.38
N VAL B 729 2.51 15.64 24.02
CA VAL B 729 3.90 15.21 24.15
C VAL B 729 4.08 13.83 23.58
N SER B 730 3.28 12.87 24.05
CA SER B 730 3.45 11.49 23.62
C SER B 730 2.10 10.93 23.23
N MET B 731 2.12 9.79 22.55
CA MET B 731 0.91 9.11 22.16
C MET B 731 1.06 7.65 22.54
N THR B 732 -0.03 6.89 22.42
CA THR B 732 -0.07 5.53 22.93
C THR B 732 0.73 4.61 22.03
N LYS B 733 1.76 3.98 22.59
CA LYS B 733 2.54 3.01 21.86
C LYS B 733 1.69 1.80 21.56
N THR B 734 1.93 1.19 20.41
CA THR B 734 1.16 0.02 20.07
C THR B 734 2.02 -0.95 19.30
N SER B 735 1.64 -2.22 19.33
CA SER B 735 2.29 -3.24 18.54
C SER B 735 1.25 -4.18 17.96
N VAL B 736 1.55 -4.65 16.75
CA VAL B 736 0.65 -5.45 15.95
C VAL B 736 1.44 -6.62 15.39
N ASP B 737 0.98 -7.84 15.67
CA ASP B 737 1.51 -9.00 14.98
C ASP B 737 1.06 -8.97 13.54
N CYS B 738 1.96 -9.31 12.64
CA CYS B 738 1.53 -9.61 11.29
C CYS B 738 0.77 -10.92 11.24
N THR B 739 1.34 -11.96 11.83
CA THR B 739 1.03 -13.32 11.42
C THR B 739 -0.36 -13.77 11.84
N MET B 740 -0.71 -13.65 13.12
CA MET B 740 -2.01 -14.18 13.50
C MET B 740 -3.11 -13.20 13.17
N TYR B 741 -2.77 -11.91 13.05
CA TYR B 741 -3.76 -10.92 12.64
C TYR B 741 -4.20 -11.17 11.20
N ILE B 742 -3.24 -11.46 10.32
CA ILE B 742 -3.62 -11.86 8.97
C ILE B 742 -4.40 -13.16 9.01
N CYS B 743 -3.87 -14.16 9.69
CA CYS B 743 -4.56 -15.43 9.82
C CYS B 743 -4.07 -16.16 11.07
N GLY B 744 -4.95 -16.28 12.05
CA GLY B 744 -4.66 -17.04 13.25
C GLY B 744 -4.99 -18.49 13.01
N ASP B 745 -4.25 -19.37 13.69
CA ASP B 745 -4.49 -20.80 13.91
C ASP B 745 -4.30 -21.66 12.66
N SER B 746 -4.27 -21.09 11.46
CA SER B 746 -4.15 -21.85 10.24
C SER B 746 -2.69 -21.96 9.87
N THR B 747 -2.13 -23.16 10.01
CA THR B 747 -0.72 -23.38 9.67
C THR B 747 -0.51 -23.28 8.17
N GLU B 748 -1.47 -23.77 7.38
CA GLU B 748 -1.37 -23.70 5.92
C GLU B 748 -1.43 -22.26 5.42
N CYS B 749 -2.19 -21.41 6.10
CA CYS B 749 -2.21 -20.00 5.73
C CYS B 749 -0.88 -19.34 6.03
N SER B 750 -0.23 -19.74 7.12
CA SER B 750 1.11 -19.25 7.40
C SER B 750 2.11 -19.76 6.38
N ASN B 751 1.90 -20.99 5.89
CA ASN B 751 2.74 -21.54 4.83
C ASN B 751 2.62 -20.71 3.56
N LEU B 752 1.40 -20.32 3.22
CA LEU B 752 1.23 -19.53 2.00
C LEU B 752 1.66 -18.08 2.24
N LEU B 753 1.62 -17.63 3.49
CA LEU B 753 2.07 -16.28 3.80
C LEU B 753 3.58 -16.17 3.74
N LEU B 754 4.29 -17.26 4.06
CA LEU B 754 5.74 -17.26 4.03
C LEU B 754 6.25 -17.15 2.59
N GLN B 755 5.38 -17.37 1.62
CA GLN B 755 5.70 -17.17 0.22
C GLN B 755 5.64 -15.70 -0.19
N TYR B 756 5.48 -14.79 0.76
CA TYR B 756 5.47 -13.37 0.49
C TYR B 756 6.70 -12.64 1.00
N GLY B 757 7.57 -13.30 1.75
CA GLY B 757 8.80 -12.69 2.20
C GLY B 757 8.65 -12.08 3.58
N SER B 758 9.25 -10.92 3.78
CA SER B 758 9.44 -10.36 5.11
C SER B 758 8.77 -9.01 5.27
N PHE B 759 7.53 -8.88 4.81
CA PHE B 759 6.75 -7.67 5.05
C PHE B 759 6.51 -7.46 6.53
N CYS B 760 6.22 -8.55 7.25
CA CYS B 760 5.81 -8.48 8.63
C CYS B 760 6.91 -7.96 9.53
N THR B 761 8.15 -8.35 9.23
CA THR B 761 9.30 -7.88 9.99
C THR B 761 9.49 -6.38 9.83
N GLN B 762 9.28 -5.87 8.61
CA GLN B 762 9.37 -4.44 8.37
C GLN B 762 8.30 -3.68 9.15
N LEU B 763 7.09 -4.22 9.19
CA LEU B 763 6.01 -3.54 9.91
C LEU B 763 6.29 -3.51 11.40
N ASN B 764 6.77 -4.62 11.95
CA ASN B 764 7.11 -4.65 13.37
C ASN B 764 8.30 -3.74 13.67
N ARG B 765 9.24 -3.61 12.72
CA ARG B 765 10.35 -2.69 12.89
C ARG B 765 9.86 -1.25 12.96
N ALA B 766 8.91 -0.89 12.10
CA ALA B 766 8.37 0.47 12.12
C ALA B 766 7.66 0.77 13.43
N LEU B 767 6.85 -0.19 13.90
CA LEU B 767 6.13 0.01 15.16
C LEU B 767 7.09 0.10 16.34
N THR B 768 8.14 -0.71 16.36
CA THR B 768 9.07 -0.64 17.47
C THR B 768 9.91 0.64 17.41
N GLY B 769 10.15 1.16 16.20
CA GLY B 769 10.81 2.45 16.09
C GLY B 769 9.98 3.57 16.72
N ILE B 770 8.67 3.54 16.46
CA ILE B 770 7.75 4.47 17.12
C ILE B 770 7.78 4.27 18.64
N ALA B 771 7.82 3.00 19.06
CA ALA B 771 7.75 2.68 20.49
C ALA B 771 8.96 3.18 21.24
N VAL B 772 10.14 3.10 20.64
CA VAL B 772 11.32 3.70 21.24
C VAL B 772 11.20 5.23 21.21
N GLU B 773 10.65 5.76 20.11
CA GLU B 773 10.65 7.19 19.90
C GLU B 773 9.78 7.94 20.91
N GLN B 774 8.70 7.29 21.38
CA GLN B 774 7.86 7.93 22.38
C GLN B 774 8.59 8.17 23.69
N ASP B 775 9.33 7.16 24.16
CA ASP B 775 10.10 7.32 25.39
C ASP B 775 11.23 8.31 25.20
N LYS B 776 11.79 8.36 23.99
CA LYS B 776 12.82 9.36 23.70
C LYS B 776 12.26 10.78 23.82
N ASN B 777 11.07 11.00 23.27
CA ASN B 777 10.43 12.31 23.37
C ASN B 777 10.13 12.68 24.81
N THR B 778 9.62 11.72 25.58
CA THR B 778 9.20 12.03 26.94
C THR B 778 10.39 12.37 27.83
N GLN B 779 11.47 11.58 27.73
CA GLN B 779 12.64 11.90 28.53
C GLN B 779 13.34 13.15 28.02
N GLU B 780 13.19 13.46 26.74
CA GLU B 780 13.85 14.63 26.22
C GLU B 780 13.14 15.90 26.67
N VAL B 781 11.82 15.85 26.83
CA VAL B 781 11.09 17.04 27.21
C VAL B 781 11.06 17.20 28.72
N PHE B 782 11.23 16.10 29.46
CA PHE B 782 11.15 16.30 30.91
C PHE B 782 12.49 16.26 31.60
N ALA B 783 13.34 15.28 31.30
CA ALA B 783 14.59 15.10 32.04
C ALA B 783 15.59 16.14 31.55
N GLN B 784 15.41 17.37 32.03
CA GLN B 784 16.38 18.43 31.83
C GLN B 784 17.10 18.76 33.12
N VAL B 785 16.72 18.13 34.23
CA VAL B 785 17.33 18.39 35.51
C VAL B 785 17.92 17.11 36.05
N LYS B 786 19.16 17.19 36.52
CA LYS B 786 19.88 16.05 37.06
C LYS B 786 19.62 15.85 38.55
N GLN B 787 18.93 16.79 39.21
CA GLN B 787 18.70 16.72 40.64
C GLN B 787 17.21 16.82 40.92
N ILE B 788 16.82 16.39 42.11
CA ILE B 788 15.42 16.45 42.52
C ILE B 788 15.36 17.36 43.74
N TYR B 789 14.88 18.57 43.55
CA TYR B 789 14.68 19.46 44.68
C TYR B 789 13.35 19.19 45.34
N LYS B 790 13.16 19.82 46.50
CA LYS B 790 11.87 19.82 47.18
C LYS B 790 11.78 21.07 48.02
N THR B 791 10.59 21.57 48.15
CA THR B 791 10.39 22.84 48.83
C THR B 791 10.57 22.70 50.34
N PRO B 792 11.04 23.74 51.01
CA PRO B 792 11.04 23.76 52.46
C PRO B 792 9.62 23.79 53.00
N PRO B 793 9.40 23.32 54.24
CA PRO B 793 8.04 23.33 54.79
C PRO B 793 7.48 24.71 55.05
N ILE B 794 8.32 25.71 55.26
CA ILE B 794 7.85 27.06 55.51
C ILE B 794 7.38 27.67 54.20
N LYS B 795 6.28 28.40 54.26
CA LYS B 795 5.67 28.93 53.04
C LYS B 795 5.76 30.45 53.02
N ASP B 796 6.76 31.00 53.69
CA ASP B 796 6.93 32.44 53.80
C ASP B 796 7.45 32.94 52.46
N PHE B 797 6.52 33.37 51.62
CA PHE B 797 6.87 33.83 50.29
C PHE B 797 6.51 35.28 50.05
N GLY B 798 6.62 36.12 51.07
CA GLY B 798 6.43 37.55 50.92
C GLY B 798 5.02 37.99 50.59
N GLY B 799 4.04 37.08 50.66
CA GLY B 799 2.70 37.35 50.23
C GLY B 799 2.22 36.46 49.10
N PHE B 800 3.11 35.94 48.29
CA PHE B 800 2.69 35.11 47.18
C PHE B 800 2.25 33.75 47.67
N ASN B 801 1.31 33.16 46.96
CA ASN B 801 0.58 31.98 47.42
C ASN B 801 0.72 30.86 46.40
N PHE B 802 1.73 30.03 46.56
CA PHE B 802 1.96 28.91 45.65
C PHE B 802 1.22 27.66 46.07
N SER B 803 0.09 27.80 46.76
CA SER B 803 -0.57 26.63 47.30
C SER B 803 -1.27 25.78 46.26
N GLN B 804 -1.41 26.28 45.03
CA GLN B 804 -2.24 25.56 44.08
C GLN B 804 -1.46 24.87 42.97
N ILE B 805 -0.14 24.93 42.98
CA ILE B 805 0.61 24.19 41.96
C ILE B 805 1.54 23.20 42.64
N LEU B 806 1.86 23.46 43.90
CA LEU B 806 2.67 22.55 44.68
C LEU B 806 1.88 21.27 44.97
N PRO B 807 2.58 20.14 45.16
CA PRO B 807 1.87 18.89 45.43
C PRO B 807 1.21 18.89 46.80
N ASP B 808 0.16 18.08 46.90
CA ASP B 808 -0.52 17.80 48.16
C ASP B 808 -0.04 16.46 48.71
N PRO B 809 0.55 16.43 49.91
CA PRO B 809 0.89 15.14 50.53
C PRO B 809 -0.30 14.38 51.07
N SER B 810 -1.51 14.94 50.98
CA SER B 810 -2.72 14.30 51.46
C SER B 810 -3.37 13.40 50.42
N LYS B 811 -2.72 13.22 49.27
CA LYS B 811 -3.24 12.35 48.23
C LYS B 811 -2.17 11.35 47.84
N PRO B 812 -2.58 10.12 47.49
CA PRO B 812 -1.59 9.15 46.96
C PRO B 812 -0.95 9.61 45.67
N SER B 813 -1.73 10.29 44.81
CA SER B 813 -1.17 11.00 43.67
C SER B 813 -0.84 12.40 44.15
N LYS B 814 0.42 12.59 44.54
CA LYS B 814 0.85 13.85 45.17
C LYS B 814 0.89 14.93 44.10
N ARG B 815 -0.30 15.43 43.79
CA ARG B 815 -0.52 16.34 42.69
C ARG B 815 -1.17 17.62 43.19
N SER B 816 -1.11 18.64 42.36
CA SER B 816 -1.81 19.89 42.62
C SER B 816 -3.30 19.69 42.42
N PRO B 817 -4.12 20.59 42.95
CA PRO B 817 -5.53 20.62 42.51
C PRO B 817 -5.68 20.85 41.01
N ILE B 818 -4.78 21.66 40.43
CA ILE B 818 -4.77 21.89 39.00
C ILE B 818 -4.49 20.60 38.26
N GLU B 819 -3.50 19.84 38.73
CA GLU B 819 -3.19 18.55 38.13
C GLU B 819 -4.34 17.57 38.31
N ASP B 820 -5.07 17.69 39.41
CA ASP B 820 -6.22 16.83 39.63
C ASP B 820 -7.33 17.13 38.64
N LEU B 821 -7.59 18.40 38.38
CA LEU B 821 -8.58 18.78 37.37
C LEU B 821 -8.16 18.30 35.99
N LEU B 822 -6.86 18.41 35.68
CA LEU B 822 -6.37 17.94 34.40
C LEU B 822 -6.51 16.44 34.24
N PHE B 823 -6.26 15.68 35.32
CA PHE B 823 -6.41 14.24 35.23
C PHE B 823 -7.87 13.83 35.16
N ASN B 824 -8.76 14.62 35.76
CA ASN B 824 -10.17 14.28 35.71
C ASN B 824 -10.77 14.56 34.34
N LYS B 825 -10.43 15.71 33.73
CA LYS B 825 -11.23 16.18 32.61
C LYS B 825 -10.88 15.47 31.31
N VAL B 826 -9.74 14.80 31.25
CA VAL B 826 -9.43 13.94 30.10
C VAL B 826 -9.79 12.51 30.45
N THR B 827 -10.70 11.93 29.68
CA THR B 827 -11.09 10.54 29.88
C THR B 827 -10.68 9.73 28.66
N ILE B 850 -11.18 1.00 22.09
CA ILE B 850 -12.53 0.44 22.08
C ILE B 850 -12.76 -0.22 23.43
N CYS B 851 -12.13 -1.37 23.61
CA CYS B 851 -12.22 -2.13 24.85
C CYS B 851 -10.85 -2.17 25.50
N ALA B 852 -10.85 -2.53 26.77
CA ALA B 852 -9.57 -2.77 27.44
C ALA B 852 -8.89 -4.00 26.87
N GLN B 853 -9.66 -4.98 26.43
CA GLN B 853 -9.14 -6.23 25.88
C GLN B 853 -9.39 -6.29 24.38
N LYS B 854 -8.36 -6.64 23.64
CA LYS B 854 -8.45 -6.90 22.20
C LYS B 854 -7.86 -8.27 21.96
N PHE B 855 -8.34 -8.94 20.93
CA PHE B 855 -8.08 -10.36 20.81
C PHE B 855 -7.31 -10.75 19.56
N ASN B 856 -6.99 -9.81 18.68
CA ASN B 856 -6.17 -10.13 17.51
C ASN B 856 -4.95 -9.23 17.48
N GLY B 857 -3.92 -9.63 18.23
CA GLY B 857 -2.57 -9.07 18.14
C GLY B 857 -2.46 -7.59 18.37
N LEU B 858 -3.37 -7.00 19.13
CA LEU B 858 -3.37 -5.57 19.38
C LEU B 858 -2.84 -5.36 20.78
N THR B 859 -1.53 -5.17 20.90
CA THR B 859 -0.97 -4.99 22.22
C THR B 859 -0.63 -3.53 22.44
N VAL B 860 -1.17 -2.98 23.53
CA VAL B 860 -0.81 -1.65 23.97
C VAL B 860 0.33 -1.80 24.98
N LEU B 861 1.33 -1.13 24.75
CA LEU B 861 2.48 -1.36 25.60
C LEU B 861 2.46 -0.38 26.76
N PRO B 862 2.93 -0.78 27.93
CA PRO B 862 3.08 0.17 29.02
C PRO B 862 4.24 1.11 28.75
N PRO B 863 4.05 2.39 28.96
CA PRO B 863 5.14 3.35 28.76
C PRO B 863 6.19 3.20 29.85
N LEU B 864 7.40 3.65 29.53
CA LEU B 864 8.50 3.50 30.47
C LEU B 864 8.35 4.40 31.68
N LEU B 865 8.04 5.66 31.49
CA LEU B 865 7.95 6.62 32.58
C LEU B 865 6.51 6.60 33.09
N THR B 866 6.35 6.22 34.35
CA THR B 866 5.03 6.13 34.96
C THR B 866 4.49 7.51 35.27
N ASP B 867 3.22 7.55 35.65
CA ASP B 867 2.58 8.80 35.98
C ASP B 867 3.10 9.42 37.27
N GLU B 868 3.62 8.62 38.20
CA GLU B 868 4.07 9.17 39.47
C GLU B 868 5.34 9.98 39.35
N MET B 869 6.33 9.50 38.62
CA MET B 869 7.60 10.20 38.63
C MET B 869 7.62 11.37 37.67
N ILE B 870 6.65 11.45 36.75
CA ILE B 870 6.48 12.68 35.99
C ILE B 870 6.04 13.80 36.91
N ALA B 871 5.20 13.49 37.89
CA ALA B 871 4.85 14.46 38.91
C ALA B 871 6.06 14.83 39.77
N GLN B 872 6.98 13.88 39.97
CA GLN B 872 8.20 14.18 40.70
C GLN B 872 9.08 15.16 39.93
N TYR B 873 9.19 14.97 38.61
CA TYR B 873 9.95 15.90 37.78
C TYR B 873 9.32 17.28 37.79
N THR B 874 7.98 17.31 37.74
CA THR B 874 7.25 18.56 37.80
C THR B 874 7.50 19.29 39.11
N SER B 875 7.45 18.56 40.22
CA SER B 875 7.71 19.14 41.53
C SER B 875 9.15 19.64 41.63
N ALA B 876 10.08 18.93 41.00
CA ALA B 876 11.47 19.37 40.97
C ALA B 876 11.61 20.68 40.23
N LEU B 877 10.93 20.82 39.09
CA LEU B 877 10.99 22.06 38.33
C LEU B 877 10.38 23.21 39.11
N LEU B 878 9.24 22.97 39.77
CA LEU B 878 8.60 24.01 40.56
C LEU B 878 9.47 24.44 41.72
N ALA B 879 10.11 23.48 42.38
CA ALA B 879 10.96 23.80 43.53
C ALA B 879 12.18 24.58 43.08
N GLY B 880 12.76 24.20 41.95
CA GLY B 880 13.93 24.90 41.45
C GLY B 880 13.60 26.33 41.05
N THR B 881 12.44 26.53 40.43
CA THR B 881 12.06 27.88 40.04
C THR B 881 11.76 28.75 41.25
N ILE B 882 10.94 28.25 42.19
CA ILE B 882 10.55 29.12 43.29
C ILE B 882 11.60 29.24 44.38
N THR B 883 12.66 28.44 44.34
CA THR B 883 13.71 28.61 45.33
C THR B 883 15.03 29.10 44.77
N SER B 884 15.22 29.01 43.47
CA SER B 884 16.51 29.35 42.89
C SER B 884 16.42 30.22 41.66
N GLY B 885 15.24 30.47 41.13
CA GLY B 885 15.14 31.30 39.95
C GLY B 885 15.63 30.60 38.71
N TRP B 886 16.38 31.30 37.86
CA TRP B 886 16.93 30.72 36.66
C TRP B 886 18.30 30.15 36.87
N THR B 887 18.88 30.32 38.04
CA THR B 887 20.27 29.99 38.27
C THR B 887 20.52 28.49 38.34
N PHE B 888 19.49 27.69 38.62
CA PHE B 888 19.68 26.25 38.70
C PHE B 888 19.75 25.59 37.34
N GLY B 889 19.39 26.29 36.28
CA GLY B 889 19.47 25.72 34.96
C GLY B 889 20.83 25.81 34.32
N ALA B 890 21.81 26.38 35.01
CA ALA B 890 23.12 26.58 34.43
C ALA B 890 24.25 26.04 35.28
N GLY B 891 23.96 25.42 36.41
CA GLY B 891 25.00 24.87 37.25
C GLY B 891 24.51 24.49 38.63
N PRO B 892 25.21 24.91 39.65
CA PRO B 892 24.75 24.64 41.01
C PRO B 892 23.66 25.60 41.45
N ALA B 893 22.60 25.06 42.05
CA ALA B 893 21.45 25.88 42.42
C ALA B 893 21.77 26.75 43.62
N LEU B 894 21.42 28.03 43.51
CA LEU B 894 21.69 29.01 44.55
C LEU B 894 20.36 29.48 45.13
N GLN B 895 20.29 29.56 46.44
CA GLN B 895 19.08 30.13 47.00
C GLN B 895 19.08 31.64 46.80
N ILE B 896 17.88 32.18 46.77
CA ILE B 896 17.66 33.61 46.60
C ILE B 896 16.24 33.90 47.07
N PRO B 897 16.00 35.00 47.77
CA PRO B 897 14.63 35.31 48.17
C PRO B 897 13.78 35.65 46.96
N PHE B 898 12.50 35.33 47.08
CA PHE B 898 11.58 35.50 45.96
C PHE B 898 11.33 36.93 45.50
N PRO B 899 11.11 37.95 46.35
CA PRO B 899 10.91 39.29 45.76
C PRO B 899 12.17 39.89 45.18
N MET B 900 13.34 39.41 45.61
CA MET B 900 14.56 39.71 44.88
C MET B 900 14.48 39.19 43.46
N GLN B 901 13.98 37.96 43.31
CA GLN B 901 13.83 37.36 41.99
C GLN B 901 12.87 38.15 41.13
N MET B 902 11.72 38.55 41.67
CA MET B 902 10.80 39.31 40.83
C MET B 902 11.29 40.72 40.54
N ALA B 903 12.11 41.31 41.41
CA ALA B 903 12.75 42.57 41.05
C ALA B 903 13.71 42.36 39.88
N TYR B 904 14.39 41.22 39.84
CA TYR B 904 15.26 40.95 38.70
C TYR B 904 14.44 40.70 37.43
N ARG B 905 13.28 40.06 37.56
CA ARG B 905 12.49 39.79 36.37
C ARG B 905 11.89 41.08 35.81
N PHE B 906 11.56 42.05 36.65
CA PHE B 906 11.20 43.36 36.10
C PHE B 906 12.40 44.07 35.52
N ASN B 907 13.58 43.88 36.11
CA ASN B 907 14.76 44.53 35.56
C ASN B 907 15.15 43.93 34.22
N GLY B 908 14.73 42.70 33.95
CA GLY B 908 14.89 42.15 32.63
C GLY B 908 13.97 42.75 31.59
N ILE B 909 12.85 43.34 32.01
CA ILE B 909 11.88 43.90 31.08
C ILE B 909 11.83 45.42 31.21
N GLY B 910 12.94 46.02 31.60
CA GLY B 910 13.09 47.46 31.50
C GLY B 910 12.35 48.27 32.53
N VAL B 911 11.60 47.64 33.43
CA VAL B 911 10.92 48.33 34.51
C VAL B 911 11.90 48.45 35.66
N THR B 912 12.05 49.67 36.17
CA THR B 912 12.97 49.93 37.26
C THR B 912 12.43 49.27 38.51
N GLN B 913 13.28 48.55 39.26
CA GLN B 913 12.81 47.62 40.25
C GLN B 913 12.14 48.28 41.45
N ASN B 914 12.32 49.59 41.64
CA ASN B 914 11.69 50.26 42.77
C ASN B 914 10.18 50.33 42.64
N VAL B 915 9.63 50.05 41.46
CA VAL B 915 8.21 49.81 41.31
C VAL B 915 7.74 48.65 42.18
N LEU B 916 8.43 47.51 42.15
CA LEU B 916 7.91 46.33 42.82
C LEU B 916 7.93 46.45 44.33
N TYR B 917 9.00 47.00 44.89
CA TYR B 917 9.13 47.03 46.33
C TYR B 917 8.17 48.02 46.99
N GLU B 918 7.59 48.92 46.23
CA GLU B 918 6.55 49.79 46.75
C GLU B 918 5.14 49.29 46.45
N ASN B 919 5.00 48.20 45.69
CA ASN B 919 3.68 47.79 45.23
C ASN B 919 3.54 46.28 45.36
N GLN B 920 3.96 45.75 46.50
CA GLN B 920 4.20 44.32 46.62
C GLN B 920 2.90 43.54 46.79
N LYS B 921 2.11 43.91 47.79
CA LYS B 921 0.91 43.15 48.14
C LYS B 921 -0.15 43.25 47.06
N LEU B 922 -0.15 44.34 46.29
CA LEU B 922 -1.02 44.45 45.13
C LEU B 922 -0.72 43.37 44.10
N ILE B 923 0.57 43.18 43.82
CA ILE B 923 0.99 42.13 42.89
C ILE B 923 0.63 40.77 43.44
N ALA B 924 0.79 40.61 44.75
CA ALA B 924 0.43 39.34 45.39
C ALA B 924 -1.06 39.04 45.25
N ASN B 925 -1.91 40.05 45.47
CA ASN B 925 -3.34 39.82 45.41
C ASN B 925 -3.81 39.56 43.98
N GLN B 926 -3.24 40.29 43.02
CA GLN B 926 -3.57 40.04 41.62
C GLN B 926 -3.13 38.65 41.20
N PHE B 927 -1.98 38.20 41.71
CA PHE B 927 -1.48 36.88 41.39
C PHE B 927 -2.40 35.79 41.94
N ASN B 928 -2.85 35.98 43.18
CA ASN B 928 -3.79 35.04 43.78
C ASN B 928 -5.10 34.98 43.02
N SER B 929 -5.60 36.15 42.61
CA SER B 929 -6.84 36.20 41.85
C SER B 929 -6.69 35.52 40.50
N ALA B 930 -5.53 35.69 39.86
CA ALA B 930 -5.26 35.04 38.60
C ALA B 930 -5.26 33.53 38.73
N ILE B 931 -4.62 33.01 39.78
CA ILE B 931 -4.58 31.56 40.01
C ILE B 931 -5.98 31.00 40.26
N GLY B 932 -6.79 31.74 41.04
CA GLY B 932 -8.15 31.31 41.29
C GLY B 932 -9.00 31.25 40.03
N LYS B 933 -8.86 32.25 39.16
CA LYS B 933 -9.59 32.19 37.91
C LYS B 933 -9.07 31.12 36.97
N ILE B 934 -7.80 30.74 37.08
CA ILE B 934 -7.32 29.57 36.32
C ILE B 934 -8.06 28.32 36.74
N GLN B 935 -8.16 28.11 38.06
CA GLN B 935 -8.87 26.94 38.57
C GLN B 935 -10.32 26.93 38.16
N ASP B 936 -10.98 28.09 38.25
CA ASP B 936 -12.40 28.17 37.93
C ASP B 936 -12.64 27.98 36.43
N SER B 937 -11.79 28.58 35.60
CA SER B 937 -11.94 28.46 34.16
C SER B 937 -11.69 27.04 33.69
N LEU B 938 -10.73 26.35 34.28
CA LEU B 938 -10.47 24.99 33.85
C LEU B 938 -11.54 24.04 34.39
N SER B 939 -12.09 24.34 35.57
CA SER B 939 -13.17 23.53 36.11
C SER B 939 -14.47 23.71 35.36
N SER B 940 -14.71 24.90 34.81
CA SER B 940 -16.00 25.23 34.21
C SER B 940 -16.08 24.81 32.75
N THR B 941 -15.19 25.34 31.92
CA THR B 941 -15.23 25.01 30.50
C THR B 941 -14.69 23.60 30.28
N PRO B 942 -15.47 22.73 29.65
CA PRO B 942 -14.99 21.38 29.34
C PRO B 942 -14.30 21.30 27.99
N SER B 943 -14.21 22.43 27.30
CA SER B 943 -13.75 22.47 25.91
C SER B 943 -12.31 22.96 25.77
N ALA B 944 -11.56 23.04 26.87
CA ALA B 944 -10.22 23.60 26.79
C ALA B 944 -9.20 22.56 26.35
N LEU B 945 -9.44 21.29 26.64
CA LEU B 945 -8.43 20.25 26.49
C LEU B 945 -8.54 19.50 25.18
N GLY B 946 -9.08 20.16 24.15
CA GLY B 946 -9.44 19.47 22.92
C GLY B 946 -8.24 18.91 22.18
N LYS B 947 -7.11 19.63 22.25
CA LYS B 947 -5.87 19.14 21.64
C LYS B 947 -5.40 17.86 22.30
N LEU B 948 -5.65 17.71 23.60
CA LEU B 948 -5.30 16.43 24.21
C LEU B 948 -6.32 15.36 23.90
N GLN B 949 -7.55 15.76 23.57
CA GLN B 949 -8.59 14.76 23.43
C GLN B 949 -8.49 14.03 22.10
N ASP B 950 -8.56 14.79 21.00
CA ASP B 950 -8.79 14.25 19.66
C ASP B 950 -7.73 13.27 19.21
N VAL B 951 -6.47 13.54 19.55
CA VAL B 951 -5.36 12.65 19.21
C VAL B 951 -5.60 11.26 19.77
N VAL B 952 -6.02 11.22 21.05
CA VAL B 952 -6.41 9.98 21.70
C VAL B 952 -7.53 9.31 20.92
N ASN B 953 -8.55 10.10 20.55
CA ASN B 953 -9.68 9.62 19.77
C ASN B 953 -9.21 9.04 18.45
N GLN B 954 -8.24 9.74 17.83
CA GLN B 954 -7.72 9.35 16.53
C GLN B 954 -7.15 7.96 16.58
N ASN B 955 -6.39 7.68 17.65
CA ASN B 955 -5.73 6.39 17.79
C ASN B 955 -6.77 5.29 17.86
N ALA B 956 -7.78 5.51 18.71
CA ALA B 956 -8.83 4.52 18.90
C ALA B 956 -9.58 4.32 17.60
N GLN B 957 -9.86 5.44 16.91
CA GLN B 957 -10.61 5.38 15.67
C GLN B 957 -9.85 4.60 14.62
N ALA B 958 -8.54 4.87 14.52
CA ALA B 958 -7.72 4.15 13.55
C ALA B 958 -7.68 2.68 13.92
N LEU B 959 -7.51 2.41 15.21
CA LEU B 959 -7.43 1.04 15.68
C LEU B 959 -8.75 0.35 15.42
N ASN B 960 -9.85 1.10 15.60
CA ASN B 960 -11.18 0.53 15.44
C ASN B 960 -11.41 0.09 14.01
N THR B 961 -10.96 0.91 13.05
CA THR B 961 -11.32 0.56 11.68
C THR B 961 -10.46 -0.58 11.20
N LEU B 962 -9.32 -0.80 11.87
CA LEU B 962 -8.50 -1.96 11.56
C LEU B 962 -9.24 -3.23 11.86
N VAL B 963 -9.92 -3.28 13.00
CA VAL B 963 -10.65 -4.49 13.31
C VAL B 963 -11.90 -4.54 12.45
N LYS B 964 -12.37 -3.38 12.02
CA LYS B 964 -13.50 -3.34 11.10
C LYS B 964 -13.09 -3.82 9.71
N GLN B 965 -11.80 -3.85 9.42
CA GLN B 965 -11.46 -4.48 8.16
C GLN B 965 -11.46 -5.94 8.23
N LEU B 966 -11.71 -6.62 9.34
CA LEU B 966 -11.64 -8.07 9.36
C LEU B 966 -12.74 -8.74 8.56
N SER B 967 -13.95 -8.20 8.56
CA SER B 967 -15.08 -8.92 8.00
C SER B 967 -15.36 -8.47 6.58
N SER B 968 -14.34 -8.02 5.87
CA SER B 968 -14.50 -7.69 4.47
C SER B 968 -14.10 -8.88 3.62
N ASN B 969 -14.92 -9.17 2.62
CA ASN B 969 -14.76 -10.37 1.83
C ASN B 969 -13.79 -10.21 0.69
N PHE B 970 -13.56 -8.97 0.27
CA PHE B 970 -12.60 -8.58 -0.77
C PHE B 970 -12.87 -9.26 -2.11
N GLY B 971 -14.09 -9.67 -2.38
CA GLY B 971 -14.38 -10.41 -3.57
C GLY B 971 -14.15 -11.90 -3.43
N ALA B 972 -13.70 -12.37 -2.28
CA ALA B 972 -13.57 -13.80 -2.07
C ALA B 972 -14.90 -14.34 -1.52
N ILE B 973 -14.91 -15.61 -1.13
CA ILE B 973 -16.19 -16.25 -0.88
C ILE B 973 -16.77 -15.86 0.48
N SER B 974 -15.95 -15.81 1.53
CA SER B 974 -16.47 -15.47 2.85
C SER B 974 -15.36 -14.93 3.73
N SER B 975 -15.76 -14.28 4.81
CA SER B 975 -14.82 -13.60 5.69
C SER B 975 -14.30 -14.48 6.81
N VAL B 976 -14.76 -15.71 6.91
CA VAL B 976 -14.22 -16.65 7.86
C VAL B 976 -13.20 -17.50 7.14
N LEU B 977 -12.01 -17.62 7.72
CA LEU B 977 -11.01 -18.53 7.20
C LEU B 977 -11.48 -19.97 7.28
N ASN B 978 -12.13 -20.31 8.39
CA ASN B 978 -12.55 -21.68 8.65
C ASN B 978 -13.59 -22.15 7.65
N ASP B 979 -14.56 -21.30 7.32
CA ASP B 979 -15.63 -21.70 6.40
C ASP B 979 -15.12 -21.96 5.00
N ILE B 980 -14.12 -21.19 4.55
CA ILE B 980 -13.43 -21.51 3.31
C ILE B 980 -12.70 -22.83 3.46
N LEU B 981 -12.06 -23.04 4.61
CA LEU B 981 -11.38 -24.30 4.83
C LEU B 981 -12.38 -25.43 5.02
N SER B 982 -13.51 -25.18 5.68
CA SER B 982 -14.45 -26.25 5.98
C SER B 982 -15.37 -26.57 4.82
N ARG B 983 -15.25 -25.87 3.70
CA ARG B 983 -16.13 -26.18 2.59
C ARG B 983 -15.44 -26.40 1.27
N LEU B 984 -14.18 -25.99 1.10
CA LEU B 984 -13.57 -26.03 -0.22
C LEU B 984 -12.30 -26.88 -0.16
N ASP B 985 -11.66 -27.02 -1.33
CA ASP B 985 -10.55 -27.96 -1.52
C ASP B 985 -9.21 -27.24 -1.51
N PRO B 986 -8.18 -27.90 -1.01
CA PRO B 986 -6.81 -27.32 -1.02
C PRO B 986 -6.25 -27.09 -2.42
N PRO B 987 -6.68 -27.79 -3.49
CA PRO B 987 -6.39 -27.25 -4.82
C PRO B 987 -7.21 -26.05 -5.21
N GLU B 988 -8.25 -25.70 -4.47
CA GLU B 988 -9.09 -24.58 -4.85
C GLU B 988 -8.95 -23.38 -3.94
N ALA B 989 -8.88 -23.60 -2.63
CA ALA B 989 -9.16 -22.55 -1.66
C ALA B 989 -8.06 -21.50 -1.59
N GLU B 990 -6.88 -21.80 -2.16
CA GLU B 990 -5.74 -20.91 -2.05
C GLU B 990 -5.98 -19.60 -2.80
N VAL B 991 -6.83 -19.63 -3.82
CA VAL B 991 -7.22 -18.41 -4.50
C VAL B 991 -7.97 -17.48 -3.58
N GLN B 992 -8.89 -18.02 -2.79
CA GLN B 992 -9.63 -17.23 -1.82
C GLN B 992 -8.72 -16.71 -0.72
N ILE B 993 -7.81 -17.58 -0.25
CA ILE B 993 -6.87 -17.20 0.80
C ILE B 993 -5.93 -16.11 0.30
N ASP B 994 -5.56 -16.19 -0.98
CA ASP B 994 -4.72 -15.17 -1.60
C ASP B 994 -5.42 -13.83 -1.61
N ARG B 995 -6.71 -13.83 -1.92
CA ARG B 995 -7.50 -12.61 -1.92
C ARG B 995 -7.58 -12.01 -0.52
N LEU B 996 -7.81 -12.89 0.47
CA LEU B 996 -7.89 -12.46 1.87
C LEU B 996 -6.61 -11.80 2.34
N ILE B 997 -5.48 -12.44 2.07
CA ILE B 997 -4.23 -11.90 2.59
C ILE B 997 -3.83 -10.66 1.83
N THR B 998 -4.21 -10.55 0.56
CA THR B 998 -3.93 -9.34 -0.19
C THR B 998 -4.68 -8.15 0.39
N GLY B 999 -5.98 -8.32 0.65
CA GLY B 999 -6.77 -7.23 1.18
C GLY B 999 -6.35 -6.82 2.58
N ARG B 1000 -6.14 -7.82 3.44
CA ARG B 1000 -5.77 -7.52 4.82
C ARG B 1000 -4.38 -6.91 4.90
N LEU B 1001 -3.46 -7.40 4.07
CA LEU B 1001 -2.11 -6.88 4.04
C LEU B 1001 -2.08 -5.43 3.57
N GLN B 1002 -2.92 -5.11 2.57
CA GLN B 1002 -2.99 -3.74 2.10
C GLN B 1002 -3.53 -2.81 3.18
N SER B 1003 -4.55 -3.27 3.91
CA SER B 1003 -5.09 -2.46 5.00
C SER B 1003 -4.06 -2.23 6.11
N LEU B 1004 -3.29 -3.26 6.43
CA LEU B 1004 -2.30 -3.13 7.49
C LEU B 1004 -1.18 -2.17 7.10
N GLN B 1005 -0.76 -2.22 5.83
CA GLN B 1005 0.29 -1.32 5.38
C GLN B 1005 -0.21 0.12 5.34
N THR B 1006 -1.48 0.31 4.99
CA THR B 1006 -2.08 1.65 5.08
C THR B 1006 -2.07 2.15 6.51
N TYR B 1007 -2.38 1.26 7.46
CA TYR B 1007 -2.38 1.64 8.88
C TYR B 1007 -1.01 2.08 9.36
N VAL B 1008 0.02 1.33 8.99
CA VAL B 1008 1.35 1.68 9.51
C VAL B 1008 1.83 2.98 8.88
N THR B 1009 1.40 3.27 7.64
CA THR B 1009 1.68 4.56 7.04
C THR B 1009 1.04 5.70 7.83
N GLN B 1010 -0.24 5.53 8.20
CA GLN B 1010 -0.98 6.56 8.93
C GLN B 1010 -0.34 6.84 10.28
N GLN B 1011 -0.06 5.77 11.02
CA GLN B 1011 0.49 5.91 12.36
C GLN B 1011 1.88 6.52 12.33
N LEU B 1012 2.66 6.20 11.31
CA LEU B 1012 4.03 6.70 11.30
C LEU B 1012 4.06 8.19 10.95
N ILE B 1013 3.12 8.63 10.10
CA ILE B 1013 3.01 10.05 9.78
C ILE B 1013 2.59 10.85 11.01
N ARG B 1014 1.57 10.37 11.73
CA ARG B 1014 1.16 11.09 12.93
C ARG B 1014 2.24 11.04 14.02
N ALA B 1015 3.06 9.98 14.01
CA ALA B 1015 4.20 9.93 14.92
C ALA B 1015 5.19 11.03 14.62
N ALA B 1016 5.43 11.30 13.33
CA ALA B 1016 6.28 12.42 12.96
C ALA B 1016 5.70 13.75 13.44
N GLU B 1017 4.37 13.88 13.34
CA GLU B 1017 3.68 15.08 13.81
C GLU B 1017 3.87 15.28 15.31
N ILE B 1018 3.75 14.20 16.07
CA ILE B 1018 3.89 14.27 17.52
C ILE B 1018 5.34 14.60 17.89
N ARG B 1019 6.29 14.08 17.12
CA ARG B 1019 7.69 14.44 17.33
C ARG B 1019 7.94 15.92 17.12
N ALA B 1020 7.29 16.51 16.12
CA ALA B 1020 7.41 17.95 15.91
C ALA B 1020 6.87 18.73 17.11
N SER B 1021 5.73 18.29 17.63
CA SER B 1021 5.16 18.96 18.80
C SER B 1021 6.04 18.80 20.03
N ALA B 1022 6.70 17.65 20.16
CA ALA B 1022 7.52 17.41 21.34
C ALA B 1022 8.77 18.27 21.31
N ASN B 1023 9.37 18.44 20.12
CA ASN B 1023 10.51 19.33 20.01
C ASN B 1023 10.12 20.77 20.34
N LEU B 1024 8.94 21.19 19.88
CA LEU B 1024 8.44 22.52 20.24
C LEU B 1024 8.25 22.66 21.75
N ALA B 1025 7.72 21.61 22.38
CA ALA B 1025 7.49 21.66 23.82
C ALA B 1025 8.79 21.71 24.59
N ALA B 1026 9.82 21.01 24.13
CA ALA B 1026 11.09 21.03 24.82
C ALA B 1026 11.77 22.38 24.70
N THR B 1027 11.63 23.03 23.55
CA THR B 1027 12.19 24.37 23.41
C THR B 1027 11.47 25.36 24.32
N LYS B 1028 10.15 25.22 24.45
CA LYS B 1028 9.41 26.06 25.39
C LYS B 1028 9.80 25.77 26.83
N MET B 1029 10.12 24.51 27.11
CA MET B 1029 10.62 24.14 28.43
C MET B 1029 11.93 24.85 28.75
N SER B 1030 12.85 24.86 27.79
CA SER B 1030 14.16 25.44 28.07
C SER B 1030 14.12 26.95 28.09
N GLU B 1031 13.22 27.57 27.33
CA GLU B 1031 13.25 29.03 27.27
C GLU B 1031 12.23 29.72 28.16
N CYS B 1032 10.99 29.22 28.25
CA CYS B 1032 10.02 29.91 29.09
C CYS B 1032 10.22 29.61 30.57
N VAL B 1033 10.62 28.40 30.92
CA VAL B 1033 10.67 28.03 32.34
C VAL B 1033 12.01 28.35 32.96
N LEU B 1034 13.09 27.78 32.45
CA LEU B 1034 14.38 27.92 33.08
C LEU B 1034 15.04 29.25 32.82
N GLY B 1035 14.44 30.10 32.03
CA GLY B 1035 14.98 31.40 31.75
C GLY B 1035 13.88 32.33 31.41
N GLN B 1036 14.24 33.55 31.03
CA GLN B 1036 13.28 34.61 30.80
C GLN B 1036 13.49 35.16 29.40
N SER B 1037 12.65 34.73 28.47
CA SER B 1037 12.88 34.97 27.05
C SER B 1037 12.33 36.33 26.62
N LYS B 1038 13.11 37.02 25.80
CA LYS B 1038 12.70 38.29 25.23
C LYS B 1038 11.85 38.11 23.98
N ARG B 1039 11.75 36.90 23.46
CA ARG B 1039 10.96 36.66 22.26
C ARG B 1039 9.48 36.84 22.56
N VAL B 1040 8.82 37.67 21.78
CA VAL B 1040 7.43 38.03 22.03
C VAL B 1040 6.53 36.90 21.56
N ASP B 1041 5.58 36.52 22.41
CA ASP B 1041 4.55 35.51 22.20
C ASP B 1041 5.08 34.10 22.09
N PHE B 1042 6.37 33.89 22.35
CA PHE B 1042 6.84 32.54 22.50
C PHE B 1042 6.49 31.99 23.86
N CYS B 1043 6.36 32.86 24.86
CA CYS B 1043 5.95 32.48 26.19
C CYS B 1043 4.60 33.11 26.54
N GLY B 1044 3.66 33.06 25.62
CA GLY B 1044 2.36 33.64 25.87
C GLY B 1044 2.34 35.13 25.58
N LYS B 1045 1.14 35.70 25.64
CA LYS B 1045 0.96 37.09 25.26
C LYS B 1045 1.34 38.00 26.40
N GLY B 1046 1.98 39.11 26.06
CA GLY B 1046 2.37 40.10 27.04
C GLY B 1046 3.85 40.07 27.26
N TYR B 1047 4.35 40.93 28.14
CA TYR B 1047 5.75 40.87 28.53
C TYR B 1047 5.91 39.70 29.48
N HIS B 1048 6.77 38.76 29.11
CA HIS B 1048 6.91 37.53 29.86
C HIS B 1048 7.61 37.76 31.19
N LEU B 1049 7.06 37.21 32.25
CA LEU B 1049 7.75 37.15 33.53
C LEU B 1049 8.27 35.77 33.85
N MET B 1050 7.41 34.77 33.97
CA MET B 1050 7.89 33.42 34.22
C MET B 1050 6.82 32.44 33.78
N SER B 1051 7.08 31.16 34.03
CA SER B 1051 6.12 30.14 33.69
C SER B 1051 6.31 28.95 34.61
N PHE B 1052 5.26 28.16 34.73
CA PHE B 1052 5.33 26.91 35.45
C PHE B 1052 4.77 25.77 34.63
N PRO B 1053 5.40 24.62 34.68
CA PRO B 1053 4.85 23.46 33.98
C PRO B 1053 3.95 22.62 34.85
N GLN B 1054 3.01 21.93 34.22
CA GLN B 1054 2.17 20.95 34.91
C GLN B 1054 2.04 19.73 34.02
N SER B 1055 2.00 18.57 34.65
CA SER B 1055 1.80 17.33 33.93
C SER B 1055 0.35 17.16 33.54
N ALA B 1056 0.14 16.47 32.42
CA ALA B 1056 -1.18 16.28 31.86
C ALA B 1056 -1.19 14.93 31.19
N PRO B 1057 -2.37 14.30 31.02
CA PRO B 1057 -2.43 13.00 30.31
C PRO B 1057 -1.87 13.08 28.90
N HIS B 1058 -0.74 12.42 28.72
CA HIS B 1058 0.08 12.41 27.51
C HIS B 1058 0.56 13.79 27.09
N GLY B 1059 0.64 14.76 27.99
CA GLY B 1059 0.95 16.10 27.53
C GLY B 1059 1.38 17.02 28.65
N VAL B 1060 1.68 18.25 28.26
CA VAL B 1060 2.21 19.23 29.19
C VAL B 1060 1.35 20.48 29.11
N VAL B 1061 1.17 21.13 30.26
CA VAL B 1061 0.38 22.35 30.34
C VAL B 1061 1.22 23.42 31.00
N PHE B 1062 1.51 24.49 30.27
CA PHE B 1062 2.25 25.61 30.79
C PHE B 1062 1.29 26.66 31.34
N LEU B 1063 1.72 27.34 32.38
CA LEU B 1063 1.11 28.58 32.82
C LEU B 1063 2.13 29.68 32.63
N HIS B 1064 1.84 30.63 31.75
CA HIS B 1064 2.67 31.81 31.58
C HIS B 1064 2.14 32.93 32.44
N VAL B 1065 3.00 33.44 33.32
CA VAL B 1065 2.72 34.62 34.11
C VAL B 1065 3.38 35.80 33.43
N THR B 1066 2.58 36.80 33.06
CA THR B 1066 2.99 37.89 32.20
C THR B 1066 2.52 39.23 32.76
N TYR B 1067 3.00 40.28 32.12
CA TYR B 1067 2.86 41.67 32.56
C TYR B 1067 2.21 42.47 31.44
N VAL B 1068 1.13 43.18 31.74
CA VAL B 1068 0.52 44.03 30.71
C VAL B 1068 0.31 45.44 31.26
N PRO B 1069 0.33 46.46 30.42
CA PRO B 1069 0.06 47.82 30.89
C PRO B 1069 -1.41 48.17 30.75
N ALA B 1070 -1.82 49.22 31.48
CA ALA B 1070 -3.18 49.72 31.44
C ALA B 1070 -3.20 51.13 32.03
N GLN B 1071 -4.32 51.82 31.81
CA GLN B 1071 -4.53 53.23 32.19
C GLN B 1071 -3.44 54.14 31.61
N GLU B 1072 -3.42 54.21 30.29
CA GLU B 1072 -2.51 55.15 29.66
C GLU B 1072 -3.11 56.54 29.66
N LYS B 1073 -2.25 57.52 29.37
CA LYS B 1073 -2.70 58.90 29.27
C LYS B 1073 -2.06 59.59 28.07
N ASN B 1074 -2.26 60.90 27.99
CA ASN B 1074 -1.70 61.70 26.91
C ASN B 1074 -0.61 62.59 27.49
N PHE B 1075 0.52 62.67 26.80
CA PHE B 1075 1.60 63.56 27.18
C PHE B 1075 2.24 64.13 25.93
N THR B 1076 2.87 65.29 26.10
CA THR B 1076 3.52 65.98 24.99
C THR B 1076 5.03 65.89 25.13
N THR B 1077 5.69 65.60 24.02
CA THR B 1077 7.09 65.21 24.04
C THR B 1077 7.91 66.04 23.07
N ALA B 1078 9.20 65.74 23.08
CA ALA B 1078 10.19 66.34 22.21
C ALA B 1078 11.37 65.40 22.16
N PRO B 1079 12.17 65.43 21.10
CA PRO B 1079 13.31 64.53 21.04
C PRO B 1079 14.46 64.92 21.95
N ALA B 1080 14.76 66.22 22.05
CA ALA B 1080 15.90 66.65 22.85
C ALA B 1080 15.64 68.06 23.37
N ILE B 1081 16.54 68.53 24.23
CA ILE B 1081 16.37 69.82 24.90
C ILE B 1081 17.65 70.61 24.72
N CYS B 1082 17.55 71.81 24.17
CA CYS B 1082 18.69 72.73 24.11
C CYS B 1082 18.64 73.65 25.31
N HIS B 1083 19.56 73.49 26.24
CA HIS B 1083 19.57 74.33 27.43
C HIS B 1083 20.47 75.55 27.24
N ASP B 1084 21.73 75.30 26.93
CA ASP B 1084 22.74 76.36 26.91
C ASP B 1084 23.55 76.26 25.62
N GLY B 1085 22.85 76.13 24.50
CA GLY B 1085 23.53 75.90 23.24
C GLY B 1085 24.02 74.48 23.07
N LYS B 1086 23.61 73.57 23.94
CA LYS B 1086 24.03 72.19 23.90
C LYS B 1086 22.82 71.29 23.84
N ALA B 1087 22.91 70.26 23.02
CA ALA B 1087 21.86 69.26 22.91
C ALA B 1087 21.95 68.34 24.11
N HIS B 1088 20.80 67.92 24.62
CA HIS B 1088 20.72 67.02 25.75
C HIS B 1088 19.80 65.86 25.40
N PHE B 1089 20.31 64.67 25.53
CA PHE B 1089 19.56 63.48 25.24
C PHE B 1089 19.35 62.70 26.52
N PRO B 1090 18.22 62.01 26.67
CA PRO B 1090 18.00 61.20 27.87
C PRO B 1090 18.91 59.99 27.87
N ARG B 1091 19.43 59.66 29.05
CA ARG B 1091 20.27 58.47 29.21
C ARG B 1091 19.46 57.21 28.96
N GLU B 1092 18.27 57.15 29.55
CA GLU B 1092 17.37 56.03 29.35
C GLU B 1092 15.97 56.50 29.69
N GLY B 1093 15.09 56.53 28.71
CA GLY B 1093 13.74 56.97 28.95
C GLY B 1093 13.30 57.93 27.86
N VAL B 1094 12.51 58.91 28.26
CA VAL B 1094 11.95 59.86 27.31
C VAL B 1094 11.60 61.14 28.05
N PHE B 1095 11.69 62.26 27.33
CA PHE B 1095 11.21 63.54 27.83
C PHE B 1095 9.72 63.67 27.58
N VAL B 1096 9.00 64.14 28.60
CA VAL B 1096 7.56 64.37 28.51
C VAL B 1096 7.23 65.71 29.13
N SER B 1097 6.08 66.23 28.77
CA SER B 1097 5.57 67.43 29.40
C SER B 1097 4.08 67.30 29.66
N ASN B 1098 3.63 67.83 30.78
CA ASN B 1098 2.20 67.94 31.04
C ASN B 1098 1.59 69.22 30.52
N GLY B 1099 2.39 70.09 29.92
CA GLY B 1099 1.89 71.36 29.45
C GLY B 1099 2.62 72.50 30.10
N THR B 1100 3.02 72.32 31.35
CA THR B 1100 3.68 73.37 32.09
C THR B 1100 5.16 73.15 32.32
N HIS B 1101 5.57 71.95 32.69
CA HIS B 1101 6.97 71.66 32.95
C HIS B 1101 7.38 70.43 32.17
N TRP B 1102 8.66 70.13 32.22
CA TRP B 1102 9.23 68.99 31.51
C TRP B 1102 9.79 68.01 32.53
N PHE B 1103 9.59 66.73 32.28
CA PHE B 1103 10.06 65.66 33.14
C PHE B 1103 10.62 64.57 32.26
N VAL B 1104 11.38 63.66 32.87
CA VAL B 1104 11.94 62.53 32.17
C VAL B 1104 11.44 61.27 32.88
N THR B 1105 11.11 60.25 32.09
CA THR B 1105 10.55 59.05 32.68
C THR B 1105 10.97 57.81 31.90
N GLN B 1106 10.88 56.68 32.57
CA GLN B 1106 11.14 55.40 31.92
C GLN B 1106 9.97 55.02 31.04
N ARG B 1107 10.24 54.11 30.12
CA ARG B 1107 9.40 53.95 28.93
C ARG B 1107 8.21 53.03 29.13
N ASN B 1108 8.01 52.51 30.33
CA ASN B 1108 6.93 51.56 30.55
C ASN B 1108 6.16 51.81 31.82
N PHE B 1109 6.50 52.85 32.56
CA PHE B 1109 5.78 53.17 33.79
C PHE B 1109 5.92 54.65 34.04
N TYR B 1110 4.83 55.31 34.40
CA TYR B 1110 4.89 56.75 34.57
C TYR B 1110 5.54 57.09 35.88
N GLU B 1111 6.70 57.72 35.81
CA GLU B 1111 7.40 58.10 37.01
C GLU B 1111 8.26 59.30 36.67
N PRO B 1112 7.74 60.51 36.83
CA PRO B 1112 8.49 61.70 36.44
C PRO B 1112 9.63 62.00 37.40
N GLN B 1113 10.69 62.57 36.85
CA GLN B 1113 11.81 63.02 37.65
C GLN B 1113 12.25 64.39 37.17
N ILE B 1114 12.90 65.12 38.07
CA ILE B 1114 13.48 66.39 37.71
C ILE B 1114 14.65 66.15 36.78
N ILE B 1115 14.70 66.93 35.69
CA ILE B 1115 15.68 66.71 34.64
C ILE B 1115 17.01 67.28 35.11
N THR B 1116 17.98 66.39 35.32
CA THR B 1116 19.28 66.75 35.82
C THR B 1116 20.30 66.55 34.72
N THR B 1117 21.56 66.76 35.07
CA THR B 1117 22.66 66.29 34.25
C THR B 1117 22.83 64.78 34.37
N ASP B 1118 22.46 64.23 35.52
CA ASP B 1118 22.85 62.87 35.88
C ASP B 1118 22.05 61.81 35.15
N ASN B 1119 20.86 62.15 34.65
CA ASN B 1119 20.03 61.24 33.89
C ASN B 1119 19.98 61.61 32.41
N THR B 1120 20.83 62.52 31.99
CA THR B 1120 20.94 62.93 30.60
C THR B 1120 22.39 62.88 30.19
N PHE B 1121 22.65 63.20 28.93
CA PHE B 1121 24.01 63.42 28.48
C PHE B 1121 24.02 64.43 27.35
N VAL B 1122 25.16 65.04 27.16
CA VAL B 1122 25.31 66.17 26.24
C VAL B 1122 26.03 65.66 25.00
N SER B 1123 25.55 66.07 23.82
CA SER B 1123 26.23 65.72 22.59
C SER B 1123 25.89 66.79 21.54
N GLY B 1124 26.84 67.68 21.30
CA GLY B 1124 26.69 68.64 20.22
C GLY B 1124 25.73 69.77 20.56
N ASN B 1125 25.60 70.66 19.59
CA ASN B 1125 24.78 71.86 19.73
C ASN B 1125 23.37 71.60 19.24
N CYS B 1126 22.55 72.65 19.28
CA CYS B 1126 21.11 72.54 19.04
C CYS B 1126 20.67 73.30 17.79
N ASP B 1127 21.40 73.16 16.70
CA ASP B 1127 21.01 73.79 15.45
C ASP B 1127 20.81 72.78 14.32
N VAL B 1128 20.89 71.49 14.63
CA VAL B 1128 20.62 70.44 13.64
C VAL B 1128 19.39 69.62 13.97
N VAL B 1129 19.08 69.38 15.22
CA VAL B 1129 18.02 68.46 15.59
C VAL B 1129 16.66 69.13 15.41
N ILE B 1130 15.74 68.42 14.78
CA ILE B 1130 14.42 68.93 14.48
C ILE B 1130 13.55 68.72 15.72
N GLY B 1131 12.77 69.74 16.08
CA GLY B 1131 11.79 69.62 17.14
C GLY B 1131 12.32 69.78 18.55
N ILE B 1132 13.43 70.48 18.69
CA ILE B 1132 14.09 70.64 19.98
C ILE B 1132 13.55 71.88 20.67
N VAL B 1133 13.30 71.78 21.97
CA VAL B 1133 12.69 72.85 22.72
C VAL B 1133 13.69 73.45 23.70
N ASN B 1134 13.34 74.62 24.22
CA ASN B 1134 14.14 75.32 25.20
C ASN B 1134 13.62 75.03 26.60
N ASN B 1135 14.52 74.69 27.51
CA ASN B 1135 14.17 74.41 28.90
C ASN B 1135 15.46 74.49 29.70
N THR B 1136 15.33 74.35 31.02
CA THR B 1136 16.48 74.29 31.90
C THR B 1136 16.82 72.85 32.26
N VAL B 1137 18.09 72.61 32.58
CA VAL B 1137 18.54 71.37 33.19
C VAL B 1137 19.02 71.73 34.59
N TYR B 1138 18.96 70.77 35.50
CA TYR B 1138 19.34 71.04 36.86
C TYR B 1138 20.76 70.57 37.12
N ASP B 1139 21.58 71.46 37.67
CA ASP B 1139 22.92 71.09 38.10
C ASP B 1139 22.87 70.68 39.55
N PRO B 1140 23.20 69.44 39.90
CA PRO B 1140 23.34 69.08 41.31
C PRO B 1140 24.46 69.82 42.01
N LEU B 1141 25.53 70.14 41.30
CA LEU B 1141 26.70 70.78 41.89
C LEU B 1141 26.46 72.25 42.21
N GLN B 1142 25.51 72.89 41.53
CA GLN B 1142 25.36 74.34 41.65
C GLN B 1142 24.82 74.82 43.00
N PRO B 1143 23.77 74.23 43.61
CA PRO B 1143 23.41 74.70 44.96
C PRO B 1143 24.43 74.32 46.02
N GLU B 1144 25.21 73.26 45.79
CA GLU B 1144 26.29 72.93 46.72
C GLU B 1144 27.42 73.94 46.63
N LEU B 1145 27.75 74.38 45.42
CA LEU B 1145 28.83 75.34 45.22
C LEU B 1145 28.43 76.76 45.62
N ASP B 1146 27.18 77.15 45.37
CA ASP B 1146 26.76 78.51 45.63
C ASP B 1146 26.53 78.76 47.12
N SER B 1147 25.96 77.79 47.83
CA SER B 1147 25.71 77.95 49.25
C SER B 1147 26.98 77.95 50.08
N PHE B 1148 28.07 77.41 49.56
CA PHE B 1148 29.31 77.33 50.31
C PHE B 1148 30.06 78.65 50.24
N GLN C 14 2.65 -10.58 -74.10
CA GLN C 14 3.66 -10.00 -74.98
C GLN C 14 4.51 -9.00 -74.21
N CYS C 15 5.83 -9.09 -74.39
CA CYS C 15 6.77 -8.16 -73.76
C CYS C 15 8.10 -8.22 -74.48
N VAL C 16 8.69 -7.06 -74.74
CA VAL C 16 10.00 -6.97 -75.39
C VAL C 16 10.99 -6.40 -74.40
N ASN C 17 12.19 -6.98 -74.37
CA ASN C 17 13.24 -6.55 -73.44
C ASN C 17 13.91 -5.30 -73.97
N LEU C 18 13.93 -4.24 -73.16
CA LEU C 18 14.55 -2.98 -73.52
C LEU C 18 15.90 -2.84 -72.83
N THR C 19 16.91 -2.37 -73.58
CA THR C 19 18.23 -2.08 -73.01
C THR C 19 18.75 -0.71 -73.42
N THR C 20 17.93 0.13 -74.06
CA THR C 20 18.39 1.41 -74.61
C THR C 20 18.45 2.44 -73.49
N ARG C 21 19.51 2.35 -72.69
CA ARG C 21 19.66 3.21 -71.52
C ARG C 21 21.12 3.31 -71.13
N THR C 22 21.44 4.34 -70.36
CA THR C 22 22.74 4.44 -69.72
C THR C 22 22.72 3.67 -68.39
N GLN C 23 23.90 3.32 -67.91
CA GLN C 23 24.04 2.57 -66.67
C GLN C 23 24.50 3.50 -65.56
N LEU C 24 23.79 3.46 -64.43
CA LEU C 24 24.08 4.30 -63.28
C LEU C 24 24.05 3.50 -61.99
N PRO C 25 24.84 3.88 -60.99
CA PRO C 25 24.68 3.31 -59.64
C PRO C 25 23.56 4.02 -58.89
N PRO C 26 22.99 3.39 -57.85
CA PRO C 26 21.89 4.03 -57.12
C PRO C 26 22.41 5.07 -56.14
N ALA C 27 21.90 6.30 -56.25
CA ALA C 27 22.27 7.38 -55.36
C ALA C 27 21.43 7.33 -54.08
N TYR C 28 21.87 8.10 -53.08
CA TYR C 28 21.25 8.12 -51.77
C TYR C 28 20.86 9.55 -51.42
N THR C 29 19.76 9.70 -50.68
CA THR C 29 19.23 11.01 -50.32
C THR C 29 18.83 10.91 -48.85
N ASN C 30 18.70 12.06 -48.18
CA ASN C 30 18.34 12.08 -46.77
C ASN C 30 16.84 12.29 -46.63
N SER C 31 16.23 11.51 -45.74
CA SER C 31 14.79 11.55 -45.48
C SER C 31 14.59 12.36 -44.22
N PHE C 32 14.40 13.67 -44.40
CA PHE C 32 14.46 14.64 -43.31
C PHE C 32 13.38 14.46 -42.25
N THR C 33 12.13 14.75 -42.61
CA THR C 33 11.02 14.74 -41.67
C THR C 33 9.80 14.10 -42.27
N ARG C 34 9.99 13.05 -43.06
CA ARG C 34 8.88 12.40 -43.73
C ARG C 34 8.65 11.03 -43.08
N GLY C 35 7.51 10.43 -43.42
CA GLY C 35 7.18 9.10 -42.92
C GLY C 35 6.28 9.10 -41.72
N VAL C 36 5.22 9.90 -41.76
CA VAL C 36 4.34 10.10 -40.62
C VAL C 36 2.89 10.00 -41.08
N TYR C 37 2.07 9.36 -40.24
CA TYR C 37 0.71 9.00 -40.61
C TYR C 37 -0.17 8.98 -39.37
N TYR C 38 -1.46 9.16 -39.58
CA TYR C 38 -2.40 9.09 -38.48
C TYR C 38 -2.55 7.63 -38.05
N PRO C 39 -2.34 7.31 -36.77
CA PRO C 39 -2.16 5.91 -36.39
C PRO C 39 -3.46 5.12 -36.31
N ASP C 40 -4.60 5.76 -36.04
CA ASP C 40 -5.85 5.03 -35.88
C ASP C 40 -7.03 5.95 -36.12
N LYS C 41 -8.20 5.46 -35.71
CA LYS C 41 -9.51 6.08 -35.96
C LYS C 41 -9.99 6.84 -34.75
N VAL C 42 -9.14 7.68 -34.17
CA VAL C 42 -9.47 8.47 -33.00
C VAL C 42 -9.13 9.91 -33.30
N PHE C 43 -10.07 10.81 -33.02
CA PHE C 43 -9.77 12.24 -33.07
C PHE C 43 -9.18 12.69 -31.75
N ARG C 44 -8.11 13.48 -31.84
CA ARG C 44 -7.50 14.11 -30.68
C ARG C 44 -7.26 15.57 -31.02
N SER C 45 -7.16 16.40 -29.99
CA SER C 45 -6.99 17.83 -30.22
C SER C 45 -6.12 18.45 -29.14
N SER C 46 -5.03 19.08 -29.56
CA SER C 46 -4.07 19.80 -28.70
C SER C 46 -3.51 18.90 -27.60
N VAL C 47 -3.20 17.65 -27.98
CA VAL C 47 -2.70 16.65 -27.05
C VAL C 47 -1.43 16.06 -27.63
N LEU C 48 -0.41 15.93 -26.80
CA LEU C 48 0.76 15.13 -27.12
C LEU C 48 0.41 13.68 -26.83
N HIS C 49 0.62 12.82 -27.81
CA HIS C 49 0.29 11.41 -27.68
C HIS C 49 1.50 10.56 -28.01
N SER C 50 1.78 9.59 -27.14
CA SER C 50 2.88 8.65 -27.35
C SER C 50 2.34 7.43 -28.08
N THR C 51 2.98 7.06 -29.17
CA THR C 51 2.55 5.92 -29.96
C THR C 51 3.75 5.08 -30.35
N GLN C 52 3.48 3.83 -30.74
CA GLN C 52 4.53 2.88 -31.08
C GLN C 52 4.08 2.02 -32.25
N ASP C 53 4.81 2.09 -33.36
CA ASP C 53 4.49 1.36 -34.58
C ASP C 53 5.75 1.34 -35.43
N LEU C 54 5.65 0.70 -36.59
CA LEU C 54 6.62 0.85 -37.68
C LEU C 54 6.56 2.30 -38.14
N PHE C 55 7.71 2.93 -38.32
CA PHE C 55 7.78 4.26 -38.90
C PHE C 55 9.01 4.37 -39.80
N LEU C 56 9.08 5.51 -40.49
CA LEU C 56 10.28 5.87 -41.21
C LEU C 56 11.15 6.74 -40.30
N PRO C 57 12.34 6.29 -39.92
CA PRO C 57 13.18 7.09 -39.03
C PRO C 57 13.65 8.38 -39.69
N PHE C 58 13.75 9.42 -38.88
CA PHE C 58 14.12 10.73 -39.40
C PHE C 58 15.61 10.77 -39.72
N PHE C 59 15.93 11.47 -40.81
CA PHE C 59 17.29 11.69 -41.31
C PHE C 59 18.02 10.37 -41.54
N SER C 60 17.34 9.48 -42.24
CA SER C 60 17.92 8.23 -42.69
C SER C 60 18.13 8.32 -44.19
N ASN C 61 18.70 7.27 -44.77
CA ASN C 61 19.01 7.26 -46.20
C ASN C 61 17.88 6.61 -47.01
N VAL C 62 17.55 7.23 -48.13
CA VAL C 62 16.46 6.81 -48.99
C VAL C 62 17.02 6.64 -50.40
N THR C 63 16.55 5.64 -51.13
CA THR C 63 17.14 5.43 -52.43
C THR C 63 16.37 6.21 -53.48
N TRP C 64 17.12 6.83 -54.40
CA TRP C 64 16.60 7.84 -55.32
C TRP C 64 16.82 7.40 -56.77
N PHE C 65 15.72 7.30 -57.52
CA PHE C 65 15.74 6.85 -58.91
C PHE C 65 15.04 7.88 -59.78
N HIS C 66 15.30 7.81 -61.08
CA HIS C 66 15.04 8.93 -61.97
C HIS C 66 14.94 8.48 -63.42
N ALA C 67 13.97 9.05 -64.14
CA ALA C 67 13.73 8.77 -65.56
C ALA C 67 13.88 10.07 -66.35
N ILE C 68 14.89 10.07 -67.23
CA ILE C 68 15.32 11.21 -68.05
C ILE C 68 15.64 10.68 -69.44
N HIS C 69 15.22 11.42 -70.48
CA HIS C 69 15.44 11.06 -71.89
C HIS C 69 14.88 9.69 -72.26
N LYS C 77 17.37 7.65 -72.18
CA LYS C 77 18.68 7.32 -71.63
C LYS C 77 18.58 6.76 -70.22
N ARG C 78 17.43 6.94 -69.57
CA ARG C 78 17.23 6.43 -68.22
C ARG C 78 16.01 5.53 -68.19
N PHE C 79 16.20 4.33 -67.64
CA PHE C 79 15.12 3.35 -67.47
C PHE C 79 15.50 2.50 -66.25
N ASP C 80 14.97 2.86 -65.09
CA ASP C 80 15.37 2.24 -63.84
C ASP C 80 14.14 1.74 -63.06
N ASN C 81 13.72 0.52 -63.36
CA ASN C 81 12.67 -0.14 -62.58
C ASN C 81 13.05 -1.59 -62.28
N PRO C 82 14.05 -1.81 -61.45
CA PRO C 82 14.52 -3.17 -61.19
C PRO C 82 13.64 -3.85 -60.15
N VAL C 83 14.00 -5.09 -59.83
CA VAL C 83 13.39 -5.78 -58.71
C VAL C 83 13.84 -5.13 -57.42
N LEU C 84 12.89 -4.90 -56.52
CA LEU C 84 13.18 -4.26 -55.25
C LEU C 84 12.52 -5.06 -54.13
N PRO C 85 13.22 -5.27 -53.01
CA PRO C 85 12.61 -5.99 -51.88
C PRO C 85 11.49 -5.19 -51.25
N PHE C 86 10.56 -5.90 -50.64
CA PHE C 86 9.39 -5.30 -50.01
C PHE C 86 9.14 -6.04 -48.68
N ASN C 87 9.72 -5.52 -47.60
CA ASN C 87 9.46 -6.03 -46.26
C ASN C 87 9.09 -4.88 -45.34
N ASP C 88 8.15 -5.13 -44.43
CA ASP C 88 7.82 -4.27 -43.30
C ASP C 88 7.30 -2.90 -43.73
N GLY C 89 6.72 -2.81 -44.92
CA GLY C 89 6.18 -1.56 -45.43
C GLY C 89 7.26 -0.69 -46.04
N VAL C 90 6.80 0.13 -46.98
CA VAL C 90 7.70 1.04 -47.71
C VAL C 90 7.07 2.41 -47.72
N TYR C 91 7.88 3.42 -47.38
CA TYR C 91 7.57 4.80 -47.67
C TYR C 91 8.02 5.03 -49.10
N PHE C 92 7.05 5.21 -49.98
CA PHE C 92 7.30 5.64 -51.35
C PHE C 92 7.01 7.11 -51.46
N ALA C 93 7.86 7.83 -52.18
CA ALA C 93 7.53 9.17 -52.58
C ALA C 93 7.83 9.32 -54.05
N SER C 94 7.04 10.13 -54.74
CA SER C 94 7.29 10.35 -56.15
C SER C 94 7.18 11.84 -56.46
N THR C 95 8.24 12.41 -56.99
CA THR C 95 8.19 13.81 -57.41
C THR C 95 7.82 13.63 -58.85
N GLU C 96 6.84 14.37 -59.33
CA GLU C 96 6.35 14.06 -60.67
C GLU C 96 5.70 15.09 -61.55
N LYS C 97 5.99 15.03 -62.86
CA LYS C 97 5.27 15.88 -63.80
C LYS C 97 4.61 14.94 -64.82
N SER C 98 3.35 15.26 -65.16
CA SER C 98 2.55 14.61 -66.19
C SER C 98 2.29 13.13 -65.96
N ASN C 99 2.39 12.62 -64.72
CA ASN C 99 1.86 11.32 -64.28
C ASN C 99 2.52 10.16 -65.02
N ILE C 100 3.84 10.08 -64.87
CA ILE C 100 4.62 9.08 -65.60
C ILE C 100 4.39 7.69 -65.05
N ILE C 101 4.78 7.45 -63.81
CA ILE C 101 4.60 6.13 -63.22
C ILE C 101 3.14 5.95 -62.85
N ARG C 102 2.61 4.77 -63.15
CA ARG C 102 1.21 4.52 -62.85
C ARG C 102 0.94 3.20 -62.15
N GLY C 103 1.83 2.21 -62.23
CA GLY C 103 1.42 0.91 -61.76
C GLY C 103 2.34 0.33 -60.70
N TRP C 104 1.79 -0.60 -59.92
CA TRP C 104 2.45 -1.11 -58.74
C TRP C 104 2.30 -2.62 -58.72
N ILE C 105 3.41 -3.32 -58.55
CA ILE C 105 3.51 -4.75 -58.73
C ILE C 105 4.02 -5.35 -57.43
N PHE C 106 3.26 -6.30 -56.86
CA PHE C 106 3.66 -6.86 -55.58
C PHE C 106 3.54 -8.37 -55.61
N GLY C 107 4.43 -9.03 -54.88
CA GLY C 107 4.31 -10.47 -54.72
C GLY C 107 5.50 -11.03 -53.98
N THR C 108 5.75 -12.32 -54.21
CA THR C 108 6.93 -12.98 -53.66
C THR C 108 7.62 -13.91 -54.64
N THR C 109 6.91 -14.37 -55.68
CA THR C 109 7.45 -15.24 -56.71
C THR C 109 7.24 -14.69 -58.12
N LEU C 110 6.05 -14.12 -58.38
CA LEU C 110 5.70 -13.31 -59.55
C LEU C 110 5.60 -14.14 -60.83
N ASP C 111 5.46 -15.46 -60.71
CA ASP C 111 5.42 -16.34 -61.86
C ASP C 111 4.31 -17.37 -61.72
N SER C 112 3.10 -16.88 -61.40
CA SER C 112 1.83 -17.61 -61.47
C SER C 112 1.70 -18.74 -60.45
N LYS C 113 2.65 -18.87 -59.52
CA LYS C 113 2.53 -19.91 -58.51
C LYS C 113 1.97 -19.42 -57.19
N THR C 114 2.01 -18.11 -56.93
CA THR C 114 1.58 -17.55 -55.65
C THR C 114 0.82 -16.26 -55.96
N GLN C 115 -0.16 -15.95 -55.10
CA GLN C 115 -1.04 -14.80 -55.30
C GLN C 115 -0.28 -13.48 -55.34
N SER C 116 -0.61 -12.66 -56.35
CA SER C 116 0.16 -11.48 -56.68
C SER C 116 -0.78 -10.30 -56.90
N LEU C 117 -0.25 -9.08 -56.68
CA LEU C 117 -1.06 -7.88 -56.65
C LEU C 117 -0.65 -6.91 -57.75
N LEU C 118 -1.65 -6.40 -58.46
CA LEU C 118 -1.49 -5.42 -59.52
C LEU C 118 -2.36 -4.21 -59.21
N ILE C 119 -1.75 -3.02 -59.27
CA ILE C 119 -2.49 -1.77 -59.27
C ILE C 119 -2.11 -0.99 -60.52
N VAL C 120 -3.11 -0.58 -61.29
CA VAL C 120 -2.90 0.31 -62.42
C VAL C 120 -3.68 1.58 -62.15
N ASN C 121 -2.98 2.70 -62.04
CA ASN C 121 -3.62 4.01 -62.07
C ASN C 121 -3.78 4.45 -63.53
N ASN C 122 -4.79 3.85 -64.17
CA ASN C 122 -4.99 4.03 -65.60
C ASN C 122 -5.61 5.39 -65.89
N ALA C 123 -5.45 5.84 -67.14
CA ALA C 123 -5.98 7.14 -67.55
C ALA C 123 -7.51 7.12 -67.63
N THR C 124 -8.10 5.97 -67.91
CA THR C 124 -9.55 5.88 -68.03
C THR C 124 -10.21 5.48 -66.72
N ASN C 125 -9.87 4.31 -66.19
CA ASN C 125 -10.36 3.87 -64.90
C ASN C 125 -9.33 2.97 -64.24
N VAL C 126 -9.07 3.23 -62.95
CA VAL C 126 -8.01 2.52 -62.25
C VAL C 126 -8.43 1.08 -62.01
N VAL C 127 -7.47 0.17 -62.17
CA VAL C 127 -7.73 -1.26 -62.15
C VAL C 127 -6.91 -1.88 -61.04
N ILE C 128 -7.58 -2.53 -60.09
CA ILE C 128 -6.92 -3.06 -58.92
C ILE C 128 -7.27 -4.53 -58.82
N LYS C 129 -6.29 -5.40 -59.07
CA LYS C 129 -6.56 -6.82 -59.13
C LYS C 129 -5.54 -7.58 -58.31
N VAL C 130 -5.92 -8.77 -57.87
CA VAL C 130 -4.94 -9.76 -57.44
C VAL C 130 -5.18 -11.02 -58.26
N CYS C 131 -4.13 -11.46 -58.95
CA CYS C 131 -4.15 -12.73 -59.67
C CYS C 131 -2.77 -13.36 -59.55
N GLU C 132 -2.65 -14.56 -60.09
CA GLU C 132 -1.35 -15.19 -60.28
C GLU C 132 -0.94 -15.02 -61.74
N PHE C 133 -0.63 -13.77 -62.10
CA PHE C 133 -0.27 -13.46 -63.48
C PHE C 133 1.08 -14.07 -63.84
N GLN C 134 1.37 -14.10 -65.14
CA GLN C 134 2.67 -14.54 -65.63
C GLN C 134 3.39 -13.30 -66.13
N PHE C 135 4.28 -12.80 -65.28
CA PHE C 135 4.95 -11.54 -65.55
C PHE C 135 6.20 -11.77 -66.39
N CYS C 136 6.78 -10.68 -66.84
CA CYS C 136 8.00 -10.73 -67.63
C CYS C 136 9.18 -10.26 -66.81
N ASN C 137 10.34 -10.18 -67.48
CA ASN C 137 11.52 -9.60 -66.87
C ASN C 137 11.34 -8.12 -66.61
N ASP C 138 10.90 -7.37 -67.63
CA ASP C 138 10.71 -5.94 -67.53
C ASP C 138 9.30 -5.55 -67.98
N PRO C 139 8.30 -5.71 -67.10
CA PRO C 139 6.98 -5.18 -67.42
C PRO C 139 6.96 -3.66 -67.33
N PHE C 140 6.23 -3.04 -68.25
CA PHE C 140 5.97 -1.61 -68.20
C PHE C 140 4.78 -1.29 -69.09
N LEU C 141 4.46 0.00 -69.15
CA LEU C 141 3.35 0.53 -69.94
C LEU C 141 3.89 1.59 -70.89
N GLY C 142 3.25 1.73 -72.05
CA GLY C 142 3.78 2.63 -73.05
C GLY C 142 2.74 3.47 -73.77
N VAL C 143 3.12 4.70 -74.12
CA VAL C 143 2.24 5.65 -74.78
C VAL C 143 2.89 6.12 -76.08
N TYR C 144 2.07 6.47 -77.06
CA TYR C 144 2.61 7.11 -78.25
C TYR C 144 2.59 8.63 -78.14
N TYR C 145 3.43 9.27 -78.94
CA TYR C 145 3.88 10.63 -78.68
C TYR C 145 3.48 11.55 -79.83
N HIS C 146 2.29 12.14 -79.72
CA HIS C 146 1.76 13.20 -80.60
C HIS C 146 1.82 12.81 -82.08
N LYS C 147 1.29 11.64 -82.37
CA LYS C 147 1.30 11.10 -83.74
C LYS C 147 0.20 11.78 -84.58
N ASN C 148 0.51 13.03 -84.97
CA ASN C 148 -0.35 13.92 -85.76
C ASN C 148 -1.70 14.17 -85.12
N ASN C 149 -1.77 14.14 -83.80
CA ASN C 149 -2.99 14.36 -83.04
C ASN C 149 -2.80 15.36 -81.91
N LYS C 150 -1.55 15.74 -81.64
CA LYS C 150 -1.14 16.59 -80.51
C LYS C 150 -1.60 16.03 -79.17
N SER C 151 -1.59 14.70 -79.04
CA SER C 151 -2.13 14.05 -77.85
C SER C 151 -1.37 12.76 -77.62
N TRP C 152 -0.87 12.59 -76.40
CA TRP C 152 -0.37 11.30 -75.97
C TRP C 152 -1.55 10.36 -75.82
N MET C 153 -1.41 9.12 -76.29
CA MET C 153 -2.40 8.09 -76.02
C MET C 153 -1.70 6.77 -75.74
N GLU C 154 -2.29 5.98 -74.84
CA GLU C 154 -1.66 4.76 -74.38
C GLU C 154 -1.65 3.72 -75.47
N SER C 155 -0.55 3.00 -75.58
CA SER C 155 -0.44 2.06 -76.67
C SER C 155 0.15 0.71 -76.29
N GLU C 156 0.84 0.59 -75.15
CA GLU C 156 1.52 -0.64 -74.76
C GLU C 156 1.08 -1.01 -73.36
N PHE C 157 0.68 -2.27 -73.18
CA PHE C 157 0.39 -2.81 -71.86
C PHE C 157 1.30 -4.01 -71.61
N ARG C 158 2.58 -3.88 -71.96
CA ARG C 158 3.52 -5.00 -71.95
C ARG C 158 3.89 -5.33 -70.50
N VAL C 159 2.94 -5.91 -69.78
CA VAL C 159 3.03 -6.08 -68.34
C VAL C 159 2.91 -7.55 -67.91
N TYR C 160 1.96 -8.29 -68.47
CA TYR C 160 1.85 -9.72 -68.20
C TYR C 160 1.46 -10.41 -69.50
N SER C 161 1.39 -11.74 -69.42
CA SER C 161 1.08 -12.53 -70.60
C SER C 161 -0.05 -13.51 -70.32
N SER C 162 -0.19 -13.93 -69.06
CA SER C 162 -1.20 -14.91 -68.66
C SER C 162 -1.81 -14.51 -67.33
N ALA C 163 -2.99 -15.09 -67.06
CA ALA C 163 -3.70 -14.85 -65.80
C ALA C 163 -4.45 -16.12 -65.45
N ASN C 164 -4.00 -16.82 -64.41
CA ASN C 164 -4.54 -18.14 -64.09
C ASN C 164 -5.66 -18.08 -63.06
N ASN C 165 -5.34 -17.62 -61.85
CA ASN C 165 -6.27 -17.70 -60.73
C ASN C 165 -6.35 -16.35 -60.04
N CYS C 166 -7.57 -15.81 -59.94
CA CYS C 166 -7.83 -14.47 -59.44
C CYS C 166 -8.82 -14.54 -58.29
N THR C 167 -8.62 -13.70 -57.27
CA THR C 167 -9.50 -13.69 -56.10
C THR C 167 -10.26 -12.38 -55.95
N PHE C 168 -9.57 -11.25 -55.86
CA PHE C 168 -10.19 -9.94 -55.73
C PHE C 168 -9.87 -9.12 -56.97
N GLU C 169 -10.89 -8.46 -57.51
CA GLU C 169 -10.73 -7.54 -58.61
C GLU C 169 -11.62 -6.34 -58.37
N TYR C 170 -11.23 -5.20 -58.94
CA TYR C 170 -12.05 -3.99 -58.87
C TYR C 170 -11.62 -3.06 -59.99
N VAL C 171 -12.56 -2.73 -60.86
CA VAL C 171 -12.37 -1.69 -61.86
C VAL C 171 -13.23 -0.52 -61.43
N SER C 172 -12.62 0.65 -61.31
CA SER C 172 -13.34 1.81 -60.83
C SER C 172 -14.10 2.49 -61.96
N GLN C 173 -14.71 3.63 -61.64
CA GLN C 173 -15.51 4.34 -62.62
C GLN C 173 -14.60 5.01 -63.66
N PRO C 174 -15.07 5.10 -64.91
CA PRO C 174 -14.25 5.75 -65.94
C PRO C 174 -14.08 7.23 -65.70
N PHE C 175 -12.89 7.73 -66.03
CA PHE C 175 -12.58 9.15 -65.94
C PHE C 175 -11.58 9.47 -67.03
N LEU C 176 -11.06 10.70 -66.99
CA LEU C 176 -9.96 11.11 -67.84
C LEU C 176 -8.90 11.76 -66.96
N MET C 177 -7.64 11.47 -67.23
CA MET C 177 -6.54 12.31 -66.77
C MET C 177 -5.63 12.58 -67.96
N ASP C 178 -5.02 13.76 -67.95
CA ASP C 178 -4.17 14.14 -69.07
C ASP C 178 -2.85 13.37 -69.02
N LEU C 179 -2.26 13.18 -70.19
CA LEU C 179 -1.07 12.38 -70.36
C LEU C 179 0.11 13.26 -70.75
N GLU C 180 -0.08 14.57 -70.73
CA GLU C 180 0.86 15.48 -71.36
C GLU C 180 1.35 16.48 -70.33
N GLY C 181 2.62 16.86 -70.45
CA GLY C 181 3.17 17.86 -69.56
C GLY C 181 4.68 17.83 -69.55
N LYS C 182 5.27 19.01 -69.42
CA LYS C 182 6.72 19.15 -69.30
C LYS C 182 6.97 20.41 -68.49
N GLN C 183 7.47 20.24 -67.27
CA GLN C 183 7.77 21.36 -66.39
C GLN C 183 9.22 21.24 -65.96
N GLY C 184 9.89 22.40 -65.85
CA GLY C 184 11.32 22.40 -65.55
C GLY C 184 11.64 21.88 -64.17
N ASN C 185 10.84 22.24 -63.17
CA ASN C 185 10.94 21.64 -61.85
C ASN C 185 9.63 20.95 -61.52
N PHE C 186 9.72 19.84 -60.81
CA PHE C 186 8.59 18.93 -60.73
C PHE C 186 7.47 19.47 -59.85
N LYS C 187 6.25 19.11 -60.21
CA LYS C 187 5.05 19.77 -59.73
C LYS C 187 4.26 18.95 -58.72
N ASN C 188 4.45 17.64 -58.65
CA ASN C 188 3.67 16.78 -57.78
C ASN C 188 4.56 16.01 -56.82
N LEU C 189 4.25 16.10 -55.54
CA LEU C 189 4.80 15.25 -54.50
C LEU C 189 3.69 14.29 -54.11
N ARG C 190 3.87 13.02 -54.43
CA ARG C 190 2.87 12.01 -54.12
C ARG C 190 3.48 11.03 -53.14
N GLU C 191 2.94 11.02 -51.93
CA GLU C 191 3.51 10.29 -50.80
C GLU C 191 2.61 9.12 -50.44
N PHE C 192 3.21 7.96 -50.26
CA PHE C 192 2.48 6.74 -49.97
C PHE C 192 3.27 5.92 -48.96
N VAL C 193 2.56 5.22 -48.11
CA VAL C 193 3.15 4.19 -47.25
C VAL C 193 2.33 2.93 -47.40
N PHE C 194 3.00 1.84 -47.72
CA PHE C 194 2.36 0.53 -47.90
C PHE C 194 2.78 -0.37 -46.75
N LYS C 195 1.81 -0.99 -46.12
CA LYS C 195 2.07 -1.91 -45.02
C LYS C 195 1.11 -3.09 -45.15
N ASN C 196 1.48 -4.23 -44.58
CA ASN C 196 0.61 -5.41 -44.62
C ASN C 196 0.73 -6.15 -43.29
N ILE C 197 -0.29 -5.98 -42.46
CA ILE C 197 -0.34 -6.58 -41.12
C ILE C 197 -1.64 -7.36 -40.98
N ASP C 198 -1.52 -8.62 -40.56
CA ASP C 198 -2.66 -9.54 -40.31
C ASP C 198 -3.52 -9.70 -41.55
N GLY C 199 -2.88 -9.81 -42.70
CA GLY C 199 -3.62 -9.93 -43.94
C GLY C 199 -4.30 -8.66 -44.38
N TYR C 200 -3.92 -7.53 -43.81
CA TYR C 200 -4.53 -6.25 -44.14
C TYR C 200 -3.47 -5.35 -44.75
N PHE C 201 -3.72 -4.91 -45.97
CA PHE C 201 -2.79 -4.04 -46.67
C PHE C 201 -3.29 -2.61 -46.51
N LYS C 202 -2.43 -1.76 -45.97
CA LYS C 202 -2.77 -0.39 -45.64
C LYS C 202 -1.98 0.54 -46.53
N ILE C 203 -2.68 1.49 -47.12
CA ILE C 203 -2.15 2.43 -48.09
C ILE C 203 -2.48 3.81 -47.54
N TYR C 204 -1.44 4.56 -47.16
CA TYR C 204 -1.62 5.89 -46.61
C TYR C 204 -1.01 6.88 -47.59
N SER C 205 -1.73 7.94 -47.90
CA SER C 205 -1.37 8.71 -49.07
C SER C 205 -1.60 10.20 -48.88
N LYS C 206 -0.96 10.97 -49.77
CA LYS C 206 -1.04 12.42 -49.78
C LYS C 206 -0.57 12.90 -51.14
N HIS C 207 -1.22 13.95 -51.65
CA HIS C 207 -0.76 14.64 -52.85
C HIS C 207 -0.50 16.10 -52.52
N THR C 208 0.62 16.62 -53.00
CA THR C 208 1.04 17.98 -52.71
C THR C 208 1.55 18.65 -53.97
N PRO C 209 1.13 19.87 -54.24
CA PRO C 209 1.78 20.64 -55.31
C PRO C 209 3.12 21.20 -54.85
N ILE C 210 4.18 21.01 -55.62
CA ILE C 210 5.53 21.36 -55.21
C ILE C 210 6.23 22.11 -56.33
N ASN C 211 7.34 22.75 -55.96
CA ASN C 211 8.19 23.55 -56.87
C ASN C 211 9.62 23.16 -56.56
N LEU C 212 10.11 22.09 -57.20
CA LEU C 212 11.43 21.56 -56.91
C LEU C 212 11.83 20.63 -58.05
N VAL C 213 13.12 20.63 -58.39
CA VAL C 213 13.57 20.00 -59.62
C VAL C 213 14.11 18.57 -59.44
N ARG C 214 15.05 18.34 -58.50
CA ARG C 214 15.70 17.04 -58.41
C ARG C 214 15.83 16.54 -56.97
N ASP C 215 15.19 17.21 -56.02
CA ASP C 215 15.42 16.92 -54.62
C ASP C 215 14.10 16.57 -53.94
N LEU C 216 14.22 15.96 -52.76
CA LEU C 216 13.05 15.65 -51.95
C LEU C 216 12.84 16.82 -51.01
N PRO C 217 11.63 17.37 -50.91
CA PRO C 217 11.44 18.64 -50.19
C PRO C 217 11.56 18.47 -48.68
N GLN C 218 12.10 19.49 -48.05
CA GLN C 218 12.28 19.55 -46.61
C GLN C 218 11.02 20.12 -45.99
N GLY C 219 10.30 19.29 -45.26
CA GLY C 219 9.05 19.72 -44.68
C GLY C 219 8.38 18.57 -43.95
N PHE C 220 7.20 18.87 -43.43
CA PHE C 220 6.43 17.90 -42.67
C PHE C 220 5.07 17.73 -43.30
N SER C 221 4.58 16.50 -43.35
CA SER C 221 3.32 16.19 -43.98
C SER C 221 2.83 14.84 -43.49
N ALA C 222 1.72 14.85 -42.76
CA ALA C 222 1.14 13.62 -42.27
C ALA C 222 0.39 12.89 -43.38
N LEU C 223 0.22 11.59 -43.19
CA LEU C 223 -0.52 10.77 -44.13
C LEU C 223 -1.87 10.43 -43.53
N GLU C 224 -2.90 10.77 -44.23
CA GLU C 224 -4.22 10.27 -43.90
C GLU C 224 -4.32 8.80 -44.30
N PRO C 225 -4.92 7.96 -43.46
CA PRO C 225 -5.16 6.58 -43.88
C PRO C 225 -6.28 6.50 -44.89
N LEU C 226 -5.96 5.98 -46.06
CA LEU C 226 -6.86 6.00 -47.20
C LEU C 226 -7.43 4.65 -47.53
N VAL C 227 -6.60 3.66 -47.83
CA VAL C 227 -7.11 2.41 -48.38
C VAL C 227 -6.64 1.26 -47.49
N ASP C 228 -7.56 0.35 -47.18
CA ASP C 228 -7.21 -0.91 -46.57
C ASP C 228 -7.82 -2.04 -47.40
N LEU C 229 -7.09 -3.14 -47.51
CA LEU C 229 -7.53 -4.25 -48.34
C LEU C 229 -7.19 -5.58 -47.67
N PRO C 230 -8.18 -6.42 -47.37
CA PRO C 230 -7.94 -7.66 -46.61
C PRO C 230 -7.62 -8.88 -47.48
N ILE C 231 -6.41 -8.93 -48.02
CA ILE C 231 -6.06 -10.05 -48.91
C ILE C 231 -5.57 -11.26 -48.13
N GLY C 232 -4.44 -11.13 -47.44
CA GLY C 232 -3.94 -12.27 -46.69
C GLY C 232 -2.82 -13.03 -47.38
N ILE C 233 -1.87 -12.32 -47.99
CA ILE C 233 -0.78 -12.94 -48.72
C ILE C 233 0.56 -12.43 -48.17
N ASN C 234 1.61 -13.18 -48.49
CA ASN C 234 2.97 -12.87 -48.07
C ASN C 234 3.69 -12.27 -49.28
N ILE C 235 3.96 -10.97 -49.21
CA ILE C 235 4.59 -10.23 -50.30
C ILE C 235 6.04 -9.97 -49.93
N THR C 236 6.94 -10.19 -50.89
CA THR C 236 8.36 -10.04 -50.63
C THR C 236 9.03 -9.02 -51.56
N ARG C 237 8.56 -8.87 -52.80
CA ARG C 237 9.20 -8.05 -53.81
C ARG C 237 8.15 -7.20 -54.50
N PHE C 238 8.60 -6.07 -55.06
CA PHE C 238 7.67 -5.09 -55.62
C PHE C 238 8.39 -4.24 -56.66
N GLN C 239 7.64 -3.86 -57.70
CA GLN C 239 8.18 -3.09 -58.82
C GLN C 239 7.20 -2.00 -59.20
N THR C 240 7.72 -0.87 -59.70
CA THR C 240 6.84 0.14 -60.26
C THR C 240 6.64 -0.08 -61.76
N LEU C 241 5.75 0.75 -62.31
CA LEU C 241 5.36 0.68 -63.73
C LEU C 241 5.15 2.10 -64.22
N LEU C 242 5.85 2.47 -65.27
CA LEU C 242 5.85 3.81 -65.83
C LEU C 242 5.14 3.86 -67.17
N ALA C 243 5.02 5.07 -67.72
CA ALA C 243 4.61 5.29 -69.09
C ALA C 243 5.76 5.97 -69.85
N LEU C 244 5.90 5.63 -71.13
CA LEU C 244 6.97 6.19 -71.95
C LEU C 244 6.66 7.62 -72.38
N SER C 254 11.12 3.42 -81.60
CA SER C 254 9.96 2.57 -81.36
C SER C 254 10.21 1.63 -80.18
N SER C 255 10.24 0.32 -80.47
CA SER C 255 10.57 -0.68 -79.46
C SER C 255 12.01 -0.57 -78.98
N SER C 256 12.91 -0.12 -79.84
CA SER C 256 14.22 0.36 -79.41
C SER C 256 14.39 1.73 -80.03
N GLY C 257 14.50 2.75 -79.18
CA GLY C 257 14.39 4.12 -79.62
C GLY C 257 13.07 4.71 -79.15
N TRP C 258 13.10 5.35 -77.99
CA TRP C 258 11.90 5.76 -77.28
C TRP C 258 12.26 6.93 -76.37
N THR C 259 11.24 7.65 -75.93
CA THR C 259 11.39 8.83 -75.11
C THR C 259 10.82 8.58 -73.72
N ALA C 260 11.41 9.24 -72.73
CA ALA C 260 10.97 9.14 -71.35
C ALA C 260 10.57 10.51 -70.81
N GLY C 261 9.54 10.51 -69.96
CA GLY C 261 9.18 11.71 -69.24
C GLY C 261 10.07 11.92 -68.05
N ALA C 262 10.45 13.17 -67.78
CA ALA C 262 11.30 13.47 -66.64
C ALA C 262 10.51 13.28 -65.35
N ALA C 263 10.90 12.28 -64.56
CA ALA C 263 10.21 12.04 -63.30
C ALA C 263 11.20 11.38 -62.36
N ALA C 264 10.86 11.36 -61.06
CA ALA C 264 11.77 10.72 -60.12
C ALA C 264 10.97 10.19 -58.94
N TYR C 265 11.60 9.30 -58.19
CA TYR C 265 10.98 8.75 -57.00
C TYR C 265 12.02 8.30 -56.01
N TYR C 266 11.55 8.03 -54.79
CA TYR C 266 12.36 7.63 -53.66
C TYR C 266 11.67 6.48 -52.93
N VAL C 267 12.48 5.54 -52.46
CA VAL C 267 12.00 4.35 -51.76
C VAL C 267 12.75 4.21 -50.45
N GLY C 268 12.00 4.09 -49.35
CA GLY C 268 12.58 3.88 -48.04
C GLY C 268 11.81 2.86 -47.25
N TYR C 269 12.43 2.40 -46.16
CA TYR C 269 11.98 1.24 -45.41
C TYR C 269 11.58 1.68 -43.99
N LEU C 270 10.89 0.79 -43.28
CA LEU C 270 10.30 1.14 -42.00
C LEU C 270 10.86 0.26 -40.89
N GLN C 271 10.95 0.84 -39.69
CA GLN C 271 11.48 0.19 -38.49
C GLN C 271 10.52 0.41 -37.33
N PRO C 272 10.36 -0.57 -36.43
CA PRO C 272 9.44 -0.40 -35.30
C PRO C 272 10.03 0.48 -34.22
N ARG C 273 9.54 1.72 -34.14
CA ARG C 273 10.18 2.73 -33.31
C ARG C 273 9.12 3.62 -32.68
N THR C 274 9.28 3.89 -31.38
CA THR C 274 8.33 4.72 -30.64
C THR C 274 8.43 6.17 -31.08
N PHE C 275 7.27 6.81 -31.25
CA PHE C 275 7.20 8.19 -31.68
C PHE C 275 6.28 8.98 -30.75
N LEU C 276 6.43 10.29 -30.78
CA LEU C 276 5.51 11.17 -30.07
C LEU C 276 4.88 12.14 -31.07
N LEU C 277 3.56 12.22 -31.09
CA LEU C 277 2.85 13.12 -31.98
C LEU C 277 2.24 14.26 -31.20
N LYS C 278 2.08 15.40 -31.87
CA LYS C 278 1.38 16.55 -31.30
C LYS C 278 0.20 16.88 -32.19
N TYR C 279 -0.99 16.91 -31.61
CA TYR C 279 -2.18 17.32 -32.34
C TYR C 279 -2.37 18.82 -32.24
N ASN C 280 -3.01 19.39 -33.26
CA ASN C 280 -3.27 20.81 -33.32
C ASN C 280 -4.61 21.06 -32.62
N GLU C 281 -4.98 22.35 -32.50
CA GLU C 281 -6.31 22.72 -32.02
C GLU C 281 -7.38 22.21 -32.97
N ASN C 282 -7.14 22.31 -34.27
CA ASN C 282 -8.04 21.75 -35.27
C ASN C 282 -7.85 20.25 -35.44
N GLY C 283 -7.02 19.62 -34.62
CA GLY C 283 -6.92 18.18 -34.62
C GLY C 283 -6.18 17.61 -35.81
N THR C 284 -5.16 18.31 -36.29
CA THR C 284 -4.26 17.78 -37.30
C THR C 284 -2.96 17.45 -36.60
N ILE C 285 -2.39 16.28 -36.90
CA ILE C 285 -1.05 15.99 -36.41
C ILE C 285 -0.08 16.92 -37.11
N THR C 286 0.53 17.82 -36.33
CA THR C 286 1.33 18.89 -36.88
C THR C 286 2.83 18.64 -36.72
N ASP C 287 3.23 17.97 -35.64
CA ASP C 287 4.64 17.70 -35.43
C ASP C 287 4.81 16.35 -34.74
N ALA C 288 6.00 15.79 -34.87
CA ALA C 288 6.31 14.51 -34.26
C ALA C 288 7.78 14.48 -33.88
N VAL C 289 8.11 13.65 -32.90
CA VAL C 289 9.46 13.49 -32.39
C VAL C 289 9.79 12.01 -32.38
N ASP C 290 10.90 11.67 -33.05
CA ASP C 290 11.50 10.36 -32.94
C ASP C 290 12.25 10.26 -31.62
N CYS C 291 12.08 9.16 -30.91
CA CYS C 291 12.64 9.03 -29.58
C CYS C 291 14.15 8.88 -29.57
N ALA C 292 14.65 7.81 -30.19
CA ALA C 292 16.04 7.44 -30.05
C ALA C 292 16.93 8.04 -31.13
N LEU C 293 16.45 9.06 -31.83
CA LEU C 293 17.23 9.64 -32.92
C LEU C 293 18.44 10.41 -32.39
N ASP C 294 18.28 11.07 -31.25
CA ASP C 294 19.34 11.86 -30.64
C ASP C 294 18.99 12.02 -29.17
N PRO C 295 20.01 12.21 -28.29
CA PRO C 295 19.72 12.29 -26.85
C PRO C 295 18.85 13.47 -26.45
N LEU C 296 18.96 14.56 -27.20
CA LEU C 296 18.11 15.72 -26.97
C LEU C 296 16.64 15.37 -27.19
N SER C 297 16.34 14.70 -28.30
CA SER C 297 14.97 14.28 -28.57
C SER C 297 14.53 13.21 -27.58
N GLU C 298 15.47 12.42 -27.08
CA GLU C 298 15.16 11.44 -26.05
C GLU C 298 14.70 12.12 -24.77
N THR C 299 15.37 13.22 -24.41
CA THR C 299 14.94 14.01 -23.26
C THR C 299 13.58 14.64 -23.52
N LYS C 300 13.38 15.16 -24.72
CA LYS C 300 12.09 15.75 -25.10
C LYS C 300 10.97 14.72 -25.03
N CYS C 301 11.28 13.47 -25.34
CA CYS C 301 10.30 12.41 -25.20
C CYS C 301 10.03 12.10 -23.74
N THR C 302 11.08 11.98 -22.95
CA THR C 302 10.88 11.50 -21.58
C THR C 302 10.33 12.57 -20.65
N LEU C 303 10.32 13.83 -21.06
CA LEU C 303 9.59 14.85 -20.31
C LEU C 303 8.19 15.08 -20.81
N LYS C 304 7.85 14.55 -21.99
CA LYS C 304 6.61 14.82 -22.71
C LYS C 304 6.40 16.33 -22.91
N SER C 305 7.32 16.92 -23.66
CA SER C 305 7.20 18.33 -24.02
C SER C 305 8.01 18.59 -25.28
N PHE C 306 7.82 19.77 -25.84
CA PHE C 306 8.61 20.20 -26.97
C PHE C 306 9.64 21.24 -26.56
N THR C 307 9.48 21.87 -25.40
CA THR C 307 10.41 22.88 -24.94
C THR C 307 11.03 22.40 -23.64
N VAL C 308 12.36 22.38 -23.61
CA VAL C 308 13.10 21.94 -22.45
C VAL C 308 13.91 23.11 -21.91
N GLU C 309 13.76 23.39 -20.63
CA GLU C 309 14.55 24.41 -19.96
C GLU C 309 15.94 23.89 -19.68
N LYS C 310 16.81 24.80 -19.23
CA LYS C 310 18.15 24.41 -18.80
C LYS C 310 18.04 23.55 -17.55
N GLY C 311 18.98 22.64 -17.41
CA GLY C 311 18.94 21.69 -16.32
C GLY C 311 19.53 20.37 -16.80
N ILE C 312 19.67 19.45 -15.86
CA ILE C 312 20.26 18.16 -16.13
C ILE C 312 19.18 17.11 -15.92
N TYR C 313 19.09 16.16 -16.83
CA TYR C 313 18.07 15.13 -16.78
C TYR C 313 18.70 13.77 -16.88
N GLN C 314 18.15 12.84 -16.11
CA GLN C 314 18.45 11.43 -16.25
C GLN C 314 17.33 10.79 -17.06
N THR C 315 17.66 10.31 -18.25
CA THR C 315 16.62 9.81 -19.12
C THR C 315 16.56 8.29 -19.20
N SER C 316 17.69 7.59 -19.26
CA SER C 316 17.62 6.14 -19.52
C SER C 316 18.92 5.47 -19.10
N ASN C 317 19.03 4.22 -19.49
CA ASN C 317 20.22 3.42 -19.37
C ASN C 317 20.77 3.11 -20.75
N PHE C 318 21.98 2.57 -20.75
CA PHE C 318 22.58 1.99 -21.93
C PHE C 318 23.00 0.58 -21.57
N ARG C 319 22.82 -0.32 -22.54
CA ARG C 319 23.10 -1.73 -22.32
C ARG C 319 23.69 -2.28 -23.59
N VAL C 320 24.90 -2.84 -23.49
CA VAL C 320 25.53 -3.45 -24.64
C VAL C 320 24.77 -4.72 -25.02
N GLN C 321 24.75 -5.02 -26.30
CA GLN C 321 23.92 -6.10 -26.81
C GLN C 321 24.72 -7.38 -27.02
N PRO C 322 24.10 -8.53 -26.87
CA PRO C 322 24.81 -9.79 -27.09
C PRO C 322 25.09 -10.04 -28.56
N THR C 323 26.06 -10.92 -28.79
CA THR C 323 26.53 -11.24 -30.13
C THR C 323 25.98 -12.56 -30.66
N GLU C 324 26.16 -13.65 -29.91
CA GLU C 324 25.84 -14.98 -30.41
C GLU C 324 25.04 -15.72 -29.34
N SER C 325 24.80 -17.01 -29.59
CA SER C 325 24.16 -17.88 -28.64
C SER C 325 24.97 -19.14 -28.47
N ILE C 326 25.12 -19.56 -27.22
CA ILE C 326 25.91 -20.74 -26.89
C ILE C 326 25.00 -21.75 -26.19
N VAL C 327 24.98 -22.96 -26.71
CA VAL C 327 24.26 -24.07 -26.09
C VAL C 327 25.29 -25.07 -25.60
N ARG C 328 25.22 -25.41 -24.32
CA ARG C 328 26.08 -26.44 -23.76
C ARG C 328 25.21 -27.54 -23.18
N PHE C 329 25.28 -28.70 -23.80
CA PHE C 329 24.51 -29.89 -23.46
C PHE C 329 25.48 -31.04 -23.21
N PRO C 330 25.09 -32.03 -22.41
CA PRO C 330 25.96 -33.18 -22.22
C PRO C 330 26.07 -34.04 -23.47
N ASN C 331 27.15 -34.81 -23.57
CA ASN C 331 27.40 -35.67 -24.72
C ASN C 331 26.76 -37.01 -24.41
N ILE C 332 25.48 -37.13 -24.76
CA ILE C 332 24.76 -38.39 -24.66
C ILE C 332 24.21 -38.73 -26.04
N THR C 333 24.20 -40.03 -26.35
CA THR C 333 23.88 -40.51 -27.69
C THR C 333 22.67 -41.44 -27.75
N ASN C 334 22.59 -42.42 -26.88
CA ASN C 334 21.53 -43.42 -26.96
C ASN C 334 20.18 -42.85 -26.56
N LEU C 335 19.13 -43.33 -27.24
CA LEU C 335 17.81 -42.74 -27.13
C LEU C 335 16.99 -43.42 -26.05
N CYS C 336 15.81 -42.87 -25.80
CA CYS C 336 14.97 -43.35 -24.71
C CYS C 336 14.01 -44.45 -25.19
N PRO C 337 13.84 -45.51 -24.39
CA PRO C 337 13.08 -46.70 -24.81
C PRO C 337 11.58 -46.46 -24.87
N PHE C 338 11.16 -45.77 -25.93
CA PHE C 338 9.76 -45.41 -26.09
C PHE C 338 8.90 -46.58 -26.56
N GLY C 339 9.43 -47.44 -27.42
CA GLY C 339 8.65 -48.55 -27.93
C GLY C 339 8.37 -49.61 -26.88
N GLU C 340 9.25 -49.73 -25.89
CA GLU C 340 9.05 -50.73 -24.86
C GLU C 340 7.94 -50.35 -23.90
N VAL C 341 7.64 -49.05 -23.80
CA VAL C 341 6.66 -48.60 -22.81
C VAL C 341 5.37 -48.15 -23.49
N PHE C 342 5.45 -47.76 -24.76
CA PHE C 342 4.24 -47.33 -25.46
C PHE C 342 3.67 -48.45 -26.32
N ASN C 343 4.55 -49.16 -27.04
CA ASN C 343 4.18 -50.34 -27.80
C ASN C 343 4.47 -51.60 -26.99
N ALA C 344 4.17 -51.55 -25.70
CA ALA C 344 4.42 -52.67 -24.83
C ALA C 344 3.47 -53.82 -25.13
N THR C 345 3.94 -55.02 -24.80
CA THR C 345 3.13 -56.23 -25.00
C THR C 345 1.93 -56.22 -24.06
N ARG C 346 2.12 -55.81 -22.81
CA ARG C 346 1.00 -55.89 -21.89
C ARG C 346 1.10 -54.76 -20.87
N PHE C 347 -0.04 -54.15 -20.55
CA PHE C 347 -0.14 -53.21 -19.44
C PHE C 347 -0.81 -53.83 -18.22
N ALA C 348 -0.64 -53.14 -17.09
CA ALA C 348 -1.10 -53.62 -15.81
C ALA C 348 -2.37 -52.89 -15.37
N SER C 349 -2.85 -53.26 -14.18
CA SER C 349 -4.03 -52.71 -13.55
C SER C 349 -3.72 -51.33 -12.95
N VAL C 350 -4.79 -50.64 -12.56
CA VAL C 350 -4.62 -49.30 -12.00
C VAL C 350 -4.13 -49.39 -10.55
N TYR C 351 -4.51 -50.43 -9.81
CA TYR C 351 -4.04 -50.56 -8.44
C TYR C 351 -2.63 -51.13 -8.37
N ALA C 352 -2.13 -51.66 -9.48
CA ALA C 352 -0.79 -52.20 -9.55
C ALA C 352 -0.06 -51.57 -10.73
N TRP C 353 -0.14 -50.24 -10.80
CA TRP C 353 0.35 -49.48 -11.95
C TRP C 353 1.85 -49.60 -12.08
N ASN C 354 2.32 -49.80 -13.30
CA ASN C 354 3.73 -49.98 -13.55
C ASN C 354 4.42 -48.64 -13.50
N ARG C 355 5.60 -48.62 -12.87
CA ARG C 355 6.42 -47.44 -12.81
C ARG C 355 7.76 -47.75 -13.45
N LYS C 356 8.16 -46.96 -14.43
CA LYS C 356 9.50 -47.07 -14.99
C LYS C 356 10.21 -45.74 -14.83
N ARG C 357 11.37 -45.79 -14.20
CA ARG C 357 12.17 -44.60 -13.94
C ARG C 357 13.20 -44.52 -15.05
N ILE C 358 12.86 -43.82 -16.13
CA ILE C 358 13.68 -43.76 -17.33
C ILE C 358 14.76 -42.72 -17.11
N SER C 359 16.00 -43.13 -17.36
CA SER C 359 17.19 -42.36 -17.03
C SER C 359 18.24 -42.65 -18.08
N ASN C 360 19.17 -41.69 -18.23
CA ASN C 360 20.39 -41.80 -19.05
C ASN C 360 20.06 -42.10 -20.51
N CYS C 361 19.35 -41.19 -21.15
CA CYS C 361 19.05 -41.38 -22.57
C CYS C 361 18.81 -40.02 -23.23
N VAL C 362 18.82 -40.04 -24.56
CA VAL C 362 18.47 -38.89 -25.37
C VAL C 362 16.98 -38.90 -25.60
N ALA C 363 16.31 -37.82 -25.21
CA ALA C 363 14.88 -37.71 -25.36
C ALA C 363 14.52 -36.79 -26.51
N ASP C 364 13.44 -37.13 -27.20
CA ASP C 364 12.77 -36.26 -28.16
C ASP C 364 11.28 -36.45 -27.97
N TYR C 365 10.57 -35.35 -27.72
CA TYR C 365 9.14 -35.43 -27.45
C TYR C 365 8.27 -35.01 -28.60
N SER C 366 8.87 -34.63 -29.74
CA SER C 366 8.08 -34.16 -30.87
C SER C 366 7.25 -35.29 -31.48
N VAL C 367 7.89 -36.44 -31.72
CA VAL C 367 7.22 -37.57 -32.34
C VAL C 367 6.12 -38.12 -31.43
N LEU C 368 6.40 -38.15 -30.12
CA LEU C 368 5.39 -38.52 -29.14
C LEU C 368 4.24 -37.54 -29.16
N TYR C 369 4.57 -36.26 -29.24
CA TYR C 369 3.59 -35.22 -29.52
C TYR C 369 2.92 -35.36 -30.87
N ASN C 370 3.69 -35.57 -31.95
CA ASN C 370 3.11 -35.50 -33.29
C ASN C 370 2.34 -36.75 -33.70
N SER C 371 2.33 -37.79 -32.87
CA SER C 371 1.69 -39.04 -33.26
C SER C 371 0.20 -38.91 -33.01
N ALA C 372 -0.58 -39.11 -34.07
CA ALA C 372 -2.02 -38.98 -33.98
C ALA C 372 -2.68 -40.20 -33.35
N SER C 373 -1.90 -41.25 -33.05
CA SER C 373 -2.39 -42.43 -32.35
C SER C 373 -2.73 -42.11 -30.90
N PHE C 374 -2.28 -40.97 -30.39
CA PHE C 374 -2.45 -40.59 -28.99
C PHE C 374 -3.58 -39.60 -28.88
N SER C 375 -4.62 -39.97 -28.13
CA SER C 375 -5.85 -39.19 -28.10
C SER C 375 -5.81 -38.10 -27.05
N THR C 376 -5.24 -38.38 -25.88
CA THR C 376 -5.23 -37.41 -24.79
C THR C 376 -3.79 -37.06 -24.44
N PHE C 377 -3.42 -35.81 -24.70
CA PHE C 377 -2.06 -35.29 -24.49
C PHE C 377 -2.20 -33.92 -23.85
N LYS C 378 -2.05 -33.88 -22.52
CA LYS C 378 -2.18 -32.62 -21.80
C LYS C 378 -1.07 -32.51 -20.77
N CYS C 379 -0.25 -31.48 -20.87
CA CYS C 379 0.82 -31.29 -19.91
C CYS C 379 0.47 -30.15 -18.97
N TYR C 380 0.95 -30.26 -17.74
CA TYR C 380 0.39 -29.47 -16.66
C TYR C 380 1.36 -28.49 -16.03
N GLY C 381 2.65 -28.59 -16.32
CA GLY C 381 3.55 -27.61 -15.79
C GLY C 381 4.29 -26.90 -16.90
N VAL C 382 4.38 -27.55 -18.06
CA VAL C 382 5.17 -27.04 -19.18
C VAL C 382 4.28 -27.10 -20.42
N SER C 383 4.32 -26.03 -21.21
CA SER C 383 3.69 -26.05 -22.51
C SER C 383 4.49 -26.93 -23.44
N PRO C 384 3.83 -27.84 -24.18
CA PRO C 384 4.54 -28.98 -24.78
C PRO C 384 5.59 -28.62 -25.80
N THR C 385 5.40 -27.50 -26.51
CA THR C 385 6.37 -27.02 -27.47
C THR C 385 7.72 -26.73 -26.83
N LYS C 386 7.75 -26.31 -25.57
CA LYS C 386 9.00 -26.07 -24.91
C LYS C 386 9.66 -27.35 -24.42
N LEU C 387 8.93 -28.48 -24.44
CA LEU C 387 9.51 -29.76 -24.04
C LEU C 387 10.61 -30.24 -24.97
N ASN C 388 10.77 -29.64 -26.13
CA ASN C 388 11.88 -29.97 -26.98
C ASN C 388 13.16 -29.27 -26.56
N ASP C 389 13.11 -28.45 -25.51
CA ASP C 389 14.24 -27.60 -25.15
C ASP C 389 14.63 -27.67 -23.68
N LEU C 390 14.14 -28.63 -22.92
CA LEU C 390 14.37 -28.66 -21.48
C LEU C 390 15.06 -29.94 -21.05
N CYS C 391 15.75 -29.85 -19.92
CA CYS C 391 16.57 -30.94 -19.42
C CYS C 391 16.14 -31.33 -18.02
N PHE C 392 16.17 -32.63 -17.73
CA PHE C 392 15.56 -33.18 -16.53
C PHE C 392 16.54 -34.13 -15.86
N THR C 393 16.33 -34.30 -14.55
CA THR C 393 17.13 -35.24 -13.79
C THR C 393 16.83 -36.67 -14.20
N ASN C 394 15.59 -37.12 -14.00
CA ASN C 394 15.13 -38.35 -14.61
C ASN C 394 13.63 -38.22 -14.83
N VAL C 395 13.06 -39.16 -15.57
CA VAL C 395 11.63 -39.09 -15.82
C VAL C 395 10.97 -40.34 -15.30
N TYR C 396 9.71 -40.21 -14.91
CA TYR C 396 8.88 -41.35 -14.56
C TYR C 396 7.85 -41.57 -15.65
N ALA C 397 7.74 -42.81 -16.12
CA ALA C 397 6.66 -43.23 -16.99
C ALA C 397 5.80 -44.17 -16.16
N ASP C 398 4.59 -43.72 -15.82
CA ASP C 398 3.65 -44.54 -15.08
C ASP C 398 2.56 -45.01 -16.01
N SER C 399 2.40 -46.33 -16.10
CA SER C 399 1.54 -46.94 -17.09
C SER C 399 0.47 -47.79 -16.41
N PHE C 400 -0.74 -47.74 -16.97
CA PHE C 400 -1.81 -48.63 -16.57
C PHE C 400 -2.86 -48.61 -17.67
N VAL C 401 -3.96 -49.31 -17.42
CA VAL C 401 -5.12 -49.30 -18.30
C VAL C 401 -6.36 -49.13 -17.42
N ILE C 402 -7.28 -48.27 -17.85
CA ILE C 402 -8.47 -47.99 -17.07
C ILE C 402 -9.70 -48.01 -17.96
N ARG C 403 -10.86 -47.72 -17.40
CA ARG C 403 -12.02 -47.46 -18.21
C ARG C 403 -11.95 -46.03 -18.73
N GLY C 404 -12.54 -45.80 -19.91
CA GLY C 404 -12.44 -44.48 -20.53
C GLY C 404 -13.20 -43.42 -19.78
N ASP C 405 -14.38 -43.76 -19.24
CA ASP C 405 -15.29 -42.81 -18.61
C ASP C 405 -14.69 -42.08 -17.41
N GLU C 406 -13.64 -42.63 -16.81
CA GLU C 406 -13.04 -42.06 -15.63
C GLU C 406 -11.84 -41.16 -15.93
N VAL C 407 -11.53 -40.95 -17.23
CA VAL C 407 -10.27 -40.32 -17.64
C VAL C 407 -10.13 -38.89 -17.10
N ARG C 408 -11.24 -38.25 -16.81
CA ARG C 408 -11.24 -36.88 -16.32
C ARG C 408 -10.69 -36.77 -14.91
N GLN C 409 -10.68 -37.85 -14.14
CA GLN C 409 -10.19 -37.76 -12.77
C GLN C 409 -8.68 -37.84 -12.65
N ILE C 410 -7.94 -37.75 -13.75
CA ILE C 410 -6.50 -37.92 -13.65
C ILE C 410 -5.80 -36.61 -13.27
N ALA C 411 -6.51 -35.49 -13.38
CA ALA C 411 -5.92 -34.19 -13.08
C ALA C 411 -5.65 -34.07 -11.58
N PRO C 412 -4.59 -33.36 -11.19
CA PRO C 412 -4.31 -33.18 -9.76
C PRO C 412 -5.40 -32.35 -9.09
N GLY C 413 -5.73 -32.73 -7.86
CA GLY C 413 -6.80 -32.11 -7.12
C GLY C 413 -8.17 -32.67 -7.40
N GLN C 414 -8.29 -33.59 -8.36
CA GLN C 414 -9.57 -34.22 -8.61
C GLN C 414 -9.89 -35.21 -7.49
N THR C 415 -11.12 -35.69 -7.50
CA THR C 415 -11.59 -36.66 -6.53
C THR C 415 -12.21 -37.84 -7.27
N GLY C 416 -12.83 -38.72 -6.50
CA GLY C 416 -13.48 -39.88 -7.04
C GLY C 416 -12.65 -41.12 -6.81
N VAL C 417 -13.30 -42.26 -7.03
CA VAL C 417 -12.84 -43.57 -6.52
C VAL C 417 -11.48 -43.91 -7.07
N ILE C 418 -11.27 -43.66 -8.36
CA ILE C 418 -9.96 -43.85 -8.97
C ILE C 418 -8.97 -42.85 -8.40
N ALA C 419 -9.39 -41.60 -8.30
CA ALA C 419 -8.49 -40.56 -7.82
C ALA C 419 -8.23 -40.66 -6.32
N ASP C 420 -9.07 -41.36 -5.58
CA ASP C 420 -8.98 -41.33 -4.13
C ASP C 420 -8.67 -42.68 -3.50
N TYR C 421 -8.71 -43.77 -4.25
CA TYR C 421 -8.41 -45.08 -3.68
C TYR C 421 -7.15 -45.74 -4.22
N ASN C 422 -6.94 -45.75 -5.53
CA ASN C 422 -5.83 -46.53 -6.05
C ASN C 422 -4.69 -45.68 -6.58
N TYR C 423 -4.98 -44.53 -7.17
CA TYR C 423 -3.95 -43.66 -7.70
C TYR C 423 -4.23 -42.22 -7.28
N LYS C 424 -3.23 -41.55 -6.73
CA LYS C 424 -3.34 -40.16 -6.30
C LYS C 424 -2.14 -39.38 -6.79
N LEU C 425 -2.40 -38.24 -7.42
CA LEU C 425 -1.32 -37.41 -7.93
C LEU C 425 -1.19 -36.15 -7.08
N PRO C 426 0.02 -35.77 -6.68
CA PRO C 426 0.17 -34.54 -5.89
C PRO C 426 -0.05 -33.30 -6.75
N ASP C 427 -0.41 -32.21 -6.08
CA ASP C 427 -0.85 -31.01 -6.79
C ASP C 427 0.29 -30.15 -7.32
N ASP C 428 1.53 -30.47 -6.99
CA ASP C 428 2.69 -29.77 -7.53
C ASP C 428 3.20 -30.42 -8.80
N PHE C 429 2.31 -31.02 -9.57
CA PHE C 429 2.72 -31.96 -10.59
C PHE C 429 3.29 -31.24 -11.81
N THR C 430 4.37 -31.80 -12.34
CA THR C 430 5.00 -31.28 -13.55
C THR C 430 5.31 -32.43 -14.51
N GLY C 431 4.36 -32.68 -15.41
CA GLY C 431 4.51 -33.71 -16.42
C GLY C 431 3.34 -33.65 -17.37
N CYS C 432 3.05 -34.80 -17.98
CA CYS C 432 1.94 -34.85 -18.92
C CYS C 432 1.06 -36.08 -18.67
N VAL C 433 -0.19 -36.00 -19.12
CA VAL C 433 -1.10 -37.13 -19.10
C VAL C 433 -1.44 -37.51 -20.53
N ILE C 434 -1.47 -38.82 -20.79
CA ILE C 434 -1.68 -39.34 -22.13
C ILE C 434 -2.60 -40.55 -22.05
N ALA C 435 -3.62 -40.58 -22.89
CA ALA C 435 -4.56 -41.70 -22.93
C ALA C 435 -4.91 -42.07 -24.38
N TRP C 436 -5.09 -43.37 -24.61
CA TRP C 436 -5.66 -43.83 -25.87
C TRP C 436 -6.44 -45.10 -25.54
N ASN C 437 -7.48 -45.37 -26.31
CA ASN C 437 -8.21 -46.61 -26.14
C ASN C 437 -7.39 -47.78 -26.72
N SER C 438 -7.46 -48.93 -26.07
CA SER C 438 -6.87 -50.15 -26.60
C SER C 438 -7.95 -51.17 -26.87
N ASN C 439 -9.08 -50.70 -27.41
CA ASN C 439 -10.28 -51.51 -27.57
C ASN C 439 -10.03 -52.67 -28.52
N ASN C 440 -9.27 -52.44 -29.58
CA ASN C 440 -8.94 -53.54 -30.46
C ASN C 440 -7.77 -54.37 -29.97
N LEU C 441 -7.12 -53.97 -28.88
CA LEU C 441 -5.92 -54.67 -28.43
C LEU C 441 -6.20 -55.72 -27.36
N ASP C 442 -6.81 -55.33 -26.24
CA ASP C 442 -7.05 -56.27 -25.17
C ASP C 442 -8.49 -56.68 -25.03
N SER C 443 -9.43 -55.85 -25.48
CA SER C 443 -10.82 -55.99 -25.09
C SER C 443 -11.46 -57.16 -25.83
N LYS C 444 -11.59 -58.28 -25.12
CA LYS C 444 -12.07 -59.54 -25.67
C LYS C 444 -13.54 -59.73 -25.31
N VAL C 445 -14.25 -60.46 -26.15
CA VAL C 445 -15.70 -60.65 -25.98
C VAL C 445 -15.99 -61.46 -24.73
N GLY C 446 -15.09 -62.38 -24.37
CA GLY C 446 -15.31 -63.20 -23.19
C GLY C 446 -15.21 -62.46 -21.88
N GLY C 447 -14.49 -61.34 -21.85
CA GLY C 447 -14.34 -60.57 -20.63
C GLY C 447 -12.93 -60.59 -20.05
N ASN C 448 -12.34 -59.41 -19.87
CA ASN C 448 -10.97 -59.29 -19.39
C ASN C 448 -11.03 -59.01 -17.90
N TYR C 449 -11.30 -60.06 -17.15
CA TYR C 449 -11.59 -59.92 -15.73
C TYR C 449 -10.35 -59.98 -14.86
N ASN C 450 -9.14 -59.90 -15.44
CA ASN C 450 -7.96 -59.66 -14.63
C ASN C 450 -7.80 -58.19 -14.28
N TYR C 451 -8.57 -57.33 -14.93
CA TYR C 451 -8.55 -55.90 -14.68
C TYR C 451 -9.40 -55.61 -13.46
N LEU C 452 -8.75 -55.50 -12.33
CA LEU C 452 -9.42 -55.25 -11.06
C LEU C 452 -9.07 -53.81 -10.71
N TYR C 453 -9.93 -53.17 -9.94
CA TYR C 453 -9.60 -51.90 -9.34
C TYR C 453 -10.09 -51.91 -7.91
N ARG C 454 -9.42 -51.11 -7.09
CA ARG C 454 -9.70 -51.09 -5.68
C ARG C 454 -10.91 -50.19 -5.45
N LEU C 455 -11.99 -50.78 -4.94
CA LEU C 455 -13.26 -50.09 -4.78
C LEU C 455 -13.55 -49.69 -3.36
N PHE C 456 -12.92 -50.35 -2.39
CA PHE C 456 -13.05 -49.95 -0.99
C PHE C 456 -11.69 -49.65 -0.40
N ARG C 457 -11.69 -48.77 0.58
CA ARG C 457 -10.53 -48.45 1.39
C ARG C 457 -11.01 -47.87 2.70
N LYS C 458 -10.22 -48.10 3.75
CA LYS C 458 -10.50 -47.43 5.03
C LYS C 458 -10.30 -45.93 4.92
N SER C 459 -9.25 -45.50 4.23
CA SER C 459 -8.90 -44.09 4.17
C SER C 459 -8.40 -43.79 2.78
N ASN C 460 -8.17 -42.50 2.53
CA ASN C 460 -7.52 -42.10 1.30
C ASN C 460 -6.03 -42.44 1.36
N LEU C 461 -5.39 -42.36 0.21
CA LEU C 461 -4.00 -42.77 0.08
C LEU C 461 -3.14 -41.56 -0.28
N LYS C 462 -1.85 -41.70 0.02
CA LYS C 462 -0.88 -40.65 -0.24
C LYS C 462 -0.64 -40.49 -1.73
N PRO C 463 -0.15 -39.33 -2.15
CA PRO C 463 0.35 -39.21 -3.53
C PRO C 463 1.49 -40.16 -3.80
N PHE C 464 1.44 -40.79 -4.99
CA PHE C 464 2.39 -41.81 -5.43
C PHE C 464 2.52 -42.95 -4.42
N GLU C 465 1.39 -43.41 -3.92
CA GLU C 465 1.30 -44.59 -3.06
C GLU C 465 0.63 -45.70 -3.85
N ARG C 466 1.05 -46.93 -3.61
CA ARG C 466 0.52 -48.09 -4.33
C ARG C 466 0.13 -49.17 -3.32
N ASP C 467 -1.11 -49.63 -3.40
CA ASP C 467 -1.68 -50.56 -2.44
C ASP C 467 -1.96 -51.89 -3.11
N ILE C 468 -1.71 -52.99 -2.38
CA ILE C 468 -1.83 -54.32 -2.97
C ILE C 468 -2.60 -55.21 -2.02
N SER C 469 -2.95 -54.68 -0.84
CA SER C 469 -3.48 -55.49 0.25
C SER C 469 -4.86 -56.05 -0.09
N THR C 470 -5.00 -57.36 0.11
CA THR C 470 -6.23 -58.07 -0.19
C THR C 470 -7.00 -58.46 1.06
N GLU C 471 -6.74 -57.79 2.18
CA GLU C 471 -7.53 -58.00 3.37
C GLU C 471 -8.95 -57.49 3.13
N ILE C 472 -9.92 -58.16 3.74
CA ILE C 472 -11.31 -57.85 3.44
C ILE C 472 -11.73 -56.56 4.15
N TYR C 473 -12.36 -55.69 3.38
CA TYR C 473 -12.91 -54.46 3.92
C TYR C 473 -14.25 -54.76 4.56
N GLN C 474 -14.49 -54.16 5.72
CA GLN C 474 -15.79 -54.24 6.37
C GLN C 474 -16.49 -52.90 6.15
N ALA C 475 -17.75 -52.97 5.73
CA ALA C 475 -18.52 -51.76 5.49
C ALA C 475 -19.42 -51.42 6.66
N GLY C 476 -20.19 -52.40 7.13
CA GLY C 476 -21.06 -52.18 8.26
C GLY C 476 -20.32 -52.12 9.57
N SER C 477 -21.07 -51.76 10.62
CA SER C 477 -20.51 -51.68 11.96
C SER C 477 -20.16 -53.05 12.52
N THR C 478 -20.71 -54.11 11.93
CA THR C 478 -20.37 -55.46 12.35
C THR C 478 -18.93 -55.78 11.95
N PRO C 479 -18.08 -56.15 12.90
CA PRO C 479 -16.76 -56.66 12.55
C PRO C 479 -16.86 -58.06 11.97
N CYS C 480 -15.87 -58.39 11.15
CA CYS C 480 -15.87 -59.67 10.47
C CYS C 480 -14.49 -60.30 10.57
N ASN C 481 -14.48 -61.63 10.46
CA ASN C 481 -13.26 -62.42 10.48
C ASN C 481 -13.33 -63.41 9.33
N GLY C 482 -12.27 -64.19 9.17
CA GLY C 482 -12.19 -65.14 8.10
C GLY C 482 -12.08 -64.46 6.74
N VAL C 483 -12.79 -64.99 5.76
CA VAL C 483 -12.70 -64.48 4.39
C VAL C 483 -13.99 -63.80 3.93
N GLU C 484 -15.16 -64.34 4.19
CA GLU C 484 -16.35 -63.74 3.63
C GLU C 484 -17.42 -63.64 4.72
N GLY C 485 -18.29 -62.65 4.58
CA GLY C 485 -19.39 -62.49 5.50
C GLY C 485 -20.35 -61.44 4.96
N PHE C 486 -21.42 -61.23 5.72
CA PHE C 486 -22.33 -60.13 5.45
C PHE C 486 -21.59 -58.81 5.67
N ASN C 487 -21.92 -57.83 4.83
CA ASN C 487 -21.43 -56.44 4.70
C ASN C 487 -19.94 -56.30 5.02
N CYS C 488 -19.15 -57.24 4.53
CA CYS C 488 -17.72 -57.31 4.78
C CYS C 488 -17.10 -57.96 3.55
N TYR C 489 -16.57 -57.16 2.64
CA TYR C 489 -16.36 -57.65 1.28
C TYR C 489 -14.91 -57.51 0.86
N PHE C 490 -14.61 -58.10 -0.30
CA PHE C 490 -13.36 -57.91 -1.01
C PHE C 490 -13.33 -56.55 -1.68
N PRO C 491 -12.31 -55.72 -1.44
CA PRO C 491 -12.33 -54.37 -2.01
C PRO C 491 -12.10 -54.34 -3.51
N LEU C 492 -11.48 -55.36 -4.08
CA LEU C 492 -11.23 -55.36 -5.50
C LEU C 492 -12.49 -55.70 -6.28
N GLN C 493 -12.66 -55.06 -7.42
CA GLN C 493 -13.79 -55.30 -8.30
C GLN C 493 -13.33 -55.16 -9.73
N SER C 494 -13.80 -56.05 -10.60
CA SER C 494 -13.28 -56.10 -11.96
C SER C 494 -14.20 -55.38 -12.93
N TYR C 495 -13.61 -54.89 -14.03
CA TYR C 495 -14.39 -54.27 -15.08
C TYR C 495 -14.99 -55.32 -16.00
N GLY C 496 -16.12 -54.97 -16.62
CA GLY C 496 -16.67 -55.73 -17.71
C GLY C 496 -16.10 -55.23 -19.03
N PHE C 497 -14.84 -55.54 -19.29
CA PHE C 497 -14.16 -55.05 -20.49
C PHE C 497 -14.42 -56.03 -21.62
N GLN C 498 -15.41 -55.71 -22.45
CA GLN C 498 -15.72 -56.42 -23.68
C GLN C 498 -15.98 -55.39 -24.76
N PRO C 499 -15.67 -55.70 -26.03
CA PRO C 499 -15.81 -54.68 -27.08
C PRO C 499 -17.26 -54.36 -27.42
N THR C 500 -18.19 -55.20 -26.99
CA THR C 500 -19.60 -54.97 -27.27
C THR C 500 -20.19 -53.84 -26.43
N ASN C 501 -19.48 -53.34 -25.42
CA ASN C 501 -20.02 -52.32 -24.56
C ASN C 501 -20.11 -50.98 -25.28
N GLY C 502 -20.71 -50.01 -24.59
CA GLY C 502 -20.88 -48.69 -25.16
C GLY C 502 -19.61 -47.86 -25.09
N VAL C 503 -19.75 -46.59 -25.48
CA VAL C 503 -18.60 -45.70 -25.52
C VAL C 503 -18.16 -45.34 -24.10
N GLY C 504 -16.86 -45.23 -23.91
CA GLY C 504 -16.31 -44.96 -22.60
C GLY C 504 -16.06 -46.18 -21.77
N TYR C 505 -16.86 -47.23 -21.97
CA TYR C 505 -16.63 -48.47 -21.26
C TYR C 505 -15.47 -49.27 -21.84
N GLN C 506 -15.03 -48.93 -23.05
CA GLN C 506 -13.85 -49.54 -23.62
C GLN C 506 -12.60 -49.11 -22.84
N PRO C 507 -11.66 -50.03 -22.65
CA PRO C 507 -10.46 -49.70 -21.87
C PRO C 507 -9.55 -48.74 -22.62
N TYR C 508 -8.80 -47.98 -21.83
CA TYR C 508 -7.88 -46.96 -22.30
C TYR C 508 -6.54 -47.18 -21.62
N ARG C 509 -5.52 -47.46 -22.44
CA ARG C 509 -4.14 -47.48 -21.98
C ARG C 509 -3.67 -46.04 -21.75
N VAL C 510 -3.15 -45.80 -20.54
CA VAL C 510 -2.87 -44.46 -20.03
C VAL C 510 -1.45 -44.44 -19.47
N VAL C 511 -0.71 -43.38 -19.80
CA VAL C 511 0.63 -43.19 -19.28
C VAL C 511 0.81 -41.74 -18.83
N VAL C 512 1.55 -41.57 -17.75
CA VAL C 512 1.83 -40.27 -17.16
C VAL C 512 3.34 -40.06 -17.15
N LEU C 513 3.77 -38.89 -17.60
CA LEU C 513 5.16 -38.47 -17.46
C LEU C 513 5.30 -37.55 -16.26
N SER C 514 6.15 -37.94 -15.32
CA SER C 514 6.24 -37.36 -13.98
C SER C 514 7.68 -36.98 -13.67
N PHE C 515 8.27 -36.16 -14.52
CA PHE C 515 9.64 -35.71 -14.30
C PHE C 515 9.71 -34.60 -13.26
N GLU C 516 10.89 -34.42 -12.72
CA GLU C 516 11.22 -33.32 -11.84
C GLU C 516 12.23 -32.44 -12.54
N LEU C 517 12.46 -31.23 -12.03
CA LEU C 517 13.05 -30.19 -12.85
C LEU C 517 13.98 -29.28 -12.06
N LEU C 518 15.20 -29.12 -12.58
CA LEU C 518 16.14 -28.03 -12.27
C LEU C 518 16.57 -28.00 -10.81
N HIS C 519 17.19 -29.08 -10.37
CA HIS C 519 17.90 -29.06 -9.10
C HIS C 519 19.14 -29.94 -9.10
N ALA C 520 19.58 -30.42 -10.26
CA ALA C 520 20.53 -31.50 -10.30
C ALA C 520 21.31 -31.48 -11.60
N PRO C 521 22.40 -32.24 -11.73
CA PRO C 521 22.95 -32.50 -13.07
C PRO C 521 21.95 -33.29 -13.88
N ALA C 522 21.37 -32.65 -14.88
CA ALA C 522 20.33 -33.27 -15.69
C ALA C 522 20.93 -34.37 -16.55
N THR C 523 20.09 -35.34 -16.93
CA THR C 523 20.61 -36.54 -17.54
C THR C 523 19.89 -36.89 -18.84
N VAL C 524 18.60 -36.58 -18.93
CA VAL C 524 17.78 -37.05 -20.04
C VAL C 524 17.25 -35.82 -20.76
N CYS C 525 17.84 -35.50 -21.91
CA CYS C 525 17.38 -34.37 -22.72
C CYS C 525 18.30 -34.18 -23.88
N GLY C 526 17.86 -33.46 -24.90
CA GLY C 526 18.79 -33.11 -25.96
C GLY C 526 18.82 -33.38 -27.45
N PRO C 527 17.70 -33.14 -28.18
CA PRO C 527 17.94 -33.30 -29.63
C PRO C 527 18.60 -32.06 -30.21
N LYS C 528 19.59 -31.54 -29.50
CA LYS C 528 20.28 -30.31 -29.87
C LYS C 528 21.78 -30.53 -29.71
N LYS C 529 22.56 -29.94 -30.59
CA LYS C 529 24.00 -30.04 -30.50
C LYS C 529 24.54 -29.00 -29.54
N SER C 530 25.53 -29.38 -28.75
CA SER C 530 26.22 -28.41 -27.91
C SER C 530 27.28 -27.70 -28.72
N THR C 531 27.04 -26.43 -29.02
CA THR C 531 27.98 -25.67 -29.80
C THR C 531 29.18 -25.27 -28.93
N ASN C 532 30.22 -24.76 -29.57
CA ASN C 532 31.46 -24.51 -28.86
C ASN C 532 31.36 -23.28 -27.99
N LEU C 533 32.15 -23.27 -26.93
CA LEU C 533 32.09 -22.26 -25.90
C LEU C 533 33.15 -21.20 -26.16
N VAL C 534 32.73 -19.93 -26.15
CA VAL C 534 33.67 -18.83 -26.15
C VAL C 534 33.61 -18.20 -24.78
N LYS C 535 34.52 -17.27 -24.50
CA LYS C 535 34.51 -16.59 -23.21
C LYS C 535 34.69 -15.11 -23.44
N ASN C 536 34.39 -14.34 -22.39
CA ASN C 536 34.69 -12.93 -22.27
C ASN C 536 33.97 -12.08 -23.31
N LYS C 537 32.76 -12.51 -23.69
CA LYS C 537 31.86 -11.71 -24.51
C LYS C 537 30.49 -11.71 -23.86
N CYS C 538 29.73 -10.64 -24.08
CA CYS C 538 28.33 -10.65 -23.68
C CYS C 538 27.57 -11.55 -24.63
N VAL C 539 27.12 -12.70 -24.13
CA VAL C 539 26.47 -13.73 -24.91
C VAL C 539 25.19 -14.09 -24.17
N ASN C 540 24.12 -14.32 -24.93
CA ASN C 540 22.93 -14.97 -24.41
C ASN C 540 23.14 -16.48 -24.54
N PHE C 541 22.88 -17.21 -23.47
CA PHE C 541 23.29 -18.59 -23.37
C PHE C 541 22.17 -19.46 -22.83
N ASN C 542 22.36 -20.76 -23.02
CA ASN C 542 21.55 -21.78 -22.38
C ASN C 542 22.51 -22.84 -21.90
N PHE C 543 22.34 -23.27 -20.65
CA PHE C 543 23.13 -24.35 -20.07
C PHE C 543 22.12 -25.29 -19.44
N ASN C 544 21.84 -26.40 -20.13
CA ASN C 544 20.99 -27.49 -19.64
C ASN C 544 19.60 -27.01 -19.26
N GLY C 545 19.07 -26.07 -20.05
CA GLY C 545 17.79 -25.48 -19.76
C GLY C 545 17.85 -24.21 -18.95
N LEU C 546 18.95 -23.98 -18.25
CA LEU C 546 19.16 -22.76 -17.47
C LEU C 546 19.64 -21.68 -18.43
N THR C 547 18.75 -20.76 -18.78
CA THR C 547 19.07 -19.74 -19.78
C THR C 547 19.46 -18.43 -19.11
N GLY C 548 20.18 -17.60 -19.85
CA GLY C 548 20.61 -16.33 -19.30
C GLY C 548 21.31 -15.49 -20.32
N THR C 549 21.86 -14.36 -19.87
CA THR C 549 22.58 -13.42 -20.71
C THR C 549 23.63 -12.72 -19.88
N GLY C 550 24.87 -12.73 -20.36
CA GLY C 550 25.93 -12.05 -19.64
C GLY C 550 27.28 -12.43 -20.20
N VAL C 551 28.31 -12.17 -19.41
CA VAL C 551 29.68 -12.45 -19.80
C VAL C 551 30.28 -13.47 -18.84
N LEU C 552 31.06 -14.39 -19.39
CA LEU C 552 31.58 -15.53 -18.67
C LEU C 552 33.06 -15.38 -18.42
N THR C 553 33.51 -15.96 -17.32
CA THR C 553 34.91 -15.86 -16.92
C THR C 553 35.34 -17.21 -16.34
N GLU C 554 36.60 -17.55 -16.53
CA GLU C 554 37.20 -18.63 -15.76
C GLU C 554 37.22 -18.25 -14.28
N SER C 555 36.95 -19.23 -13.43
CA SER C 555 36.61 -18.96 -12.05
C SER C 555 37.78 -19.25 -11.11
N ASN C 556 37.62 -18.80 -9.87
CA ASN C 556 38.52 -19.20 -8.79
C ASN C 556 37.75 -19.99 -7.75
N LYS C 557 36.59 -20.52 -8.11
CA LYS C 557 35.71 -21.14 -7.14
C LYS C 557 36.18 -22.55 -6.83
N LYS C 558 36.23 -22.87 -5.55
CA LYS C 558 36.55 -24.22 -5.10
C LYS C 558 35.26 -25.03 -5.04
N PHE C 559 34.74 -25.39 -6.22
CA PHE C 559 33.55 -26.22 -6.21
C PHE C 559 33.93 -27.64 -5.86
N LEU C 560 33.24 -28.20 -4.87
CA LEU C 560 33.39 -29.61 -4.61
C LEU C 560 32.70 -30.39 -5.72
N PRO C 561 33.15 -31.63 -5.99
CA PRO C 561 32.66 -32.38 -7.17
C PRO C 561 31.16 -32.58 -7.21
N PHE C 562 30.49 -32.65 -6.08
CA PHE C 562 29.04 -32.73 -6.08
C PHE C 562 28.36 -31.39 -6.28
N GLN C 563 29.06 -30.28 -6.15
CA GLN C 563 28.43 -28.97 -6.31
C GLN C 563 28.26 -28.66 -7.79
N GLN C 564 27.15 -28.03 -8.12
CA GLN C 564 26.83 -27.88 -9.53
C GLN C 564 26.77 -26.44 -9.99
N PHE C 565 26.05 -25.58 -9.29
CA PHE C 565 25.87 -24.19 -9.68
C PHE C 565 26.49 -23.29 -8.63
N GLY C 566 26.20 -22.01 -8.76
CA GLY C 566 26.44 -21.06 -7.70
C GLY C 566 25.31 -20.06 -7.74
N ARG C 567 24.92 -19.53 -6.59
CA ARG C 567 23.88 -18.53 -6.58
C ARG C 567 24.41 -17.21 -6.07
N ASP C 568 23.56 -16.19 -6.16
CA ASP C 568 23.92 -14.86 -5.71
C ASP C 568 23.09 -14.51 -4.48
N ILE C 569 23.32 -13.30 -3.96
CA ILE C 569 22.55 -12.80 -2.83
C ILE C 569 21.09 -12.60 -3.22
N ALA C 570 20.85 -12.15 -4.44
CA ALA C 570 19.49 -11.88 -4.90
C ALA C 570 18.79 -13.12 -5.44
N ASP C 571 19.31 -14.31 -5.13
CA ASP C 571 18.84 -15.59 -5.65
C ASP C 571 18.84 -15.60 -7.17
N THR C 572 20.05 -15.53 -7.73
CA THR C 572 20.20 -15.72 -9.16
C THR C 572 21.55 -16.37 -9.41
N THR C 573 21.69 -16.91 -10.62
CA THR C 573 22.91 -17.61 -10.99
C THR C 573 24.03 -16.63 -11.23
N ASP C 574 25.20 -16.97 -10.70
CA ASP C 574 26.43 -16.25 -11.00
C ASP C 574 27.56 -17.18 -11.39
N ALA C 575 27.38 -18.49 -11.23
CA ALA C 575 28.40 -19.46 -11.58
C ALA C 575 27.72 -20.73 -12.04
N VAL C 576 28.45 -21.51 -12.83
CA VAL C 576 27.86 -22.67 -13.49
C VAL C 576 28.99 -23.67 -13.73
N ARG C 577 28.62 -24.93 -13.92
CA ARG C 577 29.55 -25.96 -14.35
C ARG C 577 29.19 -26.35 -15.78
N ASP C 578 30.17 -26.30 -16.66
CA ASP C 578 29.95 -26.74 -18.04
C ASP C 578 29.68 -28.24 -18.06
N PRO C 579 28.68 -28.70 -18.82
CA PRO C 579 28.39 -30.15 -18.84
C PRO C 579 29.49 -31.01 -19.40
N GLN C 580 30.31 -30.48 -20.31
CA GLN C 580 31.30 -31.32 -20.97
C GLN C 580 32.65 -31.22 -20.29
N THR C 581 33.27 -30.05 -20.32
CA THR C 581 34.53 -29.81 -19.64
C THR C 581 34.20 -29.33 -18.26
N LEU C 582 34.37 -30.20 -17.26
CA LEU C 582 33.85 -29.92 -15.94
C LEU C 582 34.69 -28.87 -15.23
N GLU C 583 34.46 -27.61 -15.58
CA GLU C 583 35.11 -26.50 -14.92
C GLU C 583 34.03 -25.66 -14.27
N ILE C 584 34.46 -24.54 -13.70
CA ILE C 584 33.58 -23.58 -13.08
C ILE C 584 33.65 -22.31 -13.90
N LEU C 585 32.49 -21.80 -14.29
CA LEU C 585 32.42 -20.58 -15.09
C LEU C 585 31.64 -19.54 -14.31
N ASP C 586 32.26 -18.40 -14.06
CA ASP C 586 31.55 -17.30 -13.43
C ASP C 586 30.73 -16.56 -14.47
N ILE C 587 29.51 -16.21 -14.09
CA ILE C 587 28.56 -15.52 -14.95
C ILE C 587 28.29 -14.17 -14.33
N THR C 588 28.50 -13.11 -15.10
CA THR C 588 28.22 -11.78 -14.58
C THR C 588 27.36 -11.04 -15.58
N PRO C 589 26.52 -10.10 -15.13
CA PRO C 589 25.88 -9.19 -16.09
C PRO C 589 26.95 -8.34 -16.75
N CYS C 590 26.88 -8.27 -18.07
CA CYS C 590 28.05 -7.89 -18.83
C CYS C 590 28.33 -6.39 -18.74
N SER C 591 27.45 -5.55 -19.29
CA SER C 591 27.66 -4.11 -19.12
C SER C 591 26.37 -3.33 -19.28
N PHE C 592 26.28 -2.22 -18.56
CA PHE C 592 25.12 -1.33 -18.56
C PHE C 592 25.53 -0.06 -17.87
N GLY C 593 24.59 0.86 -17.78
CA GLY C 593 24.79 2.01 -16.91
C GLY C 593 23.81 3.10 -17.24
N GLY C 594 23.90 4.19 -16.51
CA GLY C 594 22.96 5.28 -16.63
C GLY C 594 23.51 6.42 -17.47
N VAL C 595 22.62 7.08 -18.18
CA VAL C 595 23.01 8.23 -19.00
C VAL C 595 22.40 9.47 -18.39
N SER C 596 23.03 10.60 -18.62
CA SER C 596 22.49 11.88 -18.20
C SER C 596 22.71 12.89 -19.30
N VAL C 597 21.75 13.79 -19.46
CA VAL C 597 21.80 14.80 -20.50
C VAL C 597 21.97 16.14 -19.84
N ILE C 598 22.94 16.91 -20.32
CA ILE C 598 23.15 18.27 -19.87
C ILE C 598 22.87 19.19 -21.05
N THR C 599 21.97 20.14 -20.85
CA THR C 599 21.66 21.10 -21.87
C THR C 599 21.34 22.46 -21.26
N PRO C 600 21.56 23.53 -22.00
CA PRO C 600 20.85 24.77 -21.70
C PRO C 600 19.44 24.68 -22.23
N GLY C 601 18.67 25.75 -22.08
CA GLY C 601 17.28 25.72 -22.51
C GLY C 601 17.15 25.64 -24.02
N THR C 602 16.00 25.11 -24.46
CA THR C 602 15.74 24.99 -25.89
C THR C 602 15.53 26.35 -26.55
N ASN C 603 15.19 27.38 -25.76
CA ASN C 603 15.23 28.74 -26.27
C ASN C 603 16.66 29.19 -26.56
N THR C 604 17.65 28.64 -25.87
CA THR C 604 19.03 29.08 -26.03
C THR C 604 19.74 28.40 -27.19
N SER C 605 19.85 27.07 -27.18
CA SER C 605 20.67 26.38 -28.15
C SER C 605 20.12 24.97 -28.33
N ASN C 606 20.84 24.17 -29.11
CA ASN C 606 20.39 22.84 -29.47
C ASN C 606 21.43 21.77 -29.17
N GLN C 607 22.68 22.16 -28.98
CA GLN C 607 23.74 21.22 -28.66
C GLN C 607 23.54 20.70 -27.25
N VAL C 608 23.92 19.45 -27.03
CA VAL C 608 23.77 18.82 -25.72
C VAL C 608 25.08 18.17 -25.36
N ALA C 609 25.23 17.81 -24.09
CA ALA C 609 26.36 17.05 -23.62
C ALA C 609 25.85 15.86 -22.84
N VAL C 610 26.65 14.80 -22.82
CA VAL C 610 26.21 13.54 -22.24
C VAL C 610 27.17 13.16 -21.13
N LEU C 611 26.63 12.63 -20.04
CA LEU C 611 27.44 12.02 -18.98
C LEU C 611 27.06 10.57 -18.88
N TYR C 612 28.02 9.69 -19.16
CA TYR C 612 27.86 8.27 -18.89
C TYR C 612 28.31 8.05 -17.46
N GLN C 613 27.38 7.72 -16.58
CA GLN C 613 27.67 7.84 -15.17
C GLN C 613 28.41 6.62 -14.66
N ASP C 614 29.35 6.86 -13.75
CA ASP C 614 29.98 5.86 -12.90
C ASP C 614 30.77 4.84 -13.70
N VAL C 615 31.29 5.24 -14.85
CA VAL C 615 31.98 4.33 -15.75
C VAL C 615 33.28 4.97 -16.22
N ASN C 616 34.36 4.20 -16.16
CA ASN C 616 35.61 4.56 -16.82
C ASN C 616 35.34 4.49 -18.31
N CYS C 617 35.46 5.62 -18.98
CA CYS C 617 35.05 5.65 -20.38
C CYS C 617 36.10 5.09 -21.34
N THR C 618 36.04 3.76 -21.48
CA THR C 618 36.80 3.03 -22.48
C THR C 618 35.92 2.05 -23.25
N GLU C 619 34.80 1.62 -22.65
CA GLU C 619 33.86 0.70 -23.27
C GLU C 619 32.64 1.41 -23.85
N VAL C 620 32.48 2.70 -23.58
CA VAL C 620 31.43 3.52 -24.17
C VAL C 620 31.52 3.65 -25.71
N PRO C 621 32.71 3.42 -26.45
CA PRO C 621 32.62 3.32 -27.92
C PRO C 621 31.63 2.29 -28.45
N VAL C 622 31.55 1.12 -27.83
CA VAL C 622 30.44 0.20 -28.06
C VAL C 622 29.52 0.33 -26.84
N ALA C 623 28.63 1.31 -26.90
CA ALA C 623 27.68 1.50 -25.81
C ALA C 623 26.54 0.49 -25.91
N ILE C 624 25.92 0.38 -27.08
CA ILE C 624 24.78 -0.51 -27.25
C ILE C 624 25.06 -1.49 -28.38
N THR C 632 21.26 4.00 -30.02
CA THR C 632 20.94 4.23 -31.41
C THR C 632 21.81 5.34 -31.98
N TRP C 633 21.70 6.52 -31.38
CA TRP C 633 22.65 7.58 -31.65
C TRP C 633 24.05 7.19 -31.17
N ARG C 634 25.02 7.31 -32.09
CA ARG C 634 26.44 7.23 -31.79
C ARG C 634 27.21 8.28 -32.58
N VAL C 635 26.57 9.40 -32.90
CA VAL C 635 27.27 10.50 -33.55
C VAL C 635 28.28 11.11 -32.59
N TYR C 636 27.96 11.13 -31.30
CA TYR C 636 28.85 11.66 -30.28
C TYR C 636 29.92 10.67 -29.85
N SER C 637 30.00 9.50 -30.50
CA SER C 637 31.03 8.53 -30.20
C SER C 637 32.42 9.00 -30.60
N THR C 638 32.53 9.98 -31.51
CA THR C 638 33.84 10.42 -31.98
C THR C 638 34.63 11.14 -30.90
N GLY C 639 34.00 12.09 -30.23
CA GLY C 639 34.59 12.71 -29.06
C GLY C 639 35.76 13.66 -29.32
N SER C 640 36.95 13.23 -28.92
CA SER C 640 38.26 13.92 -28.87
C SER C 640 38.32 14.98 -27.78
N ASN C 641 37.26 15.19 -27.00
CA ASN C 641 37.29 16.11 -25.88
C ASN C 641 36.63 15.47 -24.67
N VAL C 642 36.92 14.20 -24.43
CA VAL C 642 36.30 13.50 -23.31
C VAL C 642 36.94 13.94 -22.01
N PHE C 643 36.23 13.72 -20.91
CA PHE C 643 36.74 14.12 -19.62
C PHE C 643 36.23 13.14 -18.58
N GLN C 644 37.10 12.72 -17.68
CA GLN C 644 36.78 11.61 -16.78
C GLN C 644 36.73 12.12 -15.34
N THR C 645 35.53 12.15 -14.77
CA THR C 645 35.34 12.60 -13.41
C THR C 645 34.85 11.44 -12.58
N ARG C 646 34.70 11.68 -11.28
CA ARG C 646 34.16 10.63 -10.42
C ARG C 646 32.67 10.44 -10.62
N ALA C 647 32.02 11.34 -11.32
CA ALA C 647 30.68 11.08 -11.83
C ALA C 647 30.69 10.03 -12.93
N GLY C 648 31.72 9.98 -13.74
CA GLY C 648 31.77 9.06 -14.86
C GLY C 648 32.59 9.67 -15.99
N CYS C 649 32.05 9.60 -17.19
CA CYS C 649 32.73 10.27 -18.29
C CYS C 649 31.80 11.29 -18.92
N LEU C 650 32.30 12.51 -19.02
CA LEU C 650 31.60 13.63 -19.59
C LEU C 650 32.08 13.81 -21.03
N ILE C 651 31.14 13.80 -21.97
CA ILE C 651 31.45 13.84 -23.39
C ILE C 651 30.65 14.97 -24.01
N GLY C 652 31.33 15.83 -24.73
CA GLY C 652 30.68 16.91 -25.45
C GLY C 652 30.83 18.27 -24.82
N ALA C 653 31.61 18.39 -23.76
CA ALA C 653 31.82 19.67 -23.11
C ALA C 653 33.32 19.94 -23.00
N GLU C 654 33.68 21.21 -22.99
CA GLU C 654 35.07 21.61 -22.91
C GLU C 654 35.42 21.94 -21.47
N HIS C 655 36.50 21.34 -20.99
CA HIS C 655 36.96 21.54 -19.62
C HIS C 655 38.04 22.62 -19.60
N VAL C 656 37.87 23.60 -18.72
CA VAL C 656 38.79 24.70 -18.62
C VAL C 656 39.57 24.61 -17.31
N ASN C 657 40.57 25.48 -17.15
CA ASN C 657 41.33 25.57 -15.91
C ASN C 657 40.87 26.69 -15.00
N ASN C 658 39.84 27.43 -15.36
CA ASN C 658 39.40 28.53 -14.50
C ASN C 658 38.21 28.12 -13.65
N SER C 659 37.97 28.89 -12.60
CA SER C 659 36.95 28.56 -11.63
C SER C 659 35.87 29.63 -11.65
N TYR C 660 34.61 29.18 -11.64
CA TYR C 660 33.47 30.07 -11.72
C TYR C 660 32.42 29.63 -10.71
N GLU C 661 31.27 30.28 -10.70
CA GLU C 661 30.19 29.85 -9.83
C GLU C 661 29.35 28.81 -10.54
N CYS C 662 28.62 28.02 -9.77
CA CYS C 662 27.85 26.94 -10.35
C CYS C 662 26.61 27.46 -11.06
N ASP C 663 26.36 26.89 -12.23
CA ASP C 663 25.12 27.11 -12.97
C ASP C 663 24.29 25.84 -13.02
N ILE C 664 24.81 24.79 -13.64
CA ILE C 664 24.11 23.52 -13.70
C ILE C 664 25.08 22.46 -13.16
N PRO C 665 24.82 21.92 -11.98
CA PRO C 665 25.80 21.03 -11.37
C PRO C 665 25.77 19.62 -11.90
N ILE C 666 26.95 19.07 -12.18
CA ILE C 666 27.08 17.63 -12.44
C ILE C 666 27.20 16.88 -11.14
N GLY C 667 28.13 17.31 -10.30
CA GLY C 667 28.41 16.57 -9.09
C GLY C 667 29.89 16.42 -8.93
N ALA C 668 30.33 15.97 -7.75
CA ALA C 668 31.74 15.86 -7.38
C ALA C 668 32.47 17.19 -7.56
N GLY C 669 31.78 18.29 -7.28
CA GLY C 669 32.33 19.60 -7.45
C GLY C 669 32.35 20.12 -8.87
N ILE C 670 31.70 19.44 -9.81
CA ILE C 670 31.78 19.82 -11.21
C ILE C 670 30.44 20.39 -11.64
N CYS C 671 30.49 21.58 -12.24
CA CYS C 671 29.33 22.30 -12.75
C CYS C 671 29.58 22.69 -14.19
N ALA C 672 28.52 23.05 -14.91
CA ALA C 672 28.61 23.34 -16.33
C ALA C 672 27.66 24.44 -16.72
N SER C 673 28.02 25.15 -17.78
CA SER C 673 27.19 26.23 -18.31
C SER C 673 27.51 26.42 -19.78
N TYR C 674 26.96 27.50 -20.33
CA TYR C 674 26.98 27.77 -21.76
C TYR C 674 27.63 29.14 -21.98
N GLN C 675 28.82 29.14 -22.56
CA GLN C 675 29.55 30.39 -22.75
C GLN C 675 30.38 30.30 -24.01
N THR C 676 31.11 31.38 -24.30
CA THR C 676 31.98 31.43 -25.46
C THR C 676 33.21 30.56 -25.25
N SER C 689 31.12 30.45 -31.46
CA SER C 689 32.10 30.05 -30.45
C SER C 689 31.40 29.68 -29.15
N GLN C 690 30.09 29.84 -29.12
CA GLN C 690 29.29 29.55 -27.94
C GLN C 690 29.05 28.06 -27.84
N SER C 691 29.30 27.51 -26.66
CA SER C 691 29.29 26.06 -26.45
C SER C 691 29.15 25.77 -24.97
N ILE C 692 29.30 24.50 -24.62
CA ILE C 692 29.06 23.99 -23.27
C ILE C 692 30.40 23.75 -22.60
N ILE C 693 30.60 24.39 -21.45
CA ILE C 693 31.84 24.26 -20.73
C ILE C 693 31.56 23.75 -19.32
N ALA C 694 32.54 23.03 -18.77
CA ALA C 694 32.40 22.38 -17.47
C ALA C 694 33.66 22.62 -16.67
N TYR C 695 33.51 22.75 -15.36
CA TYR C 695 34.59 23.24 -14.51
C TYR C 695 34.31 22.85 -13.06
N THR C 696 35.21 23.27 -12.19
CA THR C 696 35.05 23.17 -10.75
C THR C 696 34.48 24.48 -10.23
N MET C 697 33.41 24.39 -9.44
CA MET C 697 32.78 25.56 -8.86
C MET C 697 33.73 26.30 -7.92
N SER C 698 33.65 27.61 -7.96
CA SER C 698 34.46 28.45 -7.11
C SER C 698 33.67 28.79 -5.85
N LEU C 699 34.28 28.52 -4.70
CA LEU C 699 33.60 28.69 -3.43
C LEU C 699 33.41 30.15 -3.09
N GLY C 700 34.35 30.99 -3.50
CA GLY C 700 34.24 32.41 -3.30
C GLY C 700 35.61 33.06 -3.47
N ALA C 701 35.60 34.38 -3.40
CA ALA C 701 36.84 35.13 -3.51
C ALA C 701 37.62 35.01 -2.22
N GLU C 702 38.92 34.77 -2.32
CA GLU C 702 39.76 34.68 -1.14
C GLU C 702 39.91 36.05 -0.49
N ASN C 703 39.89 36.06 0.84
CA ASN C 703 40.17 37.28 1.59
C ASN C 703 41.08 36.93 2.74
N SER C 704 41.85 37.91 3.20
CA SER C 704 42.68 37.78 4.39
C SER C 704 42.61 39.09 5.14
N VAL C 705 42.12 39.05 6.37
CA VAL C 705 42.13 40.23 7.20
C VAL C 705 43.48 40.33 7.91
N ALA C 706 44.02 41.54 8.00
CA ALA C 706 45.33 41.75 8.60
C ALA C 706 45.16 41.80 10.11
N TYR C 707 45.26 40.64 10.72
CA TYR C 707 45.07 40.54 12.16
C TYR C 707 46.31 41.04 12.88
N SER C 708 46.10 41.71 14.00
CA SER C 708 47.18 41.99 14.92
C SER C 708 46.62 41.87 16.32
N ASN C 709 47.49 42.02 17.30
CA ASN C 709 47.04 42.06 18.68
C ASN C 709 46.92 43.47 19.23
N ASN C 710 47.14 44.50 18.40
CA ASN C 710 47.01 45.87 18.86
C ASN C 710 46.44 46.76 17.77
N SER C 711 45.40 46.30 17.10
CA SER C 711 44.78 47.09 16.05
C SER C 711 43.31 46.72 15.94
N ILE C 712 42.49 47.67 15.51
CA ILE C 712 41.05 47.46 15.42
C ILE C 712 40.53 48.15 14.17
N ALA C 713 39.40 47.65 13.67
CA ALA C 713 38.69 48.27 12.56
C ALA C 713 37.37 48.81 13.06
N ILE C 714 37.14 50.10 12.85
CA ILE C 714 35.91 50.73 13.33
C ILE C 714 35.13 51.27 12.15
N PRO C 715 33.84 51.02 12.07
CA PRO C 715 33.01 51.62 11.04
C PRO C 715 32.85 53.13 11.25
N THR C 716 32.67 53.85 10.14
CA THR C 716 32.45 55.28 10.21
C THR C 716 31.18 55.72 9.49
N ASN C 717 30.49 54.83 8.79
CA ASN C 717 29.29 55.19 8.06
C ASN C 717 28.44 53.95 7.96
N PHE C 718 27.15 54.14 7.69
CA PHE C 718 26.21 53.05 7.76
C PHE C 718 25.34 53.09 6.51
N THR C 719 24.57 52.02 6.33
CA THR C 719 23.68 51.92 5.19
C THR C 719 22.42 51.20 5.63
N ILE C 720 21.28 51.78 5.30
CA ILE C 720 20.00 51.13 5.45
C ILE C 720 19.76 50.28 4.21
N SER C 721 19.53 48.99 4.40
CA SER C 721 19.24 48.15 3.26
C SER C 721 17.98 47.36 3.55
N VAL C 722 17.36 46.87 2.48
CA VAL C 722 16.16 46.05 2.60
C VAL C 722 16.37 44.78 1.80
N THR C 723 15.89 43.67 2.35
CA THR C 723 15.88 42.40 1.65
C THR C 723 14.47 41.84 1.68
N THR C 724 14.20 40.89 0.81
CA THR C 724 12.90 40.23 0.79
C THR C 724 13.03 38.80 1.29
N GLU C 725 11.89 38.24 1.67
CA GLU C 725 11.82 36.82 2.03
C GLU C 725 10.40 36.35 1.74
N ILE C 726 10.26 35.22 1.06
CA ILE C 726 8.96 34.74 0.64
C ILE C 726 8.72 33.36 1.23
N LEU C 727 7.56 33.16 1.84
CA LEU C 727 7.27 31.88 2.42
C LEU C 727 5.91 31.36 1.97
N PRO C 728 5.81 30.06 1.69
CA PRO C 728 4.51 29.46 1.40
C PRO C 728 3.66 29.45 2.65
N VAL C 729 2.36 29.66 2.47
CA VAL C 729 1.47 29.76 3.61
C VAL C 729 0.54 28.57 3.60
N SER C 730 -0.07 28.28 2.46
CA SER C 730 -1.04 27.21 2.36
C SER C 730 -1.07 26.68 0.95
N MET C 731 -1.87 25.63 0.75
CA MET C 731 -2.00 25.01 -0.55
C MET C 731 -3.47 24.82 -0.86
N THR C 732 -3.76 24.44 -2.10
CA THR C 732 -5.15 24.42 -2.56
C THR C 732 -5.92 23.27 -1.94
N LYS C 733 -7.07 23.59 -1.37
CA LYS C 733 -7.91 22.61 -0.71
C LYS C 733 -8.59 21.77 -1.77
N THR C 734 -8.00 20.65 -2.13
CA THR C 734 -8.58 19.77 -3.12
C THR C 734 -9.51 18.79 -2.43
N SER C 735 -10.37 18.16 -3.23
CA SER C 735 -11.25 17.13 -2.70
C SER C 735 -11.56 16.14 -3.79
N VAL C 736 -11.56 14.86 -3.44
CA VAL C 736 -11.73 13.78 -4.38
C VAL C 736 -12.90 12.93 -3.94
N ASP C 737 -13.91 12.82 -4.78
CA ASP C 737 -14.93 11.80 -4.57
C ASP C 737 -14.33 10.43 -4.84
N CYS C 738 -14.68 9.47 -3.99
CA CYS C 738 -14.17 8.12 -4.20
C CYS C 738 -14.91 7.38 -5.30
N THR C 739 -16.21 7.16 -5.08
CA THR C 739 -16.96 6.14 -5.80
C THR C 739 -17.14 6.51 -7.27
N MET C 740 -17.52 7.76 -7.54
CA MET C 740 -17.81 8.12 -8.92
C MET C 740 -16.53 8.44 -9.67
N TYR C 741 -15.42 8.62 -8.95
CA TYR C 741 -14.12 8.50 -9.59
C TYR C 741 -13.85 7.07 -10.01
N ILE C 742 -14.13 6.11 -9.14
CA ILE C 742 -13.85 4.73 -9.49
C ILE C 742 -14.92 4.19 -10.42
N CYS C 743 -16.12 4.01 -9.90
CA CYS C 743 -17.20 3.42 -10.67
C CYS C 743 -18.16 4.49 -11.16
N GLY C 744 -17.76 5.18 -12.21
CA GLY C 744 -18.58 6.24 -12.75
C GLY C 744 -19.88 5.75 -13.33
N ASP C 745 -20.97 5.98 -12.58
CA ASP C 745 -22.34 5.66 -12.94
C ASP C 745 -22.49 4.18 -13.29
N SER C 746 -22.22 3.35 -12.28
CA SER C 746 -22.48 1.93 -12.40
C SER C 746 -22.88 1.40 -11.05
N THR C 747 -24.02 0.73 -11.02
CA THR C 747 -24.56 0.19 -9.78
C THR C 747 -23.82 -1.05 -9.33
N GLU C 748 -23.48 -1.91 -10.29
CA GLU C 748 -22.78 -3.15 -9.97
C GLU C 748 -21.35 -2.89 -9.56
N CYS C 749 -20.73 -1.87 -10.14
CA CYS C 749 -19.36 -1.54 -9.77
C CYS C 749 -19.30 -0.97 -8.36
N SER C 750 -20.26 -0.12 -8.02
CA SER C 750 -20.33 0.41 -6.65
C SER C 750 -20.61 -0.69 -5.66
N ASN C 751 -21.44 -1.66 -6.06
CA ASN C 751 -21.73 -2.81 -5.21
C ASN C 751 -20.48 -3.65 -5.00
N LEU C 752 -19.67 -3.79 -6.03
CA LEU C 752 -18.46 -4.58 -5.89
C LEU C 752 -17.40 -3.85 -5.09
N LEU C 753 -17.40 -2.52 -5.16
CA LEU C 753 -16.46 -1.78 -4.33
C LEU C 753 -16.90 -1.77 -2.88
N LEU C 754 -18.20 -1.88 -2.62
CA LEU C 754 -18.68 -2.01 -1.24
C LEU C 754 -18.17 -3.26 -0.55
N GLN C 755 -17.73 -4.26 -1.30
CA GLN C 755 -17.14 -5.44 -0.70
C GLN C 755 -15.72 -5.19 -0.22
N TYR C 756 -15.13 -4.06 -0.58
CA TYR C 756 -13.76 -3.76 -0.18
C TYR C 756 -13.65 -3.06 1.16
N GLY C 757 -14.74 -2.94 1.90
CA GLY C 757 -14.63 -2.31 3.19
C GLY C 757 -14.87 -0.82 3.16
N SER C 758 -14.09 -0.08 3.93
CA SER C 758 -14.34 1.34 4.18
C SER C 758 -13.15 2.20 3.75
N PHE C 759 -12.64 1.98 2.55
CA PHE C 759 -11.48 2.74 2.11
C PHE C 759 -11.85 4.17 1.76
N CYS C 760 -13.00 4.34 1.09
CA CYS C 760 -13.41 5.66 0.60
C CYS C 760 -13.69 6.61 1.75
N THR C 761 -14.23 6.09 2.85
CA THR C 761 -14.44 6.91 4.04
C THR C 761 -13.11 7.41 4.59
N GLN C 762 -12.09 6.55 4.59
CA GLN C 762 -10.77 6.95 5.05
C GLN C 762 -10.18 8.04 4.18
N LEU C 763 -10.35 7.92 2.87
CA LEU C 763 -9.81 8.91 1.94
C LEU C 763 -10.51 10.26 2.13
N ASN C 764 -11.83 10.23 2.31
CA ASN C 764 -12.58 11.46 2.53
C ASN C 764 -12.17 12.12 3.83
N ARG C 765 -11.96 11.33 4.88
CA ARG C 765 -11.55 11.91 6.15
C ARG C 765 -10.15 12.49 6.07
N ALA C 766 -9.26 11.84 5.32
CA ALA C 766 -7.90 12.35 5.17
C ALA C 766 -7.88 13.68 4.43
N LEU C 767 -8.60 13.76 3.31
CA LEU C 767 -8.60 15.01 2.55
C LEU C 767 -9.33 16.11 3.31
N THR C 768 -10.36 15.75 4.08
CA THR C 768 -11.05 16.77 4.86
C THR C 768 -10.16 17.32 5.96
N GLY C 769 -9.33 16.44 6.55
CA GLY C 769 -8.34 16.91 7.51
C GLY C 769 -7.35 17.86 6.90
N ILE C 770 -6.91 17.58 5.67
CA ILE C 770 -6.00 18.47 4.97
C ILE C 770 -6.67 19.81 4.68
N ALA C 771 -7.92 19.77 4.25
CA ALA C 771 -8.62 20.99 3.85
C ALA C 771 -8.88 21.90 5.04
N VAL C 772 -9.19 21.32 6.20
CA VAL C 772 -9.38 22.19 7.36
C VAL C 772 -8.03 22.66 7.89
N GLU C 773 -6.97 21.87 7.67
CA GLU C 773 -5.65 22.25 8.15
C GLU C 773 -5.12 23.46 7.42
N GLN C 774 -5.42 23.59 6.13
CA GLN C 774 -4.97 24.75 5.36
C GLN C 774 -5.57 26.04 5.91
N ASP C 775 -6.87 26.02 6.19
CA ASP C 775 -7.53 27.20 6.73
C ASP C 775 -7.03 27.52 8.12
N LYS C 776 -6.71 26.47 8.90
CA LYS C 776 -6.12 26.67 10.21
C LYS C 776 -4.77 27.37 10.10
N ASN C 777 -3.95 26.96 9.14
CA ASN C 777 -2.64 27.56 8.95
C ASN C 777 -2.75 29.02 8.56
N THR C 778 -3.62 29.32 7.60
CA THR C 778 -3.75 30.70 7.13
C THR C 778 -4.27 31.61 8.22
N GLN C 779 -5.29 31.15 8.96
CA GLN C 779 -5.87 31.95 10.02
C GLN C 779 -4.88 32.17 11.14
N GLU C 780 -4.06 31.16 11.43
CA GLU C 780 -3.11 31.31 12.53
C GLU C 780 -1.94 32.20 12.12
N VAL C 781 -1.60 32.24 10.84
CA VAL C 781 -0.53 33.13 10.40
C VAL C 781 -0.98 34.58 10.47
N PHE C 782 -2.14 34.88 9.89
CA PHE C 782 -2.39 36.31 9.75
C PHE C 782 -3.17 36.90 10.91
N ALA C 783 -4.13 36.19 11.47
CA ALA C 783 -4.96 36.76 12.55
C ALA C 783 -4.21 36.67 13.87
N GLN C 784 -3.40 37.68 14.13
CA GLN C 784 -2.81 37.84 15.45
C GLN C 784 -3.17 39.16 16.10
N VAL C 785 -3.93 40.00 15.43
CA VAL C 785 -4.20 41.34 15.93
C VAL C 785 -5.66 41.45 16.27
N LYS C 786 -5.93 41.90 17.49
CA LYS C 786 -7.27 41.96 18.05
C LYS C 786 -8.14 43.04 17.42
N GLN C 787 -7.55 44.08 16.84
CA GLN C 787 -8.31 45.18 16.29
C GLN C 787 -8.04 45.31 14.80
N ILE C 788 -8.59 46.37 14.21
CA ILE C 788 -8.35 46.73 12.82
C ILE C 788 -7.91 48.19 12.84
N TYR C 789 -6.63 48.43 12.57
CA TYR C 789 -6.14 49.79 12.59
C TYR C 789 -6.08 50.36 11.17
N LYS C 790 -5.85 51.67 11.10
CA LYS C 790 -5.75 52.36 9.83
C LYS C 790 -4.97 53.65 10.05
N THR C 791 -4.48 54.15 9.01
CA THR C 791 -3.62 55.33 9.04
C THR C 791 -4.43 56.60 9.26
N PRO C 792 -3.82 57.63 9.84
CA PRO C 792 -4.39 58.96 9.75
C PRO C 792 -4.24 59.51 8.34
N PRO C 793 -5.11 60.44 7.94
CA PRO C 793 -4.93 61.07 6.62
C PRO C 793 -3.69 61.93 6.50
N ILE C 794 -3.23 62.51 7.60
CA ILE C 794 -2.07 63.41 7.57
C ILE C 794 -0.82 62.55 7.55
N LYS C 795 -0.10 62.60 6.43
CA LYS C 795 1.08 61.76 6.26
C LYS C 795 2.34 62.57 6.57
N ASP C 796 2.51 62.86 7.86
CA ASP C 796 3.67 63.59 8.37
C ASP C 796 4.55 62.60 9.11
N PHE C 797 5.47 61.98 8.38
CA PHE C 797 6.38 61.02 8.99
C PHE C 797 7.82 61.48 8.94
N GLY C 798 8.05 62.76 9.18
CA GLY C 798 9.40 63.29 9.31
C GLY C 798 10.21 63.26 8.04
N GLY C 799 9.58 63.09 6.88
CA GLY C 799 10.29 62.91 5.63
C GLY C 799 10.32 61.48 5.16
N PHE C 800 9.90 60.51 5.97
CA PHE C 800 9.85 59.14 5.51
C PHE C 800 8.69 58.95 4.54
N ASN C 801 8.76 57.87 3.78
CA ASN C 801 7.78 57.57 2.76
C ASN C 801 7.35 56.12 2.90
N PHE C 802 6.07 55.86 2.69
CA PHE C 802 5.54 54.51 2.78
C PHE C 802 4.55 54.24 1.66
N SER C 803 4.59 55.06 0.62
CA SER C 803 3.54 55.04 -0.39
C SER C 803 3.55 53.78 -1.23
N GLN C 804 4.65 53.06 -1.28
CA GLN C 804 4.69 51.85 -2.08
C GLN C 804 4.08 50.66 -1.38
N ILE C 805 3.86 50.74 -0.06
CA ILE C 805 3.38 49.59 0.69
C ILE C 805 2.08 49.92 1.39
N LEU C 806 1.75 51.18 1.49
CA LEU C 806 0.46 51.51 2.04
C LEU C 806 -0.63 51.26 1.01
N PRO C 807 -1.84 50.91 1.45
CA PRO C 807 -2.89 50.56 0.50
C PRO C 807 -3.36 51.76 -0.30
N ASP C 808 -3.73 51.48 -1.55
CA ASP C 808 -4.22 52.51 -2.45
C ASP C 808 -5.74 52.50 -2.48
N PRO C 809 -6.40 53.61 -2.12
CA PRO C 809 -7.85 53.70 -2.34
C PRO C 809 -8.22 53.88 -3.80
N SER C 810 -7.26 54.13 -4.70
CA SER C 810 -7.56 54.36 -6.10
C SER C 810 -8.05 53.09 -6.80
N LYS C 811 -7.38 51.98 -6.59
CA LYS C 811 -7.95 50.76 -7.13
C LYS C 811 -9.08 50.26 -6.24
N PRO C 812 -10.12 49.69 -6.83
CA PRO C 812 -11.05 48.86 -6.04
C PRO C 812 -10.34 47.64 -5.46
N SER C 813 -9.35 47.11 -6.17
CA SER C 813 -8.46 46.09 -5.64
C SER C 813 -7.57 46.77 -4.62
N LYS C 814 -8.07 46.90 -3.40
CA LYS C 814 -7.52 47.85 -2.43
C LYS C 814 -6.27 47.27 -1.80
N ARG C 815 -5.16 47.39 -2.52
CA ARG C 815 -3.89 46.85 -2.12
C ARG C 815 -2.79 47.88 -2.32
N SER C 816 -1.56 47.48 -2.03
CA SER C 816 -0.40 48.28 -2.35
C SER C 816 -0.05 48.06 -3.81
N PRO C 817 0.76 48.94 -4.40
CA PRO C 817 1.33 48.60 -5.72
C PRO C 817 2.19 47.34 -5.70
N ILE C 818 2.94 47.13 -4.62
CA ILE C 818 3.86 45.99 -4.54
C ILE C 818 3.08 44.69 -4.55
N GLU C 819 1.95 44.66 -3.85
CA GLU C 819 1.09 43.49 -3.90
C GLU C 819 0.48 43.28 -5.27
N ASP C 820 0.32 44.36 -6.04
CA ASP C 820 -0.19 44.19 -7.39
C ASP C 820 0.85 43.58 -8.31
N LEU C 821 2.13 43.93 -8.12
CA LEU C 821 3.18 43.18 -8.79
C LEU C 821 3.19 41.72 -8.36
N LEU C 822 2.94 41.47 -7.07
CA LEU C 822 2.90 40.10 -6.57
C LEU C 822 1.76 39.31 -7.19
N PHE C 823 0.62 39.96 -7.41
CA PHE C 823 -0.50 39.29 -8.06
C PHE C 823 -0.20 39.03 -9.54
N ASN C 824 0.47 39.97 -10.19
CA ASN C 824 0.66 39.82 -11.62
C ASN C 824 1.76 38.82 -11.96
N LYS C 825 2.79 38.71 -11.12
CA LYS C 825 3.85 37.74 -11.39
C LYS C 825 3.36 36.31 -11.25
N VAL C 826 2.61 36.01 -10.20
CA VAL C 826 2.15 34.65 -9.97
C VAL C 826 0.92 34.40 -10.83
N THR C 827 0.95 33.32 -11.60
CA THR C 827 -0.19 32.95 -12.42
C THR C 827 -0.37 31.44 -12.46
N ALA C 852 -8.46 22.49 -13.87
CA ALA C 852 -8.64 22.92 -15.25
C ALA C 852 -10.03 22.56 -15.74
N GLN C 853 -10.39 21.30 -15.56
CA GLN C 853 -11.72 20.82 -15.92
C GLN C 853 -12.22 19.97 -14.76
N LYS C 854 -13.53 19.97 -14.55
CA LYS C 854 -14.11 19.27 -13.40
C LYS C 854 -15.06 18.18 -13.89
N PHE C 855 -14.59 16.95 -13.82
CA PHE C 855 -15.23 15.87 -14.56
C PHE C 855 -15.48 14.59 -13.76
N ASN C 856 -14.62 14.24 -12.82
CA ASN C 856 -14.82 13.01 -12.06
C ASN C 856 -14.60 13.17 -10.56
N GLY C 857 -15.05 14.26 -9.99
CA GLY C 857 -15.07 14.36 -8.54
C GLY C 857 -13.85 15.11 -8.07
N LEU C 858 -13.12 15.65 -9.03
CA LEU C 858 -11.84 16.27 -8.72
C LEU C 858 -12.09 17.75 -8.46
N THR C 859 -12.68 18.02 -7.30
CA THR C 859 -13.19 19.35 -7.03
C THR C 859 -12.18 20.18 -6.25
N VAL C 860 -12.31 21.49 -6.38
CA VAL C 860 -11.53 22.44 -5.59
C VAL C 860 -12.51 23.23 -4.72
N LEU C 861 -12.12 23.50 -3.58
CA LEU C 861 -12.94 24.31 -2.70
C LEU C 861 -12.37 25.71 -2.60
N PRO C 862 -13.20 26.74 -2.45
CA PRO C 862 -12.67 28.06 -2.21
C PRO C 862 -12.08 28.15 -0.82
N PRO C 863 -11.07 28.98 -0.62
CA PRO C 863 -10.51 29.14 0.72
C PRO C 863 -11.47 29.89 1.62
N LEU C 864 -11.24 29.79 2.92
CA LEU C 864 -12.13 30.44 3.87
C LEU C 864 -11.92 31.96 3.88
N LEU C 865 -10.68 32.41 3.83
CA LEU C 865 -10.37 33.82 3.94
C LEU C 865 -10.12 34.41 2.56
N THR C 866 -10.93 35.40 2.18
CA THR C 866 -10.78 35.98 0.87
C THR C 866 -9.61 36.95 0.86
N ASP C 867 -9.15 37.27 -0.34
CA ASP C 867 -7.91 38.03 -0.50
C ASP C 867 -8.04 39.48 -0.07
N GLU C 868 -9.22 40.06 -0.14
CA GLU C 868 -9.39 41.43 0.28
C GLU C 868 -9.21 41.60 1.78
N MET C 869 -9.70 40.66 2.57
CA MET C 869 -9.52 40.78 4.02
C MET C 869 -8.17 40.29 4.47
N ILE C 870 -7.49 39.50 3.63
CA ILE C 870 -6.07 39.28 3.81
C ILE C 870 -5.33 40.61 3.72
N ALA C 871 -5.69 41.41 2.71
CA ALA C 871 -5.12 42.75 2.60
C ALA C 871 -5.57 43.64 3.75
N GLN C 872 -6.73 43.34 4.36
CA GLN C 872 -7.18 44.13 5.48
C GLN C 872 -6.33 43.87 6.73
N TYR C 873 -6.00 42.61 7.02
CA TYR C 873 -5.02 42.33 8.06
C TYR C 873 -3.66 42.94 7.75
N THR C 874 -3.25 42.88 6.48
CA THR C 874 -1.94 43.44 6.14
C THR C 874 -1.89 44.93 6.39
N SER C 875 -2.96 45.64 6.01
CA SER C 875 -3.06 47.07 6.28
C SER C 875 -3.09 47.35 7.78
N ALA C 876 -3.82 46.53 8.54
CA ALA C 876 -3.93 46.77 9.96
C ALA C 876 -2.59 46.56 10.66
N LEU C 877 -1.84 45.55 10.23
CA LEU C 877 -0.52 45.32 10.81
C LEU C 877 0.44 46.44 10.47
N LEU C 878 0.39 46.95 9.22
CA LEU C 878 1.26 48.06 8.85
C LEU C 878 0.93 49.31 9.64
N ALA C 879 -0.36 49.59 9.84
CA ALA C 879 -0.78 50.76 10.59
C ALA C 879 -0.35 50.66 12.04
N GLY C 880 -0.50 49.47 12.63
CA GLY C 880 -0.09 49.30 14.02
C GLY C 880 1.41 49.43 14.21
N THR C 881 2.19 48.88 13.27
CA THR C 881 3.64 49.02 13.35
C THR C 881 4.07 50.46 13.20
N ILE C 882 3.53 51.18 12.22
CA ILE C 882 3.98 52.54 12.01
C ILE C 882 3.38 53.53 12.98
N THR C 883 2.38 53.15 13.76
CA THR C 883 1.80 54.10 14.69
C THR C 883 2.00 53.76 16.15
N SER C 884 2.53 52.58 16.47
CA SER C 884 2.63 52.23 17.87
C SER C 884 3.97 51.66 18.29
N GLY C 885 4.92 51.49 17.38
CA GLY C 885 6.13 50.81 17.73
C GLY C 885 5.83 49.35 17.91
N TRP C 886 6.37 48.73 18.95
CA TRP C 886 6.11 47.33 19.21
C TRP C 886 5.12 47.13 20.35
N THR C 887 4.50 48.19 20.84
CA THR C 887 3.68 48.09 22.04
C THR C 887 2.38 47.34 21.80
N PHE C 888 1.82 47.43 20.60
CA PHE C 888 0.47 46.92 20.39
C PHE C 888 0.42 45.41 20.29
N GLY C 889 1.56 44.74 20.21
CA GLY C 889 1.56 43.32 20.37
C GLY C 889 1.57 42.87 21.80
N ALA C 890 1.63 43.81 22.74
CA ALA C 890 1.70 43.48 24.14
C ALA C 890 0.56 44.06 24.96
N GLY C 891 -0.40 44.71 24.34
CA GLY C 891 -1.53 45.25 25.04
C GLY C 891 -2.29 46.24 24.19
N PRO C 892 -2.69 47.36 24.78
CA PRO C 892 -3.32 48.41 23.99
C PRO C 892 -2.30 49.20 23.19
N ALA C 893 -2.70 49.59 21.99
CA ALA C 893 -1.83 50.33 21.10
C ALA C 893 -1.59 51.72 21.64
N LEU C 894 -0.34 52.16 21.64
CA LEU C 894 0.05 53.43 22.22
C LEU C 894 0.76 54.26 21.16
N GLN C 895 0.30 55.49 20.94
CA GLN C 895 0.87 56.31 19.89
C GLN C 895 2.24 56.82 20.29
N ILE C 896 3.05 57.10 19.27
CA ILE C 896 4.45 57.49 19.40
C ILE C 896 4.90 58.14 18.11
N PRO C 897 5.72 59.19 18.15
CA PRO C 897 6.30 59.70 16.90
C PRO C 897 7.21 58.69 16.27
N PHE C 898 7.22 58.64 14.96
CA PHE C 898 8.05 57.68 14.24
C PHE C 898 9.56 57.77 14.43
N PRO C 899 10.24 58.93 14.28
CA PRO C 899 11.70 58.88 14.41
C PRO C 899 12.16 58.63 15.83
N MET C 900 11.28 58.89 16.80
CA MET C 900 11.55 58.52 18.18
C MET C 900 11.70 57.02 18.32
N GLN C 901 10.81 56.26 17.70
CA GLN C 901 10.90 54.81 17.84
C GLN C 901 12.00 54.24 16.96
N MET C 902 12.33 54.92 15.86
CA MET C 902 13.52 54.49 15.12
C MET C 902 14.77 54.68 15.96
N ALA C 903 14.83 55.77 16.72
CA ALA C 903 15.92 55.96 17.66
C ALA C 903 15.94 54.89 18.73
N TYR C 904 14.76 54.44 19.14
CA TYR C 904 14.70 53.35 20.11
C TYR C 904 15.25 52.05 19.53
N ARG C 905 15.02 51.80 18.24
CA ARG C 905 15.54 50.56 17.68
C ARG C 905 17.04 50.64 17.44
N PHE C 906 17.56 51.83 17.11
CA PHE C 906 19.01 52.00 17.13
C PHE C 906 19.59 51.79 18.52
N ASN C 907 18.88 52.25 19.55
CA ASN C 907 19.31 51.95 20.91
C ASN C 907 19.22 50.46 21.22
N GLY C 908 18.33 49.76 20.52
CA GLY C 908 18.29 48.32 20.63
C GLY C 908 19.51 47.64 20.05
N ILE C 909 20.00 48.10 18.90
CA ILE C 909 21.07 47.34 18.25
C ILE C 909 22.46 47.71 18.71
N GLY C 910 22.63 48.75 19.52
CA GLY C 910 23.94 49.11 20.01
C GLY C 910 24.45 50.47 19.57
N VAL C 911 23.61 51.29 18.96
CA VAL C 911 23.98 52.64 18.54
C VAL C 911 23.29 53.63 19.46
N THR C 912 24.02 54.66 19.89
CA THR C 912 23.41 55.75 20.62
C THR C 912 22.42 56.48 19.73
N GLN C 913 21.29 56.89 20.32
CA GLN C 913 20.24 57.55 19.55
C GLN C 913 20.68 58.91 19.02
N ASN C 914 21.73 59.49 19.60
CA ASN C 914 22.45 60.68 19.15
C ASN C 914 22.73 60.64 17.66
N VAL C 915 23.13 59.46 17.18
CA VAL C 915 23.48 59.26 15.78
C VAL C 915 22.29 59.52 14.88
N LEU C 916 21.08 59.12 15.31
CA LEU C 916 19.92 59.19 14.43
C LEU C 916 19.52 60.63 14.12
N TYR C 917 19.32 61.43 15.17
CA TYR C 917 18.75 62.77 15.01
C TYR C 917 19.64 63.68 14.20
N GLU C 918 20.94 63.63 14.41
CA GLU C 918 21.83 64.46 13.64
C GLU C 918 22.04 63.95 12.22
N ASN C 919 21.54 62.78 11.89
CA ASN C 919 21.70 62.27 10.54
C ASN C 919 20.38 61.79 10.01
N GLN C 920 19.32 62.56 10.26
CA GLN C 920 17.97 62.07 10.02
C GLN C 920 17.67 61.92 8.55
N LYS C 921 17.71 63.03 7.82
CA LYS C 921 17.10 63.13 6.49
C LYS C 921 17.71 62.18 5.48
N LEU C 922 19.03 62.01 5.54
CA LEU C 922 19.75 61.13 4.62
C LEU C 922 19.27 59.70 4.78
N ILE C 923 19.06 59.29 6.04
CA ILE C 923 18.50 57.98 6.35
C ILE C 923 17.18 57.79 5.64
N ALA C 924 16.30 58.80 5.74
CA ALA C 924 15.00 58.75 5.10
C ALA C 924 15.16 58.62 3.59
N ASN C 925 16.10 59.40 3.04
CA ASN C 925 16.38 59.35 1.61
C ASN C 925 16.81 57.95 1.20
N GLN C 926 17.73 57.38 1.97
CA GLN C 926 18.24 56.04 1.69
C GLN C 926 17.11 55.04 1.75
N PHE C 927 16.25 55.20 2.77
CA PHE C 927 15.14 54.29 2.98
C PHE C 927 14.20 54.32 1.80
N ASN C 928 13.89 55.54 1.33
CA ASN C 928 12.98 55.68 0.20
C ASN C 928 13.57 55.07 -1.04
N SER C 929 14.87 55.31 -1.25
CA SER C 929 15.55 54.79 -2.43
C SER C 929 15.53 53.28 -2.40
N ALA C 930 15.74 52.72 -1.20
CA ALA C 930 15.82 51.29 -1.03
C ALA C 930 14.52 50.63 -1.42
N ILE C 931 13.40 51.27 -1.03
CA ILE C 931 12.09 50.71 -1.30
C ILE C 931 11.84 50.63 -2.79
N GLY C 932 12.24 51.67 -3.52
CA GLY C 932 12.02 51.71 -4.95
C GLY C 932 12.76 50.60 -5.65
N LYS C 933 13.96 50.28 -5.16
CA LYS C 933 14.78 49.24 -5.77
C LYS C 933 14.09 47.90 -5.67
N ILE C 934 13.43 47.65 -4.54
CA ILE C 934 12.73 46.38 -4.32
C ILE C 934 11.62 46.23 -5.34
N GLN C 935 10.91 47.32 -5.61
CA GLN C 935 9.82 47.28 -6.57
C GLN C 935 10.38 46.99 -7.95
N ASP C 936 11.51 47.64 -8.27
CA ASP C 936 12.18 47.36 -9.53
C ASP C 936 12.73 45.94 -9.54
N SER C 937 13.21 45.47 -8.38
CA SER C 937 13.72 44.12 -8.29
C SER C 937 12.60 43.11 -8.45
N LEU C 938 11.37 43.51 -8.15
CA LEU C 938 10.26 42.62 -8.44
C LEU C 938 9.70 42.91 -9.82
N SER C 939 9.95 44.12 -10.33
CA SER C 939 9.53 44.42 -11.69
C SER C 939 10.42 43.76 -12.72
N SER C 940 11.64 43.38 -12.33
CA SER C 940 12.61 42.84 -13.27
C SER C 940 12.70 41.32 -13.20
N THR C 941 13.04 40.78 -12.03
CA THR C 941 13.38 39.37 -11.98
C THR C 941 12.13 38.50 -11.90
N PRO C 942 11.98 37.53 -12.81
CA PRO C 942 10.83 36.63 -12.74
C PRO C 942 11.09 35.34 -11.96
N SER C 943 12.36 35.03 -11.68
CA SER C 943 12.73 33.74 -11.11
C SER C 943 12.76 33.74 -9.60
N ALA C 944 12.49 34.88 -8.96
CA ALA C 944 12.56 34.93 -7.50
C ALA C 944 11.36 34.27 -6.84
N LEU C 945 10.20 34.31 -7.47
CA LEU C 945 8.95 33.90 -6.83
C LEU C 945 8.66 32.42 -7.04
N GLY C 946 9.65 31.66 -7.51
CA GLY C 946 9.44 30.25 -7.81
C GLY C 946 9.12 29.44 -6.57
N LYS C 947 9.59 29.91 -5.40
CA LYS C 947 9.27 29.29 -4.13
C LYS C 947 7.78 29.27 -3.85
N LEU C 948 7.03 30.22 -4.39
CA LEU C 948 5.59 30.06 -4.36
C LEU C 948 5.13 29.12 -5.48
N GLN C 949 5.59 29.40 -6.70
CA GLN C 949 4.90 28.89 -7.88
C GLN C 949 5.10 27.39 -8.04
N ASP C 950 6.26 26.89 -7.58
CA ASP C 950 6.53 25.46 -7.57
C ASP C 950 5.50 24.72 -6.75
N VAL C 951 5.09 25.31 -5.61
CA VAL C 951 4.02 24.74 -4.79
C VAL C 951 2.75 24.60 -5.61
N VAL C 952 2.41 25.65 -6.36
CA VAL C 952 1.28 25.59 -7.28
C VAL C 952 1.50 24.52 -8.33
N ASN C 953 2.73 24.47 -8.86
CA ASN C 953 3.09 23.44 -9.82
C ASN C 953 3.04 22.06 -9.18
N GLN C 954 3.39 21.98 -7.89
CA GLN C 954 3.36 20.69 -7.23
C GLN C 954 1.95 20.24 -6.91
N ASN C 955 0.95 21.10 -7.12
CA ASN C 955 -0.39 20.57 -7.21
C ASN C 955 -0.86 20.46 -8.63
N ALA C 956 -0.34 21.29 -9.53
CA ALA C 956 -0.78 21.27 -10.90
C ALA C 956 -0.14 20.14 -11.69
N GLN C 957 0.84 19.46 -11.11
CA GLN C 957 1.49 18.38 -11.79
C GLN C 957 0.94 17.02 -11.42
N ALA C 958 0.87 16.68 -10.14
CA ALA C 958 0.52 15.33 -9.73
C ALA C 958 -0.92 15.00 -10.07
N LEU C 959 -1.81 15.97 -9.85
CA LEU C 959 -3.25 15.80 -10.08
C LEU C 959 -3.55 15.35 -11.48
N ASN C 960 -2.89 16.01 -12.43
CA ASN C 960 -3.05 15.70 -13.85
C ASN C 960 -2.66 14.27 -14.17
N THR C 961 -1.58 13.79 -13.54
CA THR C 961 -1.12 12.42 -13.77
C THR C 961 -2.15 11.42 -13.29
N LEU C 962 -2.88 11.78 -12.22
CA LEU C 962 -3.96 10.94 -11.72
C LEU C 962 -5.00 10.69 -12.78
N VAL C 963 -5.32 11.73 -13.56
CA VAL C 963 -6.32 11.59 -14.61
C VAL C 963 -5.82 10.66 -15.70
N LYS C 964 -4.51 10.70 -15.96
CA LYS C 964 -3.96 9.79 -16.97
C LYS C 964 -3.99 8.34 -16.53
N GLN C 965 -4.06 8.07 -15.23
CA GLN C 965 -4.19 6.68 -14.85
C GLN C 965 -5.58 6.13 -15.06
N LEU C 966 -6.51 6.95 -15.54
CA LEU C 966 -7.77 6.43 -16.04
C LEU C 966 -7.62 5.70 -17.35
N SER C 967 -6.48 5.85 -18.03
CA SER C 967 -6.26 5.17 -19.30
C SER C 967 -5.23 4.07 -19.17
N SER C 968 -5.27 3.34 -18.08
CA SER C 968 -4.41 2.20 -17.87
C SER C 968 -5.25 0.94 -17.79
N ASN C 969 -4.86 -0.06 -18.55
CA ASN C 969 -5.70 -1.24 -18.70
C ASN C 969 -5.66 -2.10 -17.45
N PHE C 970 -4.49 -2.19 -16.80
CA PHE C 970 -4.20 -3.12 -15.71
C PHE C 970 -4.48 -4.56 -16.06
N GLY C 971 -4.38 -4.93 -17.33
CA GLY C 971 -4.68 -6.28 -17.72
C GLY C 971 -6.08 -6.46 -18.27
N ALA C 972 -6.91 -5.43 -18.15
CA ALA C 972 -8.28 -5.56 -18.63
C ALA C 972 -8.34 -5.42 -20.15
N ILE C 973 -9.51 -5.79 -20.69
CA ILE C 973 -9.71 -5.77 -22.13
C ILE C 973 -9.78 -4.34 -22.64
N SER C 974 -10.21 -3.42 -21.78
CA SER C 974 -10.36 -2.03 -22.16
C SER C 974 -10.21 -1.14 -20.95
N SER C 975 -9.99 0.14 -21.21
CA SER C 975 -9.91 1.13 -20.15
C SER C 975 -11.24 1.83 -19.90
N VAL C 976 -12.28 1.47 -20.62
CA VAL C 976 -13.56 2.15 -20.53
C VAL C 976 -14.58 1.18 -19.94
N LEU C 977 -15.32 1.64 -18.94
CA LEU C 977 -16.17 0.76 -18.16
C LEU C 977 -17.36 0.24 -18.95
N ASN C 978 -18.00 1.12 -19.73
CA ASN C 978 -19.25 0.78 -20.39
C ASN C 978 -19.08 -0.23 -21.49
N ASP C 979 -17.88 -0.34 -22.06
CA ASP C 979 -17.64 -1.32 -23.11
C ASP C 979 -17.65 -2.74 -22.59
N ILE C 980 -17.12 -2.98 -21.40
CA ILE C 980 -17.22 -4.30 -20.78
C ILE C 980 -18.68 -4.62 -20.48
N LEU C 981 -19.40 -3.64 -19.94
CA LEU C 981 -20.79 -3.86 -19.54
C LEU C 981 -21.68 -4.04 -20.76
N SER C 982 -21.32 -3.43 -21.87
CA SER C 982 -22.03 -3.66 -23.12
C SER C 982 -21.62 -4.93 -23.81
N ARG C 983 -20.64 -5.66 -23.27
CA ARG C 983 -20.13 -6.82 -23.97
C ARG C 983 -20.24 -8.08 -23.14
N LEU C 984 -20.07 -7.97 -21.83
CA LEU C 984 -19.89 -9.15 -21.02
C LEU C 984 -21.10 -9.43 -20.14
N ASP C 985 -21.22 -10.68 -19.82
CA ASP C 985 -22.06 -11.36 -18.87
C ASP C 985 -21.37 -11.30 -17.52
N PRO C 986 -22.09 -10.94 -16.46
CA PRO C 986 -21.44 -10.51 -15.16
C PRO C 986 -20.46 -11.49 -14.51
N PRO C 987 -20.66 -12.83 -14.53
CA PRO C 987 -19.63 -13.70 -13.89
C PRO C 987 -18.27 -13.75 -14.57
N GLU C 988 -18.01 -12.99 -15.63
CA GLU C 988 -16.65 -12.69 -16.04
C GLU C 988 -16.37 -11.20 -16.06
N ALA C 989 -17.43 -10.40 -16.21
CA ALA C 989 -17.28 -8.95 -16.09
C ALA C 989 -16.75 -8.58 -14.73
N GLU C 990 -17.17 -9.30 -13.69
CA GLU C 990 -16.63 -9.08 -12.36
C GLU C 990 -15.14 -9.38 -12.29
N VAL C 991 -14.69 -10.39 -13.02
CA VAL C 991 -13.26 -10.70 -13.09
C VAL C 991 -12.50 -9.56 -13.73
N GLN C 992 -13.10 -8.91 -14.72
CA GLN C 992 -12.41 -7.74 -15.27
C GLN C 992 -12.45 -6.51 -14.36
N ILE C 993 -13.63 -6.23 -13.78
CA ILE C 993 -13.83 -5.04 -12.96
C ILE C 993 -12.99 -5.11 -11.69
N ASP C 994 -12.71 -6.32 -11.22
CA ASP C 994 -11.83 -6.50 -10.06
C ASP C 994 -10.43 -5.96 -10.35
N ARG C 995 -9.89 -6.28 -11.52
CA ARG C 995 -8.60 -5.75 -11.94
C ARG C 995 -8.63 -4.24 -12.04
N LEU C 996 -9.72 -3.72 -12.64
CA LEU C 996 -9.81 -2.28 -12.85
C LEU C 996 -9.84 -1.51 -11.53
N ILE C 997 -10.64 -1.97 -10.58
CA ILE C 997 -10.78 -1.22 -9.35
C ILE C 997 -9.54 -1.39 -8.48
N THR C 998 -8.85 -2.53 -8.60
CA THR C 998 -7.63 -2.73 -7.82
C THR C 998 -6.55 -1.75 -8.27
N GLY C 999 -6.37 -1.62 -9.59
CA GLY C 999 -5.37 -0.70 -10.10
C GLY C 999 -5.68 0.75 -9.77
N ARG C 1000 -6.94 1.15 -9.95
CA ARG C 1000 -7.28 2.55 -9.71
C ARG C 1000 -7.23 2.89 -8.23
N LEU C 1001 -7.63 1.95 -7.37
CA LEU C 1001 -7.60 2.19 -5.94
C LEU C 1001 -6.18 2.34 -5.44
N GLN C 1002 -5.27 1.54 -6.00
CA GLN C 1002 -3.86 1.67 -5.64
C GLN C 1002 -3.31 3.03 -6.05
N SER C 1003 -3.69 3.50 -7.24
CA SER C 1003 -3.23 4.82 -7.68
C SER C 1003 -3.76 5.92 -6.78
N LEU C 1004 -5.02 5.79 -6.36
CA LEU C 1004 -5.62 6.79 -5.48
C LEU C 1004 -4.92 6.83 -4.12
N GLN C 1005 -4.53 5.65 -3.64
CA GLN C 1005 -3.83 5.56 -2.37
C GLN C 1005 -2.45 6.21 -2.46
N THR C 1006 -1.79 6.03 -3.60
CA THR C 1006 -0.50 6.70 -3.84
C THR C 1006 -0.64 8.21 -3.80
N TYR C 1007 -1.70 8.72 -4.45
CA TYR C 1007 -1.94 10.15 -4.49
C TYR C 1007 -2.18 10.73 -3.11
N VAL C 1008 -3.01 10.06 -2.31
CA VAL C 1008 -3.35 10.63 -1.01
C VAL C 1008 -2.15 10.58 -0.06
N THR C 1009 -1.30 9.56 -0.19
CA THR C 1009 -0.10 9.50 0.65
C THR C 1009 0.85 10.65 0.33
N GLN C 1010 1.06 10.90 -0.97
CA GLN C 1010 1.94 12.00 -1.36
C GLN C 1010 1.37 13.35 -0.94
N GLN C 1011 0.04 13.49 -0.98
CA GLN C 1011 -0.59 14.71 -0.54
C GLN C 1011 -0.40 14.95 0.95
N LEU C 1012 -0.50 13.88 1.75
CA LEU C 1012 -0.30 14.00 3.18
C LEU C 1012 1.11 14.48 3.51
N ILE C 1013 2.10 13.93 2.81
CA ILE C 1013 3.48 14.32 3.08
C ILE C 1013 3.72 15.78 2.72
N ARG C 1014 3.22 16.20 1.55
CA ARG C 1014 3.37 17.60 1.15
C ARG C 1014 2.66 18.54 2.12
N ALA C 1015 1.49 18.12 2.62
CA ALA C 1015 0.75 18.97 3.54
C ALA C 1015 1.48 19.15 4.86
N ALA C 1016 2.16 18.10 5.32
CA ALA C 1016 2.97 18.22 6.52
C ALA C 1016 4.11 19.22 6.31
N GLU C 1017 4.73 19.18 5.14
CA GLU C 1017 5.82 20.12 4.87
C GLU C 1017 5.32 21.56 4.81
N ILE C 1018 4.14 21.76 4.22
CA ILE C 1018 3.56 23.09 4.15
C ILE C 1018 3.20 23.60 5.54
N ARG C 1019 2.72 22.71 6.41
CA ARG C 1019 2.41 23.11 7.78
C ARG C 1019 3.66 23.53 8.54
N ALA C 1020 4.77 22.83 8.31
CA ALA C 1020 6.03 23.23 8.92
C ALA C 1020 6.47 24.61 8.43
N SER C 1021 6.32 24.85 7.13
CA SER C 1021 6.62 26.17 6.59
C SER C 1021 5.73 27.25 7.19
N ALA C 1022 4.46 26.92 7.41
CA ALA C 1022 3.53 27.90 7.97
C ALA C 1022 3.87 28.23 9.42
N ASN C 1023 4.30 27.23 10.19
CA ASN C 1023 4.74 27.50 11.56
C ASN C 1023 5.95 28.41 11.58
N LEU C 1024 6.89 28.19 10.66
CA LEU C 1024 8.03 29.09 10.55
C LEU C 1024 7.59 30.50 10.20
N ALA C 1025 6.62 30.62 9.30
CA ALA C 1025 6.15 31.94 8.89
C ALA C 1025 5.44 32.64 10.03
N ALA C 1026 4.70 31.90 10.85
CA ALA C 1026 3.99 32.50 11.97
C ALA C 1026 4.98 33.02 13.01
N THR C 1027 6.02 32.24 13.30
CA THR C 1027 7.02 32.70 14.24
C THR C 1027 7.76 33.93 13.71
N LYS C 1028 8.02 33.94 12.40
CA LYS C 1028 8.66 35.11 11.80
C LYS C 1028 7.77 36.34 11.87
N MET C 1029 6.47 36.15 11.69
CA MET C 1029 5.51 37.24 11.86
C MET C 1029 5.51 37.75 13.28
N SER C 1030 5.60 36.85 14.25
CA SER C 1030 5.53 37.29 15.63
C SER C 1030 6.82 37.98 16.05
N GLU C 1031 7.94 37.63 15.44
CA GLU C 1031 9.20 38.15 15.93
C GLU C 1031 9.75 39.30 15.11
N CYS C 1032 9.78 39.18 13.79
CA CYS C 1032 10.43 40.20 12.98
C CYS C 1032 9.50 41.38 12.73
N VAL C 1033 8.22 41.26 13.06
CA VAL C 1033 7.28 42.36 12.83
C VAL C 1033 6.83 43.00 14.13
N LEU C 1034 6.30 42.20 15.03
CA LEU C 1034 5.72 42.71 16.26
C LEU C 1034 6.78 43.13 17.27
N GLY C 1035 8.03 42.85 17.01
CA GLY C 1035 9.08 43.24 17.91
C GLY C 1035 10.38 43.44 17.16
N GLN C 1036 11.45 43.49 17.93
CA GLN C 1036 12.79 43.62 17.36
C GLN C 1036 13.65 42.50 17.90
N SER C 1037 14.22 41.70 17.01
CA SER C 1037 14.91 40.49 17.40
C SER C 1037 16.41 40.73 17.55
N LYS C 1038 16.93 40.23 18.65
CA LYS C 1038 18.37 40.23 18.88
C LYS C 1038 19.05 39.06 18.17
N ARG C 1039 18.28 38.05 17.77
CA ARG C 1039 18.84 36.89 17.10
C ARG C 1039 19.38 37.26 15.72
N VAL C 1040 20.51 36.67 15.36
CA VAL C 1040 21.20 37.04 14.14
C VAL C 1040 20.68 36.24 12.97
N ASP C 1041 20.39 36.94 11.87
CA ASP C 1041 19.92 36.42 10.59
C ASP C 1041 18.61 35.66 10.69
N PHE C 1042 17.83 35.89 11.74
CA PHE C 1042 16.47 35.39 11.74
C PHE C 1042 15.58 36.31 10.93
N CYS C 1043 15.91 37.59 10.88
CA CYS C 1043 15.14 38.57 10.13
C CYS C 1043 16.00 39.28 9.10
N GLY C 1044 16.77 38.53 8.32
CA GLY C 1044 17.53 39.15 7.26
C GLY C 1044 18.98 39.36 7.64
N LYS C 1045 19.76 39.76 6.64
CA LYS C 1045 21.20 39.88 6.82
C LYS C 1045 21.52 41.23 7.44
N GLY C 1046 22.31 41.22 8.51
CA GLY C 1046 22.65 42.44 9.21
C GLY C 1046 21.92 42.53 10.53
N TYR C 1047 22.19 43.58 11.29
CA TYR C 1047 21.48 43.81 12.54
C TYR C 1047 20.07 44.24 12.22
N HIS C 1048 19.10 43.58 12.86
CA HIS C 1048 17.70 43.77 12.47
C HIS C 1048 17.13 45.07 13.01
N LEU C 1049 16.49 45.84 12.13
CA LEU C 1049 15.67 46.97 12.53
C LEU C 1049 14.20 46.68 12.45
N MET C 1050 13.69 46.38 11.26
CA MET C 1050 12.24 46.34 11.06
C MET C 1050 11.91 45.31 10.01
N SER C 1051 10.63 45.02 9.90
CA SER C 1051 10.16 44.23 8.78
C SER C 1051 8.71 44.61 8.55
N PHE C 1052 8.27 44.46 7.31
CA PHE C 1052 6.88 44.71 6.97
C PHE C 1052 6.34 43.53 6.17
N PRO C 1053 5.12 43.11 6.43
CA PRO C 1053 4.54 42.01 5.66
C PRO C 1053 3.72 42.51 4.48
N GLN C 1054 3.64 41.67 3.46
CA GLN C 1054 2.78 41.87 2.32
C GLN C 1054 2.21 40.51 1.92
N SER C 1055 1.01 40.54 1.35
CA SER C 1055 0.29 39.34 1.01
C SER C 1055 0.69 38.84 -0.36
N ALA C 1056 0.46 37.55 -0.58
CA ALA C 1056 0.73 36.93 -1.86
C ALA C 1056 -0.22 35.77 -2.01
N PRO C 1057 -0.53 35.35 -3.26
CA PRO C 1057 -1.38 34.17 -3.43
C PRO C 1057 -0.77 32.93 -2.82
N HIS C 1058 -1.42 32.46 -1.75
CA HIS C 1058 -0.95 31.38 -0.88
C HIS C 1058 0.42 31.65 -0.28
N GLY C 1059 0.76 32.91 0.00
CA GLY C 1059 2.11 33.15 0.46
C GLY C 1059 2.22 34.47 1.19
N VAL C 1060 3.33 34.62 1.91
CA VAL C 1060 3.61 35.86 2.61
C VAL C 1060 5.00 36.35 2.19
N VAL C 1061 5.15 37.66 2.14
CA VAL C 1061 6.41 38.28 1.71
C VAL C 1061 6.80 39.30 2.76
N PHE C 1062 7.96 39.11 3.37
CA PHE C 1062 8.49 40.06 4.32
C PHE C 1062 9.52 40.94 3.63
N LEU C 1063 9.52 42.21 3.98
CA LEU C 1063 10.62 43.11 3.69
C LEU C 1063 11.35 43.34 5.01
N HIS C 1064 12.61 42.96 5.07
CA HIS C 1064 13.45 43.24 6.22
C HIS C 1064 14.23 44.51 5.95
N VAL C 1065 14.11 45.47 6.86
CA VAL C 1065 14.91 46.68 6.88
C VAL C 1065 16.00 46.44 7.88
N THR C 1066 17.25 46.40 7.41
CA THR C 1066 18.37 46.12 8.27
C THR C 1066 19.42 47.23 8.13
N TYR C 1067 20.32 47.21 9.09
CA TYR C 1067 21.39 48.18 9.24
C TYR C 1067 22.69 47.49 8.90
N VAL C 1068 23.60 48.19 8.23
CA VAL C 1068 24.89 47.56 7.96
C VAL C 1068 26.01 48.60 7.98
N PRO C 1069 27.10 48.35 8.71
CA PRO C 1069 28.23 49.26 8.68
C PRO C 1069 28.94 49.27 7.34
N ALA C 1070 29.48 50.43 6.97
CA ALA C 1070 29.97 50.63 5.61
C ALA C 1070 31.46 50.92 5.53
N GLN C 1071 31.97 51.97 6.17
CA GLN C 1071 33.30 52.47 5.88
C GLN C 1071 34.20 52.34 7.09
N GLU C 1072 35.37 51.76 6.89
CA GLU C 1072 36.21 51.27 7.96
C GLU C 1072 37.39 52.18 8.19
N LYS C 1073 37.97 52.08 9.39
CA LYS C 1073 39.24 52.74 9.65
C LYS C 1073 40.02 51.97 10.69
N ASN C 1074 41.34 51.97 10.52
CA ASN C 1074 42.24 51.23 11.39
C ASN C 1074 42.69 52.10 12.56
N PHE C 1075 42.80 51.46 13.73
CA PHE C 1075 43.29 52.14 14.92
C PHE C 1075 44.11 51.16 15.74
N THR C 1076 44.65 51.65 16.85
CA THR C 1076 45.38 50.84 17.81
C THR C 1076 44.70 50.93 19.16
N THR C 1077 44.43 49.78 19.77
CA THR C 1077 43.66 49.70 20.99
C THR C 1077 44.56 49.46 22.20
N ALA C 1078 43.92 49.51 23.36
CA ALA C 1078 44.49 49.13 24.63
C ALA C 1078 43.34 48.91 25.60
N PRO C 1079 43.38 47.83 26.39
CA PRO C 1079 42.24 47.54 27.26
C PRO C 1079 42.18 48.36 28.52
N ALA C 1080 43.26 49.06 28.88
CA ALA C 1080 43.22 49.85 30.11
C ALA C 1080 44.26 50.96 30.05
N ILE C 1081 44.09 51.94 30.92
CA ILE C 1081 45.05 53.02 31.08
C ILE C 1081 45.54 53.00 32.52
N CYS C 1082 46.84 53.01 32.70
CA CYS C 1082 47.45 53.20 34.00
C CYS C 1082 47.57 54.71 34.19
N HIS C 1083 46.55 55.32 34.78
CA HIS C 1083 46.57 56.76 34.98
C HIS C 1083 47.32 57.14 36.25
N ASP C 1084 46.84 56.68 37.39
CA ASP C 1084 47.42 57.07 38.67
C ASP C 1084 47.58 55.86 39.58
N GLY C 1085 48.18 54.81 39.07
CA GLY C 1085 48.35 53.60 39.84
C GLY C 1085 47.11 52.72 39.90
N LYS C 1086 46.05 53.11 39.22
CA LYS C 1086 44.81 52.34 39.16
C LYS C 1086 44.49 52.02 37.71
N ALA C 1087 43.77 50.93 37.52
CA ALA C 1087 43.42 50.46 36.19
C ALA C 1087 42.04 50.98 35.84
N HIS C 1088 41.94 51.70 34.74
CA HIS C 1088 40.68 52.25 34.28
C HIS C 1088 40.20 51.46 33.07
N PHE C 1089 38.95 51.04 33.13
CA PHE C 1089 38.29 50.23 32.13
C PHE C 1089 37.16 51.04 31.52
N PRO C 1090 36.78 50.77 30.27
CA PRO C 1090 35.72 51.58 29.67
C PRO C 1090 34.36 51.22 30.26
N ARG C 1091 33.58 52.26 30.53
CA ARG C 1091 32.20 52.04 30.96
C ARG C 1091 31.40 51.40 29.85
N GLU C 1092 31.52 51.96 28.64
CA GLU C 1092 30.90 51.38 27.46
C GLU C 1092 31.67 51.85 26.25
N GLY C 1093 32.13 50.91 25.45
CA GLY C 1093 32.89 51.24 24.27
C GLY C 1093 34.23 50.58 24.32
N VAL C 1094 35.24 51.29 23.83
CA VAL C 1094 36.59 50.78 23.75
C VAL C 1094 37.52 51.98 23.65
N PHE C 1095 38.76 51.78 24.07
CA PHE C 1095 39.80 52.80 24.05
C PHE C 1095 40.51 52.70 22.71
N VAL C 1096 40.49 53.78 21.94
CA VAL C 1096 41.19 53.82 20.67
C VAL C 1096 42.14 54.99 20.67
N SER C 1097 43.06 54.98 19.71
CA SER C 1097 43.93 56.11 19.52
C SER C 1097 44.12 56.36 18.04
N ASN C 1098 44.30 57.64 17.71
CA ASN C 1098 44.65 58.06 16.36
C ASN C 1098 46.14 57.99 16.12
N GLY C 1099 46.91 57.56 17.13
CA GLY C 1099 48.35 57.58 17.02
C GLY C 1099 48.89 58.75 17.81
N THR C 1100 48.02 59.70 18.12
CA THR C 1100 48.42 60.92 18.82
C THR C 1100 47.77 61.04 20.18
N HIS C 1101 46.46 60.88 20.25
CA HIS C 1101 45.74 60.97 21.52
C HIS C 1101 44.74 59.84 21.61
N TRP C 1102 44.33 59.56 22.84
CA TRP C 1102 43.39 58.47 23.11
C TRP C 1102 41.98 59.01 23.27
N PHE C 1103 41.04 58.21 22.80
CA PHE C 1103 39.63 58.53 22.83
C PHE C 1103 38.87 57.28 23.22
N VAL C 1104 37.66 57.48 23.72
CA VAL C 1104 36.75 56.38 24.00
C VAL C 1104 35.65 56.45 22.97
N THR C 1105 35.32 55.32 22.36
CA THR C 1105 34.21 55.34 21.44
C THR C 1105 33.28 54.17 21.69
N GLN C 1106 32.05 54.35 21.26
CA GLN C 1106 31.10 53.27 21.25
C GLN C 1106 31.47 52.28 20.14
N ARG C 1107 31.04 51.04 20.33
CA ARG C 1107 31.68 49.91 19.67
C ARG C 1107 31.24 49.71 18.24
N ASN C 1108 30.29 50.48 17.74
CA ASN C 1108 29.76 50.14 16.44
C ASN C 1108 29.60 51.36 15.54
N PHE C 1109 30.02 52.53 15.98
CA PHE C 1109 30.07 53.73 15.16
C PHE C 1109 31.17 54.64 15.68
N TYR C 1110 31.95 55.21 14.78
CA TYR C 1110 33.07 56.02 15.21
C TYR C 1110 32.60 57.38 15.69
N GLU C 1111 32.75 57.63 16.97
CA GLU C 1111 32.48 58.94 17.51
C GLU C 1111 33.37 59.12 18.73
N PRO C 1112 34.54 59.71 18.56
CA PRO C 1112 35.49 59.83 19.67
C PRO C 1112 35.01 60.84 20.71
N GLN C 1113 35.44 60.63 21.94
CA GLN C 1113 35.11 61.51 23.04
C GLN C 1113 36.37 61.80 23.83
N ILE C 1114 36.27 62.74 24.77
CA ILE C 1114 37.37 62.99 25.69
C ILE C 1114 37.24 62.06 26.88
N ILE C 1115 38.31 61.32 27.15
CA ILE C 1115 38.29 60.26 28.15
C ILE C 1115 38.33 60.87 29.56
N THR C 1116 37.17 60.90 30.21
CA THR C 1116 37.12 61.38 31.59
C THR C 1116 36.59 60.30 32.53
N THR C 1117 36.38 60.66 33.79
CA THR C 1117 36.13 59.68 34.84
C THR C 1117 34.73 59.09 34.82
N ASP C 1118 33.79 59.69 34.10
CA ASP C 1118 32.46 59.11 33.98
C ASP C 1118 32.36 58.20 32.78
N ASN C 1119 33.44 58.12 32.00
CA ASN C 1119 33.54 57.16 30.91
C ASN C 1119 34.22 55.90 31.36
N THR C 1120 34.63 55.83 32.61
CA THR C 1120 35.56 54.81 33.06
C THR C 1120 34.92 53.96 34.14
N PHE C 1121 35.77 53.08 34.66
CA PHE C 1121 35.39 52.12 35.67
C PHE C 1121 36.70 51.70 36.31
N VAL C 1122 36.89 52.05 37.56
CA VAL C 1122 38.17 51.83 38.22
C VAL C 1122 38.14 50.52 39.00
N SER C 1123 39.17 49.69 38.81
CA SER C 1123 39.33 48.42 39.52
C SER C 1123 40.76 47.91 39.43
N GLY C 1124 41.39 47.67 40.57
CA GLY C 1124 42.73 47.11 40.58
C GLY C 1124 43.83 48.13 40.35
N ASN C 1125 45.05 47.66 40.14
CA ASN C 1125 46.19 48.53 39.97
C ASN C 1125 46.92 48.12 38.70
N CYS C 1126 48.03 48.80 38.43
CA CYS C 1126 48.73 48.66 37.16
C CYS C 1126 49.66 47.46 37.13
N ASP C 1127 49.14 46.27 37.36
CA ASP C 1127 50.06 45.15 37.41
C ASP C 1127 49.65 43.95 36.59
N VAL C 1128 48.37 43.57 36.62
CA VAL C 1128 47.95 42.27 36.11
C VAL C 1128 47.37 42.49 34.71
N VAL C 1129 47.06 43.73 34.40
CA VAL C 1129 46.56 44.07 33.08
C VAL C 1129 47.69 43.93 32.08
N ILE C 1130 47.43 43.26 30.97
CA ILE C 1130 48.44 42.94 29.99
C ILE C 1130 48.24 43.88 28.81
N GLY C 1131 49.20 44.76 28.58
CA GLY C 1131 49.12 45.66 27.45
C GLY C 1131 48.50 46.98 27.83
N ILE C 1132 48.50 47.29 29.11
CA ILE C 1132 47.97 48.54 29.62
C ILE C 1132 48.96 49.64 29.32
N VAL C 1133 48.47 50.79 28.88
CA VAL C 1133 49.32 51.89 28.46
C VAL C 1133 49.22 53.01 29.48
N ASN C 1134 50.15 53.96 29.37
CA ASN C 1134 50.13 55.20 30.13
C ASN C 1134 49.41 56.25 29.31
N ASN C 1135 48.38 56.85 29.90
CA ASN C 1135 47.77 58.05 29.35
C ASN C 1135 47.29 58.88 30.54
N THR C 1136 46.46 59.88 30.30
CA THR C 1136 45.85 60.63 31.38
C THR C 1136 44.35 60.75 31.16
N VAL C 1137 43.61 60.78 32.26
CA VAL C 1137 42.17 60.99 32.25
C VAL C 1137 41.88 62.29 32.96
N TYR C 1138 40.70 62.84 32.72
CA TYR C 1138 40.30 64.10 33.31
C TYR C 1138 39.13 63.89 34.25
N ASP C 1139 38.88 64.87 35.07
CA ASP C 1139 37.56 64.89 35.64
C ASP C 1139 36.77 66.00 35.00
N PRO C 1140 35.48 65.78 34.75
CA PRO C 1140 34.60 66.93 34.48
C PRO C 1140 34.49 67.85 35.68
N LEU C 1141 34.59 67.30 36.89
CA LEU C 1141 34.58 68.11 38.10
C LEU C 1141 35.86 68.90 38.28
N GLN C 1142 36.97 68.49 37.66
CA GLN C 1142 38.26 69.13 37.91
C GLN C 1142 38.32 70.60 37.48
N PRO C 1143 37.91 71.01 36.26
CA PRO C 1143 37.98 72.45 35.97
C PRO C 1143 36.96 73.29 36.72
N GLU C 1144 35.82 72.70 37.06
CA GLU C 1144 34.81 73.42 37.84
C GLU C 1144 35.29 73.65 39.28
N LEU C 1145 35.90 72.63 39.89
CA LEU C 1145 36.50 72.81 41.20
C LEU C 1145 37.70 73.75 41.15
N ASP C 1146 38.49 73.72 40.07
CA ASP C 1146 39.62 74.62 39.95
C ASP C 1146 39.17 76.06 39.77
N SER C 1147 38.03 76.27 39.09
CA SER C 1147 37.42 77.59 39.06
C SER C 1147 36.89 77.98 40.44
N PHE C 1148 36.45 76.99 41.22
CA PHE C 1148 36.05 77.27 42.59
C PHE C 1148 37.27 77.60 43.47
N LYS C 1149 38.42 77.01 43.17
CA LYS C 1149 39.65 77.32 43.91
C LYS C 1149 40.12 78.75 43.60
C1 NAG D . 5.10 59.60 -2.14
C2 NAG D . 6.17 60.68 -2.16
C3 NAG D . 6.99 60.63 -3.47
C4 NAG D . 6.29 59.93 -4.62
C5 NAG D . 5.66 58.58 -4.20
C6 NAG D . 6.44 57.38 -4.68
C7 NAG D . 5.59 62.58 -0.75
C8 NAG D . 4.98 63.95 -0.69
N2 NAG D . 5.60 62.00 -1.95
O3 NAG D . 8.22 59.97 -3.21
O4 NAG D . 5.31 60.77 -5.22
O5 NAG D . 5.58 58.47 -2.78
O6 NAG D . 6.67 57.44 -6.09
O7 NAG D . 6.06 62.04 0.25
C1 MAN D . 5.02 60.27 -6.54
C2 MAN D . 6.18 60.67 -7.49
C3 MAN D . 5.61 61.23 -8.82
C4 MAN D . 4.52 60.33 -9.36
C5 MAN D . 3.35 60.28 -8.35
C6 MAN D . 2.78 58.88 -8.17
O2 MAN D . 6.93 59.51 -7.85
O3 MAN D . 6.62 61.37 -9.78
O4 MAN D . 4.05 60.82 -10.60
O5 MAN D . 3.78 60.76 -7.03
O6 MAN D . 1.76 58.94 -7.18
C1 NAG E . 39.98 28.48 42.78
C2 NAG E . 40.37 27.98 41.38
C3 NAG E . 41.43 28.88 40.74
C4 NAG E . 42.51 29.23 41.76
C5 NAG E . 41.88 29.90 42.98
C6 NAG E . 42.19 31.37 43.06
C7 NAG E . 40.61 25.77 40.38
C8 NAG E . 41.08 24.36 40.57
N2 NAG E . 40.81 26.60 41.41
O3 NAG E . 40.78 30.08 40.34
O4 NAG E . 43.17 28.04 42.18
O5 NAG E . 40.45 29.80 42.95
O6 NAG E . 41.19 32.13 42.38
O7 NAG E . 40.10 26.14 39.33
C1 MAN E . 44.38 27.76 41.43
C2 MAN E . 44.21 26.32 40.88
C3 MAN E . 45.52 25.56 40.62
C4 MAN E . 46.67 25.90 41.59
C5 MAN E . 46.79 27.41 41.90
C6 MAN E . 47.36 28.25 40.77
O2 MAN E . 43.58 26.38 39.61
O3 MAN E . 45.95 25.69 39.26
O4 MAN E . 46.50 25.19 42.81
O5 MAN E . 45.50 27.96 42.29
O6 MAN E . 48.34 27.44 40.12
C1 NAG F . 33.22 42.35 56.78
C2 NAG F . 34.43 41.57 57.28
C3 NAG F . 35.41 42.48 58.02
C4 NAG F . 35.79 43.67 57.15
C5 NAG F . 34.52 44.40 56.75
C6 NAG F . 34.75 45.62 55.88
C7 NAG F . 34.40 39.22 58.03
C8 NAG F . 35.35 38.91 56.90
N2 NAG F . 34.00 40.48 58.15
O3 NAG F . 36.55 41.72 58.37
O4 NAG F . 36.69 44.52 57.86
O5 NAG F . 33.67 43.51 56.01
O6 NAG F . 35.42 46.64 56.61
O7 NAG F . 34.01 38.34 58.79
C1 MAN F . 37.97 44.57 57.19
C2 MAN F . 39.02 43.79 57.98
C3 MAN F . 39.16 44.39 59.38
C4 MAN F . 39.44 45.91 59.30
C5 MAN F . 38.38 46.58 58.41
C6 MAN F . 38.66 48.04 58.17
O2 MAN F . 40.31 43.91 57.40
O3 MAN F . 40.18 43.74 60.12
O4 MAN F . 39.38 46.46 60.61
O5 MAN F . 38.34 45.92 57.13
O6 MAN F . 37.92 48.77 59.12
C1 NAG G . 42.47 -20.96 2.10
C2 NAG G . 42.57 -22.45 2.42
C3 NAG G . 44.02 -22.81 2.76
C4 NAG G . 44.96 -22.37 1.65
C5 NAG G . 44.77 -20.89 1.36
C6 NAG G . 45.60 -20.39 0.20
C7 NAG G . 40.52 -23.43 3.34
C8 NAG G . 39.73 -23.72 4.58
N2 NAG G . 41.69 -22.81 3.52
O3 NAG G . 44.11 -24.23 2.94
O4 NAG G . 46.31 -22.62 2.03
O5 NAG G . 43.40 -20.62 1.04
O6 NAG G . 46.11 -21.47 -0.57
O7 NAG G . 40.11 -23.74 2.22
C1 NAG H . 23.73 28.62 54.96
C2 NAG H . 24.36 27.29 54.52
C3 NAG H . 23.38 26.14 54.77
C4 NAG H . 22.90 26.15 56.21
C5 NAG H . 22.33 27.51 56.57
C6 NAG H . 21.93 27.63 58.02
C7 NAG H . 25.82 26.69 52.65
C8 NAG H . 26.08 26.84 51.18
N2 NAG H . 24.75 27.34 53.13
O3 NAG H . 24.02 24.91 54.47
O4 NAG H . 21.90 25.15 56.40
O5 NAG H . 23.31 28.53 56.32
O6 NAG H . 22.28 28.90 58.54
O7 NAG H . 26.55 26.02 53.37
C1 NAG I . 50.99 23.38 23.13
C2 NAG I . 51.08 22.47 21.89
C3 NAG I . 51.75 23.20 20.73
C4 NAG I . 51.10 24.55 20.48
C5 NAG I . 51.12 25.35 21.76
C6 NAG I . 50.50 26.72 21.63
C7 NAG I . 51.58 20.08 21.61
C8 NAG I . 52.42 18.93 22.08
N2 NAG I . 51.80 21.25 22.22
O3 NAG I . 51.69 22.40 19.55
O4 NAG I . 51.82 25.26 19.47
O5 NAG I . 50.37 24.64 22.77
O6 NAG I . 51.46 27.66 21.19
O7 NAG I . 50.73 19.96 20.73
C1 NAG J . 16.33 54.45 62.40
C2 NAG J . 15.46 53.46 63.18
C3 NAG J . 14.09 54.08 63.45
C4 NAG J . 14.23 55.43 64.15
C5 NAG J . 15.16 56.35 63.36
C6 NAG J . 15.47 57.63 64.09
C7 NAG J . 15.97 51.10 62.85
C8 NAG J . 15.71 49.87 62.03
N2 NAG J . 15.32 52.21 62.48
O3 NAG J . 13.33 53.19 64.24
O4 NAG J . 12.96 56.05 64.27
O5 NAG J . 16.42 55.69 63.12
O6 NAG J . 16.86 57.92 64.06
O7 NAG J . 16.73 51.08 63.82
C1 NAG K . 12.86 37.21 58.28
C2 NAG K . 11.78 38.13 57.70
C3 NAG K . 10.71 38.40 58.74
C4 NAG K . 10.16 37.11 59.31
C5 NAG K . 11.30 36.24 59.82
C6 NAG K . 10.85 34.89 60.31
C7 NAG K . 11.88 40.00 56.13
C8 NAG K . 12.59 41.26 55.75
N2 NAG K . 12.36 39.36 57.20
O3 NAG K . 9.65 39.15 58.14
O4 NAG K . 9.27 37.39 60.39
O5 NAG K . 12.25 36.01 58.77
O6 NAG K . 11.11 34.72 61.70
O7 NAG K . 10.91 39.58 55.51
C1 NAG L . 15.75 81.04 22.40
C2 NAG L . 17.16 81.21 21.84
C3 NAG L . 17.08 81.79 20.43
C4 NAG L . 16.21 80.90 19.54
C5 NAG L . 14.84 80.72 20.17
C6 NAG L . 13.98 79.73 19.42
C7 NAG L . 19.17 81.67 23.13
C8 NAG L . 19.88 82.65 24.02
N2 NAG L . 17.97 82.04 22.70
O3 NAG L . 18.40 81.88 19.89
O4 NAG L . 16.06 81.51 18.26
O5 NAG L . 14.98 80.20 21.52
O6 NAG L . 13.67 80.22 18.13
O7 NAG L . 19.66 80.59 22.84
C1 NAG M . 1.94 69.85 39.61
C2 NAG M . 2.29 71.01 40.52
C3 NAG M . 2.36 72.30 39.72
C4 NAG M . 3.38 72.15 38.60
C5 NAG M . 3.09 70.93 37.74
C6 NAG M . 4.21 70.63 36.80
C7 NAG M . 1.76 71.38 42.89
C8 NAG M . 0.68 71.48 43.91
N2 NAG M . 1.36 71.14 41.63
O3 NAG M . 2.73 73.37 40.59
O4 NAG M . 3.38 73.31 37.77
O5 NAG M . 2.92 69.76 38.56
O6 NAG M . 5.46 71.03 37.35
O7 NAG M . 2.94 71.51 43.18
C1 NAG N . -4.97 62.49 23.21
C2 NAG N . -5.87 61.33 23.60
C3 NAG N . -6.74 60.91 22.42
C4 NAG N . -7.49 62.10 21.83
C5 NAG N . -6.51 63.24 21.53
C6 NAG N . -7.20 64.50 21.08
C7 NAG N . -5.53 59.34 24.99
C8 NAG N . -4.59 58.24 25.37
N2 NAG N . -5.08 60.20 24.08
O3 NAG N . -7.68 59.92 22.83
O4 NAG N . -8.15 61.72 20.64
O5 NAG N . -5.77 63.58 22.71
O6 NAG N . -8.34 64.80 21.88
O7 NAG N . -6.65 59.43 25.48
C1 NAG O . -4.71 29.11 49.80
C2 NAG O . -4.33 29.65 51.17
C3 NAG O . -4.84 28.71 52.26
C4 NAG O . -6.33 28.45 52.11
C5 NAG O . -6.62 27.95 50.69
C6 NAG O . -8.09 27.76 50.43
C7 NAG O . -2.33 30.81 52.01
C8 NAG O . -0.84 30.85 52.02
N2 NAG O . -2.90 29.83 51.28
O3 NAG O . -4.58 29.28 53.54
O4 NAG O . -6.77 27.46 53.04
O5 NAG O . -6.13 28.90 49.74
O6 NAG O . -8.78 27.38 51.62
O7 NAG O . -3.02 31.62 52.62
C1 NAG P . -4.23 49.14 41.03
C2 NAG P . -4.62 50.61 41.06
C3 NAG P . -5.35 50.94 42.37
C4 NAG P . -6.52 50.00 42.59
C5 NAG P . -6.06 48.54 42.48
C6 NAG P . -7.19 47.56 42.54
C7 NAG P . -3.43 52.44 39.96
C8 NAG P . -2.17 53.24 39.90
N2 NAG P . -3.48 51.48 40.88
O3 NAG P . -5.81 52.28 42.31
O4 NAG P . -7.07 50.21 43.88
O5 NAG P . -5.39 48.33 41.23
O6 NAG P . -7.38 46.92 41.28
O7 NAG P . -4.36 52.64 39.19
C1 NAG Q . -27.78 32.25 -12.52
C2 NAG Q . -26.64 32.86 -13.31
C3 NAG Q . -27.19 33.62 -14.51
C4 NAG Q . -28.05 32.69 -15.36
C5 NAG Q . -29.12 31.99 -14.51
C6 NAG Q . -29.83 30.88 -15.27
C7 NAG Q . -24.51 33.58 -12.36
C8 NAG Q . -23.81 34.56 -11.47
N2 NAG Q . -25.83 33.73 -12.49
O3 NAG Q . -26.13 34.15 -15.28
O4 NAG Q . -28.71 33.43 -16.39
O5 NAG Q . -28.53 31.37 -13.36
O6 NAG Q . -29.14 29.65 -15.11
O7 NAG Q . -23.89 32.69 -12.93
C1 NAG R . 5.53 69.82 12.60
C2 NAG R . 4.18 70.38 13.03
C3 NAG R . 4.05 71.83 12.57
C4 NAG R . 5.21 72.65 13.10
C5 NAG R . 6.55 72.01 12.74
C6 NAG R . 7.72 72.67 13.42
C7 NAG R . 1.96 69.36 13.18
C8 NAG R . 0.93 68.51 12.51
N2 NAG R . 3.09 69.57 12.50
O3 NAG R . 2.82 72.37 13.02
O4 NAG R . 5.17 73.97 12.54
O5 NAG R . 6.57 70.63 13.16
O6 NAG R . 7.36 73.14 14.71
O7 NAG R . 1.77 69.84 14.30
C1 MAN S . 28.82 58.71 2.04
C2 MAN S . 27.43 58.94 1.45
C3 MAN S . 27.07 60.40 1.55
C4 MAN S . 27.01 60.77 3.02
C5 MAN S . 28.40 60.59 3.67
C6 MAN S . 28.34 60.04 5.08
O2 MAN S . 26.45 58.25 2.20
O3 MAN S . 25.83 60.68 0.93
O4 MAN S . 26.63 62.13 3.14
O5 MAN S . 29.31 59.76 2.87
O6 MAN S . 29.50 59.26 5.29
C1 NAG T . 53.15 42.25 20.11
C2 NAG T . 53.44 42.19 21.61
C3 NAG T . 54.78 42.85 21.92
C4 NAG T . 55.89 42.26 21.06
C5 NAG T . 55.50 42.34 19.59
C6 NAG T . 56.51 41.67 18.68
C7 NAG T . 51.82 42.21 23.44
C8 NAG T . 50.73 42.99 24.12
N2 NAG T . 52.37 42.80 22.37
O3 NAG T . 55.08 42.69 23.30
O4 NAG T . 57.10 42.98 21.27
O5 NAG T . 54.24 41.68 19.37
O6 NAG T . 57.68 42.46 18.53
O7 NAG T . 52.18 41.12 23.84
C1 NAG U . 40.43 5.68 -14.03
C2 NAG U . 41.80 5.61 -13.39
C3 NAG U . 42.74 6.62 -14.04
C4 NAG U . 42.78 6.38 -15.55
C5 NAG U . 41.38 6.37 -16.14
C6 NAG U . 41.37 5.94 -17.59
C7 NAG U . 42.09 4.93 -11.05
C8 NAG U . 41.95 5.34 -9.62
N2 NAG U . 41.73 5.84 -11.95
O3 NAG U . 44.04 6.47 -13.50
O4 NAG U . 43.53 7.43 -16.18
O5 NAG U . 40.54 5.43 -15.44
O6 NAG U . 41.04 4.55 -17.73
O7 NAG U . 42.52 3.84 -11.38
C1 NAG V . 54.99 53.94 34.78
C2 NAG V . 55.96 53.49 33.69
C3 NAG V . 57.15 52.74 34.30
C4 NAG V . 57.81 53.59 35.38
C5 NAG V . 56.78 54.05 36.41
C6 NAG V . 57.34 55.02 37.42
C7 NAG V . 55.63 52.63 31.41
C8 NAG V . 54.83 51.71 30.55
N2 NAG V . 55.28 52.65 32.71
O3 NAG V . 58.10 52.45 33.29
O4 NAG V . 58.81 52.85 36.05
O5 NAG V . 55.69 54.73 35.75
O6 NAG V . 58.72 55.27 37.18
O7 NAG V . 56.53 53.33 30.98
#